data_5GS1
#
_entry.id   5GS1
#
_cell.length_a   114.123
_cell.length_b   128.807
_cell.length_c   259.835
_cell.angle_alpha   90.00
_cell.angle_beta   90.00
_cell.angle_gamma   90.00
#
_symmetry.space_group_name_H-M   'P 21 21 21'
#
loop_
_entity.id
_entity.type
_entity.pdbx_description
1 polymer 'light chain'
2 polymer 'heavy chain'
3 polymer diabody
4 water water
#
loop_
_entity_poly.entity_id
_entity_poly.type
_entity_poly.pdbx_seq_one_letter_code
_entity_poly.pdbx_strand_id
1 'polypeptide(L)'
;DIVLTQSPATLSLSPGERATLSCRASQSVSSNYLAWYQQKPGQAPRLLIYDSSSRATGVPARFSGSGSGTDFTLTISSLE
PEDFAVYYCHQYSDISPTFGQGTKVEIK
;
A,M,O,Q
2 'polypeptide(L)'
;EVQLVESGGGLVQPGGSLRLSCAASGFTFRNSAMHWVRQAPGKGLEWVSSIWYSGSNTYYADSVKGRFTISRDNSKNTLY
LQMNSLTAEDTAVYYCARFAGGWGAYDVWGQGTLVTVSSGGGGS
;
B,N,P,R
3 'polypeptide(L)'
;EVQLVESGGGLVQPGGSLRLSCAASGFTFRNSAMHWVRQAPGKGLEWVSSIWYSGSNTYYADSVKGRFTISRDNSKNTLY
LQMNSLTAEDTAVYYCARFAGGWGAYDVWGQGTLVTVSSGGGGSDIVLTQSPATLSLSPGERATLSCRASQSVSSNYLAW
YQQKPGQAPRLLIYDSSSRATGVPARFSGSGSGTDFTLTISSLEPEDFAVYYCHQYSDISPTFGQGTKVEIK
;
C,D,E,F,G,H,I,J,K,L
#
# COMPACT_ATOMS: atom_id res chain seq x y z
N ASP A 1 9.18 -59.76 -28.34
CA ASP A 1 8.99 -58.81 -27.25
C ASP A 1 9.22 -57.39 -27.75
N ILE A 2 8.18 -56.58 -27.70
CA ILE A 2 8.18 -55.26 -28.35
C ILE A 2 9.01 -54.29 -27.50
N VAL A 3 10.10 -53.78 -28.07
CA VAL A 3 10.92 -52.77 -27.42
C VAL A 3 10.46 -51.40 -27.86
N LEU A 4 10.24 -50.52 -26.90
CA LEU A 4 9.87 -49.13 -27.18
C LEU A 4 11.09 -48.25 -26.93
N THR A 5 11.42 -47.41 -27.90
CA THR A 5 12.57 -46.52 -27.82
C THR A 5 12.10 -45.08 -27.93
N GLN A 6 12.28 -44.31 -26.87
CA GLN A 6 11.89 -42.91 -26.89
C GLN A 6 13.08 -42.04 -27.26
N SER A 7 12.80 -40.92 -27.91
CA SER A 7 13.84 -39.97 -28.28
C SER A 7 13.27 -38.57 -28.43
N PRO A 8 14.04 -37.55 -28.01
CA PRO A 8 15.34 -37.71 -27.35
C PRO A 8 15.18 -38.04 -25.88
N ALA A 9 16.28 -38.48 -25.24
CA ALA A 9 16.23 -38.75 -23.81
C ALA A 9 15.93 -37.50 -23.00
N THR A 10 16.37 -36.34 -23.46
CA THR A 10 16.20 -35.10 -22.74
C THR A 10 15.80 -33.99 -23.71
N LEU A 11 14.88 -33.13 -23.28
CA LEU A 11 14.46 -31.97 -24.05
C LEU A 11 14.53 -30.74 -23.16
N SER A 12 15.41 -29.81 -23.51
CA SER A 12 15.54 -28.55 -22.78
C SER A 12 14.81 -27.47 -23.58
N LEU A 13 13.73 -26.94 -23.01
CA LEU A 13 12.88 -25.99 -23.69
C LEU A 13 12.39 -24.94 -22.71
N SER A 14 11.88 -23.85 -23.25
CA SER A 14 11.32 -22.74 -22.48
C SER A 14 9.81 -22.78 -22.52
N PRO A 15 9.15 -22.15 -21.55
CA PRO A 15 7.67 -22.05 -21.62
C PRO A 15 7.22 -21.36 -22.89
N GLY A 16 6.13 -21.87 -23.46
CA GLY A 16 5.58 -21.38 -24.70
C GLY A 16 6.02 -22.13 -25.93
N GLU A 17 7.15 -22.86 -25.86
CA GLU A 17 7.63 -23.62 -26.99
C GLU A 17 6.88 -24.94 -27.10
N ARG A 18 7.01 -25.59 -28.25
CA ARG A 18 6.40 -26.89 -28.47
C ARG A 18 7.42 -28.00 -28.24
N ALA A 19 6.98 -29.07 -27.58
CA ALA A 19 7.78 -30.26 -27.38
C ALA A 19 7.22 -31.38 -28.25
N THR A 20 8.08 -31.98 -29.06
CA THR A 20 7.72 -33.10 -29.92
C THR A 20 8.50 -34.33 -29.44
N LEU A 21 7.78 -35.32 -28.92
CA LEU A 21 8.37 -36.52 -28.36
C LEU A 21 8.04 -37.70 -29.24
N SER A 22 9.00 -38.60 -29.41
CA SER A 22 8.87 -39.73 -30.32
C SER A 22 9.03 -41.04 -29.58
N CYS A 23 8.16 -42.00 -29.92
CA CYS A 23 8.23 -43.38 -29.45
C CYS A 23 8.23 -44.28 -30.66
N ARG A 24 9.29 -45.08 -30.82
CA ARG A 24 9.44 -45.98 -31.96
C ARG A 24 9.53 -47.40 -31.45
N ALA A 25 8.65 -48.26 -31.96
CA ALA A 25 8.57 -49.65 -31.54
C ALA A 25 9.34 -50.57 -32.48
N SER A 26 9.94 -51.61 -31.90
CA SER A 26 10.67 -52.59 -32.69
C SER A 26 9.75 -53.45 -33.55
N GLN A 27 8.46 -53.51 -33.21
CA GLN A 27 7.47 -54.22 -34.01
C GLN A 27 6.24 -53.33 -34.14
N SER A 28 5.35 -53.72 -35.06
CA SER A 28 4.10 -53.00 -35.21
C SER A 28 3.24 -53.18 -33.96
N VAL A 29 2.63 -52.09 -33.51
CA VAL A 29 1.82 -52.11 -32.30
C VAL A 29 0.39 -52.37 -32.72
N SER A 30 -0.11 -53.57 -32.45
CA SER A 30 -1.44 -53.97 -32.88
C SER A 30 -2.50 -53.03 -32.34
N SER A 31 -3.43 -52.64 -33.23
CA SER A 31 -4.57 -51.78 -32.93
C SER A 31 -4.14 -50.38 -32.46
N ASN A 32 -2.86 -50.06 -32.59
CA ASN A 32 -2.31 -48.79 -32.10
C ASN A 32 -2.58 -48.62 -30.60
N TYR A 33 -2.48 -49.73 -29.86
CA TYR A 33 -2.64 -49.72 -28.42
C TYR A 33 -1.37 -49.18 -27.77
N LEU A 34 -1.20 -47.87 -27.87
CA LEU A 34 -0.05 -47.18 -27.31
C LEU A 34 -0.53 -46.01 -26.46
N ALA A 35 0.05 -45.87 -25.27
CA ALA A 35 -0.35 -44.84 -24.33
C ALA A 35 0.86 -43.98 -23.93
N TRP A 36 0.57 -42.76 -23.48
CA TRP A 36 1.56 -41.84 -22.98
C TRP A 36 1.21 -41.44 -21.54
N TYR A 37 2.23 -41.38 -20.68
CA TYR A 37 2.04 -40.99 -19.30
C TYR A 37 2.97 -39.84 -18.95
N GLN A 38 2.50 -38.97 -18.07
CA GLN A 38 3.29 -37.89 -17.48
C GLN A 38 3.55 -38.24 -16.03
N GLN A 39 4.81 -38.08 -15.59
CA GLN A 39 5.19 -38.32 -14.21
C GLN A 39 6.03 -37.16 -13.70
N LYS A 40 5.57 -36.52 -12.64
CA LYS A 40 6.33 -35.50 -11.94
C LYS A 40 7.10 -36.13 -10.79
N PRO A 41 8.18 -35.49 -10.32
CA PRO A 41 8.98 -36.05 -9.23
C PRO A 41 8.13 -36.42 -8.02
N GLY A 42 8.30 -37.66 -7.55
CA GLY A 42 7.64 -38.11 -6.33
C GLY A 42 6.18 -38.46 -6.47
N GLN A 43 5.63 -38.46 -7.69
CA GLN A 43 4.22 -38.72 -7.90
C GLN A 43 4.03 -39.92 -8.82
N ALA A 44 2.82 -40.47 -8.79
CA ALA A 44 2.47 -41.58 -9.66
C ALA A 44 2.29 -41.09 -11.10
N PRO A 45 2.51 -41.96 -12.08
CA PRO A 45 2.25 -41.58 -13.48
C PRO A 45 0.80 -41.18 -13.69
N ARG A 46 0.58 -40.33 -14.68
CA ARG A 46 -0.76 -39.83 -15.00
C ARG A 46 -1.01 -40.01 -16.48
N LEU A 47 -2.17 -40.61 -16.81
CA LEU A 47 -2.49 -40.90 -18.20
C LEU A 47 -2.74 -39.61 -18.97
N LEU A 48 -2.07 -39.47 -20.11
CA LEU A 48 -2.29 -38.36 -21.02
C LEU A 48 -3.01 -38.81 -22.28
N ILE A 49 -2.45 -39.79 -22.99
CA ILE A 49 -2.96 -40.24 -24.28
C ILE A 49 -3.05 -41.76 -24.23
N TYR A 50 -4.12 -42.31 -24.79
CA TYR A 50 -4.23 -43.75 -24.99
C TYR A 50 -4.81 -44.00 -26.37
N ASP A 51 -4.71 -45.26 -26.81
CA ASP A 51 -5.09 -45.64 -28.18
C ASP A 51 -4.38 -44.77 -29.21
N SER A 52 -3.12 -44.43 -28.91
CA SER A 52 -2.27 -43.62 -29.77
C SER A 52 -2.70 -42.16 -29.84
N SER A 53 -4.00 -41.88 -29.94
CA SER A 53 -4.47 -40.53 -30.18
C SER A 53 -5.60 -40.05 -29.28
N SER A 54 -6.12 -40.87 -28.38
CA SER A 54 -7.23 -40.44 -27.54
C SER A 54 -6.70 -39.68 -26.32
N ARG A 55 -7.16 -38.45 -26.16
CA ARG A 55 -6.77 -37.62 -25.03
C ARG A 55 -7.69 -37.94 -23.86
N ALA A 56 -7.12 -38.31 -22.73
CA ALA A 56 -7.91 -38.72 -21.57
C ALA A 56 -8.75 -37.56 -21.03
N THR A 57 -9.80 -37.92 -20.30
CA THR A 57 -10.70 -36.92 -19.74
C THR A 57 -9.96 -36.05 -18.73
N GLY A 58 -10.08 -34.73 -18.90
CA GLY A 58 -9.40 -33.78 -18.05
C GLY A 58 -8.03 -33.34 -18.54
N VAL A 59 -7.51 -33.97 -19.57
CA VAL A 59 -6.18 -33.61 -20.09
C VAL A 59 -6.34 -32.42 -21.03
N PRO A 60 -5.53 -31.37 -20.87
CA PRO A 60 -5.70 -30.17 -21.71
C PRO A 60 -5.42 -30.47 -23.18
N ALA A 61 -6.07 -29.68 -24.05
CA ALA A 61 -5.98 -29.90 -25.49
C ALA A 61 -4.56 -29.72 -26.04
N ARG A 62 -3.68 -29.03 -25.31
CA ARG A 62 -2.33 -28.83 -25.82
C ARG A 62 -1.55 -30.12 -25.97
N PHE A 63 -2.00 -31.20 -25.32
CA PHE A 63 -1.42 -32.52 -25.50
C PHE A 63 -2.15 -33.23 -26.62
N SER A 64 -1.40 -33.82 -27.55
CA SER A 64 -1.99 -34.56 -28.65
C SER A 64 -1.05 -35.68 -29.06
N GLY A 65 -1.62 -36.86 -29.32
CA GLY A 65 -0.87 -38.01 -29.77
C GLY A 65 -1.21 -38.36 -31.20
N SER A 66 -0.24 -38.90 -31.92
CA SER A 66 -0.43 -39.29 -33.31
C SER A 66 0.54 -40.42 -33.65
N GLY A 67 0.37 -40.96 -34.85
CA GLY A 67 1.22 -42.03 -35.34
C GLY A 67 0.49 -43.36 -35.36
N SER A 68 1.17 -44.35 -35.91
CA SER A 68 0.62 -45.70 -36.02
C SER A 68 1.75 -46.65 -36.41
N GLY A 69 1.47 -47.95 -36.29
CA GLY A 69 2.44 -48.97 -36.64
C GLY A 69 3.62 -49.01 -35.67
N THR A 70 4.72 -48.37 -36.07
CA THR A 70 5.94 -48.36 -35.27
C THR A 70 6.42 -46.96 -34.90
N ASP A 71 5.78 -45.91 -35.40
CA ASP A 71 6.23 -44.53 -35.22
C ASP A 71 5.10 -43.74 -34.57
N PHE A 72 5.31 -43.30 -33.34
CA PHE A 72 4.30 -42.56 -32.59
C PHE A 72 4.91 -41.27 -32.06
N THR A 73 4.05 -40.25 -31.93
CA THR A 73 4.50 -38.94 -31.50
C THR A 73 3.55 -38.35 -30.46
N LEU A 74 4.11 -37.78 -29.40
CA LEU A 74 3.38 -36.95 -28.46
C LEU A 74 3.80 -35.50 -28.66
N THR A 75 2.83 -34.62 -28.84
CA THR A 75 3.08 -33.21 -29.08
C THR A 75 2.43 -32.36 -27.99
N ILE A 76 3.22 -31.46 -27.40
CA ILE A 76 2.74 -30.48 -26.45
C ILE A 76 2.88 -29.12 -27.11
N SER A 77 1.75 -28.53 -27.52
CA SER A 77 1.78 -27.39 -28.42
C SER A 77 2.46 -26.18 -27.78
N SER A 78 2.11 -25.86 -26.54
CA SER A 78 2.63 -24.68 -25.85
C SER A 78 2.92 -25.05 -24.40
N LEU A 79 4.19 -25.28 -24.10
CA LEU A 79 4.59 -25.74 -22.78
C LEU A 79 4.21 -24.75 -21.69
N GLU A 80 3.56 -25.25 -20.66
CA GLU A 80 3.31 -24.54 -19.41
C GLU A 80 4.32 -24.98 -18.36
N PRO A 81 4.54 -24.16 -17.33
CA PRO A 81 5.49 -24.57 -16.26
C PRO A 81 5.16 -25.92 -15.64
N GLU A 82 3.89 -26.28 -15.53
CA GLU A 82 3.49 -27.56 -14.96
C GLU A 82 3.69 -28.73 -15.92
N ASP A 83 4.12 -28.48 -17.15
CA ASP A 83 4.31 -29.56 -18.12
C ASP A 83 5.71 -30.16 -18.09
N PHE A 84 6.64 -29.55 -17.36
CA PHE A 84 8.02 -30.05 -17.31
C PHE A 84 8.08 -31.25 -16.37
N ALA A 85 8.32 -32.43 -16.94
CA ALA A 85 8.24 -33.71 -16.24
C ALA A 85 8.86 -34.76 -17.14
N VAL A 86 8.75 -36.03 -16.74
CA VAL A 86 9.19 -37.16 -17.56
C VAL A 86 7.96 -37.77 -18.22
N TYR A 87 8.11 -38.19 -19.48
CA TYR A 87 7.01 -38.72 -20.25
C TYR A 87 7.38 -40.11 -20.76
N TYR A 88 6.49 -41.07 -20.52
CA TYR A 88 6.71 -42.47 -20.91
C TYR A 88 5.68 -42.89 -21.94
N CYS A 89 6.11 -43.64 -22.94
CA CYS A 89 5.19 -44.33 -23.83
C CYS A 89 5.05 -45.78 -23.39
N HIS A 90 3.94 -46.39 -23.80
CA HIS A 90 3.53 -47.68 -23.23
C HIS A 90 2.66 -48.40 -24.26
N GLN A 91 3.07 -49.61 -24.63
CA GLN A 91 2.30 -50.45 -25.53
C GLN A 91 1.63 -51.57 -24.75
N TYR A 92 0.36 -51.79 -25.02
CA TYR A 92 -0.44 -52.83 -24.37
C TYR A 92 -1.13 -53.68 -25.42
N SER A 93 -0.45 -53.96 -26.52
CA SER A 93 -1.00 -54.73 -27.62
C SER A 93 -0.84 -56.23 -27.45
N ASP A 94 0.00 -56.67 -26.51
CA ASP A 94 0.24 -58.10 -26.31
C ASP A 94 0.20 -58.39 -24.81
N ILE A 95 0.58 -59.62 -24.44
CA ILE A 95 0.55 -60.05 -23.05
C ILE A 95 1.79 -59.64 -22.26
N SER A 96 2.78 -59.03 -22.92
CA SER A 96 4.01 -58.59 -22.26
C SER A 96 4.10 -57.08 -22.40
N PRO A 97 3.45 -56.33 -21.51
CA PRO A 97 3.48 -54.87 -21.62
C PRO A 97 4.90 -54.33 -21.44
N THR A 98 5.22 -53.30 -22.23
CA THR A 98 6.54 -52.68 -22.17
C THR A 98 6.39 -51.16 -22.19
N PHE A 99 7.38 -50.50 -21.63
CA PHE A 99 7.43 -49.04 -21.54
C PHE A 99 8.66 -48.53 -22.27
N GLY A 100 8.55 -47.32 -22.80
CA GLY A 100 9.74 -46.59 -23.20
C GLY A 100 10.57 -46.21 -21.98
N GLN A 101 11.79 -45.75 -22.23
CA GLN A 101 12.68 -45.37 -21.15
C GLN A 101 12.49 -43.92 -20.71
N GLY A 102 11.57 -43.20 -21.33
CA GLY A 102 11.20 -41.88 -20.86
C GLY A 102 11.92 -40.77 -21.58
N THR A 103 11.25 -39.63 -21.69
CA THR A 103 11.84 -38.38 -22.19
C THR A 103 11.58 -37.30 -21.14
N LYS A 104 12.65 -36.74 -20.61
CA LYS A 104 12.59 -35.67 -19.62
C LYS A 104 12.53 -34.31 -20.32
N VAL A 105 11.44 -33.58 -20.11
CA VAL A 105 11.29 -32.23 -20.62
C VAL A 105 11.60 -31.27 -19.47
N GLU A 106 12.68 -30.50 -19.61
CA GLU A 106 13.14 -29.64 -18.53
C GLU A 106 13.27 -28.20 -18.99
N VAL B 2 -13.48 -43.42 -7.55
CA VAL B 2 -12.66 -44.34 -8.35
C VAL B 2 -11.21 -44.20 -7.94
N GLN B 3 -10.74 -45.09 -7.06
CA GLN B 3 -9.40 -44.96 -6.51
C GLN B 3 -8.87 -46.33 -6.10
N LEU B 4 -7.55 -46.39 -5.94
CA LEU B 4 -6.85 -47.58 -5.48
C LEU B 4 -6.02 -47.19 -4.27
N VAL B 5 -6.33 -47.79 -3.12
CA VAL B 5 -5.65 -47.48 -1.87
C VAL B 5 -4.59 -48.56 -1.64
N GLU B 6 -3.32 -48.17 -1.75
CA GLU B 6 -2.21 -49.09 -1.61
C GLU B 6 -1.71 -49.09 -0.17
N SER B 7 -1.10 -50.21 0.24
CA SER B 7 -0.46 -50.31 1.54
C SER B 7 0.65 -51.34 1.48
N GLY B 8 1.57 -51.26 2.43
CA GLY B 8 2.69 -52.17 2.54
C GLY B 8 3.99 -51.53 2.11
N GLY B 9 5.00 -52.38 1.95
CA GLY B 9 6.32 -51.95 1.56
C GLY B 9 7.27 -51.83 2.73
N GLY B 10 8.31 -51.04 2.51
CA GLY B 10 9.29 -50.77 3.55
C GLY B 10 10.67 -51.35 3.25
N LEU B 11 11.48 -51.39 4.31
CA LEU B 11 12.88 -51.81 4.23
C LEU B 11 13.00 -53.24 4.73
N VAL B 12 13.58 -54.12 3.90
CA VAL B 12 13.80 -55.51 4.25
C VAL B 12 15.22 -55.90 3.84
N GLN B 13 15.67 -57.03 4.36
CA GLN B 13 16.98 -57.58 4.04
C GLN B 13 16.89 -58.54 2.86
N PRO B 14 17.98 -58.75 2.13
CA PRO B 14 17.96 -59.70 1.01
C PRO B 14 17.55 -61.09 1.46
N GLY B 15 16.74 -61.74 0.61
CA GLY B 15 16.14 -63.01 0.95
C GLY B 15 14.85 -62.91 1.74
N GLY B 16 14.46 -61.71 2.15
CA GLY B 16 13.23 -61.53 2.91
C GLY B 16 11.98 -61.61 2.06
N SER B 17 10.85 -61.36 2.70
CA SER B 17 9.54 -61.45 2.07
C SER B 17 8.73 -60.22 2.42
N LEU B 18 7.75 -59.91 1.56
CA LEU B 18 6.91 -58.73 1.73
C LEU B 18 5.64 -58.93 0.92
N ARG B 19 4.52 -58.43 1.44
CA ARG B 19 3.24 -58.49 0.74
C ARG B 19 2.68 -57.08 0.58
N LEU B 20 2.32 -56.72 -0.63
CA LEU B 20 1.70 -55.44 -0.94
C LEU B 20 0.20 -55.62 -1.13
N SER B 21 -0.56 -54.59 -0.77
CA SER B 21 -2.02 -54.61 -0.87
C SER B 21 -2.50 -53.41 -1.67
N CYS B 22 -3.64 -53.58 -2.32
CA CYS B 22 -4.29 -52.51 -3.09
C CYS B 22 -5.79 -52.67 -2.95
N ALA B 23 -6.45 -51.72 -2.28
CA ALA B 23 -7.89 -51.78 -2.04
C ALA B 23 -8.60 -50.84 -3.00
N ALA B 24 -9.51 -51.39 -3.81
CA ALA B 24 -10.20 -50.63 -4.84
C ALA B 24 -11.58 -50.18 -4.36
N SER B 25 -12.04 -49.06 -4.94
CA SER B 25 -13.39 -48.57 -4.71
C SER B 25 -13.79 -47.70 -5.90
N GLY B 26 -15.11 -47.60 -6.11
CA GLY B 26 -15.65 -46.73 -7.16
C GLY B 26 -15.83 -47.38 -8.51
N PHE B 27 -15.56 -48.68 -8.64
CA PHE B 27 -15.79 -49.39 -9.87
C PHE B 27 -15.98 -50.87 -9.53
N THR B 28 -16.46 -51.63 -10.51
CA THR B 28 -16.71 -53.06 -10.33
C THR B 28 -15.37 -53.77 -10.45
N PHE B 29 -14.64 -53.81 -9.33
CA PHE B 29 -13.32 -54.43 -9.29
C PHE B 29 -13.36 -55.86 -9.81
N ARG B 30 -14.42 -56.59 -9.50
CA ARG B 30 -14.58 -57.98 -9.91
C ARG B 30 -14.36 -58.19 -11.42
N ASN B 31 -14.59 -57.15 -12.24
CA ASN B 31 -14.46 -57.30 -13.69
C ASN B 31 -13.18 -56.70 -14.27
N SER B 32 -12.39 -55.98 -13.46
CA SER B 32 -11.23 -55.27 -13.97
C SER B 32 -9.99 -56.15 -13.96
N ALA B 33 -9.14 -55.97 -14.96
CA ALA B 33 -7.80 -56.53 -14.95
C ALA B 33 -6.87 -55.60 -14.16
N MET B 34 -6.14 -56.16 -13.20
CA MET B 34 -5.29 -55.38 -12.31
C MET B 34 -3.84 -55.77 -12.50
N HIS B 35 -2.97 -54.76 -12.60
CA HIS B 35 -1.55 -54.95 -12.85
C HIS B 35 -0.73 -54.33 -11.72
N TRP B 36 0.49 -54.84 -11.56
CA TRP B 36 1.51 -54.20 -10.73
C TRP B 36 2.62 -53.68 -11.62
N VAL B 37 3.04 -52.43 -11.39
CA VAL B 37 4.12 -51.80 -12.13
C VAL B 37 5.11 -51.24 -11.11
N ARG B 38 6.41 -51.35 -11.40
CA ARG B 38 7.43 -50.87 -10.49
C ARG B 38 8.39 -49.93 -11.22
N GLN B 39 9.11 -49.14 -10.43
CA GLN B 39 10.02 -48.13 -10.94
C GLN B 39 11.20 -48.03 -9.99
N ALA B 40 12.35 -48.55 -10.42
CA ALA B 40 13.56 -48.44 -9.61
C ALA B 40 14.00 -46.98 -9.53
N PRO B 41 14.71 -46.60 -8.45
CA PRO B 41 15.11 -45.20 -8.28
C PRO B 41 15.91 -44.68 -9.48
N GLY B 42 15.44 -43.55 -10.02
CA GLY B 42 16.08 -42.90 -11.15
C GLY B 42 15.87 -43.56 -12.50
N LYS B 43 15.12 -44.66 -12.55
CA LYS B 43 14.90 -45.42 -13.78
C LYS B 43 13.45 -45.27 -14.23
N GLY B 44 13.06 -46.06 -15.23
CA GLY B 44 11.75 -45.95 -15.84
C GLY B 44 10.75 -46.98 -15.32
N LEU B 45 9.53 -46.87 -15.84
CA LEU B 45 8.46 -47.78 -15.47
C LEU B 45 8.70 -49.16 -16.05
N GLU B 46 8.31 -50.19 -15.30
CA GLU B 46 8.53 -51.58 -15.72
C GLU B 46 7.37 -52.42 -15.21
N TRP B 47 6.69 -53.11 -16.13
CA TRP B 47 5.58 -53.97 -15.77
C TRP B 47 6.07 -55.18 -14.98
N VAL B 48 5.28 -55.58 -13.98
CA VAL B 48 5.65 -56.66 -13.06
C VAL B 48 4.73 -57.86 -13.23
N SER B 49 3.41 -57.65 -13.14
CA SER B 49 2.48 -58.77 -13.11
C SER B 49 1.09 -58.27 -13.45
N SER B 50 0.22 -59.20 -13.82
CA SER B 50 -1.15 -58.86 -14.19
C SER B 50 -2.05 -60.03 -13.84
N ILE B 51 -3.30 -59.72 -13.48
CA ILE B 51 -4.30 -60.72 -13.12
C ILE B 51 -5.67 -60.24 -13.61
N TRP B 52 -6.51 -61.20 -14.00
CA TRP B 52 -7.84 -60.90 -14.56
C TRP B 52 -8.91 -61.82 -13.97
N TYR B 53 -9.99 -62.04 -14.71
CA TYR B 53 -11.09 -62.87 -14.23
C TYR B 53 -10.65 -64.30 -13.96
N SER B 54 -11.46 -64.99 -13.16
CA SER B 54 -11.24 -66.41 -12.88
C SER B 54 -11.35 -67.24 -14.16
N GLY B 55 -10.31 -68.00 -14.45
CA GLY B 55 -10.23 -68.75 -15.69
C GLY B 55 -9.28 -68.16 -16.70
N SER B 56 -8.73 -66.99 -16.43
CA SER B 56 -7.76 -66.34 -17.29
C SER B 56 -6.36 -66.49 -16.69
N ASN B 57 -5.36 -66.23 -17.53
CA ASN B 57 -3.98 -66.45 -17.12
C ASN B 57 -3.43 -65.23 -16.40
N THR B 58 -2.80 -65.48 -15.25
CA THR B 58 -1.99 -64.47 -14.60
C THR B 58 -0.61 -64.47 -15.24
N TYR B 59 -0.01 -63.29 -15.36
CA TYR B 59 1.25 -63.15 -16.09
C TYR B 59 2.27 -62.48 -15.19
N TYR B 60 3.54 -62.79 -15.42
CA TYR B 60 4.63 -62.26 -14.64
C TYR B 60 5.76 -61.85 -15.57
N ALA B 61 6.47 -60.78 -15.21
CA ALA B 61 7.71 -60.47 -15.88
C ALA B 61 8.73 -61.56 -15.57
N ASP B 62 9.63 -61.81 -16.54
CA ASP B 62 10.63 -62.85 -16.37
C ASP B 62 11.47 -62.64 -15.11
N SER B 63 11.71 -61.39 -14.72
CA SER B 63 12.56 -61.09 -13.57
C SER B 63 11.93 -61.44 -12.23
N VAL B 64 10.65 -61.81 -12.19
CA VAL B 64 9.97 -62.07 -10.94
C VAL B 64 9.28 -63.43 -10.99
N LYS B 65 9.26 -64.05 -12.17
CA LYS B 65 8.64 -65.37 -12.31
C LYS B 65 9.33 -66.36 -11.39
N GLY B 66 8.54 -67.04 -10.56
CA GLY B 66 9.07 -67.97 -9.59
C GLY B 66 9.37 -67.37 -8.23
N ARG B 67 9.20 -66.06 -8.07
CA ARG B 67 9.43 -65.39 -6.81
C ARG B 67 8.23 -64.58 -6.34
N PHE B 68 7.52 -63.93 -7.26
CA PHE B 68 6.36 -63.11 -6.93
C PHE B 68 5.07 -63.87 -7.25
N THR B 69 4.03 -63.59 -6.47
CA THR B 69 2.71 -64.17 -6.69
C THR B 69 1.66 -63.08 -6.60
N ILE B 70 0.94 -62.86 -7.71
CA ILE B 70 -0.17 -61.92 -7.75
C ILE B 70 -1.46 -62.67 -7.41
N SER B 71 -2.35 -62.02 -6.69
CA SER B 71 -3.64 -62.61 -6.34
C SER B 71 -4.64 -61.50 -6.05
N ARG B 72 -5.91 -61.89 -5.98
CA ARG B 72 -6.98 -60.95 -5.71
C ARG B 72 -8.03 -61.61 -4.83
N ASP B 73 -8.70 -60.80 -4.01
CA ASP B 73 -9.85 -61.22 -3.22
C ASP B 73 -11.01 -60.30 -3.61
N ASN B 74 -11.86 -60.79 -4.53
CA ASN B 74 -12.94 -59.95 -5.04
C ASN B 74 -13.95 -59.61 -3.96
N SER B 75 -14.14 -60.48 -2.96
CA SER B 75 -15.06 -60.19 -1.88
C SER B 75 -14.62 -58.96 -1.07
N LYS B 76 -13.32 -58.72 -0.96
CA LYS B 76 -12.76 -57.56 -0.27
C LYS B 76 -12.28 -56.48 -1.24
N ASN B 77 -12.48 -56.65 -2.55
CA ASN B 77 -12.06 -55.67 -3.56
C ASN B 77 -10.58 -55.32 -3.40
N THR B 78 -9.75 -56.35 -3.18
CA THR B 78 -8.34 -56.15 -2.85
C THR B 78 -7.45 -56.92 -3.82
N LEU B 79 -6.36 -56.27 -4.22
CA LEU B 79 -5.32 -56.88 -5.02
C LEU B 79 -4.07 -57.08 -4.15
N TYR B 80 -3.38 -58.20 -4.34
CA TYR B 80 -2.20 -58.51 -3.56
C TYR B 80 -1.01 -58.79 -4.46
N LEU B 81 0.19 -58.55 -3.93
CA LEU B 81 1.44 -59.01 -4.54
C LEU B 81 2.32 -59.58 -3.45
N GLN B 82 2.53 -60.89 -3.47
CA GLN B 82 3.43 -61.55 -2.54
C GLN B 82 4.84 -61.57 -3.13
N MET B 83 5.79 -60.94 -2.45
CA MET B 83 7.15 -60.78 -2.95
C MET B 83 8.10 -61.60 -2.09
N ASN B 84 8.63 -62.69 -2.65
CA ASN B 84 9.57 -63.57 -1.96
C ASN B 84 10.93 -63.53 -2.65
N SER B 85 11.94 -64.03 -1.93
CA SER B 85 13.31 -64.12 -2.43
C SER B 85 13.81 -62.77 -2.92
N LEU B 86 13.61 -61.74 -2.10
CA LEU B 86 13.90 -60.38 -2.52
C LEU B 86 15.40 -60.13 -2.61
N THR B 87 15.79 -59.35 -3.60
CA THR B 87 17.18 -58.95 -3.84
C THR B 87 17.24 -57.45 -4.09
N ALA B 88 18.47 -56.92 -4.06
CA ALA B 88 18.66 -55.47 -4.23
C ALA B 88 18.03 -54.95 -5.52
N GLU B 89 17.91 -55.78 -6.56
CA GLU B 89 17.32 -55.29 -7.80
C GLU B 89 15.82 -55.04 -7.67
N ASP B 90 15.15 -55.70 -6.72
CA ASP B 90 13.74 -55.47 -6.46
C ASP B 90 13.46 -54.13 -5.81
N THR B 91 14.50 -53.36 -5.46
CA THR B 91 14.31 -52.04 -4.89
C THR B 91 13.66 -51.12 -5.90
N ALA B 92 12.46 -50.63 -5.57
CA ALA B 92 11.67 -49.82 -6.50
C ALA B 92 10.42 -49.34 -5.78
N VAL B 93 9.78 -48.33 -6.37
CA VAL B 93 8.42 -47.94 -5.99
C VAL B 93 7.46 -48.80 -6.79
N TYR B 94 6.56 -49.48 -6.10
CA TYR B 94 5.61 -50.40 -6.73
C TYR B 94 4.24 -49.75 -6.80
N TYR B 95 3.63 -49.80 -7.98
CA TYR B 95 2.30 -49.24 -8.21
C TYR B 95 1.33 -50.36 -8.57
N CYS B 96 0.15 -50.34 -7.96
CA CYS B 96 -0.96 -51.08 -8.52
C CYS B 96 -1.72 -50.19 -9.50
N ALA B 97 -2.29 -50.80 -10.53
CA ALA B 97 -2.98 -50.04 -11.55
C ALA B 97 -4.09 -50.87 -12.17
N ARG B 98 -5.20 -50.19 -12.48
CA ARG B 98 -6.28 -50.81 -13.23
C ARG B 98 -5.99 -50.72 -14.72
N PHE B 99 -6.13 -51.85 -15.42
CA PHE B 99 -5.85 -51.90 -16.84
C PHE B 99 -7.17 -51.82 -17.60
N ALA B 100 -7.33 -50.76 -18.39
CA ALA B 100 -8.56 -50.52 -19.14
C ALA B 100 -8.44 -50.86 -20.62
N GLY B 101 -7.26 -51.30 -21.06
CA GLY B 101 -7.08 -51.68 -22.46
C GLY B 101 -7.45 -50.57 -23.41
N GLY B 102 -8.28 -50.91 -24.40
CA GLY B 102 -8.74 -49.95 -25.39
C GLY B 102 -9.56 -48.81 -24.83
N TRP B 103 -9.98 -48.90 -23.57
CA TRP B 103 -10.78 -47.85 -22.94
C TRP B 103 -10.00 -47.04 -21.91
N GLY B 104 -8.67 -47.10 -21.93
CA GLY B 104 -7.90 -46.19 -21.11
C GLY B 104 -6.58 -46.67 -20.55
N ALA B 105 -6.07 -47.82 -21.01
CA ALA B 105 -4.75 -48.34 -20.63
C ALA B 105 -4.67 -48.35 -19.11
N TYR B 106 -3.60 -47.84 -18.50
CA TYR B 106 -3.53 -47.67 -17.05
C TYR B 106 -4.17 -46.33 -16.70
N ASP B 107 -5.48 -46.35 -16.50
CA ASP B 107 -6.22 -45.11 -16.24
C ASP B 107 -6.35 -44.79 -14.76
N VAL B 108 -6.11 -45.76 -13.88
CA VAL B 108 -6.15 -45.56 -12.44
C VAL B 108 -4.91 -46.19 -11.83
N TRP B 109 -4.17 -45.42 -11.05
CA TRP B 109 -2.93 -45.85 -10.42
C TRP B 109 -3.05 -45.73 -8.91
N GLY B 110 -2.43 -46.66 -8.19
CA GLY B 110 -2.16 -46.43 -6.78
C GLY B 110 -1.08 -45.37 -6.60
N GLN B 111 -0.97 -44.86 -5.38
CA GLN B 111 0.02 -43.82 -5.15
C GLN B 111 1.44 -44.36 -5.10
N GLY B 112 1.62 -45.68 -4.97
CA GLY B 112 2.94 -46.27 -4.97
C GLY B 112 3.53 -46.41 -3.58
N THR B 113 4.27 -47.49 -3.35
CA THR B 113 4.97 -47.70 -2.09
C THR B 113 6.40 -48.15 -2.38
N LEU B 114 7.34 -47.58 -1.64
CA LEU B 114 8.76 -47.89 -1.85
C LEU B 114 9.12 -49.20 -1.15
N VAL B 115 9.73 -50.11 -1.90
CA VAL B 115 10.31 -51.33 -1.36
C VAL B 115 11.82 -51.25 -1.55
N THR B 116 12.55 -51.26 -0.44
CA THR B 116 14.01 -51.23 -0.47
C THR B 116 14.56 -52.52 0.12
N VAL B 117 15.44 -53.18 -0.62
CA VAL B 117 16.05 -54.44 -0.20
C VAL B 117 17.53 -54.16 0.01
N SER B 118 17.96 -54.20 1.27
CA SER B 118 19.34 -53.86 1.60
C SER B 118 19.70 -54.48 2.94
N SER B 119 21.00 -54.69 3.14
CA SER B 119 21.52 -55.22 4.40
C SER B 119 22.60 -54.31 4.97
N VAL C 2 15.97 -25.09 34.06
CA VAL C 2 15.06 -24.14 34.68
C VAL C 2 13.94 -23.78 33.70
N GLN C 3 12.74 -24.30 33.94
CA GLN C 3 11.65 -24.10 33.00
C GLN C 3 10.32 -24.11 33.74
N LEU C 4 9.35 -23.40 33.16
CA LEU C 4 7.96 -23.40 33.61
C LEU C 4 7.10 -23.90 32.45
N VAL C 5 6.38 -25.00 32.67
CA VAL C 5 5.56 -25.61 31.64
C VAL C 5 4.11 -25.32 31.96
N GLU C 6 3.47 -24.52 31.10
CA GLU C 6 2.09 -24.10 31.30
C GLU C 6 1.12 -25.07 30.63
N SER C 7 -0.14 -24.98 31.05
CA SER C 7 -1.23 -25.72 30.43
C SER C 7 -2.55 -25.08 30.84
N GLY C 8 -3.58 -25.33 30.02
CA GLY C 8 -4.90 -24.78 30.27
C GLY C 8 -5.21 -23.62 29.35
N GLY C 9 -6.30 -22.93 29.68
CA GLY C 9 -6.77 -21.81 28.91
C GLY C 9 -7.86 -22.19 27.93
N GLY C 10 -8.01 -21.35 26.92
CA GLY C 10 -8.96 -21.60 25.85
C GLY C 10 -10.06 -20.58 25.78
N LEU C 11 -11.13 -20.95 25.09
CA LEU C 11 -12.25 -20.07 24.79
C LEU C 11 -13.43 -20.43 25.67
N VAL C 12 -13.95 -19.45 26.41
CA VAL C 12 -15.09 -19.64 27.30
C VAL C 12 -16.04 -18.47 27.14
N GLN C 13 -17.29 -18.67 27.61
CA GLN C 13 -18.35 -17.68 27.57
C GLN C 13 -18.33 -16.81 28.83
N PRO C 14 -18.84 -15.58 28.74
CA PRO C 14 -18.83 -14.69 29.90
C PRO C 14 -19.51 -15.32 31.11
N GLY C 15 -18.94 -15.05 32.29
CA GLY C 15 -19.40 -15.68 33.52
C GLY C 15 -18.87 -17.08 33.74
N GLY C 16 -18.02 -17.58 32.85
CA GLY C 16 -17.49 -18.92 32.98
C GLY C 16 -16.30 -18.98 33.92
N SER C 17 -15.76 -20.18 34.07
CA SER C 17 -14.65 -20.44 34.96
C SER C 17 -13.59 -21.27 34.26
N LEU C 18 -12.35 -21.12 34.71
CA LEU C 18 -11.19 -21.73 34.06
C LEU C 18 -10.06 -21.82 35.08
N ARG C 19 -9.21 -22.83 34.91
CA ARG C 19 -8.07 -23.02 35.80
C ARG C 19 -6.80 -23.23 34.98
N LEU C 20 -5.78 -22.43 35.27
CA LEU C 20 -4.48 -22.54 34.62
C LEU C 20 -3.49 -23.26 35.52
N SER C 21 -2.52 -23.93 34.89
CA SER C 21 -1.51 -24.68 35.62
C SER C 21 -0.13 -24.32 35.11
N CYS C 22 0.87 -24.50 35.98
CA CYS C 22 2.25 -24.17 35.67
C CYS C 22 3.14 -25.13 36.46
N ALA C 23 3.74 -26.10 35.77
CA ALA C 23 4.61 -27.08 36.39
C ALA C 23 6.06 -26.65 36.26
N ALA C 24 6.79 -26.67 37.36
CA ALA C 24 8.15 -26.16 37.42
C ALA C 24 9.15 -27.31 37.53
N SER C 25 10.38 -27.02 37.08
CA SER C 25 11.48 -27.97 37.19
C SER C 25 12.78 -27.20 37.03
N GLY C 26 13.84 -27.71 37.65
CA GLY C 26 15.15 -27.10 37.55
C GLY C 26 15.49 -26.11 38.64
N PHE C 27 14.62 -25.94 39.63
CA PHE C 27 14.90 -25.05 40.75
C PHE C 27 14.04 -25.46 41.94
N THR C 28 14.36 -24.88 43.10
CA THR C 28 13.64 -25.19 44.34
C THR C 28 12.32 -24.43 44.34
N PHE C 29 11.31 -25.06 43.74
CA PHE C 29 10.02 -24.40 43.54
C PHE C 29 9.35 -24.04 44.86
N ARG C 30 9.52 -24.88 45.88
CA ARG C 30 8.83 -24.68 47.15
C ARG C 30 9.19 -23.37 47.83
N ASN C 31 10.36 -22.80 47.53
CA ASN C 31 10.81 -21.56 48.15
C ASN C 31 10.63 -20.35 47.25
N SER C 32 10.17 -20.53 46.02
CA SER C 32 10.14 -19.46 45.03
C SER C 32 8.87 -18.64 45.13
N ALA C 33 9.00 -17.34 44.85
CA ALA C 33 7.85 -16.47 44.69
C ALA C 33 7.38 -16.57 43.24
N MET C 34 6.13 -16.99 43.05
CA MET C 34 5.58 -17.25 41.73
C MET C 34 4.46 -16.27 41.46
N HIS C 35 4.47 -15.67 40.27
CA HIS C 35 3.48 -14.70 39.87
C HIS C 35 2.73 -15.17 38.63
N TRP C 36 1.59 -14.53 38.38
CA TRP C 36 0.89 -14.62 37.10
C TRP C 36 0.84 -13.24 36.47
N VAL C 37 1.17 -13.18 35.18
CA VAL C 37 1.15 -11.94 34.41
C VAL C 37 0.36 -12.20 33.14
N ARG C 38 -0.44 -11.21 32.71
CA ARG C 38 -1.28 -11.36 31.53
C ARG C 38 -1.06 -10.20 30.57
N GLN C 39 -1.51 -10.41 29.34
CA GLN C 39 -1.29 -9.43 28.27
C GLN C 39 -2.43 -9.56 27.28
N ALA C 40 -3.32 -8.56 27.29
CA ALA C 40 -4.41 -8.52 26.33
C ALA C 40 -3.87 -8.31 24.93
N PRO C 41 -4.57 -8.80 23.90
CA PRO C 41 -4.10 -8.65 22.52
C PRO C 41 -3.85 -7.19 22.16
N GLY C 42 -2.62 -6.92 21.68
CA GLY C 42 -2.22 -5.59 21.30
C GLY C 42 -1.87 -4.66 22.44
N LYS C 43 -2.05 -5.08 23.69
CA LYS C 43 -1.79 -4.26 24.85
C LYS C 43 -0.49 -4.71 25.53
N GLY C 44 -0.16 -4.08 26.66
CA GLY C 44 1.09 -4.37 27.33
C GLY C 44 0.95 -5.42 28.43
N LEU C 45 2.05 -5.64 29.15
CA LEU C 45 2.07 -6.58 30.25
C LEU C 45 1.38 -6.00 31.48
N GLU C 46 0.72 -6.87 32.23
CA GLU C 46 -0.01 -6.45 33.42
C GLU C 46 0.08 -7.54 34.48
N TRP C 47 0.54 -7.16 35.67
CA TRP C 47 0.63 -8.10 36.78
C TRP C 47 -0.76 -8.49 37.28
N VAL C 48 -0.88 -9.74 37.74
CA VAL C 48 -2.16 -10.33 38.11
C VAL C 48 -2.17 -10.79 39.57
N SER C 49 -1.22 -11.63 39.94
CA SER C 49 -1.25 -12.23 41.27
C SER C 49 0.14 -12.71 41.66
N SER C 50 0.33 -12.90 42.97
CA SER C 50 1.59 -13.36 43.54
C SER C 50 1.33 -14.32 44.69
N ILE C 51 2.22 -15.32 44.83
CA ILE C 51 2.21 -16.23 45.96
C ILE C 51 3.65 -16.56 46.32
N TRP C 52 3.88 -16.79 47.61
CA TRP C 52 5.23 -17.06 48.11
C TRP C 52 5.21 -18.08 49.24
N TYR C 53 6.16 -17.94 50.17
CA TYR C 53 6.34 -18.96 51.21
C TYR C 53 5.17 -18.97 52.17
N SER C 54 5.04 -20.10 52.86
CA SER C 54 4.07 -20.21 53.94
C SER C 54 4.48 -19.28 55.08
N GLY C 55 3.63 -18.29 55.35
CA GLY C 55 3.97 -17.20 56.25
C GLY C 55 4.01 -15.85 55.57
N SER C 56 3.69 -15.76 54.29
CA SER C 56 3.64 -14.51 53.55
C SER C 56 2.23 -14.28 53.03
N ASN C 57 2.01 -13.08 52.51
CA ASN C 57 0.72 -12.71 51.95
C ASN C 57 0.67 -13.01 50.46
N THR C 58 -0.51 -13.37 49.97
CA THR C 58 -0.77 -13.50 48.55
C THR C 58 -1.46 -12.22 48.07
N TYR C 59 -1.09 -11.77 46.87
CA TYR C 59 -1.55 -10.48 46.38
C TYR C 59 -2.25 -10.64 45.05
N TYR C 60 -3.17 -9.73 44.77
CA TYR C 60 -3.96 -9.73 43.55
C TYR C 60 -4.06 -8.32 43.00
N ALA C 61 -4.11 -8.21 41.68
CA ALA C 61 -4.46 -6.94 41.07
C ALA C 61 -5.89 -6.56 41.42
N ASP C 62 -6.16 -5.26 41.43
CA ASP C 62 -7.48 -4.77 41.85
C ASP C 62 -8.60 -5.38 41.02
N SER C 63 -8.39 -5.50 39.70
CA SER C 63 -9.47 -5.93 38.81
C SER C 63 -9.87 -7.37 39.05
N VAL C 64 -8.94 -8.22 39.51
CA VAL C 64 -9.21 -9.65 39.68
C VAL C 64 -9.53 -10.02 41.12
N LYS C 65 -9.50 -9.06 42.04
CA LYS C 65 -9.77 -9.37 43.45
C LYS C 65 -11.23 -9.76 43.62
N GLY C 66 -11.46 -10.90 44.25
CA GLY C 66 -12.79 -11.46 44.38
C GLY C 66 -13.22 -12.34 43.22
N ARG C 67 -12.35 -12.56 42.24
CA ARG C 67 -12.64 -13.40 41.09
C ARG C 67 -11.57 -14.45 40.84
N PHE C 68 -10.30 -14.10 40.99
CA PHE C 68 -9.20 -15.03 40.75
C PHE C 68 -8.62 -15.51 42.07
N THR C 69 -8.10 -16.73 42.06
CA THR C 69 -7.44 -17.32 43.22
C THR C 69 -6.14 -17.96 42.77
N ILE C 70 -5.03 -17.49 43.33
CA ILE C 70 -3.72 -18.12 43.09
C ILE C 70 -3.50 -19.16 44.18
N SER C 71 -2.84 -20.26 43.82
CA SER C 71 -2.54 -21.31 44.77
C SER C 71 -1.35 -22.10 44.25
N ARG C 72 -0.82 -22.97 45.10
CA ARG C 72 0.33 -23.78 44.73
C ARG C 72 0.25 -25.13 45.43
N ASP C 73 0.84 -26.14 44.79
CA ASP C 73 0.99 -27.47 45.36
C ASP C 73 2.49 -27.80 45.29
N ASN C 74 3.19 -27.55 46.39
CA ASN C 74 4.64 -27.70 46.39
C ASN C 74 5.07 -29.16 46.23
N SER C 75 4.21 -30.10 46.64
CA SER C 75 4.55 -31.51 46.48
C SER C 75 4.64 -31.89 45.01
N LYS C 76 3.88 -31.21 44.14
CA LYS C 76 3.90 -31.48 42.71
C LYS C 76 4.58 -30.36 41.93
N ASN C 77 5.19 -29.39 42.62
CA ASN C 77 5.92 -28.29 41.97
C ASN C 77 5.04 -27.57 40.95
N THR C 78 3.79 -27.30 41.34
CA THR C 78 2.79 -26.78 40.41
C THR C 78 2.15 -25.52 40.96
N LEU C 79 2.02 -24.52 40.10
CA LEU C 79 1.30 -23.28 40.38
C LEU C 79 -0.05 -23.29 39.67
N TYR C 80 -1.05 -22.68 40.31
CA TYR C 80 -2.39 -22.65 39.76
C TYR C 80 -2.94 -21.23 39.75
N LEU C 81 -3.89 -20.99 38.84
CA LEU C 81 -4.68 -19.76 38.84
C LEU C 81 -6.12 -20.15 38.52
N GLN C 82 -7.01 -20.02 39.52
CA GLN C 82 -8.42 -20.29 39.34
C GLN C 82 -9.12 -18.99 38.94
N MET C 83 -9.75 -18.99 37.76
CA MET C 83 -10.33 -17.79 37.18
C MET C 83 -11.84 -17.95 37.12
N ASN C 84 -12.55 -17.12 37.89
CA ASN C 84 -14.01 -17.13 37.93
C ASN C 84 -14.55 -15.77 37.51
N SER C 85 -15.84 -15.75 37.18
CA SER C 85 -16.54 -14.53 36.78
C SER C 85 -15.83 -13.84 35.62
N LEU C 86 -15.51 -14.63 34.59
CA LEU C 86 -14.73 -14.12 33.47
C LEU C 86 -15.58 -13.24 32.57
N THR C 87 -15.00 -12.13 32.13
CA THR C 87 -15.64 -11.21 31.18
C THR C 87 -14.65 -10.92 30.05
N ALA C 88 -15.10 -10.13 29.07
CA ALA C 88 -14.29 -9.85 27.89
C ALA C 88 -12.99 -9.12 28.27
N GLU C 89 -12.99 -8.37 29.36
CA GLU C 89 -11.78 -7.68 29.78
C GLU C 89 -10.70 -8.62 30.28
N ASP C 90 -11.03 -9.89 30.52
CA ASP C 90 -10.06 -10.88 30.96
C ASP C 90 -9.37 -11.60 29.80
N THR C 91 -9.78 -11.33 28.56
CA THR C 91 -9.13 -11.93 27.41
C THR C 91 -7.68 -11.47 27.33
N ALA C 92 -6.75 -12.43 27.40
CA ALA C 92 -5.32 -12.13 27.44
C ALA C 92 -4.55 -13.44 27.35
N VAL C 93 -3.28 -13.32 26.97
CA VAL C 93 -2.33 -14.41 27.17
C VAL C 93 -1.81 -14.33 28.59
N TYR C 94 -1.91 -15.43 29.32
CA TYR C 94 -1.53 -15.49 30.73
C TYR C 94 -0.20 -16.21 30.86
N TYR C 95 0.73 -15.60 31.59
CA TYR C 95 2.06 -16.14 31.83
C TYR C 95 2.24 -16.42 33.32
N CYS C 96 2.85 -17.56 33.62
CA CYS C 96 3.44 -17.76 34.94
C CYS C 96 4.92 -17.40 34.87
N ALA C 97 5.43 -16.82 35.95
CA ALA C 97 6.81 -16.37 35.97
C ALA C 97 7.38 -16.50 37.37
N ARG C 98 8.66 -16.88 37.44
CA ARG C 98 9.38 -16.92 38.69
C ARG C 98 9.93 -15.52 38.99
N PHE C 99 9.66 -15.02 40.19
CA PHE C 99 10.11 -13.70 40.60
C PHE C 99 11.37 -13.84 41.45
N ALA C 100 12.47 -13.26 40.98
CA ALA C 100 13.76 -13.36 41.64
C ALA C 100 14.14 -12.08 42.39
N GLY C 101 13.33 -11.04 42.31
CA GLY C 101 13.64 -9.81 43.03
C GLY C 101 14.93 -9.19 42.53
N GLY C 102 15.78 -8.80 43.47
CA GLY C 102 17.07 -8.21 43.16
C GLY C 102 18.05 -9.13 42.46
N TRP C 103 17.68 -10.40 42.23
CA TRP C 103 18.56 -11.34 41.54
C TRP C 103 18.03 -11.75 40.17
N GLY C 104 17.09 -11.00 39.60
CA GLY C 104 16.66 -11.28 38.25
C GLY C 104 15.24 -10.92 37.88
N ALA C 105 14.49 -10.28 38.78
CA ALA C 105 13.10 -9.87 38.54
C ALA C 105 12.34 -11.09 38.01
N TYR C 106 11.57 -10.96 36.92
CA TYR C 106 10.96 -12.11 36.27
C TYR C 106 11.99 -12.73 35.33
N ASP C 107 12.83 -13.59 35.88
CA ASP C 107 13.92 -14.18 35.10
C ASP C 107 13.51 -15.45 34.38
N VAL C 108 12.37 -16.05 34.72
CA VAL C 108 11.88 -17.26 34.08
C VAL C 108 10.40 -17.06 33.77
N TRP C 109 10.01 -17.35 32.53
CA TRP C 109 8.63 -17.21 32.09
C TRP C 109 8.12 -18.51 31.50
N GLY C 110 6.82 -18.76 31.67
CA GLY C 110 6.15 -19.77 30.88
C GLY C 110 5.89 -19.26 29.47
N GLN C 111 5.52 -20.17 28.58
CA GLN C 111 5.28 -19.78 27.20
C GLN C 111 3.95 -19.07 27.02
N GLY C 112 3.05 -19.12 28.01
CA GLY C 112 1.81 -18.39 27.94
C GLY C 112 0.68 -19.19 27.30
N THR C 113 -0.53 -19.01 27.80
CA THR C 113 -1.71 -19.63 27.21
C THR C 113 -2.80 -18.58 27.04
N LEU C 114 -3.48 -18.64 25.90
CA LEU C 114 -4.48 -17.64 25.56
C LEU C 114 -5.81 -17.99 26.21
N VAL C 115 -6.40 -17.02 26.89
CA VAL C 115 -7.74 -17.13 27.44
C VAL C 115 -8.62 -16.10 26.73
N THR C 116 -9.67 -16.57 26.07
CA THR C 116 -10.60 -15.71 25.36
C THR C 116 -11.99 -15.88 25.98
N VAL C 117 -12.58 -14.78 26.40
CA VAL C 117 -13.92 -14.76 26.98
C VAL C 117 -14.83 -14.07 25.97
N SER C 118 -15.75 -14.83 25.38
CA SER C 118 -16.60 -14.29 24.33
C SER C 118 -17.86 -15.15 24.21
N SER C 119 -19.00 -14.48 24.06
CA SER C 119 -20.27 -15.15 23.83
C SER C 119 -20.61 -15.27 22.35
N GLY C 120 -19.80 -14.70 21.48
CA GLY C 120 -20.05 -14.78 20.05
C GLY C 120 -18.83 -14.31 19.28
N GLY C 121 -18.99 -14.26 17.95
CA GLY C 121 -17.86 -13.94 17.09
C GLY C 121 -18.05 -12.71 16.22
N GLY C 122 -19.12 -11.96 16.44
CA GLY C 122 -19.39 -10.78 15.63
C GLY C 122 -20.45 -9.87 16.22
N GLY C 123 -20.44 -8.60 15.80
CA GLY C 123 -19.52 -8.13 14.80
C GLY C 123 -20.24 -7.64 13.56
N SER C 124 -21.30 -8.35 13.18
CA SER C 124 -22.11 -7.99 12.02
C SER C 124 -23.29 -7.10 12.39
N ASP C 125 -23.20 -6.37 13.50
CA ASP C 125 -24.22 -5.38 13.81
C ASP C 125 -24.18 -4.24 12.80
N ILE C 126 -25.22 -3.42 12.80
CA ILE C 126 -25.25 -2.22 11.98
C ILE C 126 -24.46 -1.14 12.71
N VAL C 127 -23.32 -0.75 12.13
CA VAL C 127 -22.44 0.23 12.76
C VAL C 127 -22.87 1.62 12.32
N LEU C 128 -23.17 2.48 13.29
CA LEU C 128 -23.52 3.87 13.04
C LEU C 128 -22.30 4.74 13.30
N THR C 129 -21.99 5.63 12.36
CA THR C 129 -20.82 6.49 12.44
C THR C 129 -21.27 7.94 12.33
N GLN C 130 -21.19 8.69 13.43
CA GLN C 130 -21.61 10.07 13.46
C GLN C 130 -20.45 11.00 13.10
N SER C 131 -20.78 12.12 12.47
CA SER C 131 -19.79 13.10 12.07
C SER C 131 -20.37 14.52 12.06
N PRO C 132 -19.58 15.49 12.53
CA PRO C 132 -18.27 15.25 13.14
C PRO C 132 -18.39 14.91 14.61
N ALA C 133 -17.29 14.47 15.23
CA ALA C 133 -17.32 14.15 16.66
C ALA C 133 -17.59 15.39 17.50
N THR C 134 -17.13 16.55 17.05
CA THR C 134 -17.26 17.80 17.80
C THR C 134 -17.59 18.94 16.87
N LEU C 135 -18.53 19.80 17.30
CA LEU C 135 -18.92 20.98 16.56
C LEU C 135 -18.90 22.18 17.49
N SER C 136 -18.01 23.14 17.22
CA SER C 136 -17.92 24.37 17.98
C SER C 136 -18.65 25.46 17.21
N LEU C 137 -19.81 25.87 17.73
CA LEU C 137 -20.67 26.82 17.04
C LEU C 137 -21.18 27.87 18.02
N SER C 138 -21.68 28.96 17.46
CA SER C 138 -22.24 30.08 18.21
C SER C 138 -23.76 30.05 18.14
N PRO C 139 -24.44 30.67 19.11
CA PRO C 139 -25.91 30.74 19.05
C PRO C 139 -26.37 31.44 17.78
N GLY C 140 -27.45 30.92 17.20
CA GLY C 140 -27.99 31.44 15.96
C GLY C 140 -27.48 30.74 14.70
N GLU C 141 -26.35 30.05 14.78
CA GLU C 141 -25.83 29.30 13.65
C GLU C 141 -26.61 28.00 13.48
N ARG C 142 -26.32 27.30 12.38
CA ARG C 142 -26.97 26.03 12.07
C ARG C 142 -26.00 24.88 12.27
N ALA C 143 -26.49 23.82 12.92
CA ALA C 143 -25.73 22.60 13.13
C ALA C 143 -26.29 21.50 12.23
N THR C 144 -25.41 20.91 11.40
CA THR C 144 -25.77 19.80 10.54
C THR C 144 -24.98 18.58 10.98
N LEU C 145 -25.67 17.59 11.53
CA LEU C 145 -25.06 16.38 12.07
C LEU C 145 -25.35 15.21 11.13
N SER C 146 -24.34 14.37 10.93
CA SER C 146 -24.43 13.26 9.97
C SER C 146 -24.35 11.93 10.71
N CYS C 147 -25.15 10.96 10.25
CA CYS C 147 -25.14 9.60 10.78
C CYS C 147 -25.15 8.64 9.59
N ARG C 148 -24.07 7.88 9.44
CA ARG C 148 -23.91 6.95 8.34
C ARG C 148 -23.92 5.51 8.88
N ALA C 149 -24.74 4.66 8.28
CA ALA C 149 -24.88 3.27 8.68
C ALA C 149 -24.08 2.36 7.75
N SER C 150 -23.53 1.28 8.32
CA SER C 150 -22.76 0.34 7.52
C SER C 150 -23.65 -0.47 6.58
N GLN C 151 -24.92 -0.66 6.95
CA GLN C 151 -25.90 -1.34 6.11
C GLN C 151 -27.18 -0.51 6.10
N SER C 152 -28.04 -0.81 5.14
CA SER C 152 -29.28 -0.06 4.99
C SER C 152 -30.18 -0.26 6.21
N VAL C 153 -30.70 0.84 6.73
CA VAL C 153 -31.59 0.81 7.89
C VAL C 153 -33.01 0.61 7.37
N SER C 154 -33.52 -0.62 7.52
CA SER C 154 -34.83 -0.94 6.97
C SER C 154 -35.92 -0.10 7.62
N SER C 155 -36.88 0.32 6.81
CA SER C 155 -38.00 1.18 7.21
C SER C 155 -37.54 2.55 7.71
N ASN C 156 -36.26 2.87 7.57
CA ASN C 156 -35.68 4.12 8.07
C ASN C 156 -35.98 4.28 9.57
N TYR C 157 -35.86 3.18 10.31
CA TYR C 157 -36.05 3.18 11.76
C TYR C 157 -34.80 3.73 12.42
N LEU C 158 -34.66 5.06 12.38
CA LEU C 158 -33.50 5.74 12.95
C LEU C 158 -33.98 6.91 13.79
N ALA C 159 -33.49 7.00 15.02
CA ALA C 159 -33.89 8.02 15.97
C ALA C 159 -32.69 8.89 16.34
N TRP C 160 -32.99 10.10 16.80
CA TRP C 160 -32.00 11.05 17.29
C TRP C 160 -32.36 11.43 18.73
N TYR C 161 -31.34 11.48 19.59
CA TYR C 161 -31.52 11.83 20.99
C TYR C 161 -30.61 12.99 21.36
N GLN C 162 -31.08 13.83 22.26
CA GLN C 162 -30.30 14.90 22.87
C GLN C 162 -30.04 14.56 24.32
N GLN C 163 -28.78 14.64 24.75
CA GLN C 163 -28.42 14.40 26.14
C GLN C 163 -27.54 15.53 26.65
N LYS C 164 -27.96 16.12 27.76
CA LYS C 164 -27.20 17.10 28.51
C LYS C 164 -26.48 16.43 29.67
N PRO C 165 -25.41 17.04 30.18
CA PRO C 165 -24.62 16.38 31.25
C PRO C 165 -25.45 16.08 32.48
N GLY C 166 -25.35 14.84 32.95
CA GLY C 166 -26.05 14.41 34.15
C GLY C 166 -27.53 14.13 33.96
N GLN C 167 -28.02 14.11 32.73
CA GLN C 167 -29.43 13.87 32.47
C GLN C 167 -29.61 12.68 31.54
N ALA C 168 -30.81 12.10 31.58
CA ALA C 168 -31.14 11.01 30.68
C ALA C 168 -31.31 11.54 29.26
N PRO C 169 -31.10 10.70 28.25
CA PRO C 169 -31.34 11.13 26.87
C PRO C 169 -32.80 11.49 26.65
N ARG C 170 -33.02 12.34 25.64
CA ARG C 170 -34.34 12.84 25.31
C ARG C 170 -34.59 12.66 23.83
N LEU C 171 -35.71 12.02 23.48
CA LEU C 171 -36.04 11.75 22.09
C LEU C 171 -36.29 13.04 21.33
N LEU C 172 -35.59 13.22 20.21
CA LEU C 172 -35.81 14.34 19.31
C LEU C 172 -36.56 13.93 18.05
N ILE C 173 -35.99 12.95 17.32
CA ILE C 173 -36.52 12.50 16.04
C ILE C 173 -36.63 10.98 16.09
N TYR C 174 -37.66 10.44 15.43
CA TYR C 174 -37.76 9.01 15.19
C TYR C 174 -38.32 8.80 13.80
N ASP C 175 -38.17 7.57 13.29
CA ASP C 175 -38.52 7.23 11.91
C ASP C 175 -37.82 8.16 10.93
N SER C 176 -36.57 8.53 11.27
CA SER C 176 -35.70 9.36 10.46
C SER C 176 -36.16 10.82 10.38
N SER C 177 -37.47 11.08 10.35
CA SER C 177 -37.95 12.43 10.09
C SER C 177 -39.09 12.90 10.97
N SER C 178 -39.59 12.09 11.90
CA SER C 178 -40.72 12.48 12.73
C SER C 178 -40.24 13.19 13.99
N ARG C 179 -40.64 14.45 14.14
CA ARG C 179 -40.34 15.19 15.36
C ARG C 179 -41.22 14.70 16.51
N ALA C 180 -40.59 14.34 17.62
CA ALA C 180 -41.35 13.95 18.80
C ALA C 180 -42.20 15.11 19.30
N THR C 181 -43.26 14.78 20.04
CA THR C 181 -44.13 15.81 20.59
C THR C 181 -43.37 16.69 21.56
N GLY C 182 -43.48 18.01 21.36
CA GLY C 182 -42.80 18.98 22.20
C GLY C 182 -41.44 19.40 21.71
N VAL C 183 -40.89 18.75 20.69
CA VAL C 183 -39.58 19.12 20.15
C VAL C 183 -39.75 20.35 19.27
N PRO C 184 -38.97 21.42 19.47
CA PRO C 184 -39.13 22.62 18.66
C PRO C 184 -38.88 22.35 17.18
N ALA C 185 -39.51 23.18 16.34
CA ALA C 185 -39.45 23.01 14.90
C ALA C 185 -38.04 23.23 14.33
N ARG C 186 -37.12 23.81 15.10
CA ARG C 186 -35.78 24.05 14.58
C ARG C 186 -35.01 22.75 14.38
N PHE C 187 -35.36 21.70 15.12
CA PHE C 187 -34.81 20.38 14.89
C PHE C 187 -35.54 19.72 13.73
N SER C 188 -34.80 18.99 12.90
CA SER C 188 -35.41 18.29 11.77
C SER C 188 -34.47 17.18 11.31
N GLY C 189 -35.03 16.00 11.10
CA GLY C 189 -34.28 14.85 10.63
C GLY C 189 -34.64 14.54 9.18
N SER C 190 -33.68 13.95 8.46
CA SER C 190 -33.88 13.61 7.06
C SER C 190 -32.92 12.49 6.69
N GLY C 191 -33.10 11.97 5.49
CA GLY C 191 -32.25 10.91 4.96
C GLY C 191 -33.00 9.59 4.86
N SER C 192 -32.28 8.60 4.32
CA SER C 192 -32.83 7.26 4.13
C SER C 192 -31.69 6.32 3.81
N GLY C 193 -31.97 5.02 3.89
CA GLY C 193 -30.99 4.00 3.57
C GLY C 193 -29.83 3.96 4.54
N THR C 194 -28.70 4.55 4.14
CA THR C 194 -27.50 4.55 4.95
C THR C 194 -27.04 5.95 5.34
N ASP C 195 -27.72 7.00 4.88
CA ASP C 195 -27.28 8.38 5.06
C ASP C 195 -28.40 9.17 5.72
N PHE C 196 -28.17 9.61 6.96
CA PHE C 196 -29.15 10.36 7.73
C PHE C 196 -28.50 11.61 8.32
N THR C 197 -29.29 12.69 8.40
CA THR C 197 -28.80 13.95 8.94
C THR C 197 -29.80 14.52 9.93
N LEU C 198 -29.27 15.15 10.97
CA LEU C 198 -30.06 15.96 11.90
C LEU C 198 -29.64 17.42 11.75
N THR C 199 -30.61 18.31 11.58
CA THR C 199 -30.34 19.73 11.34
C THR C 199 -31.00 20.56 12.42
N ILE C 200 -30.21 21.38 13.11
CA ILE C 200 -30.71 22.36 14.07
C ILE C 200 -30.54 23.72 13.42
N SER C 201 -31.65 24.31 12.97
CA SER C 201 -31.59 25.45 12.07
C SER C 201 -30.99 26.69 12.72
N SER C 202 -31.38 26.98 13.96
CA SER C 202 -30.88 28.17 14.67
C SER C 202 -30.61 27.76 16.11
N LEU C 203 -29.33 27.62 16.43
CA LEU C 203 -28.93 27.12 17.75
C LEU C 203 -29.32 28.09 18.86
N GLU C 204 -30.04 27.59 19.84
CA GLU C 204 -30.29 28.27 21.09
C GLU C 204 -29.25 27.87 22.12
N PRO C 205 -29.06 28.66 23.19
CA PRO C 205 -28.11 28.25 24.23
C PRO C 205 -28.42 26.89 24.84
N GLU C 206 -29.69 26.53 24.96
CA GLU C 206 -30.09 25.25 25.52
C GLU C 206 -29.93 24.10 24.54
N ASP C 207 -29.50 24.36 23.31
CA ASP C 207 -29.32 23.30 22.31
C ASP C 207 -27.93 22.69 22.33
N PHE C 208 -27.00 23.22 23.12
CA PHE C 208 -25.64 22.72 23.16
C PHE C 208 -25.59 21.51 24.08
N ALA C 209 -25.37 20.34 23.49
CA ALA C 209 -25.40 19.06 24.20
C ALA C 209 -24.77 18.02 23.29
N VAL C 210 -24.85 16.75 23.68
CA VAL C 210 -24.41 15.63 22.85
C VAL C 210 -25.63 15.05 22.15
N TYR C 211 -25.45 14.62 20.90
CA TYR C 211 -26.54 14.08 20.11
C TYR C 211 -26.16 12.71 19.58
N TYR C 212 -27.05 11.74 19.77
CA TYR C 212 -26.84 10.36 19.37
C TYR C 212 -27.87 9.96 18.33
N CYS C 213 -27.44 9.21 17.31
CA CYS C 213 -28.38 8.52 16.45
C CYS C 213 -28.51 7.06 16.90
N HIS C 214 -29.58 6.42 16.45
CA HIS C 214 -29.98 5.13 17.00
C HIS C 214 -30.84 4.40 15.98
N GLN C 215 -30.38 3.24 15.53
CA GLN C 215 -31.14 2.39 14.62
C GLN C 215 -31.81 1.29 15.42
N TYR C 216 -33.09 1.05 15.14
CA TYR C 216 -33.87 0.01 15.79
C TYR C 216 -34.58 -0.83 14.76
N SER C 217 -33.87 -1.17 13.68
CA SER C 217 -34.42 -1.92 12.56
C SER C 217 -34.20 -3.42 12.68
N ASP C 218 -33.55 -3.89 13.75
CA ASP C 218 -33.31 -5.31 13.93
C ASP C 218 -33.27 -5.63 15.42
N ILE C 219 -32.90 -6.86 15.75
CA ILE C 219 -32.87 -7.33 17.13
C ILE C 219 -31.63 -6.90 17.89
N SER C 220 -30.66 -6.26 17.22
CA SER C 220 -29.44 -5.80 17.85
C SER C 220 -29.37 -4.28 17.71
N PRO C 221 -29.99 -3.53 18.61
CA PRO C 221 -29.99 -2.08 18.50
C PRO C 221 -28.58 -1.52 18.72
N THR C 222 -28.24 -0.51 17.92
CA THR C 222 -26.94 0.13 18.00
C THR C 222 -27.10 1.65 17.99
N PHE C 223 -26.16 2.33 18.62
CA PHE C 223 -26.12 3.79 18.65
C PHE C 223 -24.88 4.29 17.93
N GLY C 224 -24.96 5.52 17.44
CA GLY C 224 -23.76 6.24 17.10
C GLY C 224 -23.00 6.62 18.35
N GLN C 225 -21.75 7.02 18.18
CA GLN C 225 -20.91 7.36 19.31
C GLN C 225 -21.07 8.81 19.76
N GLY C 226 -21.87 9.60 19.06
CA GLY C 226 -22.26 10.90 19.56
C GLY C 226 -21.57 12.04 18.84
N THR C 227 -22.28 13.17 18.75
CA THR C 227 -21.71 14.43 18.26
C THR C 227 -21.96 15.49 19.32
N LYS C 228 -20.88 16.09 19.82
CA LYS C 228 -20.96 17.11 20.85
C LYS C 228 -21.01 18.50 20.20
N VAL C 229 -22.13 19.19 20.36
CA VAL C 229 -22.30 20.55 19.86
C VAL C 229 -22.01 21.49 21.01
N GLU C 230 -20.84 22.11 20.99
CA GLU C 230 -20.39 22.97 22.09
C GLU C 230 -20.19 24.40 21.64
N VAL D 2 -46.94 9.42 32.14
CA VAL D 2 -46.11 8.37 31.57
C VAL D 2 -44.68 8.53 32.08
N GLN D 3 -44.28 7.67 33.01
CA GLN D 3 -42.96 7.80 33.62
C GLN D 3 -42.42 6.43 34.01
N LEU D 4 -41.10 6.34 34.07
CA LEU D 4 -40.39 5.17 34.58
C LEU D 4 -39.59 5.59 35.80
N VAL D 5 -39.84 4.96 36.93
CA VAL D 5 -39.18 5.29 38.19
C VAL D 5 -38.16 4.20 38.48
N GLU D 6 -36.88 4.55 38.42
CA GLU D 6 -35.79 3.61 38.61
C GLU D 6 -35.32 3.58 40.05
N SER D 7 -34.66 2.49 40.42
CA SER D 7 -34.11 2.34 41.77
C SER D 7 -33.03 1.27 41.74
N GLY D 8 -32.13 1.36 42.71
CA GLY D 8 -31.02 0.43 42.80
C GLY D 8 -29.71 1.05 42.36
N GLY D 9 -28.72 0.19 42.18
CA GLY D 9 -27.40 0.60 41.76
C GLY D 9 -26.45 0.80 42.93
N GLY D 10 -25.37 1.53 42.64
CA GLY D 10 -24.40 1.86 43.66
C GLY D 10 -23.04 1.24 43.40
N LEU D 11 -22.23 1.21 44.46
CA LEU D 11 -20.84 0.78 44.37
C LEU D 11 -20.70 -0.64 44.93
N VAL D 12 -20.13 -1.53 44.12
CA VAL D 12 -19.89 -2.91 44.50
C VAL D 12 -18.50 -3.31 44.04
N GLN D 13 -18.06 -4.49 44.50
CA GLN D 13 -16.73 -5.02 44.19
C GLN D 13 -16.80 -6.02 43.04
N PRO D 14 -15.68 -6.23 42.34
CA PRO D 14 -15.68 -7.20 41.23
C PRO D 14 -16.11 -8.58 41.69
N GLY D 15 -16.86 -9.26 40.82
CA GLY D 15 -17.47 -10.53 41.16
C GLY D 15 -18.77 -10.43 41.94
N GLY D 16 -19.21 -9.21 42.26
CA GLY D 16 -20.43 -9.03 43.03
C GLY D 16 -21.68 -9.09 42.19
N SER D 17 -22.82 -8.95 42.86
CA SER D 17 -24.13 -9.00 42.21
C SER D 17 -24.94 -7.77 42.61
N LEU D 18 -25.94 -7.47 41.78
CA LEU D 18 -26.74 -6.28 41.96
C LEU D 18 -28.01 -6.41 41.12
N ARG D 19 -29.11 -5.86 41.62
CA ARG D 19 -30.38 -5.90 40.90
C ARG D 19 -30.93 -4.49 40.77
N LEU D 20 -31.31 -4.13 39.55
CA LEU D 20 -31.93 -2.84 39.26
C LEU D 20 -33.43 -3.02 39.07
N SER D 21 -34.18 -1.98 39.38
CA SER D 21 -35.64 -2.00 39.26
C SER D 21 -36.11 -0.79 38.48
N CYS D 22 -37.33 -0.90 37.94
CA CYS D 22 -37.93 0.16 37.13
C CYS D 22 -39.43 -0.01 37.21
N ALA D 23 -40.10 0.90 37.93
CA ALA D 23 -41.55 0.85 38.12
C ALA D 23 -42.21 1.82 37.14
N ALA D 24 -43.13 1.31 36.34
CA ALA D 24 -43.78 2.09 35.29
C ALA D 24 -45.15 2.59 35.76
N SER D 25 -45.60 3.68 35.13
CA SER D 25 -46.91 4.25 35.41
C SER D 25 -47.31 5.15 34.25
N GLY D 26 -48.61 5.24 34.01
CA GLY D 26 -49.14 6.09 32.96
C GLY D 26 -49.33 5.43 31.62
N PHE D 27 -49.13 4.12 31.51
CA PHE D 27 -49.35 3.42 30.25
C PHE D 27 -49.56 1.94 30.55
N THR D 28 -50.10 1.23 29.56
CA THR D 28 -50.34 -0.21 29.68
C THR D 28 -49.01 -0.93 29.61
N PHE D 29 -48.38 -1.10 30.78
CA PHE D 29 -47.02 -1.62 30.84
C PHE D 29 -46.92 -3.02 30.26
N ARG D 30 -47.91 -3.88 30.52
CA ARG D 30 -47.83 -5.28 30.14
C ARG D 30 -47.82 -5.49 28.62
N ASN D 31 -48.08 -4.46 27.83
CA ASN D 31 -48.04 -4.57 26.37
C ASN D 31 -46.78 -3.95 25.77
N SER D 32 -45.96 -3.29 26.57
CA SER D 32 -44.80 -2.55 26.08
C SER D 32 -43.54 -3.39 26.16
N ALA D 33 -42.70 -3.29 25.13
CA ALA D 33 -41.35 -3.82 25.19
C ALA D 33 -40.48 -2.91 26.01
N MET D 34 -39.67 -3.49 26.90
CA MET D 34 -38.85 -2.73 27.82
C MET D 34 -37.38 -3.10 27.65
N HIS D 35 -36.52 -2.09 27.56
CA HIS D 35 -35.10 -2.27 27.33
C HIS D 35 -34.30 -1.67 28.47
N TRP D 36 -33.06 -2.13 28.60
CA TRP D 36 -32.06 -1.51 29.46
C TRP D 36 -30.94 -0.99 28.58
N VAL D 37 -30.53 0.25 28.81
CA VAL D 37 -29.44 0.90 28.09
C VAL D 37 -28.47 1.46 29.10
N ARG D 38 -27.17 1.37 28.81
CA ARG D 38 -26.14 1.83 29.73
C ARG D 38 -25.18 2.78 29.02
N GLN D 39 -24.43 3.53 29.83
CA GLN D 39 -23.54 4.57 29.33
C GLN D 39 -22.36 4.66 30.30
N ALA D 40 -21.22 4.10 29.88
CA ALA D 40 -20.02 4.16 30.70
C ALA D 40 -19.56 5.61 30.84
N PRO D 41 -18.87 5.94 31.95
CA PRO D 41 -18.42 7.33 32.17
C PRO D 41 -17.63 7.89 31.00
N GLY D 42 -18.16 8.96 30.38
CA GLY D 42 -17.50 9.62 29.29
C GLY D 42 -17.75 9.02 27.92
N LYS D 43 -18.41 7.87 27.84
CA LYS D 43 -18.65 7.19 26.57
C LYS D 43 -20.12 7.35 26.16
N GLY D 44 -20.50 6.66 25.08
CA GLY D 44 -21.83 6.80 24.53
C GLY D 44 -22.80 5.76 25.04
N LEU D 45 -24.01 5.79 24.48
CA LEU D 45 -25.07 4.86 24.85
C LEU D 45 -24.82 3.49 24.23
N GLU D 46 -25.18 2.45 24.97
CA GLU D 46 -25.03 1.07 24.52
C GLU D 46 -26.21 0.25 24.99
N TRP D 47 -26.84 -0.47 24.07
CA TRP D 47 -27.96 -1.32 24.42
C TRP D 47 -27.49 -2.53 25.22
N VAL D 48 -28.30 -2.92 26.20
CA VAL D 48 -27.96 -4.01 27.12
C VAL D 48 -28.89 -5.21 26.94
N SER D 49 -30.20 -4.99 27.04
CA SER D 49 -31.13 -6.11 27.04
C SER D 49 -32.52 -5.64 26.65
N SER D 50 -33.37 -6.61 26.29
CA SER D 50 -34.74 -6.36 25.86
C SER D 50 -35.65 -7.47 26.36
N ILE D 51 -36.94 -7.14 26.49
CA ILE D 51 -37.96 -8.11 26.90
C ILE D 51 -39.30 -7.61 26.40
N TRP D 52 -40.23 -8.54 26.16
CA TRP D 52 -41.53 -8.19 25.60
C TRP D 52 -42.64 -9.07 26.18
N TYR D 53 -43.63 -9.41 25.34
CA TYR D 53 -44.91 -9.89 25.86
C TYR D 53 -44.80 -11.31 26.41
N SER D 54 -45.96 -11.85 26.77
CA SER D 54 -46.06 -13.11 27.50
C SER D 54 -45.16 -14.20 26.95
N GLY D 55 -45.18 -14.39 25.63
CA GLY D 55 -44.21 -15.27 25.01
C GLY D 55 -42.87 -14.59 24.95
N SER D 56 -42.21 -14.46 26.10
CA SER D 56 -41.03 -13.61 26.27
C SER D 56 -39.88 -14.13 25.42
N ASN D 57 -39.62 -13.45 24.30
CA ASN D 57 -38.40 -13.66 23.52
C ASN D 57 -37.46 -12.51 23.90
N THR D 58 -36.53 -12.79 24.80
CA THR D 58 -35.68 -11.77 25.39
C THR D 58 -34.28 -11.82 24.78
N TYR D 59 -33.64 -10.65 24.70
CA TYR D 59 -32.37 -10.50 24.02
C TYR D 59 -31.35 -9.81 24.93
N TYR D 60 -30.08 -10.13 24.72
CA TYR D 60 -28.99 -9.58 25.50
C TYR D 60 -27.85 -9.17 24.58
N ALA D 61 -27.14 -8.10 24.98
CA ALA D 61 -25.89 -7.78 24.33
C ALA D 61 -24.86 -8.87 24.63
N ASP D 62 -23.94 -9.07 23.68
CA ASP D 62 -23.04 -10.21 23.76
C ASP D 62 -22.18 -10.18 25.03
N SER D 63 -21.81 -8.98 25.48
CA SER D 63 -20.94 -8.88 26.65
C SER D 63 -21.62 -9.35 27.92
N VAL D 64 -22.94 -9.16 28.03
CA VAL D 64 -23.65 -9.48 29.26
C VAL D 64 -24.32 -10.85 29.24
N LYS D 65 -24.31 -11.54 28.09
CA LYS D 65 -24.96 -12.84 28.00
C LYS D 65 -24.28 -13.84 28.93
N GLY D 66 -25.09 -14.51 29.75
CA GLY D 66 -24.56 -15.39 30.77
C GLY D 66 -24.21 -14.72 32.08
N ARG D 67 -24.40 -13.41 32.19
CA ARG D 67 -24.14 -12.67 33.41
C ARG D 67 -25.35 -11.86 33.87
N PHE D 68 -26.11 -11.28 32.94
CA PHE D 68 -27.28 -10.47 33.27
C PHE D 68 -28.55 -11.25 32.94
N THR D 69 -29.62 -10.94 33.67
CA THR D 69 -30.93 -11.51 33.42
C THR D 69 -31.96 -10.39 33.50
N ILE D 70 -32.72 -10.21 32.41
CA ILE D 70 -33.82 -9.25 32.37
C ILE D 70 -35.12 -9.99 32.66
N SER D 71 -36.03 -9.35 33.38
CA SER D 71 -37.30 -9.96 33.73
C SER D 71 -38.30 -8.86 34.03
N ARG D 72 -39.56 -9.26 34.19
CA ARG D 72 -40.61 -8.28 34.44
C ARG D 72 -41.72 -8.93 35.27
N ASP D 73 -42.37 -8.10 36.08
CA ASP D 73 -43.52 -8.49 36.90
C ASP D 73 -44.66 -7.57 36.49
N ASN D 74 -45.55 -8.06 35.64
CA ASN D 74 -46.61 -7.21 35.10
C ASN D 74 -47.67 -6.87 36.15
N SER D 75 -47.84 -7.72 37.16
CA SER D 75 -48.78 -7.40 38.22
C SER D 75 -48.31 -6.20 39.04
N LYS D 76 -47.00 -5.97 39.09
CA LYS D 76 -46.42 -4.83 39.79
C LYS D 76 -45.98 -3.72 38.83
N ASN D 77 -46.12 -3.94 37.52
CA ASN D 77 -45.66 -2.98 36.52
C ASN D 77 -44.19 -2.63 36.73
N THR D 78 -43.36 -3.66 36.89
CA THR D 78 -41.98 -3.50 37.28
C THR D 78 -41.06 -4.26 36.32
N LEU D 79 -39.98 -3.60 35.93
CA LEU D 79 -38.91 -4.20 35.13
C LEU D 79 -37.68 -4.40 36.00
N TYR D 80 -37.01 -5.54 35.83
CA TYR D 80 -35.84 -5.87 36.61
C TYR D 80 -34.65 -6.14 35.70
N LEU D 81 -33.45 -5.97 36.27
CA LEU D 81 -32.21 -6.36 35.61
C LEU D 81 -31.28 -6.93 36.68
N GLN D 82 -31.14 -8.26 36.70
CA GLN D 82 -30.23 -8.93 37.62
C GLN D 82 -28.84 -8.94 37.00
N MET D 83 -27.86 -8.40 37.73
CA MET D 83 -26.50 -8.24 37.23
C MET D 83 -25.56 -9.07 38.10
N ASN D 84 -24.97 -10.11 37.51
CA ASN D 84 -24.01 -10.97 38.20
C ASN D 84 -22.66 -10.91 37.50
N SER D 85 -21.63 -11.41 38.18
CA SER D 85 -20.27 -11.48 37.65
C SER D 85 -19.79 -10.11 37.19
N LEU D 86 -19.98 -9.12 38.04
CA LEU D 86 -19.68 -7.74 37.68
C LEU D 86 -18.18 -7.48 37.67
N THR D 87 -17.72 -6.77 36.64
CA THR D 87 -16.34 -6.34 36.51
C THR D 87 -16.31 -4.85 36.21
N ALA D 88 -15.09 -4.30 36.07
CA ALA D 88 -14.95 -2.86 35.91
C ALA D 88 -15.54 -2.36 34.61
N GLU D 89 -15.61 -3.20 33.58
CA GLU D 89 -16.20 -2.77 32.31
C GLU D 89 -17.70 -2.56 32.40
N ASP D 90 -18.35 -3.01 33.47
CA ASP D 90 -19.78 -2.80 33.67
C ASP D 90 -20.08 -1.46 34.33
N THR D 91 -19.07 -0.72 34.76
CA THR D 91 -19.27 0.60 35.36
C THR D 91 -19.92 1.54 34.36
N ALA D 92 -21.15 1.95 34.66
CA ALA D 92 -21.93 2.79 33.75
C ALA D 92 -23.16 3.30 34.47
N VAL D 93 -23.81 4.28 33.85
CA VAL D 93 -25.16 4.69 34.25
C VAL D 93 -26.14 3.86 33.44
N TYR D 94 -27.05 3.17 34.14
CA TYR D 94 -28.00 2.27 33.50
C TYR D 94 -29.37 2.94 33.44
N TYR D 95 -29.99 2.87 32.27
CA TYR D 95 -31.32 3.42 32.04
C TYR D 95 -32.29 2.31 31.66
N CYS D 96 -33.48 2.35 32.23
CA CYS D 96 -34.60 1.61 31.66
C CYS D 96 -35.34 2.51 30.67
N ALA D 97 -35.89 1.90 29.64
CA ALA D 97 -36.52 2.66 28.57
C ALA D 97 -37.65 1.86 27.95
N ARG D 98 -38.75 2.55 27.65
CA ARG D 98 -39.85 1.95 26.92
C ARG D 98 -39.56 2.06 25.42
N PHE D 99 -39.68 0.94 24.71
CA PHE D 99 -39.41 0.87 23.29
C PHE D 99 -40.72 0.96 22.52
N ALA D 100 -40.89 2.05 21.76
CA ALA D 100 -42.10 2.26 20.99
C ALA D 100 -41.94 1.90 19.52
N GLY D 101 -40.73 1.59 19.06
CA GLY D 101 -40.55 1.18 17.68
C GLY D 101 -40.89 2.29 16.71
N GLY D 102 -41.71 1.93 15.71
CA GLY D 102 -42.11 2.89 14.68
C GLY D 102 -42.98 4.02 15.18
N TRP D 103 -43.36 4.02 16.45
CA TRP D 103 -44.17 5.10 17.01
C TRP D 103 -43.42 5.85 18.12
N GLY D 104 -42.09 5.82 18.12
CA GLY D 104 -41.37 6.64 19.06
C GLY D 104 -40.02 6.18 19.57
N ALA D 105 -39.54 5.01 19.12
CA ALA D 105 -38.23 4.47 19.50
C ALA D 105 -38.17 4.41 21.03
N TYR D 106 -37.12 4.93 21.67
CA TYR D 106 -37.07 5.05 23.13
C TYR D 106 -37.68 6.39 23.51
N ASP D 107 -39.01 6.41 23.63
CA ASP D 107 -39.73 7.64 23.91
C ASP D 107 -39.81 7.97 25.40
N VAL D 108 -39.64 6.99 26.28
CA VAL D 108 -39.70 7.20 27.72
C VAL D 108 -38.46 6.58 28.34
N TRP D 109 -37.74 7.36 29.13
CA TRP D 109 -36.52 6.92 29.79
C TRP D 109 -36.64 7.05 31.30
N GLY D 110 -36.02 6.12 32.01
CA GLY D 110 -35.75 6.33 33.42
C GLY D 110 -34.67 7.38 33.59
N GLN D 111 -34.54 7.88 34.83
CA GLN D 111 -33.54 8.91 35.07
C GLN D 111 -32.13 8.34 35.17
N GLY D 112 -31.99 7.03 35.34
CA GLY D 112 -30.68 6.41 35.34
C GLY D 112 -30.08 6.27 36.73
N THR D 113 -29.39 5.15 36.98
CA THR D 113 -28.67 4.93 38.22
C THR D 113 -27.25 4.52 37.92
N LEU D 114 -26.31 5.02 38.71
CA LEU D 114 -24.91 4.73 38.49
C LEU D 114 -24.53 3.42 39.16
N VAL D 115 -23.90 2.53 38.40
CA VAL D 115 -23.35 1.28 38.91
C VAL D 115 -21.84 1.34 38.73
N THR D 116 -21.11 1.24 39.83
CA THR D 116 -19.66 1.31 39.81
C THR D 116 -19.11 0.02 40.41
N VAL D 117 -18.28 -0.68 39.64
CA VAL D 117 -17.62 -1.90 40.08
C VAL D 117 -16.16 -1.58 40.31
N SER D 118 -15.72 -1.70 41.56
CA SER D 118 -14.35 -1.36 41.91
C SER D 118 -13.98 -2.01 43.23
N SER D 119 -12.75 -2.54 43.30
CA SER D 119 -12.25 -3.20 44.49
C SER D 119 -11.44 -2.27 45.40
N GLY D 120 -11.28 -1.01 45.00
CA GLY D 120 -10.51 -0.06 45.79
C GLY D 120 -10.39 1.28 45.09
N GLY D 121 -10.18 2.34 45.86
CA GLY D 121 -10.10 3.67 45.28
C GLY D 121 -9.01 3.78 44.22
N GLY D 122 -7.82 3.29 44.54
CA GLY D 122 -6.72 3.32 43.60
C GLY D 122 -5.81 2.11 43.71
N GLY D 123 -4.83 2.03 42.83
CA GLY D 123 -4.63 3.05 41.82
C GLY D 123 -3.53 4.04 42.16
N SER D 124 -3.03 3.95 43.39
CA SER D 124 -1.90 4.76 43.83
C SER D 124 -0.56 4.09 43.56
N ASP D 125 -0.43 3.47 42.39
CA ASP D 125 0.76 2.72 42.03
C ASP D 125 1.81 3.64 41.42
N ILE D 126 2.99 3.08 41.18
CA ILE D 126 4.05 3.77 40.45
C ILE D 126 3.77 3.62 38.97
N VAL D 127 3.65 4.75 38.27
CA VAL D 127 3.32 4.76 36.85
C VAL D 127 4.62 4.89 36.06
N LEU D 128 4.85 3.94 35.14
CA LEU D 128 6.00 3.96 34.27
C LEU D 128 5.57 4.45 32.88
N THR D 129 6.29 5.44 32.36
CA THR D 129 5.98 6.05 31.07
C THR D 129 7.18 5.87 30.15
N GLN D 130 7.00 5.08 29.09
CA GLN D 130 8.09 4.79 28.16
C GLN D 130 8.03 5.74 26.97
N SER D 131 9.21 6.05 26.43
CA SER D 131 9.33 6.98 25.32
C SER D 131 10.48 6.61 24.39
N PRO D 132 10.26 6.69 23.07
CA PRO D 132 8.94 6.99 22.51
C PRO D 132 8.12 5.72 22.32
N ALA D 133 6.85 5.86 21.92
CA ALA D 133 6.04 4.67 21.69
C ALA D 133 6.55 3.85 20.51
N THR D 134 7.15 4.51 19.51
CA THR D 134 7.58 3.83 18.30
C THR D 134 8.92 4.40 17.84
N LEU D 135 9.82 3.51 17.45
CA LEU D 135 11.12 3.88 16.88
C LEU D 135 11.31 3.14 15.58
N SER D 136 11.47 3.89 14.49
CA SER D 136 11.74 3.32 13.17
C SER D 136 13.23 3.51 12.87
N LEU D 137 13.98 2.41 12.92
CA LEU D 137 15.43 2.48 12.81
C LEU D 137 15.92 1.39 11.88
N SER D 138 17.15 1.58 11.36
CA SER D 138 17.84 0.65 10.49
C SER D 138 18.84 -0.18 11.27
N PRO D 139 19.18 -1.39 10.79
CA PRO D 139 20.24 -2.17 11.44
C PRO D 139 21.55 -1.40 11.46
N GLY D 140 22.25 -1.50 12.59
CA GLY D 140 23.46 -0.76 12.83
C GLY D 140 23.27 0.51 13.64
N GLU D 141 22.05 1.06 13.64
CA GLU D 141 21.79 2.27 14.40
C GLU D 141 21.63 1.95 15.89
N ARG D 142 21.59 3.00 16.69
CA ARG D 142 21.43 2.87 18.13
C ARG D 142 20.02 3.25 18.53
N ALA D 143 19.41 2.42 19.38
CA ALA D 143 18.09 2.69 19.93
C ALA D 143 18.24 3.11 21.39
N THR D 144 17.73 4.29 21.72
CA THR D 144 17.76 4.81 23.08
C THR D 144 16.33 4.89 23.59
N LEU D 145 15.98 4.03 24.53
CA LEU D 145 14.63 3.93 25.07
C LEU D 145 14.60 4.49 26.47
N SER D 146 13.58 5.29 26.76
CA SER D 146 13.44 5.97 28.05
C SER D 146 12.26 5.41 28.83
N CYS D 147 12.45 5.26 30.13
CA CYS D 147 11.40 4.82 31.06
C CYS D 147 11.42 5.76 32.26
N ARG D 148 10.36 6.55 32.42
CA ARG D 148 10.25 7.51 33.52
C ARG D 148 9.21 7.03 34.52
N ALA D 149 9.53 7.15 35.82
CA ALA D 149 8.64 6.72 36.89
C ALA D 149 7.99 7.92 37.56
N SER D 150 6.73 7.75 37.99
CA SER D 150 6.03 8.82 38.68
C SER D 150 6.58 9.05 40.08
N GLN D 151 7.19 8.03 40.69
CA GLN D 151 7.84 8.14 41.99
C GLN D 151 9.19 7.46 41.90
N SER D 152 10.05 7.74 42.87
CA SER D 152 11.38 7.16 42.88
C SER D 152 11.30 5.64 43.06
N VAL D 153 12.05 4.91 42.24
CA VAL D 153 12.09 3.46 42.31
C VAL D 153 13.18 3.06 43.30
N SER D 154 12.77 2.61 44.48
CA SER D 154 13.73 2.27 45.53
C SER D 154 14.60 1.10 45.12
N SER D 155 15.86 1.15 45.53
CA SER D 155 16.89 0.15 45.23
C SER D 155 17.15 0.02 43.73
N ASN D 156 16.60 0.92 42.92
CA ASN D 156 16.66 0.83 41.46
C ASN D 156 16.21 -0.54 40.98
N TYR D 157 15.11 -1.02 41.55
CA TYR D 157 14.50 -2.29 41.17
C TYR D 157 13.68 -2.09 39.89
N LEU D 158 14.39 -1.93 38.78
CA LEU D 158 13.78 -1.76 37.47
C LEU D 158 14.37 -2.76 36.49
N ALA D 159 13.51 -3.38 35.71
CA ALA D 159 13.92 -4.40 34.76
C ALA D 159 13.40 -4.07 33.37
N TRP D 160 14.09 -4.60 32.36
CA TRP D 160 13.70 -4.44 30.97
C TRP D 160 13.47 -5.81 30.34
N TYR D 161 12.48 -5.91 29.47
CA TYR D 161 12.14 -7.15 28.79
C TYR D 161 11.99 -6.90 27.30
N GLN D 162 12.39 -7.90 26.51
CA GLN D 162 12.22 -7.90 25.07
C GLN D 162 11.16 -8.94 24.71
N GLN D 163 10.19 -8.55 23.89
CA GLN D 163 9.12 -9.46 23.48
C GLN D 163 8.93 -9.38 21.98
N LYS D 164 9.07 -10.52 21.32
CA LYS D 164 8.82 -10.71 19.90
C LYS D 164 7.41 -11.21 19.68
N PRO D 165 6.85 -11.01 18.49
CA PRO D 165 5.45 -11.41 18.25
C PRO D 165 5.24 -12.90 18.48
N GLY D 166 4.26 -13.22 19.32
CA GLY D 166 3.89 -14.60 19.60
C GLY D 166 4.74 -15.30 20.64
N GLN D 167 5.71 -14.61 21.24
CA GLN D 167 6.61 -15.24 22.20
C GLN D 167 6.46 -14.59 23.57
N ALA D 168 6.91 -15.32 24.59
CA ALA D 168 6.91 -14.81 25.95
C ALA D 168 7.96 -13.71 26.10
N PRO D 169 7.77 -12.80 27.05
CA PRO D 169 8.80 -11.78 27.31
C PRO D 169 10.12 -12.42 27.72
N ARG D 170 11.20 -11.67 27.48
CA ARG D 170 12.56 -12.16 27.71
C ARG D 170 13.32 -11.11 28.51
N LEU D 171 13.85 -11.50 29.66
CA LEU D 171 14.57 -10.57 30.51
C LEU D 171 15.87 -10.12 29.84
N LEU D 172 16.07 -8.80 29.79
CA LEU D 172 17.30 -8.21 29.28
C LEU D 172 18.14 -7.60 30.38
N ILE D 173 17.55 -6.72 31.19
CA ILE D 173 18.24 -5.98 32.23
C ILE D 173 17.41 -6.08 33.51
N TYR D 174 18.10 -6.19 34.65
CA TYR D 174 17.46 -6.09 35.96
C TYR D 174 18.38 -5.27 36.86
N ASP D 175 17.82 -4.80 37.98
CA ASP D 175 18.50 -3.86 38.87
C ASP D 175 19.01 -2.65 38.08
N SER D 176 18.19 -2.20 37.13
CA SER D 176 18.42 -1.00 36.33
C SER D 176 19.56 -1.18 35.32
N SER D 177 20.63 -1.88 35.69
CA SER D 177 21.81 -1.90 34.84
C SER D 177 22.50 -3.26 34.70
N SER D 178 21.98 -4.33 35.28
CA SER D 178 22.63 -5.63 35.21
C SER D 178 22.09 -6.45 34.05
N ARG D 179 22.97 -6.91 33.17
CA ARG D 179 22.56 -7.74 32.04
C ARG D 179 22.24 -9.15 32.50
N ALA D 180 21.12 -9.69 32.03
CA ALA D 180 20.80 -11.08 32.32
C ALA D 180 21.76 -12.00 31.56
N THR D 181 21.87 -13.23 32.05
CA THR D 181 22.79 -14.19 31.45
C THR D 181 22.38 -14.49 30.00
N GLY D 182 23.34 -14.40 29.08
CA GLY D 182 23.07 -14.61 27.68
C GLY D 182 22.70 -13.38 26.90
N VAL D 183 22.51 -12.24 27.56
CA VAL D 183 22.14 -10.99 26.89
C VAL D 183 23.41 -10.36 26.33
N PRO D 184 23.46 -10.07 25.03
CA PRO D 184 24.68 -9.52 24.43
C PRO D 184 25.04 -8.16 25.01
N ALA D 185 26.31 -7.80 24.84
CA ALA D 185 26.84 -6.57 25.42
C ALA D 185 26.25 -5.31 24.78
N ARG D 186 25.63 -5.43 23.60
CA ARG D 186 25.06 -4.26 22.96
C ARG D 186 23.82 -3.72 23.68
N PHE D 187 23.23 -4.51 24.57
CA PHE D 187 22.17 -4.02 25.45
C PHE D 187 22.78 -3.49 26.74
N SER D 188 22.30 -2.33 27.18
CA SER D 188 22.80 -1.74 28.42
C SER D 188 21.72 -0.86 29.03
N GLY D 189 21.49 -1.02 30.32
CA GLY D 189 20.55 -0.20 31.06
C GLY D 189 21.28 0.73 32.00
N SER D 190 20.65 1.86 32.33
CA SER D 190 21.24 2.83 33.23
C SER D 190 20.12 3.67 33.83
N GLY D 191 20.49 4.51 34.79
CA GLY D 191 19.56 5.41 35.44
C GLY D 191 19.32 5.03 36.88
N SER D 192 18.62 5.94 37.57
CA SER D 192 18.28 5.77 38.98
C SER D 192 17.16 6.73 39.33
N GLY D 193 16.53 6.48 40.48
CA GLY D 193 15.45 7.33 40.94
C GLY D 193 14.19 7.22 40.10
N THR D 194 14.01 8.18 39.18
CA THR D 194 12.82 8.24 38.34
C THR D 194 13.13 8.21 36.85
N ASP D 195 14.40 8.16 36.46
CA ASP D 195 14.80 8.29 35.06
C ASP D 195 15.69 7.12 34.69
N PHE D 196 15.19 6.24 33.82
CA PHE D 196 15.93 5.06 33.39
C PHE D 196 15.92 4.97 31.88
N THR D 197 17.02 4.45 31.31
CA THR D 197 17.16 4.30 29.87
C THR D 197 17.70 2.92 29.53
N LEU D 198 17.21 2.37 28.42
CA LEU D 198 17.78 1.17 27.80
C LEU D 198 18.39 1.58 26.47
N THR D 199 19.62 1.14 26.22
CA THR D 199 20.35 1.52 25.01
C THR D 199 20.80 0.26 24.29
N ILE D 200 20.45 0.16 23.01
CA ILE D 200 20.91 -0.91 22.14
C ILE D 200 21.89 -0.29 21.16
N SER D 201 23.18 -0.57 21.35
CA SER D 201 24.23 0.22 20.71
C SER D 201 24.24 0.04 19.20
N SER D 202 24.15 -1.20 18.71
CA SER D 202 24.21 -1.49 17.28
C SER D 202 23.12 -2.50 16.95
N LEU D 203 22.02 -2.00 16.38
CA LEU D 203 20.84 -2.83 16.17
C LEU D 203 21.11 -3.94 15.16
N GLU D 204 20.87 -5.17 15.59
CA GLU D 204 20.86 -6.35 14.73
C GLU D 204 19.44 -6.60 14.22
N PRO D 205 19.28 -7.34 13.12
CA PRO D 205 17.92 -7.63 12.64
C PRO D 205 17.06 -8.34 13.68
N GLU D 206 17.65 -9.16 14.55
CA GLU D 206 16.91 -9.87 15.58
C GLU D 206 16.56 -8.99 16.78
N ASP D 207 16.96 -7.72 16.78
CA ASP D 207 16.68 -6.83 17.90
C ASP D 207 15.37 -6.07 17.77
N PHE D 208 14.71 -6.13 16.61
CA PHE D 208 13.48 -5.38 16.40
C PHE D 208 12.32 -6.12 17.05
N ALA D 209 11.77 -5.52 18.10
CA ALA D 209 10.70 -6.12 18.90
C ALA D 209 10.09 -5.03 19.77
N VAL D 210 9.32 -5.43 20.77
CA VAL D 210 8.71 -4.51 21.73
C VAL D 210 9.44 -4.68 23.06
N TYR D 211 9.77 -3.56 23.69
CA TYR D 211 10.54 -3.55 24.93
C TYR D 211 9.72 -2.92 26.05
N TYR D 212 9.71 -3.57 27.20
CA TYR D 212 8.94 -3.13 28.37
C TYR D 212 9.88 -2.88 29.54
N CYS D 213 9.61 -1.82 30.31
CA CYS D 213 10.25 -1.64 31.59
C CYS D 213 9.29 -2.06 32.71
N HIS D 214 9.87 -2.33 33.88
CA HIS D 214 9.15 -3.02 34.94
C HIS D 214 9.78 -2.67 36.28
N GLN D 215 9.00 -2.09 37.19
CA GLN D 215 9.46 -1.79 38.54
C GLN D 215 8.90 -2.83 39.50
N TYR D 216 9.76 -3.34 40.37
CA TYR D 216 9.41 -4.34 41.37
C TYR D 216 9.87 -3.90 42.74
N SER D 217 9.72 -2.61 43.04
CA SER D 217 10.16 -2.02 44.28
C SER D 217 9.07 -1.97 45.35
N ASP D 218 7.90 -2.52 45.08
CA ASP D 218 6.82 -2.56 46.06
C ASP D 218 5.93 -3.75 45.78
N ILE D 219 4.80 -3.84 46.50
CA ILE D 219 3.89 -4.96 46.37
C ILE D 219 2.91 -4.81 45.22
N SER D 220 2.99 -3.72 44.46
CA SER D 220 2.13 -3.47 43.30
C SER D 220 3.02 -3.34 42.08
N PRO D 221 3.42 -4.46 41.47
CA PRO D 221 4.30 -4.38 40.30
C PRO D 221 3.60 -3.71 39.13
N THR D 222 4.32 -2.84 38.44
CA THR D 222 3.78 -2.13 37.29
C THR D 222 4.75 -2.24 36.13
N PHE D 223 4.20 -2.11 34.92
CA PHE D 223 4.97 -2.14 33.69
C PHE D 223 4.77 -0.84 32.92
N GLY D 224 5.72 -0.53 32.06
CA GLY D 224 5.48 0.45 31.03
C GLY D 224 4.60 -0.14 29.95
N GLN D 225 4.09 0.73 29.08
CA GLN D 225 3.24 0.28 27.99
C GLN D 225 4.05 -0.13 26.76
N GLY D 226 5.37 -0.05 26.82
CA GLY D 226 6.19 -0.66 25.81
C GLY D 226 6.68 0.34 24.76
N THR D 227 7.82 0.01 24.15
CA THR D 227 8.35 0.75 23.01
C THR D 227 8.60 -0.23 21.88
N LYS D 228 8.00 0.01 20.73
CA LYS D 228 8.14 -0.85 19.56
C LYS D 228 9.32 -0.37 18.72
N VAL D 229 10.33 -1.20 18.59
CA VAL D 229 11.49 -0.91 17.74
C VAL D 229 11.28 -1.67 16.44
N GLU D 230 11.05 -0.93 15.36
CA GLU D 230 10.74 -1.53 14.07
C GLU D 230 11.68 -1.05 12.97
N VAL E 2 9.83 2.54 -42.15
CA VAL E 2 9.51 3.68 -41.30
C VAL E 2 10.49 3.70 -40.12
N GLN E 3 11.32 4.74 -40.04
CA GLN E 3 12.44 4.76 -39.11
C GLN E 3 12.74 6.17 -38.65
N LEU E 4 13.29 6.27 -37.44
CA LEU E 4 13.76 7.53 -36.88
C LEU E 4 15.18 7.31 -36.38
N VAL E 5 16.15 7.99 -37.00
CA VAL E 5 17.56 7.83 -36.68
C VAL E 5 18.01 9.00 -35.82
N GLU E 6 18.27 8.72 -34.54
CA GLU E 6 18.71 9.73 -33.59
C GLU E 6 20.24 9.86 -33.59
N SER E 7 20.70 11.03 -33.19
CA SER E 7 22.11 11.28 -32.95
C SER E 7 22.24 12.42 -31.95
N GLY E 8 23.40 12.50 -31.32
CA GLY E 8 23.68 13.54 -30.35
C GLY E 8 23.68 13.00 -28.94
N GLY E 9 23.65 13.92 -27.99
CA GLY E 9 23.68 13.57 -26.59
C GLY E 9 25.09 13.63 -26.01
N GLY E 10 25.26 12.95 -24.89
CA GLY E 10 26.55 12.83 -24.25
C GLY E 10 26.56 13.46 -22.87
N LEU E 11 27.77 13.63 -22.34
CA LEU E 11 28.00 14.14 -21.00
C LEU E 11 28.37 15.62 -21.07
N VAL E 12 27.64 16.43 -20.31
CA VAL E 12 27.79 17.89 -20.35
C VAL E 12 27.80 18.42 -18.92
N GLN E 13 28.31 19.63 -18.75
CA GLN E 13 28.41 20.29 -17.46
C GLN E 13 27.17 21.13 -17.21
N PRO E 14 26.86 21.43 -15.95
CA PRO E 14 25.66 22.24 -15.66
C PRO E 14 25.75 23.61 -16.31
N GLY E 15 24.61 24.06 -16.84
CA GLY E 15 24.58 25.30 -17.59
C GLY E 15 24.99 25.20 -19.05
N GLY E 16 25.42 24.02 -19.50
CA GLY E 16 25.88 23.85 -20.86
C GLY E 16 24.76 23.68 -21.86
N SER E 17 25.16 23.41 -23.10
CA SER E 17 24.24 23.31 -24.23
C SER E 17 24.51 22.04 -25.01
N LEU E 18 23.45 21.52 -25.63
CA LEU E 18 23.52 20.34 -26.50
C LEU E 18 22.35 20.39 -27.47
N ARG E 19 22.57 19.87 -28.66
CA ARG E 19 21.53 19.77 -29.68
C ARG E 19 21.32 18.31 -30.05
N LEU E 20 20.07 17.89 -30.10
CA LEU E 20 19.69 16.55 -30.50
C LEU E 20 19.04 16.60 -31.87
N SER E 21 19.26 15.56 -32.67
CA SER E 21 18.69 15.48 -34.01
C SER E 21 18.07 14.11 -34.23
N CYS E 22 17.08 14.07 -35.12
CA CYS E 22 16.34 12.85 -35.44
C CYS E 22 16.00 12.89 -36.92
N ALA E 23 16.58 11.97 -37.69
CA ALA E 23 16.40 11.92 -39.13
C ALA E 23 15.38 10.84 -39.46
N ALA E 24 14.31 11.22 -40.16
CA ALA E 24 13.21 10.32 -40.45
C ALA E 24 13.32 9.77 -41.88
N SER E 25 12.76 8.58 -42.08
CA SER E 25 12.66 7.99 -43.39
C SER E 25 11.50 7.02 -43.43
N GLY E 26 10.93 6.83 -44.61
CA GLY E 26 9.87 5.87 -44.83
C GLY E 26 8.46 6.42 -44.68
N PHE E 27 8.29 7.70 -44.37
CA PHE E 27 6.97 8.30 -44.28
C PHE E 27 7.08 9.78 -44.60
N THR E 28 5.92 10.41 -44.80
CA THR E 28 5.85 11.83 -45.17
C THR E 28 6.13 12.66 -43.91
N PHE E 29 7.42 12.81 -43.63
CA PHE E 29 7.87 13.53 -42.43
C PHE E 29 7.29 14.95 -42.37
N ARG E 30 7.31 15.67 -43.48
CA ARG E 30 6.91 17.07 -43.49
C ARG E 30 5.47 17.27 -43.01
N ASN E 31 4.65 16.22 -43.03
CA ASN E 31 3.27 16.32 -42.57
C ASN E 31 3.07 15.81 -41.15
N SER E 32 4.03 15.10 -40.59
CA SER E 32 3.84 14.39 -39.33
C SER E 32 4.12 15.31 -38.15
N ALA E 33 3.33 15.16 -37.10
CA ALA E 33 3.63 15.79 -35.82
C ALA E 33 4.73 15.01 -35.11
N MET E 34 5.78 15.72 -34.69
CA MET E 34 6.95 15.10 -34.06
C MET E 34 7.09 15.60 -32.63
N HIS E 35 7.33 14.68 -31.72
CA HIS E 35 7.48 14.99 -30.30
C HIS E 35 8.84 14.53 -29.81
N TRP E 36 9.27 15.11 -28.68
CA TRP E 36 10.40 14.61 -27.91
C TRP E 36 9.89 14.12 -26.56
N VAL E 37 10.36 12.94 -26.15
CA VAL E 37 10.01 12.33 -24.87
C VAL E 37 11.29 11.92 -24.18
N ARG E 38 11.35 12.11 -22.86
CA ARG E 38 12.55 11.78 -22.09
C ARG E 38 12.18 10.87 -20.92
N GLN E 39 13.20 10.23 -20.37
CA GLN E 39 13.00 9.27 -19.27
C GLN E 39 14.23 9.33 -18.37
N ALA E 40 14.06 9.89 -17.17
CA ALA E 40 15.14 9.96 -16.20
C ALA E 40 15.57 8.57 -15.76
N PRO E 41 16.81 8.41 -15.32
CA PRO E 41 17.31 7.07 -14.93
C PRO E 41 16.44 6.42 -13.87
N GLY E 42 15.91 5.24 -14.19
CA GLY E 42 15.06 4.52 -13.27
C GLY E 42 13.71 5.18 -13.04
N LYS E 43 13.25 6.02 -13.96
CA LYS E 43 12.00 6.74 -13.80
C LYS E 43 11.10 6.47 -15.00
N GLY E 44 9.95 7.14 -15.05
CA GLY E 44 9.00 6.93 -16.11
C GLY E 44 9.17 7.90 -17.27
N LEU E 45 8.32 7.71 -18.28
CA LEU E 45 8.34 8.55 -19.47
C LEU E 45 7.71 9.91 -19.20
N GLU E 46 8.27 10.94 -19.81
CA GLU E 46 7.81 12.32 -19.62
C GLU E 46 7.85 13.04 -20.95
N TRP E 47 6.72 13.61 -21.36
CA TRP E 47 6.67 14.38 -22.60
C TRP E 47 7.43 15.68 -22.43
N VAL E 48 8.13 16.10 -23.49
CA VAL E 48 9.01 17.27 -23.46
C VAL E 48 8.51 18.37 -24.39
N SER E 49 8.31 18.05 -25.66
CA SER E 49 7.99 19.08 -26.64
C SER E 49 7.31 18.43 -27.84
N SER E 50 6.68 19.28 -28.66
CA SER E 50 5.96 18.84 -29.84
C SER E 50 6.05 19.92 -30.90
N ILE E 51 6.07 19.49 -32.17
CA ILE E 51 6.06 20.39 -33.30
C ILE E 51 5.27 19.76 -34.44
N TRP E 52 4.57 20.61 -35.22
CA TRP E 52 3.71 20.11 -36.28
C TRP E 52 3.83 20.96 -37.54
N TYR E 53 2.77 21.01 -38.34
CA TYR E 53 2.73 21.77 -39.57
C TYR E 53 2.90 23.27 -39.32
N SER E 54 3.14 23.99 -40.42
CA SER E 54 3.35 25.43 -40.38
C SER E 54 2.00 26.13 -40.34
N GLY E 55 1.79 26.97 -39.33
CA GLY E 55 0.46 27.36 -38.91
C GLY E 55 0.01 26.79 -37.59
N SER E 56 0.82 25.97 -36.93
CA SER E 56 0.47 25.40 -35.65
C SER E 56 1.49 25.84 -34.60
N ASN E 57 1.08 25.76 -33.34
CA ASN E 57 1.95 26.15 -32.23
C ASN E 57 2.88 25.01 -31.85
N THR E 58 4.13 25.35 -31.58
CA THR E 58 5.02 24.43 -30.89
C THR E 58 4.71 24.46 -29.40
N TYR E 59 4.82 23.31 -28.74
CA TYR E 59 4.45 23.18 -27.35
C TYR E 59 5.62 22.64 -26.54
N TYR E 60 5.68 23.05 -25.28
CA TYR E 60 6.76 22.64 -24.38
C TYR E 60 6.20 22.26 -23.03
N ALA E 61 6.92 21.40 -22.32
CA ALA E 61 6.60 21.15 -20.92
C ALA E 61 7.08 22.32 -20.08
N ASP E 62 6.40 22.55 -18.96
CA ASP E 62 6.70 23.69 -18.10
C ASP E 62 8.13 23.67 -17.57
N SER E 63 8.72 22.49 -17.37
CA SER E 63 10.10 22.42 -16.87
C SER E 63 11.11 22.98 -17.85
N VAL E 64 10.80 22.96 -19.14
CA VAL E 64 11.76 23.29 -20.19
C VAL E 64 11.39 24.54 -20.94
N LYS E 65 10.18 25.05 -20.75
CA LYS E 65 9.73 26.26 -21.42
C LYS E 65 10.69 27.38 -21.07
N GLY E 66 11.33 27.96 -22.08
CA GLY E 66 12.32 28.99 -21.86
C GLY E 66 13.75 28.50 -21.96
N ARG E 67 13.97 27.18 -21.92
CA ARG E 67 15.30 26.60 -22.03
C ARG E 67 15.50 25.73 -23.25
N PHE E 68 14.47 25.03 -23.71
CA PHE E 68 14.55 24.14 -24.86
C PHE E 68 13.86 24.75 -26.07
N THR E 69 14.34 24.40 -27.26
CA THR E 69 13.76 24.84 -28.52
C THR E 69 13.63 23.65 -29.46
N ILE E 70 12.40 23.30 -29.82
CA ILE E 70 12.14 22.27 -30.82
C ILE E 70 12.05 22.94 -32.18
N SER E 71 12.58 22.27 -33.21
CA SER E 71 12.53 22.79 -34.57
C SER E 71 12.63 21.61 -35.53
N ARG E 72 12.39 21.89 -36.81
CA ARG E 72 12.42 20.87 -37.85
C ARG E 72 12.87 21.51 -39.15
N ASP E 73 13.57 20.72 -39.96
CA ASP E 73 13.95 21.10 -41.32
C ASP E 73 13.35 20.05 -42.25
N ASN E 74 12.21 20.37 -42.85
CA ASN E 74 11.52 19.41 -43.70
C ASN E 74 12.31 19.10 -44.96
N SER E 75 13.27 19.95 -45.32
CA SER E 75 14.11 19.68 -46.48
C SER E 75 15.12 18.58 -46.21
N LYS E 76 15.44 18.31 -44.95
CA LYS E 76 16.32 17.20 -44.58
C LYS E 76 15.58 16.11 -43.81
N ASN E 77 14.26 16.23 -43.68
CA ASN E 77 13.45 15.29 -42.92
C ASN E 77 14.04 15.05 -41.54
N THR E 78 14.42 16.14 -40.87
CA THR E 78 15.14 16.08 -39.62
C THR E 78 14.42 16.89 -38.55
N LEU E 79 14.35 16.32 -37.35
CA LEU E 79 13.82 16.99 -36.17
C LEU E 79 14.97 17.34 -35.24
N TYR E 80 14.91 18.52 -34.61
CA TYR E 80 15.97 19.00 -33.74
C TYR E 80 15.40 19.35 -32.37
N LEU E 81 16.26 19.25 -31.35
CA LEU E 81 15.97 19.75 -30.01
C LEU E 81 17.21 20.45 -29.46
N GLN E 82 17.16 21.78 -29.35
CA GLN E 82 18.23 22.55 -28.76
C GLN E 82 17.98 22.69 -27.26
N MET E 83 18.91 22.20 -26.44
CA MET E 83 18.77 22.17 -24.99
C MET E 83 19.78 23.10 -24.34
N ASN E 84 19.30 24.20 -23.79
CA ASN E 84 20.12 25.20 -23.11
C ASN E 84 19.82 25.21 -21.61
N SER E 85 20.75 25.78 -20.86
CA SER E 85 20.65 25.93 -19.41
C SER E 85 20.38 24.59 -18.74
N LEU E 86 21.22 23.61 -19.08
CA LEU E 86 21.00 22.25 -18.61
C LEU E 86 21.38 22.11 -17.15
N THR E 87 20.61 21.31 -16.42
CA THR E 87 20.83 21.01 -15.01
C THR E 87 20.62 19.52 -14.81
N ALA E 88 21.16 19.00 -13.70
CA ALA E 88 21.15 17.56 -13.43
C ALA E 88 19.75 16.94 -13.53
N GLU E 89 18.69 17.75 -13.41
CA GLU E 89 17.34 17.22 -13.59
C GLU E 89 17.03 16.94 -15.05
N ASP E 90 17.81 17.48 -15.98
CA ASP E 90 17.64 17.18 -17.40
C ASP E 90 18.28 15.85 -17.78
N THR E 91 19.00 15.20 -16.87
CA THR E 91 19.61 13.91 -17.16
C THR E 91 18.54 12.88 -17.46
N ALA E 92 18.57 12.32 -18.66
CA ALA E 92 17.54 11.39 -19.11
C ALA E 92 17.94 10.85 -20.48
N VAL E 93 17.25 9.78 -20.89
CA VAL E 93 17.32 9.29 -22.27
C VAL E 93 16.23 10.00 -23.05
N TYR E 94 16.60 10.67 -24.13
CA TYR E 94 15.67 11.45 -24.93
C TYR E 94 15.29 10.69 -26.19
N TYR E 95 14.00 10.56 -26.44
CA TYR E 95 13.45 9.87 -27.60
C TYR E 95 12.75 10.87 -28.52
N CYS E 96 13.01 10.77 -29.81
CA CYS E 96 12.13 11.38 -30.79
C CYS E 96 11.04 10.38 -31.16
N ALA E 97 9.87 10.90 -31.51
CA ALA E 97 8.73 10.02 -31.78
C ALA E 97 7.77 10.72 -32.73
N ARG E 98 7.22 9.95 -33.66
CA ARG E 98 6.18 10.45 -34.53
C ARG E 98 4.84 10.25 -33.83
N PHE E 99 4.03 11.31 -33.79
CA PHE E 99 2.74 11.27 -33.11
C PHE E 99 1.64 11.10 -34.13
N ALA E 100 0.91 9.99 -34.03
CA ALA E 100 -0.15 9.68 -34.97
C ALA E 100 -1.54 9.87 -34.38
N GLY E 101 -1.63 10.32 -33.13
CA GLY E 101 -2.93 10.55 -32.51
C GLY E 101 -3.82 9.32 -32.56
N GLY E 102 -5.05 9.51 -33.04
CA GLY E 102 -6.01 8.44 -33.19
C GLY E 102 -5.58 7.37 -34.19
N TRP E 103 -4.43 7.56 -34.83
CA TRP E 103 -3.91 6.61 -35.82
C TRP E 103 -2.62 5.95 -35.35
N GLY E 104 -2.38 5.92 -34.04
CA GLY E 104 -1.26 5.14 -33.54
C GLY E 104 -0.50 5.73 -32.37
N ALA E 105 -0.93 6.89 -31.86
CA ALA E 105 -0.28 7.57 -30.73
C ALA E 105 1.21 7.71 -31.07
N TYR E 106 2.12 7.33 -30.19
CA TYR E 106 3.55 7.29 -30.51
C TYR E 106 3.82 5.92 -31.12
N ASP E 107 3.62 5.83 -32.43
CA ASP E 107 3.75 4.54 -33.12
C ASP E 107 5.16 4.28 -33.64
N VAL E 108 5.98 5.33 -33.74
CA VAL E 108 7.37 5.19 -34.17
C VAL E 108 8.24 5.94 -33.18
N TRP E 109 9.28 5.28 -32.68
CA TRP E 109 10.19 5.84 -31.69
C TRP E 109 11.62 5.81 -32.21
N GLY E 110 12.37 6.86 -31.91
CA GLY E 110 13.80 6.79 -32.01
C GLY E 110 14.38 5.86 -30.96
N GLN E 111 15.66 5.54 -31.11
CA GLN E 111 16.28 4.60 -30.19
C GLN E 111 16.58 5.23 -28.83
N GLY E 112 16.66 6.56 -28.77
CA GLY E 112 16.96 7.23 -27.53
C GLY E 112 18.45 7.45 -27.37
N THR E 113 18.82 8.61 -26.85
CA THR E 113 20.22 8.93 -26.57
C THR E 113 20.32 9.48 -25.16
N LEU E 114 21.37 9.07 -24.45
CA LEU E 114 21.54 9.50 -23.07
C LEU E 114 22.17 10.89 -23.02
N VAL E 115 21.52 11.79 -22.29
CA VAL E 115 22.07 13.09 -21.97
C VAL E 115 22.31 13.12 -20.47
N THR E 116 23.56 13.28 -20.08
CA THR E 116 23.93 13.34 -18.67
C THR E 116 24.58 14.70 -18.41
N VAL E 117 24.05 15.43 -17.45
CA VAL E 117 24.53 16.75 -17.09
C VAL E 117 25.06 16.66 -15.66
N SER E 118 26.36 16.82 -15.50
CA SER E 118 27.03 16.65 -14.21
C SER E 118 28.37 17.36 -14.26
N SER E 119 28.82 17.81 -13.11
CA SER E 119 30.08 18.54 -13.00
C SER E 119 31.22 17.69 -12.47
N GLY E 120 31.00 16.39 -12.30
CA GLY E 120 32.08 15.49 -11.91
C GLY E 120 31.79 14.64 -10.70
N GLY E 121 30.56 14.69 -10.19
CA GLY E 121 30.18 13.89 -9.04
C GLY E 121 30.07 12.42 -9.36
N GLY E 122 30.12 11.58 -8.33
CA GLY E 122 30.26 12.02 -6.96
C GLY E 122 29.78 11.01 -5.94
N GLY E 123 30.47 10.91 -4.81
CA GLY E 123 31.64 11.72 -4.55
C GLY E 123 32.32 11.42 -3.23
N SER E 124 33.19 12.31 -2.79
CA SER E 124 33.89 12.17 -1.53
C SER E 124 33.11 12.75 -0.35
N ASP E 125 31.90 13.24 -0.58
CA ASP E 125 31.15 13.93 0.46
C ASP E 125 30.83 13.01 1.63
N ILE E 126 31.05 13.52 2.84
CA ILE E 126 30.72 12.77 4.04
C ILE E 126 29.19 12.77 4.19
N VAL E 127 28.59 11.59 4.18
CA VAL E 127 27.14 11.47 4.23
C VAL E 127 26.70 11.39 5.69
N LEU E 128 25.76 12.26 6.06
CA LEU E 128 25.21 12.29 7.41
C LEU E 128 23.82 11.69 7.37
N THR E 129 23.57 10.71 8.23
CA THR E 129 22.27 10.06 8.31
C THR E 129 21.70 10.25 9.72
N GLN E 130 20.55 10.90 9.80
CA GLN E 130 19.90 11.15 11.07
C GLN E 130 18.83 10.10 11.32
N SER E 131 18.66 9.74 12.59
CA SER E 131 17.66 8.76 12.98
C SER E 131 17.16 9.05 14.38
N PRO E 132 15.85 8.86 14.61
CA PRO E 132 14.85 8.50 13.60
C PRO E 132 14.40 9.71 12.78
N ALA E 133 13.66 9.46 11.70
CA ALA E 133 13.10 10.56 10.93
C ALA E 133 12.10 11.37 11.74
N THR E 134 11.39 10.70 12.66
CA THR E 134 10.35 11.35 13.46
C THR E 134 10.38 10.81 14.88
N LEU E 135 10.09 11.69 15.83
CA LEU E 135 9.94 11.34 17.24
C LEU E 135 8.67 12.00 17.75
N SER E 136 7.73 11.18 18.24
CA SER E 136 6.50 11.68 18.83
C SER E 136 6.64 11.57 20.34
N LEU E 137 6.68 12.73 21.01
CA LEU E 137 6.92 12.79 22.44
C LEU E 137 6.01 13.83 23.06
N SER E 138 6.03 13.90 24.38
CA SER E 138 5.25 14.82 25.18
C SER E 138 6.18 15.76 25.92
N PRO E 139 5.69 16.93 26.34
CA PRO E 139 6.51 17.81 27.18
C PRO E 139 6.96 17.11 28.45
N GLY E 140 8.22 17.31 28.82
CA GLY E 140 8.82 16.68 29.97
C GLY E 140 9.62 15.43 29.65
N GLU E 141 9.42 14.83 28.49
CA GLU E 141 10.10 13.61 28.10
C GLU E 141 11.45 13.91 27.47
N ARG E 142 12.25 12.87 27.28
CA ARG E 142 13.60 12.96 26.74
C ARG E 142 13.55 12.73 25.23
N ALA E 143 14.27 13.56 24.49
CA ALA E 143 14.46 13.39 23.06
C ALA E 143 15.93 13.06 22.80
N THR E 144 16.20 11.92 22.17
CA THR E 144 17.54 11.50 21.84
C THR E 144 17.64 11.34 20.33
N LEU E 145 18.49 12.15 19.70
CA LEU E 145 18.63 12.20 18.25
C LEU E 145 20.02 11.70 17.86
N SER E 146 20.10 10.95 16.77
CA SER E 146 21.34 10.35 16.32
C SER E 146 21.74 10.90 14.97
N CYS E 147 23.05 11.12 14.79
CA CYS E 147 23.64 11.51 13.52
C CYS E 147 24.83 10.59 13.27
N ARG E 148 24.78 9.84 12.18
CA ARG E 148 25.85 8.92 11.80
C ARG E 148 26.51 9.41 10.52
N ALA E 149 27.84 9.47 10.52
CA ALA E 149 28.60 9.91 9.38
C ALA E 149 29.19 8.71 8.63
N SER E 150 29.24 8.82 7.30
CA SER E 150 29.80 7.74 6.50
C SER E 150 31.31 7.61 6.69
N GLN E 151 31.98 8.71 7.01
CA GLN E 151 33.40 8.70 7.31
C GLN E 151 33.64 9.52 8.58
N SER E 152 34.83 9.33 9.16
CA SER E 152 35.16 10.05 10.39
C SER E 152 35.17 11.55 10.16
N VAL E 153 34.57 12.29 11.09
CA VAL E 153 34.50 13.74 11.02
C VAL E 153 35.69 14.29 11.78
N SER E 154 36.68 14.79 11.03
CA SER E 154 37.91 15.27 11.65
C SER E 154 37.62 16.44 12.59
N SER E 155 38.34 16.46 13.71
CA SER E 155 38.22 17.47 14.76
C SER E 155 36.83 17.50 15.40
N ASN E 156 35.98 16.53 15.09
CA ASN E 156 34.60 16.49 15.58
C ASN E 156 33.87 17.78 15.25
N TYR E 157 34.14 18.32 14.05
CA TYR E 157 33.49 19.53 13.57
C TYR E 157 32.07 19.18 13.10
N LEU E 158 31.20 18.98 14.08
CA LEU E 158 29.79 18.66 13.82
C LEU E 158 28.91 19.60 14.62
N ALA E 159 27.89 20.14 13.95
CA ALA E 159 26.99 21.11 14.56
C ALA E 159 25.55 20.62 14.47
N TRP E 160 24.71 21.14 15.36
CA TRP E 160 23.28 20.84 15.42
C TRP E 160 22.50 22.14 15.31
N TYR E 161 21.46 22.14 14.48
CA TYR E 161 20.60 23.30 14.32
C TYR E 161 19.14 22.93 14.60
N GLN E 162 18.40 23.90 15.13
CA GLN E 162 16.96 23.82 15.31
C GLN E 162 16.28 24.75 14.32
N GLN E 163 15.24 24.25 13.64
CA GLN E 163 14.48 25.05 12.70
C GLN E 163 12.99 24.87 12.95
N LYS E 164 12.31 25.95 13.22
CA LYS E 164 10.85 26.00 13.31
C LYS E 164 10.27 26.46 11.98
N PRO E 165 9.00 26.12 11.71
CA PRO E 165 8.44 26.43 10.38
C PRO E 165 8.48 27.92 10.06
N GLY E 166 8.94 28.23 8.85
CA GLY E 166 9.00 29.60 8.38
C GLY E 166 10.14 30.43 8.91
N GLN E 167 11.04 29.85 9.69
CA GLN E 167 12.13 30.59 10.31
C GLN E 167 13.47 30.02 9.87
N ALA E 168 14.51 30.84 10.02
CA ALA E 168 15.86 30.39 9.71
C ALA E 168 16.33 29.39 10.76
N PRO E 169 17.26 28.50 10.40
CA PRO E 169 17.83 27.60 11.40
C PRO E 169 18.54 28.36 12.51
N ARG E 170 18.58 27.74 13.69
CA ARG E 170 19.20 28.32 14.88
C ARG E 170 20.28 27.38 15.38
N LEU E 171 21.48 27.91 15.60
CA LEU E 171 22.58 27.09 16.09
C LEU E 171 22.31 26.65 17.52
N LEU E 172 22.38 25.33 17.75
CA LEU E 172 22.27 24.76 19.08
C LEU E 172 23.62 24.29 19.62
N ILE E 173 24.32 23.45 18.86
CA ILE E 173 25.55 22.82 19.29
C ILE E 173 26.55 22.94 18.15
N TYR E 174 27.80 23.21 18.47
CA TYR E 174 28.89 23.13 17.50
C TYR E 174 30.07 22.44 18.16
N ASP E 175 31.06 22.08 17.35
CA ASP E 175 32.20 21.28 17.81
C ASP E 175 31.74 20.05 18.56
N SER E 176 30.63 19.47 18.09
CA SER E 176 30.04 18.24 18.63
C SER E 176 29.41 18.42 20.00
N SER E 177 30.08 19.14 20.91
CA SER E 177 29.60 19.22 22.29
C SER E 177 29.42 20.63 22.85
N SER E 178 29.77 21.68 22.10
CA SER E 178 29.75 23.03 22.64
C SER E 178 28.35 23.61 22.49
N ARG E 179 27.73 23.95 23.62
CA ARG E 179 26.40 24.55 23.60
C ARG E 179 26.55 26.04 23.32
N ALA E 180 25.86 26.52 22.30
CA ALA E 180 26.02 27.91 21.90
C ALA E 180 25.49 28.86 22.98
N THR E 181 25.92 30.11 22.90
CA THR E 181 25.51 31.10 23.87
C THR E 181 24.01 31.36 23.77
N GLY E 182 23.33 31.33 24.91
CA GLY E 182 21.90 31.52 24.97
C GLY E 182 21.06 30.28 24.76
N VAL E 183 21.68 29.12 24.56
CA VAL E 183 20.96 27.87 24.39
C VAL E 183 20.75 27.25 25.76
N PRO E 184 19.52 26.86 26.12
CA PRO E 184 19.28 26.28 27.44
C PRO E 184 20.07 25.00 27.67
N ALA E 185 20.42 24.77 28.94
CA ALA E 185 21.26 23.63 29.31
C ALA E 185 20.61 22.29 29.04
N ARG E 186 19.30 22.25 28.80
CA ARG E 186 18.64 20.99 28.48
C ARG E 186 19.07 20.43 27.13
N PHE E 187 19.72 21.23 26.29
CA PHE E 187 20.31 20.74 25.06
C PHE E 187 21.76 20.35 25.32
N SER E 188 22.17 19.19 24.80
CA SER E 188 23.54 18.73 24.97
C SER E 188 23.91 17.82 23.81
N GLY E 189 25.12 17.99 23.29
CA GLY E 189 25.62 17.13 22.24
C GLY E 189 26.78 16.29 22.71
N SER E 190 27.00 15.15 22.05
CA SER E 190 28.07 14.24 22.43
C SER E 190 28.44 13.39 21.21
N GLY E 191 29.43 12.54 21.39
CA GLY E 191 29.88 11.63 20.36
C GLY E 191 31.16 12.10 19.69
N SER E 192 31.74 11.22 18.89
CA SER E 192 32.98 11.52 18.19
C SER E 192 33.09 10.59 16.99
N GLY E 193 34.00 10.96 16.08
CA GLY E 193 34.29 10.16 14.91
C GLY E 193 33.16 10.12 13.91
N THR E 194 32.33 9.07 14.00
CA THR E 194 31.21 8.86 13.10
C THR E 194 29.87 8.74 13.82
N ASP E 195 29.85 8.82 15.15
CA ASP E 195 28.64 8.59 15.94
C ASP E 195 28.41 9.80 16.84
N PHE E 196 27.35 10.57 16.57
CA PHE E 196 27.04 11.76 17.32
C PHE E 196 25.59 11.73 17.78
N THR E 197 25.33 12.39 18.91
CA THR E 197 24.01 12.38 19.52
C THR E 197 23.66 13.78 20.03
N LEU E 198 22.43 14.20 19.79
CA LEU E 198 21.86 15.39 20.41
C LEU E 198 20.78 14.97 21.38
N THR E 199 20.88 15.43 22.62
CA THR E 199 19.94 15.07 23.67
C THR E 199 19.24 16.32 24.19
N ILE E 200 17.92 16.27 24.22
CA ILE E 200 17.08 17.28 24.85
C ILE E 200 16.55 16.63 26.12
N SER E 201 17.06 17.06 27.28
CA SER E 201 16.86 16.29 28.51
C SER E 201 15.38 16.19 28.88
N SER E 202 14.69 17.33 28.96
CA SER E 202 13.25 17.35 29.23
C SER E 202 12.62 18.33 28.27
N LEU E 203 11.83 17.80 27.32
CA LEU E 203 11.24 18.63 26.28
C LEU E 203 10.31 19.70 26.86
N GLU E 204 10.41 20.89 26.30
CA GLU E 204 9.50 22.01 26.50
C GLU E 204 8.62 22.18 25.27
N PRO E 205 7.49 22.88 25.38
CA PRO E 205 6.61 23.04 24.20
C PRO E 205 7.26 23.82 23.07
N GLU E 206 8.26 24.63 23.35
CA GLU E 206 8.99 25.37 22.32
C GLU E 206 10.11 24.56 21.68
N ASP E 207 10.35 23.32 22.13
CA ASP E 207 11.41 22.49 21.59
C ASP E 207 10.97 21.61 20.44
N PHE E 208 9.68 21.61 20.11
CA PHE E 208 9.16 20.76 19.05
C PHE E 208 9.43 21.43 17.69
N ALA E 209 10.35 20.85 16.93
CA ALA E 209 10.83 21.45 15.70
C ALA E 209 11.63 20.39 14.93
N VAL E 210 12.21 20.79 13.81
CA VAL E 210 13.10 19.94 13.02
C VAL E 210 14.53 20.25 13.40
N TYR E 211 15.34 19.20 13.55
CA TYR E 211 16.73 19.33 13.98
C TYR E 211 17.65 18.73 12.92
N TYR E 212 18.69 19.48 12.56
CA TYR E 212 19.65 19.07 11.54
C TYR E 212 21.04 18.96 12.14
N CYS E 213 21.78 17.93 11.75
CA CYS E 213 23.21 17.88 12.02
C CYS E 213 23.98 18.32 10.78
N HIS E 214 25.22 18.74 11.00
CA HIS E 214 26.00 19.44 9.98
C HIS E 214 27.48 19.23 10.25
N GLN E 215 28.21 18.73 9.27
CA GLN E 215 29.65 18.55 9.38
C GLN E 215 30.35 19.59 8.53
N TYR E 216 31.36 20.22 9.11
CA TYR E 216 32.15 21.27 8.46
C TYR E 216 33.63 20.96 8.57
N SER E 217 33.99 19.68 8.47
CA SER E 217 35.36 19.23 8.62
C SER E 217 36.13 19.19 7.30
N ASP E 218 35.52 19.61 6.20
CA ASP E 218 36.17 19.59 4.89
C ASP E 218 35.58 20.70 4.03
N ILE E 219 36.02 20.74 2.76
CA ILE E 219 35.58 21.78 1.84
C ILE E 219 34.19 21.52 1.26
N SER E 220 33.63 20.33 1.48
CA SER E 220 32.29 20.03 0.98
C SER E 220 31.34 19.84 2.17
N PRO E 221 30.77 20.92 2.70
CA PRO E 221 29.88 20.78 3.86
C PRO E 221 28.60 20.04 3.50
N THR E 222 28.16 19.20 4.42
CA THR E 222 26.95 18.41 4.22
C THR E 222 26.06 18.48 5.45
N PHE E 223 24.76 18.28 5.24
CA PHE E 223 23.78 18.25 6.31
C PHE E 223 23.10 16.90 6.34
N GLY E 224 22.65 16.50 7.52
CA GLY E 224 21.67 15.43 7.61
C GLY E 224 20.32 15.89 7.09
N GLN E 225 19.42 14.92 6.90
CA GLN E 225 18.10 15.23 6.37
C GLN E 225 17.09 15.62 7.44
N GLY E 226 17.50 15.65 8.70
CA GLY E 226 16.63 16.23 9.71
C GLY E 226 15.83 15.19 10.48
N THR E 227 15.63 15.47 11.75
CA THR E 227 14.73 14.69 12.60
C THR E 227 13.65 15.63 13.12
N LYS E 228 12.38 15.29 12.86
CA LYS E 228 11.26 16.07 13.34
C LYS E 228 10.82 15.57 14.70
N VAL E 229 10.79 16.47 15.67
CA VAL E 229 10.30 16.17 17.01
C VAL E 229 8.94 16.82 17.15
N GLU E 230 7.89 16.00 17.18
CA GLU E 230 6.53 16.51 17.23
C GLU E 230 5.83 16.07 18.50
N VAL F 2 25.07 41.92 15.64
CA VAL F 2 25.56 40.90 14.72
C VAL F 2 24.41 40.46 13.82
N GLN F 3 24.34 41.03 12.61
CA GLN F 3 23.18 40.87 11.75
C GLN F 3 23.62 40.56 10.31
N LEU F 4 22.75 39.82 9.61
CA LEU F 4 22.84 39.63 8.17
C LEU F 4 21.49 40.00 7.57
N VAL F 5 21.48 41.06 6.76
CA VAL F 5 20.25 41.58 6.16
C VAL F 5 20.20 41.13 4.70
N GLU F 6 19.29 40.21 4.40
CA GLU F 6 19.12 39.69 3.05
C GLU F 6 18.13 40.54 2.25
N SER F 7 18.28 40.47 0.93
CA SER F 7 17.31 41.07 0.01
C SER F 7 17.39 40.32 -1.31
N GLY F 8 16.32 40.43 -2.08
CA GLY F 8 16.25 39.78 -3.38
C GLY F 8 15.30 38.58 -3.35
N GLY F 9 15.39 37.78 -4.40
CA GLY F 9 14.55 36.62 -4.56
C GLY F 9 13.34 36.91 -5.42
N GLY F 10 12.33 36.07 -5.29
CA GLY F 10 11.06 36.25 -5.97
C GLY F 10 10.78 35.14 -6.95
N LEU F 11 9.77 35.38 -7.80
CA LEU F 11 9.28 34.42 -8.76
C LEU F 11 9.83 34.72 -10.15
N VAL F 12 10.47 33.72 -10.77
CA VAL F 12 11.09 33.88 -12.08
C VAL F 12 10.76 32.65 -12.92
N GLN F 13 10.92 32.79 -14.23
CA GLN F 13 10.63 31.71 -15.17
C GLN F 13 11.88 30.90 -15.46
N PRO F 14 11.74 29.64 -15.90
CA PRO F 14 12.92 28.81 -16.14
C PRO F 14 13.85 29.44 -17.16
N GLY F 15 15.15 29.29 -16.91
CA GLY F 15 16.17 29.93 -17.70
C GLY F 15 16.49 31.35 -17.32
N GLY F 16 15.76 31.94 -16.37
CA GLY F 16 16.00 33.31 -15.98
C GLY F 16 17.17 33.47 -15.03
N SER F 17 17.35 34.72 -14.58
CA SER F 17 18.47 35.09 -13.73
C SER F 17 17.97 35.91 -12.54
N LEU F 18 18.72 35.84 -11.44
CA LEU F 18 18.41 36.58 -10.23
C LEU F 18 19.68 36.77 -9.43
N ARG F 19 19.75 37.86 -8.66
CA ARG F 19 20.88 38.14 -7.80
C ARG F 19 20.41 38.37 -6.37
N LEU F 20 21.02 37.66 -5.43
CA LEU F 20 20.75 37.80 -4.02
C LEU F 20 21.87 38.58 -3.35
N SER F 21 21.51 39.36 -2.33
CA SER F 21 22.48 40.15 -1.58
C SER F 21 22.27 39.96 -0.09
N CYS F 22 23.34 40.15 0.67
CA CYS F 22 23.33 39.98 2.11
C CYS F 22 24.26 41.02 2.72
N ALA F 23 23.70 41.97 3.46
CA ALA F 23 24.46 43.07 4.04
C ALA F 23 24.72 42.77 5.52
N ALA F 24 26.00 42.76 5.89
CA ALA F 24 26.41 42.38 7.23
C ALA F 24 26.68 43.61 8.10
N SER F 25 26.49 43.44 9.41
CA SER F 25 26.82 44.46 10.38
C SER F 25 27.10 43.81 11.72
N GLY F 26 27.93 44.48 12.53
CA GLY F 26 28.23 44.02 13.87
C GLY F 26 29.44 43.14 14.00
N PHE F 27 30.15 42.85 12.90
CA PHE F 27 31.37 42.05 12.97
C PHE F 27 32.27 42.47 11.81
N THR F 28 33.52 42.01 11.89
CA THR F 28 34.52 42.32 10.87
C THR F 28 34.26 41.45 9.65
N PHE F 29 33.32 41.92 8.81
CA PHE F 29 32.91 41.16 7.63
C PHE F 29 34.10 40.80 6.74
N ARG F 30 35.13 41.64 6.73
CA ARG F 30 36.26 41.41 5.83
C ARG F 30 37.06 40.18 6.21
N ASN F 31 36.97 39.70 7.46
CA ASN F 31 37.68 38.50 7.87
C ASN F 31 36.84 37.24 7.78
N SER F 32 35.51 37.37 7.68
CA SER F 32 34.63 36.23 7.81
C SER F 32 34.47 35.49 6.49
N ALA F 33 34.46 34.16 6.58
CA ALA F 33 34.05 33.31 5.46
C ALA F 33 32.52 33.30 5.38
N MET F 34 31.98 33.57 4.20
CA MET F 34 30.55 33.69 4.00
C MET F 34 30.05 32.59 3.07
N HIS F 35 28.96 31.95 3.46
CA HIS F 35 28.37 30.85 2.69
C HIS F 35 26.94 31.19 2.30
N TRP F 36 26.45 30.51 1.28
CA TRP F 36 25.03 30.48 0.95
C TRP F 36 24.49 29.07 1.16
N VAL F 37 23.31 28.97 1.78
CA VAL F 37 22.64 27.71 2.03
C VAL F 37 21.20 27.83 1.57
N ARG F 38 20.66 26.78 0.96
CA ARG F 38 19.31 26.80 0.45
C ARG F 38 18.51 25.61 1.00
N GLN F 39 17.19 25.71 0.90
CA GLN F 39 16.31 24.68 1.44
C GLN F 39 15.07 24.60 0.55
N ALA F 40 14.96 23.51 -0.20
CA ALA F 40 13.79 23.31 -1.03
C ALA F 40 12.54 23.12 -0.15
N PRO F 41 11.36 23.45 -0.67
CA PRO F 41 10.14 23.33 0.15
C PRO F 41 9.90 21.92 0.65
N GLY F 42 9.78 21.80 1.98
CA GLY F 42 9.59 20.50 2.58
C GLY F 42 10.79 19.59 2.50
N LYS F 43 11.98 20.14 2.33
CA LYS F 43 13.24 19.42 2.21
C LYS F 43 14.21 19.89 3.29
N GLY F 44 15.43 19.33 3.24
CA GLY F 44 16.45 19.67 4.20
C GLY F 44 17.36 20.78 3.73
N LEU F 45 18.31 21.13 4.59
CA LEU F 45 19.29 22.16 4.27
C LEU F 45 20.34 21.61 3.32
N GLU F 46 20.79 22.45 2.39
CA GLU F 46 21.79 22.07 1.39
C GLU F 46 22.74 23.23 1.18
N TRP F 47 24.04 22.96 1.34
CA TRP F 47 25.06 23.97 1.11
C TRP F 47 25.14 24.32 -0.39
N VAL F 48 25.40 25.60 -0.69
CA VAL F 48 25.40 26.09 -2.05
C VAL F 48 26.78 26.59 -2.47
N SER F 49 27.36 27.51 -1.70
CA SER F 49 28.60 28.14 -2.12
C SER F 49 29.33 28.72 -0.91
N SER F 50 30.60 29.06 -1.11
CA SER F 50 31.47 29.57 -0.05
C SER F 50 32.47 30.56 -0.65
N ILE F 51 32.83 31.58 0.13
CA ILE F 51 33.84 32.56 -0.29
C ILE F 51 34.60 33.05 0.94
N TRP F 52 35.87 33.41 0.74
CA TRP F 52 36.69 33.88 1.85
C TRP F 52 37.49 35.11 1.42
N TYR F 53 38.63 35.33 2.08
CA TYR F 53 39.46 36.54 1.95
C TYR F 53 40.14 36.83 0.61
N SER F 54 41.10 37.76 0.67
CA SER F 54 41.87 38.27 -0.46
C SER F 54 42.22 37.21 -1.50
N GLY F 55 42.89 36.14 -1.09
CA GLY F 55 43.16 35.04 -1.99
C GLY F 55 41.88 34.29 -2.32
N SER F 56 41.07 34.88 -3.18
CA SER F 56 39.72 34.38 -3.46
C SER F 56 39.75 32.90 -3.83
N ASN F 57 39.14 32.08 -2.97
CA ASN F 57 39.14 30.63 -3.10
C ASN F 57 37.69 30.15 -2.96
N THR F 58 36.86 30.51 -3.93
CA THR F 58 35.43 30.25 -3.85
C THR F 58 35.11 28.80 -4.22
N TYR F 59 34.11 28.25 -3.53
CA TYR F 59 33.70 26.87 -3.72
C TYR F 59 32.21 26.83 -4.04
N TYR F 60 31.81 25.83 -4.82
CA TYR F 60 30.41 25.67 -5.22
C TYR F 60 30.01 24.21 -5.08
N ALA F 61 28.71 23.99 -4.89
CA ALA F 61 28.17 22.65 -4.97
C ALA F 61 28.05 22.22 -6.43
N ASP F 62 28.14 20.91 -6.65
CA ASP F 62 28.12 20.38 -8.02
C ASP F 62 26.85 20.73 -8.77
N SER F 63 25.73 20.91 -8.05
CA SER F 63 24.47 21.27 -8.69
C SER F 63 24.51 22.65 -9.35
N VAL F 64 25.35 23.55 -8.85
CA VAL F 64 25.32 24.94 -9.28
C VAL F 64 26.61 25.38 -9.95
N LYS F 65 27.65 24.56 -9.90
CA LYS F 65 28.93 24.89 -10.50
C LYS F 65 28.72 25.16 -11.99
N GLY F 66 29.05 26.37 -12.43
CA GLY F 66 28.84 26.77 -13.81
C GLY F 66 27.62 27.65 -14.02
N ARG F 67 26.70 27.71 -13.05
CA ARG F 67 25.52 28.54 -13.15
C ARG F 67 25.47 29.66 -12.11
N PHE F 68 26.01 29.44 -10.92
CA PHE F 68 25.99 30.42 -9.85
C PHE F 68 27.37 31.05 -9.68
N THR F 69 27.38 32.30 -9.24
CA THR F 69 28.62 33.01 -8.94
C THR F 69 28.48 33.72 -7.61
N ILE F 70 29.30 33.32 -6.64
CA ILE F 70 29.38 34.01 -5.35
C ILE F 70 30.46 35.08 -5.43
N SER F 71 30.19 36.21 -4.78
CA SER F 71 31.15 37.31 -4.75
C SER F 71 30.87 38.14 -3.50
N ARG F 72 31.78 39.07 -3.21
CA ARG F 72 31.66 39.91 -2.04
C ARG F 72 32.27 41.28 -2.33
N ASP F 73 31.71 42.30 -1.71
CA ASP F 73 32.24 43.67 -1.75
C ASP F 73 32.49 44.10 -0.32
N ASN F 74 33.74 43.97 0.13
CA ASN F 74 34.07 44.30 1.51
C ASN F 74 33.93 45.78 1.82
N SER F 75 33.91 46.64 0.79
CA SER F 75 33.73 48.07 1.02
C SER F 75 32.28 48.41 1.36
N LYS F 76 31.33 47.55 0.99
CA LYS F 76 29.93 47.73 1.36
C LYS F 76 29.46 46.66 2.34
N ASN F 77 30.37 45.81 2.82
CA ASN F 77 30.06 44.72 3.74
C ASN F 77 28.90 43.87 3.22
N THR F 78 28.97 43.53 1.93
CA THR F 78 27.87 42.86 1.25
C THR F 78 28.34 41.58 0.59
N LEU F 79 27.54 40.53 0.70
CA LEU F 79 27.74 39.26 0.01
C LEU F 79 26.71 39.14 -1.11
N TYR F 80 27.13 38.59 -2.24
CA TYR F 80 26.27 38.47 -3.41
C TYR F 80 26.21 37.03 -3.87
N LEU F 81 25.08 36.67 -4.50
CA LEU F 81 24.94 35.39 -5.19
C LEU F 81 24.23 35.64 -6.52
N GLN F 82 24.96 35.49 -7.62
CA GLN F 82 24.38 35.61 -8.95
C GLN F 82 23.92 34.23 -9.42
N MET F 83 22.63 34.09 -9.69
CA MET F 83 22.02 32.82 -10.04
C MET F 83 21.53 32.86 -11.49
N ASN F 84 22.21 32.13 -12.37
CA ASN F 84 21.86 32.05 -13.77
C ASN F 84 21.40 30.63 -14.11
N SER F 85 20.72 30.52 -15.25
CA SER F 85 20.22 29.24 -15.78
C SER F 85 19.36 28.53 -14.74
N LEU F 86 18.38 29.25 -14.19
CA LEU F 86 17.58 28.72 -13.11
C LEU F 86 16.57 27.69 -13.62
N THR F 87 16.33 26.67 -12.81
CA THR F 87 15.38 25.61 -13.10
C THR F 87 14.55 25.36 -11.85
N ALA F 88 13.41 24.69 -12.03
CA ALA F 88 12.51 24.42 -10.92
C ALA F 88 13.21 23.71 -9.76
N GLU F 89 14.34 23.06 -10.02
CA GLU F 89 15.12 22.42 -8.97
C GLU F 89 15.87 23.42 -8.10
N ASP F 90 15.95 24.68 -8.53
CA ASP F 90 16.53 25.74 -7.73
C ASP F 90 15.51 26.39 -6.81
N THR F 91 14.22 26.02 -6.91
CA THR F 91 13.21 26.58 -6.04
C THR F 91 13.51 26.21 -4.59
N ALA F 92 13.73 27.23 -3.77
CA ALA F 92 14.15 27.03 -2.38
C ALA F 92 14.20 28.37 -1.68
N VAL F 93 14.29 28.32 -0.36
CA VAL F 93 14.62 29.49 0.46
C VAL F 93 16.14 29.53 0.60
N TYR F 94 16.74 30.65 0.21
CA TYR F 94 18.19 30.80 0.23
C TYR F 94 18.60 31.63 1.44
N TYR F 95 19.55 31.11 2.21
CA TYR F 95 20.08 31.78 3.38
C TYR F 95 21.54 32.17 3.15
N CYS F 96 21.90 33.40 3.51
CA CYS F 96 23.30 33.74 3.71
C CYS F 96 23.67 33.43 5.15
N ALA F 97 24.93 33.07 5.36
CA ALA F 97 25.38 32.66 6.69
C ALA F 97 26.87 32.92 6.82
N ARG F 98 27.27 33.40 8.00
CA ARG F 98 28.66 33.57 8.33
C ARG F 98 29.20 32.26 8.89
N PHE F 99 30.33 31.81 8.39
CA PHE F 99 30.93 30.55 8.80
C PHE F 99 32.06 30.83 9.78
N ALA F 100 31.90 30.33 11.01
CA ALA F 100 32.89 30.54 12.06
C ALA F 100 33.70 29.30 12.36
N GLY F 101 33.48 28.21 11.61
CA GLY F 101 34.25 26.99 11.81
C GLY F 101 34.22 26.50 13.24
N GLY F 102 35.40 26.21 13.78
CA GLY F 102 35.54 25.75 15.15
C GLY F 102 35.10 26.76 16.19
N TRP F 103 34.74 27.97 15.79
CA TRP F 103 34.28 29.01 16.71
C TRP F 103 32.80 29.34 16.51
N GLY F 104 32.04 28.41 15.95
CA GLY F 104 30.59 28.59 15.90
C GLY F 104 29.84 28.03 14.71
N ALA F 105 30.53 27.36 13.78
CA ALA F 105 29.91 26.78 12.57
C ALA F 105 29.11 27.90 11.89
N TYR F 106 27.86 27.67 11.51
CA TYR F 106 26.99 28.73 11.00
C TYR F 106 26.31 29.39 12.19
N ASP F 107 26.99 30.39 12.78
CA ASP F 107 26.48 31.02 13.98
C ASP F 107 25.56 32.20 13.71
N VAL F 108 25.61 32.77 12.50
CA VAL F 108 24.74 33.88 12.12
C VAL F 108 24.12 33.54 10.77
N TRP F 109 22.80 33.66 10.69
CA TRP F 109 22.04 33.35 9.49
C TRP F 109 21.24 34.56 9.04
N GLY F 110 21.11 34.74 7.73
CA GLY F 110 20.09 35.63 7.21
C GLY F 110 18.70 35.06 7.44
N GLN F 111 17.68 35.89 7.24
CA GLN F 111 16.32 35.43 7.46
C GLN F 111 15.81 34.54 6.35
N GLY F 112 16.46 34.57 5.19
CA GLY F 112 16.06 33.74 4.07
C GLY F 112 15.10 34.42 3.12
N THR F 113 15.28 34.18 1.82
CA THR F 113 14.36 34.69 0.82
C THR F 113 13.98 33.56 -0.13
N LEU F 114 12.70 33.52 -0.50
CA LEU F 114 12.19 32.45 -1.33
C LEU F 114 12.47 32.75 -2.80
N VAL F 115 13.09 31.80 -3.49
CA VAL F 115 13.27 31.84 -4.93
C VAL F 115 12.43 30.73 -5.52
N THR F 116 11.47 31.10 -6.37
CA THR F 116 10.60 30.13 -7.03
C THR F 116 10.79 30.26 -8.53
N VAL F 117 11.08 29.13 -9.18
CA VAL F 117 11.32 29.10 -10.61
C VAL F 117 10.21 28.28 -11.23
N SER F 118 9.31 28.95 -11.95
CA SER F 118 8.15 28.29 -12.52
C SER F 118 7.67 29.09 -13.72
N SER F 119 7.10 28.37 -14.69
CA SER F 119 6.49 28.99 -15.85
C SER F 119 4.97 29.09 -15.74
N GLY F 120 4.42 28.96 -14.52
CA GLY F 120 2.98 29.01 -14.32
C GLY F 120 2.35 27.65 -14.11
N GLY F 121 3.12 26.70 -13.59
CA GLY F 121 2.66 25.32 -13.45
C GLY F 121 1.87 24.98 -12.21
N GLY F 122 0.55 24.86 -12.36
CA GLY F 122 -0.34 24.46 -11.29
C GLY F 122 -1.06 23.14 -11.56
N GLY F 123 -1.29 22.84 -12.84
CA GLY F 123 -1.80 21.52 -13.18
C GLY F 123 -3.22 21.46 -13.71
N SER F 124 -3.40 21.68 -15.01
CA SER F 124 -4.59 21.24 -15.71
C SER F 124 -4.40 19.86 -16.31
N ASP F 125 -3.21 19.28 -16.17
CA ASP F 125 -2.87 18.04 -16.84
C ASP F 125 -3.57 16.84 -16.21
N ILE F 126 -3.98 15.91 -17.07
CA ILE F 126 -4.71 14.73 -16.63
C ILE F 126 -3.71 13.77 -16.01
N VAL F 127 -3.91 13.42 -14.75
CA VAL F 127 -2.97 12.56 -14.03
C VAL F 127 -3.40 11.11 -14.21
N LEU F 128 -2.46 10.28 -14.62
CA LEU F 128 -2.68 8.86 -14.82
C LEU F 128 -2.02 8.09 -13.69
N THR F 129 -2.77 7.21 -13.04
CA THR F 129 -2.27 6.41 -11.94
C THR F 129 -2.36 4.94 -12.31
N GLN F 130 -1.23 4.27 -12.37
CA GLN F 130 -1.18 2.85 -12.69
C GLN F 130 -1.10 2.01 -11.43
N SER F 131 -1.72 0.84 -11.47
CA SER F 131 -1.70 -0.08 -10.34
C SER F 131 -1.80 -1.53 -10.79
N PRO F 132 -1.07 -2.43 -10.11
CA PRO F 132 -0.10 -2.10 -9.07
C PRO F 132 1.25 -1.66 -9.61
N ALA F 133 2.11 -1.13 -8.73
CA ALA F 133 3.45 -0.74 -9.16
C ALA F 133 4.28 -1.93 -9.60
N THR F 134 4.07 -3.11 -9.00
CA THR F 134 4.83 -4.30 -9.32
C THR F 134 3.92 -5.52 -9.31
N LEU F 135 4.16 -6.42 -10.26
CA LEU F 135 3.41 -7.67 -10.34
C LEU F 135 4.38 -8.82 -10.55
N SER F 136 4.37 -9.78 -9.63
CA SER F 136 5.18 -10.99 -9.75
C SER F 136 4.29 -12.15 -10.16
N LEU F 137 4.52 -12.66 -11.36
CA LEU F 137 3.71 -13.71 -11.94
C LEU F 137 4.62 -14.71 -12.63
N SER F 138 4.03 -15.80 -13.10
CA SER F 138 4.74 -16.86 -13.78
C SER F 138 4.28 -16.96 -15.23
N PRO F 139 5.10 -17.54 -16.10
CA PRO F 139 4.65 -17.77 -17.48
C PRO F 139 3.38 -18.60 -17.51
N GLY F 140 2.45 -18.20 -18.37
CA GLY F 140 1.16 -18.83 -18.49
C GLY F 140 0.05 -18.14 -17.71
N GLU F 141 0.39 -17.30 -16.74
CA GLU F 141 -0.62 -16.63 -15.94
C GLU F 141 -1.07 -15.34 -16.64
N ARG F 142 -2.16 -14.77 -16.14
CA ARG F 142 -2.72 -13.55 -16.68
C ARG F 142 -2.24 -12.35 -15.86
N ALA F 143 -1.85 -11.29 -16.57
CA ALA F 143 -1.50 -10.02 -15.94
C ALA F 143 -2.58 -9.01 -16.28
N THR F 144 -3.17 -8.40 -15.25
CA THR F 144 -4.21 -7.40 -15.43
C THR F 144 -3.69 -6.09 -14.84
N LEU F 145 -3.54 -5.09 -15.70
CA LEU F 145 -2.97 -3.80 -15.33
C LEU F 145 -4.03 -2.72 -15.44
N SER F 146 -4.02 -1.78 -14.49
CA SER F 146 -5.01 -0.73 -14.43
C SER F 146 -4.37 0.63 -14.64
N CYS F 147 -5.07 1.49 -15.36
CA CYS F 147 -4.70 2.89 -15.53
C CYS F 147 -5.92 3.75 -15.23
N ARG F 148 -5.77 4.69 -14.30
CA ARG F 148 -6.86 5.53 -13.85
C ARG F 148 -6.49 6.99 -14.07
N ALA F 149 -7.41 7.74 -14.68
CA ALA F 149 -7.20 9.15 -14.98
C ALA F 149 -7.98 10.01 -14.00
N SER F 150 -7.38 11.16 -13.63
CA SER F 150 -8.04 12.08 -12.72
C SER F 150 -9.23 12.77 -13.38
N GLN F 151 -9.22 12.88 -14.70
CA GLN F 151 -10.33 13.44 -15.46
C GLN F 151 -10.66 12.50 -16.61
N SER F 152 -11.86 12.67 -17.17
CA SER F 152 -12.27 11.84 -18.29
C SER F 152 -11.34 12.06 -19.49
N VAL F 153 -10.95 10.96 -20.12
CA VAL F 153 -10.07 11.00 -21.29
C VAL F 153 -10.97 11.06 -22.51
N SER F 154 -11.07 12.24 -23.11
CA SER F 154 -11.95 12.45 -24.25
C SER F 154 -11.54 11.57 -25.42
N SER F 155 -12.54 11.03 -26.12
CA SER F 155 -12.37 10.15 -27.27
C SER F 155 -11.64 8.86 -26.94
N ASN F 156 -11.42 8.57 -25.66
CA ASN F 156 -10.67 7.39 -25.22
C ASN F 156 -9.27 7.34 -25.86
N TYR F 157 -8.65 8.52 -25.99
CA TYR F 157 -7.30 8.62 -26.53
C TYR F 157 -6.29 8.21 -25.47
N LEU F 158 -6.20 6.90 -25.24
CA LEU F 158 -5.28 6.32 -24.27
C LEU F 158 -4.51 5.19 -24.93
N ALA F 159 -3.20 5.17 -24.72
CA ALA F 159 -2.31 4.17 -25.32
C ALA F 159 -1.53 3.42 -24.24
N TRP F 160 -1.07 2.23 -24.61
CA TRP F 160 -0.25 1.39 -23.74
C TRP F 160 1.07 1.07 -24.44
N TYR F 161 2.16 1.18 -23.69
CA TYR F 161 3.49 0.87 -24.21
C TYR F 161 4.18 -0.18 -23.34
N GLN F 162 5.01 -0.99 -24.00
CA GLN F 162 5.90 -1.95 -23.36
C GLN F 162 7.34 -1.46 -23.50
N GLN F 163 8.09 -1.50 -22.40
CA GLN F 163 9.50 -1.10 -22.42
C GLN F 163 10.34 -2.14 -21.69
N LYS F 164 11.32 -2.70 -22.39
CA LYS F 164 12.34 -3.56 -21.82
C LYS F 164 13.60 -2.75 -21.51
N PRO F 165 14.42 -3.21 -20.57
CA PRO F 165 15.58 -2.41 -20.16
C PRO F 165 16.52 -2.10 -21.32
N GLY F 166 16.91 -0.82 -21.41
CA GLY F 166 17.83 -0.36 -22.43
C GLY F 166 17.24 -0.17 -23.81
N GLN F 167 15.93 -0.35 -23.96
CA GLN F 167 15.29 -0.26 -25.27
C GLN F 167 14.21 0.82 -25.25
N ALA F 168 13.86 1.28 -26.45
CA ALA F 168 12.78 2.26 -26.58
C ALA F 168 11.44 1.58 -26.33
N PRO F 169 10.44 2.33 -25.88
CA PRO F 169 9.09 1.75 -25.71
C PRO F 169 8.51 1.25 -27.03
N ARG F 170 7.57 0.30 -26.94
CA ARG F 170 6.83 -0.19 -28.09
C ARG F 170 5.35 0.11 -27.93
N LEU F 171 4.71 0.53 -29.01
CA LEU F 171 3.26 0.72 -28.96
C LEU F 171 2.60 -0.65 -28.90
N LEU F 172 1.75 -0.85 -27.88
CA LEU F 172 0.95 -2.06 -27.77
C LEU F 172 -0.51 -1.80 -28.14
N ILE F 173 -1.12 -0.82 -27.50
CA ILE F 173 -2.54 -0.51 -27.66
C ILE F 173 -2.66 0.99 -27.82
N TYR F 174 -3.56 1.42 -28.72
CA TYR F 174 -3.92 2.83 -28.81
C TYR F 174 -5.42 2.92 -28.96
N ASP F 175 -5.94 4.13 -28.80
CA ASP F 175 -7.38 4.37 -28.78
C ASP F 175 -8.08 3.43 -27.79
N SER F 176 -7.41 3.17 -26.67
CA SER F 176 -7.90 2.34 -25.57
C SER F 176 -7.99 0.86 -25.90
N SER F 177 -8.48 0.49 -27.08
CA SER F 177 -8.74 -0.91 -27.39
C SER F 177 -8.10 -1.42 -28.68
N SER F 178 -7.44 -0.58 -29.46
CA SER F 178 -6.93 -0.97 -30.77
C SER F 178 -5.54 -1.58 -30.64
N ARG F 179 -5.39 -2.83 -31.10
CA ARG F 179 -4.12 -3.52 -31.05
C ARG F 179 -3.23 -3.05 -32.20
N ALA F 180 -2.02 -2.61 -31.87
CA ALA F 180 -1.08 -2.09 -32.85
C ALA F 180 -0.64 -3.19 -33.80
N THR F 181 -0.05 -2.77 -34.92
CA THR F 181 0.42 -3.73 -35.91
C THR F 181 1.53 -4.59 -35.33
N GLY F 182 1.39 -5.90 -35.49
CA GLY F 182 2.38 -6.84 -35.00
C GLY F 182 2.26 -7.25 -33.55
N VAL F 183 1.25 -6.75 -32.83
CA VAL F 183 1.11 -7.10 -31.42
C VAL F 183 0.32 -8.40 -31.32
N PRO F 184 0.84 -9.40 -30.60
CA PRO F 184 0.10 -10.67 -30.48
C PRO F 184 -1.23 -10.48 -29.78
N ALA F 185 -2.19 -11.33 -30.15
CA ALA F 185 -3.56 -11.21 -29.66
C ALA F 185 -3.68 -11.38 -28.15
N ARG F 186 -2.65 -11.91 -27.48
CA ARG F 186 -2.72 -12.05 -26.03
C ARG F 186 -2.71 -10.70 -25.30
N PHE F 187 -2.35 -9.62 -25.99
CA PHE F 187 -2.47 -8.28 -25.44
C PHE F 187 -3.83 -7.69 -25.84
N SER F 188 -4.52 -7.08 -24.88
CA SER F 188 -5.80 -6.46 -25.15
C SER F 188 -6.07 -5.34 -24.15
N GLY F 189 -6.60 -4.23 -24.66
CA GLY F 189 -6.98 -3.11 -23.82
C GLY F 189 -8.48 -2.85 -23.81
N SER F 190 -8.98 -2.19 -22.76
CA SER F 190 -10.41 -1.93 -22.65
C SER F 190 -10.60 -0.73 -21.71
N GLY F 191 -11.85 -0.35 -21.52
CA GLY F 191 -12.20 0.73 -20.62
C GLY F 191 -12.51 2.03 -21.36
N SER F 192 -13.04 2.98 -20.59
CA SER F 192 -13.43 4.26 -21.15
C SER F 192 -13.46 5.30 -20.03
N GLY F 193 -13.47 6.56 -20.42
CA GLY F 193 -13.56 7.67 -19.48
C GLY F 193 -12.32 7.83 -18.61
N THR F 194 -12.39 7.25 -17.42
CA THR F 194 -11.30 7.34 -16.44
C THR F 194 -10.78 5.98 -15.98
N ASP F 195 -11.31 4.87 -16.50
CA ASP F 195 -10.96 3.53 -16.03
C ASP F 195 -10.54 2.69 -17.23
N PHE F 196 -9.25 2.35 -17.29
CA PHE F 196 -8.68 1.60 -18.40
C PHE F 196 -7.89 0.39 -17.90
N THR F 197 -7.85 -0.66 -18.72
CA THR F 197 -7.19 -1.90 -18.34
C THR F 197 -6.39 -2.46 -19.51
N LEU F 198 -5.19 -2.94 -19.22
CA LEU F 198 -4.39 -3.72 -20.15
C LEU F 198 -4.33 -5.15 -19.65
N THR F 199 -4.69 -6.11 -20.50
CA THR F 199 -4.72 -7.51 -20.14
C THR F 199 -3.75 -8.31 -21.00
N ILE F 200 -2.88 -9.08 -20.36
CA ILE F 200 -2.01 -10.04 -21.02
C ILE F 200 -2.55 -11.43 -20.66
N SER F 201 -3.19 -12.09 -21.62
CA SER F 201 -3.99 -13.27 -21.31
C SER F 201 -3.11 -14.40 -20.76
N SER F 202 -2.02 -14.72 -21.45
CA SER F 202 -1.10 -15.75 -21.01
C SER F 202 0.32 -15.21 -21.15
N LEU F 203 0.96 -14.94 -20.02
CA LEU F 203 2.30 -14.36 -20.05
C LEU F 203 3.28 -15.29 -20.74
N GLU F 204 4.12 -14.70 -21.59
CA GLU F 204 5.27 -15.37 -22.17
C GLU F 204 6.53 -14.85 -21.51
N PRO F 205 7.66 -15.57 -21.62
CA PRO F 205 8.89 -15.08 -20.97
C PRO F 205 9.38 -13.75 -21.52
N GLU F 206 9.02 -13.41 -22.76
CA GLU F 206 9.38 -12.11 -23.34
C GLU F 206 8.42 -11.00 -22.96
N ASP F 207 7.35 -11.29 -22.23
CA ASP F 207 6.36 -10.29 -21.86
C ASP F 207 6.68 -9.61 -20.54
N PHE F 208 7.73 -10.05 -19.85
CA PHE F 208 8.10 -9.45 -18.57
C PHE F 208 8.87 -8.17 -18.82
N ALA F 209 8.24 -7.04 -18.52
CA ALA F 209 8.78 -5.72 -18.84
C ALA F 209 7.97 -4.68 -18.07
N VAL F 210 8.29 -3.41 -18.28
CA VAL F 210 7.55 -2.30 -17.71
C VAL F 210 6.53 -1.81 -18.73
N TYR F 211 5.32 -1.53 -18.25
CA TYR F 211 4.21 -1.11 -19.10
C TYR F 211 3.71 0.25 -18.67
N TYR F 212 3.55 1.16 -19.64
CA TYR F 212 3.12 2.53 -19.38
C TYR F 212 1.80 2.79 -20.11
N CYS F 213 0.90 3.50 -19.45
CA CYS F 213 -0.26 4.06 -20.13
C CYS F 213 -0.02 5.54 -20.43
N HIS F 214 -0.77 6.04 -21.40
CA HIS F 214 -0.49 7.35 -21.99
C HIS F 214 -1.76 7.92 -22.57
N GLN F 215 -2.12 9.12 -22.13
CA GLN F 215 -3.30 9.83 -22.65
C GLN F 215 -2.85 10.98 -23.54
N TYR F 216 -3.49 11.09 -24.70
CA TYR F 216 -3.19 12.12 -25.69
C TYR F 216 -4.48 12.82 -26.11
N SER F 217 -5.37 13.05 -25.14
CA SER F 217 -6.66 13.66 -25.40
C SER F 217 -6.64 15.18 -25.28
N ASP F 218 -5.49 15.77 -25.02
CA ASP F 218 -5.40 17.22 -24.90
C ASP F 218 -4.00 17.66 -25.31
N ILE F 219 -3.64 18.89 -24.96
CA ILE F 219 -2.38 19.46 -25.37
C ILE F 219 -1.29 19.31 -24.32
N SER F 220 -1.63 18.80 -23.15
CA SER F 220 -0.61 18.45 -22.18
C SER F 220 -0.55 16.94 -22.04
N PRO F 221 0.20 16.24 -22.90
CA PRO F 221 0.22 14.77 -22.81
C PRO F 221 0.88 14.30 -21.52
N THR F 222 0.32 13.24 -20.94
CA THR F 222 0.83 12.67 -19.71
C THR F 222 0.92 11.15 -19.84
N PHE F 223 1.81 10.57 -19.06
CA PHE F 223 2.02 9.13 -19.01
C PHE F 223 1.68 8.61 -17.62
N GLY F 224 1.29 7.35 -17.55
CA GLY F 224 1.29 6.68 -16.26
C GLY F 224 2.70 6.49 -15.78
N GLN F 225 2.84 6.17 -14.49
CA GLN F 225 4.17 6.06 -13.90
C GLN F 225 4.75 4.66 -14.02
N GLY F 226 4.02 3.73 -14.63
CA GLY F 226 4.55 2.42 -14.98
C GLY F 226 4.20 1.27 -14.06
N THR F 227 3.97 0.10 -14.63
CA THR F 227 3.79 -1.14 -13.91
C THR F 227 4.85 -2.14 -14.36
N LYS F 228 5.64 -2.64 -13.41
CA LYS F 228 6.67 -3.63 -13.71
C LYS F 228 6.09 -5.03 -13.55
N VAL F 229 6.17 -5.84 -14.60
CA VAL F 229 5.74 -7.23 -14.56
C VAL F 229 6.99 -8.09 -14.55
N GLU F 230 7.27 -8.72 -13.42
CA GLU F 230 8.51 -9.50 -13.26
C GLU F 230 8.20 -10.97 -13.00
N VAL G 2 26.70 -23.79 -62.01
CA VAL G 2 26.27 -22.60 -61.29
C VAL G 2 27.13 -22.44 -60.02
N GLN G 3 28.12 -21.55 -60.09
CA GLN G 3 29.19 -21.52 -59.10
C GLN G 3 29.45 -20.09 -58.62
N LEU G 4 30.02 -20.00 -57.42
CA LEU G 4 30.52 -18.75 -56.86
C LEU G 4 31.92 -19.02 -56.32
N VAL G 5 32.93 -18.39 -56.91
CA VAL G 5 34.33 -18.59 -56.54
C VAL G 5 34.79 -17.40 -55.72
N GLU G 6 35.01 -17.61 -54.42
CA GLU G 6 35.44 -16.58 -53.51
C GLU G 6 36.97 -16.46 -53.50
N SER G 7 37.44 -15.28 -53.10
CA SER G 7 38.86 -15.05 -52.88
C SER G 7 39.02 -13.93 -51.87
N GLY G 8 40.20 -13.89 -51.25
CA GLY G 8 40.53 -12.88 -50.27
C GLY G 8 40.54 -13.43 -48.85
N GLY G 9 40.57 -12.50 -47.90
CA GLY G 9 40.62 -12.83 -46.50
C GLY G 9 42.01 -12.79 -45.92
N GLY G 10 42.16 -13.45 -44.78
CA GLY G 10 43.44 -13.59 -44.11
C GLY G 10 43.46 -12.92 -42.74
N LEU G 11 44.67 -12.81 -42.19
CA LEU G 11 44.91 -12.28 -40.86
C LEU G 11 45.40 -10.84 -40.99
N VAL G 12 44.73 -9.91 -40.28
CA VAL G 12 45.00 -8.48 -40.43
C VAL G 12 45.04 -7.81 -39.06
N GLN G 13 45.80 -6.73 -38.98
CA GLN G 13 45.85 -5.91 -37.77
C GLN G 13 44.51 -5.18 -37.58
N PRO G 14 44.19 -4.79 -36.35
CA PRO G 14 42.98 -3.99 -36.13
C PRO G 14 43.12 -2.61 -36.73
N GLY G 15 42.03 -2.11 -37.32
CA GLY G 15 42.05 -0.87 -38.05
C GLY G 15 42.52 -1.00 -39.48
N GLY G 16 42.94 -2.19 -39.91
CA GLY G 16 43.41 -2.41 -41.25
C GLY G 16 42.28 -2.58 -42.25
N SER G 17 42.66 -2.93 -43.47
CA SER G 17 41.72 -3.04 -44.58
C SER G 17 41.91 -4.37 -45.28
N LEU G 18 40.82 -4.85 -45.89
CA LEU G 18 40.82 -6.10 -46.64
C LEU G 18 39.69 -6.04 -47.66
N ARG G 19 39.88 -6.72 -48.79
CA ARG G 19 38.88 -6.78 -49.84
C ARG G 19 38.53 -8.22 -50.15
N LEU G 20 37.25 -8.46 -50.40
CA LEU G 20 36.75 -9.78 -50.76
C LEU G 20 36.12 -9.74 -52.15
N SER G 21 36.27 -10.84 -52.88
CA SER G 21 35.71 -10.96 -54.23
C SER G 21 35.01 -12.30 -54.40
N CYS G 22 34.03 -12.32 -55.30
CA CYS G 22 33.26 -13.53 -55.58
C CYS G 22 32.90 -13.55 -57.05
N ALA G 23 33.46 -14.51 -57.78
CA ALA G 23 33.29 -14.61 -59.23
C ALA G 23 32.22 -15.64 -59.56
N ALA G 24 31.22 -15.22 -60.30
CA ALA G 24 30.05 -16.05 -60.60
C ALA G 24 30.16 -16.67 -62.00
N SER G 25 29.55 -17.84 -62.14
CA SER G 25 29.43 -18.52 -63.42
C SER G 25 28.22 -19.44 -63.36
N GLY G 26 27.63 -19.69 -64.54
CA GLY G 26 26.51 -20.60 -64.65
C GLY G 26 25.15 -19.96 -64.54
N PHE G 27 25.07 -18.65 -64.32
CA PHE G 27 23.80 -17.94 -64.27
C PHE G 27 24.02 -16.50 -64.72
N THR G 28 22.91 -15.82 -64.99
CA THR G 28 22.96 -14.43 -65.47
C THR G 28 23.24 -13.51 -64.29
N PHE G 29 24.52 -13.41 -63.96
CA PHE G 29 24.95 -12.59 -62.83
C PHE G 29 24.51 -11.13 -62.98
N ARG G 30 24.32 -10.67 -64.22
CA ARG G 30 23.95 -9.27 -64.46
C ARG G 30 22.70 -8.87 -63.70
N ASN G 31 21.82 -9.84 -63.43
CA ASN G 31 20.52 -9.55 -62.83
C ASN G 31 20.39 -10.03 -61.39
N SER G 32 21.31 -10.85 -60.90
CA SER G 32 21.09 -11.55 -59.64
C SER G 32 21.35 -10.62 -58.45
N ALA G 33 20.50 -10.74 -57.44
CA ALA G 33 20.76 -10.09 -56.16
C ALA G 33 21.81 -10.90 -55.41
N MET G 34 22.88 -10.21 -55.01
CA MET G 34 24.01 -10.85 -54.35
C MET G 34 24.14 -10.28 -52.94
N HIS G 35 24.31 -11.16 -51.96
CA HIS G 35 24.41 -10.77 -50.56
C HIS G 35 25.75 -11.27 -50.00
N TRP G 36 26.18 -10.63 -48.92
CA TRP G 36 27.28 -11.13 -48.10
C TRP G 36 26.76 -11.54 -46.73
N VAL G 37 27.20 -12.71 -46.27
CA VAL G 37 26.82 -13.25 -44.96
C VAL G 37 28.09 -13.69 -44.25
N ARG G 38 28.15 -13.45 -42.94
CA ARG G 38 29.33 -13.81 -42.14
C ARG G 38 28.91 -14.64 -40.93
N GLN G 39 29.88 -15.31 -40.34
CA GLN G 39 29.59 -16.18 -39.19
C GLN G 39 30.80 -16.15 -38.28
N ALA G 40 30.64 -15.56 -37.10
CA ALA G 40 31.72 -15.50 -36.15
C ALA G 40 32.11 -16.91 -35.70
N PRO G 41 33.35 -17.11 -35.26
CA PRO G 41 33.79 -18.46 -34.86
C PRO G 41 32.88 -19.02 -33.76
N GLY G 42 32.23 -20.15 -34.07
CA GLY G 42 31.33 -20.76 -33.12
C GLY G 42 30.09 -19.92 -32.85
N LYS G 43 29.41 -19.48 -33.91
CA LYS G 43 28.24 -18.63 -33.80
C LYS G 43 27.28 -18.94 -34.95
N GLY G 44 26.19 -18.17 -35.02
CA GLY G 44 25.21 -18.36 -36.07
C GLY G 44 25.49 -17.49 -37.29
N LEU G 45 24.63 -17.66 -38.29
CA LEU G 45 24.74 -16.89 -39.52
C LEU G 45 24.24 -15.47 -39.32
N GLU G 46 24.92 -14.52 -39.97
CA GLU G 46 24.59 -13.10 -39.84
C GLU G 46 24.71 -12.44 -41.21
N TRP G 47 23.62 -11.83 -41.67
CA TRP G 47 23.64 -11.11 -42.93
C TRP G 47 24.44 -9.82 -42.79
N VAL G 48 25.16 -9.46 -43.85
CA VAL G 48 26.08 -8.32 -43.84
C VAL G 48 25.64 -7.23 -44.81
N SER G 49 25.44 -7.59 -46.07
CA SER G 49 25.18 -6.59 -47.10
C SER G 49 24.48 -7.22 -48.30
N SER G 50 23.92 -6.36 -49.14
CA SER G 50 23.15 -6.79 -50.29
C SER G 50 23.32 -5.77 -51.41
N ILE G 51 23.31 -6.26 -52.66
CA ILE G 51 23.34 -5.38 -53.82
C ILE G 51 22.54 -6.04 -54.94
N TRP G 52 21.90 -5.20 -55.76
CA TRP G 52 21.03 -5.72 -56.81
C TRP G 52 21.21 -4.93 -58.12
N TYR G 53 20.17 -4.87 -58.94
CA TYR G 53 20.20 -4.14 -60.19
C TYR G 53 20.37 -2.64 -59.95
N SER G 54 20.66 -1.92 -61.02
CA SER G 54 20.85 -0.48 -60.95
C SER G 54 19.49 0.22 -60.95
N GLY G 55 19.40 1.32 -60.22
CA GLY G 55 18.10 1.77 -59.72
C GLY G 55 17.61 1.03 -58.49
N SER G 56 18.52 0.52 -57.67
CA SER G 56 18.15 -0.11 -56.41
C SER G 56 19.16 0.29 -55.36
N ASN G 57 18.77 0.14 -54.10
CA ASN G 57 19.59 0.56 -52.97
C ASN G 57 20.50 -0.58 -52.51
N THR G 58 21.73 -0.24 -52.18
CA THR G 58 22.60 -1.17 -51.48
C THR G 58 22.32 -1.10 -49.99
N TYR G 59 22.42 -2.25 -49.32
CA TYR G 59 22.07 -2.34 -47.91
C TYR G 59 23.25 -2.87 -47.10
N TYR G 60 23.36 -2.37 -45.87
CA TYR G 60 24.39 -2.79 -44.94
C TYR G 60 23.80 -2.94 -43.54
N ALA G 61 24.40 -3.83 -42.75
CA ALA G 61 24.11 -3.86 -41.32
C ALA G 61 24.92 -2.78 -40.62
N ASP G 62 24.36 -2.25 -39.52
CA ASP G 62 25.06 -1.20 -38.78
C ASP G 62 26.40 -1.66 -38.22
N SER G 63 26.60 -2.96 -38.02
CA SER G 63 27.91 -3.43 -37.58
C SER G 63 28.98 -3.04 -38.58
N VAL G 64 28.60 -2.88 -39.85
CA VAL G 64 29.54 -2.64 -40.94
C VAL G 64 29.28 -1.33 -41.67
N LYS G 65 28.13 -0.70 -41.45
CA LYS G 65 27.79 0.55 -42.14
C LYS G 65 28.81 1.63 -41.83
N GLY G 66 29.42 2.20 -42.88
CA GLY G 66 30.41 3.24 -42.74
C GLY G 66 31.83 2.76 -42.88
N ARG G 67 32.05 1.45 -42.77
CA ARG G 67 33.37 0.84 -42.92
C ARG G 67 33.45 -0.12 -44.09
N PHE G 68 32.35 -0.78 -44.46
CA PHE G 68 32.35 -1.75 -45.54
C PHE G 68 31.75 -1.14 -46.80
N THR G 69 32.19 -1.65 -47.94
CA THR G 69 31.68 -1.22 -49.24
C THR G 69 31.39 -2.46 -50.08
N ILE G 70 30.11 -2.67 -50.41
CA ILE G 70 29.72 -3.71 -51.35
C ILE G 70 29.65 -3.11 -52.75
N SER G 71 30.10 -3.87 -53.74
CA SER G 71 30.06 -3.39 -55.11
C SER G 71 30.07 -4.57 -56.06
N ARG G 72 29.82 -4.28 -57.34
CA ARG G 72 29.78 -5.31 -58.37
C ARG G 72 30.20 -4.69 -59.70
N ASP G 73 30.86 -5.51 -60.52
CA ASP G 73 31.19 -5.15 -61.90
C ASP G 73 30.56 -6.24 -62.78
N ASN G 74 29.39 -5.95 -63.34
CA ASN G 74 28.68 -6.97 -64.10
C ASN G 74 29.43 -7.40 -65.34
N SER G 75 30.38 -6.59 -65.82
CA SER G 75 31.18 -6.98 -66.97
C SER G 75 32.19 -8.07 -66.64
N LYS G 76 32.55 -8.22 -65.36
CA LYS G 76 33.46 -9.27 -64.92
C LYS G 76 32.77 -10.34 -64.09
N ASN G 77 31.45 -10.28 -63.96
CA ASN G 77 30.66 -11.24 -63.18
C ASN G 77 31.24 -11.46 -61.78
N THR G 78 31.64 -10.38 -61.13
CA THR G 78 32.32 -10.46 -59.83
C THR G 78 31.63 -9.54 -58.82
N LEU G 79 31.50 -10.03 -57.59
CA LEU G 79 30.99 -9.27 -56.46
C LEU G 79 32.14 -8.91 -55.53
N TYR G 80 32.10 -7.70 -54.97
CA TYR G 80 33.17 -7.23 -54.10
C TYR G 80 32.65 -6.79 -52.74
N LEU G 81 33.51 -6.92 -51.73
CA LEU G 81 33.27 -6.36 -50.40
C LEU G 81 34.57 -5.76 -49.88
N GLN G 82 34.62 -4.44 -49.80
CA GLN G 82 35.77 -3.73 -49.23
C GLN G 82 35.55 -3.51 -47.74
N MET G 83 36.43 -4.07 -46.91
CA MET G 83 36.29 -3.97 -45.45
C MET G 83 37.46 -3.14 -44.91
N ASN G 84 37.12 -1.95 -44.41
CA ASN G 84 38.07 -0.99 -43.84
C ASN G 84 37.85 -0.85 -42.34
N SER G 85 38.89 -0.35 -41.66
CA SER G 85 38.84 -0.06 -40.22
C SER G 85 38.36 -1.28 -39.43
N LEU G 86 39.04 -2.41 -39.64
CA LEU G 86 38.60 -3.67 -39.07
C LEU G 86 38.84 -3.70 -37.56
N THR G 87 37.96 -4.41 -36.86
CA THR G 87 38.03 -4.55 -35.42
C THR G 87 37.89 -6.03 -35.07
N ALA G 88 38.38 -6.39 -33.88
CA ALA G 88 38.42 -7.79 -33.45
C ALA G 88 37.06 -8.47 -33.53
N GLU G 89 35.97 -7.72 -33.49
CA GLU G 89 34.64 -8.32 -33.58
C GLU G 89 34.21 -8.59 -35.01
N ASP G 90 34.95 -8.10 -36.01
CA ASP G 90 34.70 -8.45 -37.40
C ASP G 90 35.23 -9.83 -37.77
N THR G 91 35.96 -10.49 -36.86
CA THR G 91 36.50 -11.81 -37.13
C THR G 91 35.38 -12.81 -37.37
N ALA G 92 35.35 -13.40 -38.56
CA ALA G 92 34.28 -14.29 -38.97
C ALA G 92 34.64 -14.90 -40.31
N VAL G 93 33.90 -15.94 -40.69
CA VAL G 93 33.95 -16.49 -42.04
C VAL G 93 32.91 -15.78 -42.89
N TYR G 94 33.33 -15.20 -44.00
CA TYR G 94 32.45 -14.43 -44.86
C TYR G 94 32.07 -15.26 -46.09
N TYR G 95 30.77 -15.36 -46.34
CA TYR G 95 30.22 -16.12 -47.47
C TYR G 95 29.57 -15.17 -48.46
N CYS G 96 29.83 -15.37 -49.75
CA CYS G 96 29.00 -14.79 -50.80
C CYS G 96 27.85 -15.74 -51.15
N ALA G 97 26.72 -15.16 -51.53
CA ALA G 97 25.53 -15.95 -51.79
C ALA G 97 24.62 -15.21 -52.78
N ARG G 98 24.02 -15.96 -53.69
CA ARG G 98 23.02 -15.43 -54.60
C ARG G 98 21.66 -15.54 -53.93
N PHE G 99 20.89 -14.46 -53.94
CA PHE G 99 19.58 -14.41 -53.31
C PHE G 99 18.50 -14.57 -54.37
N ALA G 100 17.70 -15.62 -54.25
CA ALA G 100 16.65 -15.91 -55.20
C ALA G 100 15.25 -15.63 -54.65
N GLY G 101 15.15 -15.14 -53.43
CA GLY G 101 13.85 -14.82 -52.84
C GLY G 101 12.90 -16.00 -52.89
N GLY G 102 11.69 -15.75 -53.38
CA GLY G 102 10.67 -16.77 -53.52
C GLY G 102 11.05 -17.89 -54.49
N TRP G 103 12.25 -17.81 -55.06
CA TRP G 103 12.73 -18.82 -56.00
C TRP G 103 13.94 -19.58 -55.47
N GLY G 104 14.16 -19.57 -54.16
CA GLY G 104 15.23 -20.38 -53.60
C GLY G 104 16.02 -19.74 -52.47
N ALA G 105 15.64 -18.53 -52.05
CA ALA G 105 16.32 -17.79 -50.97
C ALA G 105 17.82 -17.76 -51.31
N TYR G 106 18.70 -18.11 -50.38
CA TYR G 106 20.13 -18.23 -50.67
C TYR G 106 20.37 -19.64 -51.17
N ASP G 107 20.20 -19.84 -52.47
CA ASP G 107 20.29 -21.16 -53.07
C ASP G 107 21.70 -21.51 -53.54
N VAL G 108 22.58 -20.52 -53.70
CA VAL G 108 23.97 -20.74 -54.09
C VAL G 108 24.87 -20.00 -53.13
N TRP G 109 25.85 -20.71 -52.57
CA TRP G 109 26.80 -20.15 -51.62
C TRP G 109 28.21 -20.36 -52.14
N GLY G 110 29.07 -19.36 -51.94
CA GLY G 110 30.49 -19.58 -52.04
C GLY G 110 30.98 -20.43 -50.89
N GLN G 111 32.22 -20.90 -51.01
CA GLN G 111 32.76 -21.79 -49.98
C GLN G 111 33.11 -21.07 -48.69
N GLY G 112 33.25 -19.75 -48.71
CA GLY G 112 33.57 -19.00 -47.51
C GLY G 112 35.05 -18.79 -47.27
N THR G 113 35.42 -17.62 -46.78
CA THR G 113 36.80 -17.31 -46.43
C THR G 113 36.86 -16.69 -45.04
N LEU G 114 37.87 -17.09 -44.26
CA LEU G 114 38.04 -16.61 -42.90
C LEU G 114 38.77 -15.27 -42.87
N VAL G 115 38.19 -14.30 -42.18
CA VAL G 115 38.87 -13.03 -41.89
C VAL G 115 39.08 -12.98 -40.38
N THR G 116 40.34 -12.95 -39.96
CA THR G 116 40.69 -12.87 -38.54
C THR G 116 41.52 -11.62 -38.30
N VAL G 117 41.09 -10.80 -37.35
CA VAL G 117 41.79 -9.57 -37.01
C VAL G 117 42.22 -9.67 -35.54
N SER G 118 43.50 -9.89 -35.32
CA SER G 118 44.10 -9.73 -33.99
C SER G 118 45.29 -8.79 -34.12
N ASP G 125 47.70 -13.93 -22.41
CA ASP G 125 47.30 -13.11 -21.27
C ASP G 125 46.81 -13.97 -20.10
N ILE G 126 46.26 -13.31 -19.07
CA ILE G 126 45.91 -13.96 -17.82
C ILE G 126 44.42 -13.77 -17.57
N VAL G 127 43.70 -14.89 -17.49
CA VAL G 127 42.24 -14.89 -17.34
C VAL G 127 41.87 -15.00 -15.85
N LEU G 128 40.96 -14.13 -15.41
CA LEU G 128 40.43 -14.14 -14.05
C LEU G 128 39.02 -14.71 -14.06
N THR G 129 38.77 -15.70 -13.22
CA THR G 129 37.47 -16.36 -13.09
C THR G 129 36.98 -16.23 -11.67
N GLN G 130 35.82 -15.58 -11.52
CA GLN G 130 35.19 -15.36 -10.22
C GLN G 130 34.10 -16.38 -9.95
N SER G 131 33.90 -16.71 -8.67
CA SER G 131 32.89 -17.66 -8.26
C SER G 131 32.36 -17.31 -6.84
N PRO G 132 31.05 -17.49 -6.61
CA PRO G 132 30.07 -17.91 -7.62
C PRO G 132 29.62 -16.77 -8.55
N ALA G 133 28.90 -17.10 -9.62
CA ALA G 133 28.36 -16.06 -10.49
C ALA G 133 27.32 -15.21 -9.78
N THR G 134 26.56 -15.79 -8.85
CA THR G 134 25.49 -15.10 -8.15
C THR G 134 25.44 -15.53 -6.69
N LEU G 135 25.14 -14.58 -5.80
CA LEU G 135 24.97 -14.85 -4.38
C LEU G 135 23.71 -14.15 -3.87
N SER G 136 22.78 -14.93 -3.33
CA SER G 136 21.56 -14.41 -2.70
C SER G 136 21.70 -14.54 -1.18
N LEU G 137 21.75 -13.40 -0.48
CA LEU G 137 21.92 -13.37 0.97
C LEU G 137 21.03 -12.27 1.56
N SER G 138 20.99 -12.24 2.88
CA SER G 138 20.23 -11.28 3.67
C SER G 138 21.18 -10.43 4.49
N PRO G 139 20.75 -9.25 4.95
CA PRO G 139 21.59 -8.43 5.83
C PRO G 139 22.05 -9.20 7.06
N GLY G 140 23.31 -9.01 7.43
CA GLY G 140 23.92 -9.69 8.54
C GLY G 140 24.71 -10.93 8.19
N GLU G 141 24.49 -11.49 7.00
CA GLU G 141 25.16 -12.72 6.60
C GLU G 141 26.51 -12.40 5.97
N ARG G 142 27.32 -13.46 5.81
CA ARG G 142 28.67 -13.32 5.28
C ARG G 142 28.68 -13.64 3.79
N ALA G 143 29.37 -12.81 3.02
CA ALA G 143 29.57 -13.05 1.59
C ALA G 143 31.05 -13.34 1.37
N THR G 144 31.34 -14.48 0.74
CA THR G 144 32.70 -14.92 0.43
C THR G 144 32.82 -15.05 -1.09
N LEU G 145 33.73 -14.27 -1.66
CA LEU G 145 33.90 -14.16 -3.11
C LEU G 145 35.25 -14.74 -3.50
N SER G 146 35.29 -15.41 -4.65
CA SER G 146 36.49 -16.09 -5.11
C SER G 146 36.98 -15.47 -6.42
N CYS G 147 38.30 -15.33 -6.53
CA CYS G 147 38.96 -14.93 -7.78
C CYS G 147 40.13 -15.87 -8.01
N ARG G 148 40.11 -16.57 -9.15
CA ARG G 148 41.13 -17.57 -9.48
C ARG G 148 41.79 -17.20 -10.80
N ALA G 149 43.10 -16.97 -10.77
CA ALA G 149 43.82 -16.56 -11.96
C ALA G 149 44.43 -17.75 -12.70
N SER G 150 44.49 -17.63 -14.03
CA SER G 150 45.06 -18.68 -14.86
C SER G 150 46.55 -18.83 -14.65
N GLN G 151 47.24 -17.78 -14.22
CA GLN G 151 48.65 -17.82 -13.86
C GLN G 151 48.84 -17.01 -12.58
N SER G 152 50.00 -17.22 -11.93
CA SER G 152 50.30 -16.52 -10.68
C SER G 152 50.36 -15.02 -10.89
N VAL G 153 49.76 -14.27 -9.96
CA VAL G 153 49.74 -12.82 -10.02
C VAL G 153 50.95 -12.31 -9.25
N SER G 154 51.97 -11.86 -9.98
CA SER G 154 53.20 -11.39 -9.37
C SER G 154 52.94 -10.18 -8.48
N SER G 155 53.65 -10.12 -7.35
CA SER G 155 53.55 -9.05 -6.36
C SER G 155 52.17 -8.96 -5.73
N ASN G 156 51.30 -9.95 -5.99
CA ASN G 156 49.93 -9.95 -5.49
C ASN G 156 49.19 -8.68 -5.87
N TYR G 157 49.48 -8.18 -7.08
CA TYR G 157 48.83 -6.98 -7.61
C TYR G 157 47.42 -7.34 -8.09
N LEU G 158 46.53 -7.54 -7.12
CA LEU G 158 45.13 -7.86 -7.40
C LEU G 158 44.24 -6.95 -6.58
N ALA G 159 43.23 -6.38 -7.21
CA ALA G 159 42.33 -5.43 -6.58
C ALA G 159 40.88 -5.91 -6.67
N TRP G 160 40.06 -5.39 -5.77
CA TRP G 160 38.62 -5.67 -5.74
C TRP G 160 37.87 -4.35 -5.84
N TYR G 161 36.86 -4.31 -6.70
CA TYR G 161 36.02 -3.13 -6.84
C TYR G 161 34.56 -3.47 -6.60
N GLN G 162 33.84 -2.50 -6.05
CA GLN G 162 32.39 -2.56 -5.89
C GLN G 162 31.73 -1.61 -6.89
N GLN G 163 30.70 -2.10 -7.55
CA GLN G 163 29.95 -1.31 -8.53
C GLN G 163 28.47 -1.44 -8.24
N LYS G 164 27.83 -0.32 -7.97
CA LYS G 164 26.39 -0.19 -7.80
C LYS G 164 25.77 0.20 -9.14
N PRO G 165 24.50 -0.14 -9.37
CA PRO G 165 23.91 0.08 -10.69
C PRO G 165 23.97 1.54 -11.13
N GLY G 166 24.42 1.76 -12.36
CA GLY G 166 24.48 3.09 -12.94
C GLY G 166 25.59 3.99 -12.46
N GLN G 167 26.50 3.48 -11.62
CA GLN G 167 27.55 4.28 -11.02
C GLN G 167 28.92 3.72 -11.40
N ALA G 168 29.93 4.56 -11.23
CA ALA G 168 31.28 4.12 -11.53
C ALA G 168 31.75 3.09 -10.50
N PRO G 169 32.69 2.22 -10.89
CA PRO G 169 33.27 1.28 -9.95
C PRO G 169 33.96 2.01 -8.81
N ARG G 170 34.07 1.32 -7.68
CA ARG G 170 34.55 1.87 -6.43
C ARG G 170 35.61 0.94 -5.88
N LEU G 171 36.78 1.49 -5.57
CA LEU G 171 37.88 0.70 -5.03
C LEU G 171 37.55 0.23 -3.61
N LEU G 172 37.65 -1.08 -3.39
CA LEU G 172 37.52 -1.65 -2.06
C LEU G 172 38.87 -2.08 -1.51
N ILE G 173 39.56 -2.98 -2.22
CA ILE G 173 40.82 -3.55 -1.78
C ILE G 173 41.76 -3.64 -2.98
N TYR G 174 43.03 -3.36 -2.74
CA TYR G 174 44.11 -3.54 -3.69
C TYR G 174 45.29 -4.20 -2.99
N ASP G 175 46.30 -4.58 -3.77
CA ASP G 175 47.43 -5.37 -3.27
C ASP G 175 46.93 -6.62 -2.54
N SER G 176 45.85 -7.20 -3.06
CA SER G 176 45.25 -8.44 -2.56
C SER G 176 44.59 -8.27 -1.19
N SER G 177 45.25 -7.57 -0.26
CA SER G 177 44.75 -7.47 1.11
C SER G 177 44.63 -6.04 1.63
N SER G 178 45.05 -5.03 0.88
CA SER G 178 45.08 -3.67 1.39
C SER G 178 43.71 -3.01 1.18
N ARG G 179 43.05 -2.68 2.28
CA ARG G 179 41.75 -2.03 2.25
C ARG G 179 41.91 -0.52 2.06
N ALA G 180 41.22 0.02 1.06
CA ALA G 180 41.36 1.42 0.69
C ALA G 180 40.84 2.35 1.78
N THR G 181 41.24 3.62 1.68
CA THR G 181 40.84 4.62 2.66
C THR G 181 39.34 4.85 2.61
N GLY G 182 38.70 4.82 3.78
CA GLY G 182 37.27 5.04 3.88
C GLY G 182 36.42 3.80 3.66
N VAL G 183 37.03 2.65 3.43
CA VAL G 183 36.30 1.40 3.22
C VAL G 183 36.05 0.76 4.57
N PRO G 184 34.82 0.36 4.89
CA PRO G 184 34.54 -0.23 6.20
C PRO G 184 35.33 -1.51 6.42
N ALA G 185 35.66 -1.78 7.69
CA ALA G 185 36.49 -2.91 8.06
C ALA G 185 35.84 -4.26 7.77
N ARG G 186 34.53 -4.29 7.51
CA ARG G 186 33.86 -5.55 7.19
C ARG G 186 34.29 -6.12 5.85
N PHE G 187 34.98 -5.34 5.03
CA PHE G 187 35.58 -5.84 3.80
C PHE G 187 37.01 -6.30 4.08
N SER G 188 37.36 -7.46 3.55
CA SER G 188 38.70 -8.02 3.75
C SER G 188 39.06 -8.93 2.59
N GLY G 189 40.31 -8.82 2.14
CA GLY G 189 40.82 -9.64 1.07
C GLY G 189 41.90 -10.59 1.54
N SER G 190 42.14 -11.66 0.79
CA SER G 190 43.13 -12.66 1.16
C SER G 190 43.59 -13.37 -0.10
N GLY G 191 44.57 -14.26 0.05
CA GLY G 191 45.05 -15.08 -1.03
C GLY G 191 46.34 -14.55 -1.62
N SER G 192 46.97 -15.41 -2.44
CA SER G 192 48.21 -15.09 -3.13
C SER G 192 48.33 -16.02 -4.32
N GLY G 193 49.23 -15.66 -5.25
CA GLY G 193 49.48 -16.50 -6.40
C GLY G 193 48.32 -16.54 -7.36
N THR G 194 47.45 -17.57 -7.23
CA THR G 194 46.33 -17.75 -8.16
C THR G 194 44.94 -17.83 -7.52
N ASP G 195 44.80 -17.78 -6.20
CA ASP G 195 43.51 -17.86 -5.52
C ASP G 195 43.37 -16.71 -4.54
N PHE G 196 42.42 -15.81 -4.81
CA PHE G 196 42.19 -14.65 -3.95
C PHE G 196 40.72 -14.63 -3.56
N THR G 197 40.46 -14.09 -2.38
CA THR G 197 39.11 -14.09 -1.82
C THR G 197 38.79 -12.75 -1.19
N LEU G 198 37.57 -12.28 -1.44
CA LEU G 198 37.00 -11.11 -0.77
C LEU G 198 35.85 -11.55 0.12
N THR G 199 35.89 -11.14 1.38
CA THR G 199 34.88 -11.48 2.36
C THR G 199 34.20 -10.21 2.85
N ILE G 200 32.87 -10.21 2.82
CA ILE G 200 32.07 -9.14 3.42
C ILE G 200 31.43 -9.75 4.66
N SER G 201 31.95 -9.39 5.83
CA SER G 201 31.67 -10.13 7.06
C SER G 201 30.19 -10.05 7.44
N SER G 202 29.64 -8.84 7.50
CA SER G 202 28.23 -8.65 7.85
C SER G 202 27.63 -7.68 6.85
N LEU G 203 26.80 -8.23 5.96
CA LEU G 203 26.21 -7.45 4.88
C LEU G 203 25.25 -6.37 5.39
N GLU G 204 25.32 -5.20 4.78
CA GLU G 204 24.31 -4.17 4.86
C GLU G 204 23.58 -4.10 3.53
N PRO G 205 22.37 -3.52 3.49
CA PRO G 205 21.63 -3.47 2.22
C PRO G 205 22.32 -2.64 1.14
N GLU G 206 23.23 -1.73 1.49
CA GLU G 206 23.94 -0.98 0.46
C GLU G 206 25.13 -1.73 -0.11
N ASP G 207 25.43 -2.92 0.43
CA ASP G 207 26.56 -3.71 -0.04
C ASP G 207 26.15 -4.66 -1.15
N PHE G 208 24.86 -4.69 -1.49
CA PHE G 208 24.36 -5.57 -2.55
C PHE G 208 24.67 -4.91 -3.89
N ALA G 209 25.61 -5.48 -4.63
CA ALA G 209 26.14 -4.89 -5.85
C ALA G 209 26.94 -5.96 -6.56
N VAL G 210 27.54 -5.58 -7.69
CA VAL G 210 28.44 -6.46 -8.44
C VAL G 210 29.87 -6.17 -8.02
N TYR G 211 30.66 -7.22 -7.84
CA TYR G 211 32.03 -7.12 -7.37
C TYR G 211 32.97 -7.72 -8.39
N TYR G 212 34.03 -6.99 -8.72
CA TYR G 212 35.02 -7.39 -9.71
C TYR G 212 36.39 -7.53 -9.07
N CYS G 213 37.13 -8.57 -9.46
CA CYS G 213 38.55 -8.63 -9.14
C CYS G 213 39.35 -8.19 -10.35
N HIS G 214 40.59 -7.77 -10.10
CA HIS G 214 41.37 -7.07 -11.11
C HIS G 214 42.85 -7.27 -10.83
N GLN G 215 43.57 -7.75 -11.83
CA GLN G 215 45.02 -7.94 -11.74
C GLN G 215 45.71 -6.87 -12.57
N TYR G 216 46.73 -6.25 -11.98
CA TYR G 216 47.49 -5.18 -12.62
C TYR G 216 48.99 -5.47 -12.53
N SER G 217 49.34 -6.74 -12.64
CA SER G 217 50.71 -7.21 -12.50
C SER G 217 51.46 -7.32 -13.82
N ASP G 218 50.89 -6.85 -14.92
CA ASP G 218 51.53 -7.06 -16.21
C ASP G 218 51.25 -5.88 -17.14
N ILE G 219 51.35 -6.13 -18.43
CA ILE G 219 51.14 -5.12 -19.47
C ILE G 219 49.67 -5.04 -19.88
N SER G 220 48.96 -6.16 -19.82
CA SER G 220 47.57 -6.26 -20.27
C SER G 220 46.66 -6.49 -19.07
N PRO G 221 46.22 -5.42 -18.39
CA PRO G 221 45.40 -5.61 -17.19
C PRO G 221 44.08 -6.25 -17.55
N THR G 222 43.62 -7.15 -16.68
CA THR G 222 42.39 -7.88 -16.91
C THR G 222 41.53 -7.86 -15.66
N PHE G 223 40.23 -8.01 -15.87
CA PHE G 223 39.24 -8.05 -14.81
C PHE G 223 38.54 -9.41 -14.84
N GLY G 224 38.06 -9.84 -13.69
CA GLY G 224 37.08 -10.90 -13.65
C GLY G 224 35.76 -10.40 -14.25
N GLN G 225 34.86 -11.34 -14.51
CA GLN G 225 33.60 -10.98 -15.14
C GLN G 225 32.54 -10.56 -14.14
N GLY G 226 32.85 -10.58 -12.85
CA GLY G 226 31.94 -10.01 -11.87
C GLY G 226 31.06 -11.04 -11.21
N THR G 227 30.77 -10.82 -9.93
CA THR G 227 29.80 -11.62 -9.18
C THR G 227 28.69 -10.69 -8.67
N LYS G 228 27.44 -11.05 -8.95
CA LYS G 228 26.31 -10.27 -8.50
C LYS G 228 25.91 -10.71 -7.11
N VAL G 229 25.89 -9.78 -6.17
CA VAL G 229 25.42 -10.07 -4.81
C VAL G 229 24.06 -9.42 -4.66
N GLU G 230 23.01 -10.24 -4.63
CA GLU G 230 21.64 -9.71 -4.56
C GLU G 230 20.93 -10.14 -3.28
N VAL H 2 40.15 15.40 -4.98
CA VAL H 2 40.72 14.50 -5.97
C VAL H 2 39.65 14.05 -6.95
N GLN H 3 39.43 14.85 -7.98
CA GLN H 3 38.36 14.67 -8.94
C GLN H 3 38.89 14.32 -10.31
N LEU H 4 38.03 13.65 -11.09
CA LEU H 4 38.21 13.48 -12.53
C LEU H 4 36.89 13.88 -13.17
N VAL H 5 36.90 14.96 -13.94
CA VAL H 5 35.68 15.48 -14.54
C VAL H 5 35.67 15.07 -16.01
N GLU H 6 34.80 14.12 -16.32
CA GLU H 6 34.64 13.58 -17.66
C GLU H 6 33.60 14.36 -18.46
N SER H 7 33.73 14.33 -19.78
CA SER H 7 32.71 14.90 -20.67
C SER H 7 32.81 14.22 -22.03
N GLY H 8 31.74 14.34 -22.81
CA GLY H 8 31.67 13.80 -24.15
C GLY H 8 30.77 12.58 -24.24
N GLY H 9 30.90 11.90 -25.38
CA GLY H 9 30.08 10.74 -25.66
C GLY H 9 28.86 11.08 -26.50
N GLY H 10 27.88 10.19 -26.43
CA GLY H 10 26.61 10.37 -27.10
C GLY H 10 26.35 9.31 -28.15
N LEU H 11 25.31 9.54 -28.95
CA LEU H 11 24.85 8.59 -29.94
C LEU H 11 25.32 9.02 -31.33
N VAL H 12 26.04 8.13 -32.03
CA VAL H 12 26.61 8.43 -33.33
C VAL H 12 26.44 7.22 -34.24
N GLN H 13 26.52 7.47 -35.55
CA GLN H 13 26.39 6.42 -36.53
C GLN H 13 27.68 5.62 -36.66
N PRO H 14 27.61 4.38 -37.11
CA PRO H 14 28.82 3.56 -37.24
C PRO H 14 29.80 4.16 -38.25
N GLY H 15 31.08 4.07 -37.92
CA GLY H 15 32.12 4.71 -38.70
C GLY H 15 32.36 6.16 -38.34
N GLY H 16 31.58 6.73 -37.43
CA GLY H 16 31.72 8.11 -37.05
C GLY H 16 32.85 8.33 -36.06
N SER H 17 32.92 9.56 -35.56
CA SER H 17 33.98 9.98 -34.67
C SER H 17 33.42 10.66 -33.43
N LEU H 18 34.15 10.53 -32.33
CA LEU H 18 33.83 11.15 -31.05
C LEU H 18 35.11 11.27 -30.23
N ARG H 19 35.17 12.30 -29.40
CA ARG H 19 36.32 12.54 -28.53
C ARG H 19 35.86 12.59 -27.08
N LEU H 20 36.59 11.90 -26.21
CA LEU H 20 36.34 11.91 -24.77
C LEU H 20 37.48 12.64 -24.07
N SER H 21 37.14 13.37 -23.01
CA SER H 21 38.11 14.12 -22.22
C SER H 21 37.86 13.89 -20.74
N CYS H 22 38.91 14.04 -19.94
CA CYS H 22 38.84 13.84 -18.50
C CYS H 22 39.77 14.85 -17.83
N ALA H 23 39.19 15.79 -17.08
CA ALA H 23 39.95 16.87 -16.45
C ALA H 23 40.20 16.53 -14.99
N ALA H 24 41.47 16.54 -14.59
CA ALA H 24 41.89 16.14 -13.26
C ALA H 24 42.14 17.34 -12.36
N SER H 25 41.95 17.13 -11.06
CA SER H 25 42.29 18.12 -10.04
C SER H 25 42.54 17.41 -8.72
N GLY H 26 43.36 18.02 -7.88
CA GLY H 26 43.63 17.50 -6.55
C GLY H 26 44.86 16.60 -6.45
N PHE H 27 45.56 16.35 -7.55
CA PHE H 27 46.77 15.55 -7.52
C PHE H 27 47.71 16.00 -8.63
N THR H 28 48.96 15.53 -8.55
CA THR H 28 49.99 15.91 -9.52
C THR H 28 49.76 15.13 -10.81
N PHE H 29 48.85 15.65 -11.63
CA PHE H 29 48.48 14.99 -12.87
C PHE H 29 49.69 14.78 -13.79
N ARG H 30 50.70 15.65 -13.69
CA ARG H 30 51.88 15.54 -14.54
C ARG H 30 52.56 14.19 -14.40
N ASN H 31 52.45 13.55 -13.24
CA ASN H 31 53.17 12.34 -12.92
C ASN H 31 52.30 11.09 -12.94
N SER H 32 50.98 11.24 -13.00
CA SER H 32 50.07 10.13 -12.79
C SER H 32 49.91 9.30 -14.05
N ALA H 33 49.85 7.98 -13.89
CA ALA H 33 49.44 7.09 -14.96
C ALA H 33 47.92 7.13 -15.11
N MET H 34 47.45 7.39 -16.32
CA MET H 34 46.02 7.54 -16.60
C MET H 34 45.58 6.47 -17.58
N HIS H 35 44.48 5.79 -17.27
CA HIS H 35 43.94 4.73 -18.09
C HIS H 35 42.51 5.06 -18.52
N TRP H 36 42.06 4.40 -19.59
CA TRP H 36 40.67 4.38 -19.98
C TRP H 36 40.13 2.95 -19.84
N VAL H 37 38.93 2.83 -19.26
CA VAL H 37 38.25 1.56 -19.08
C VAL H 37 36.82 1.70 -19.59
N ARG H 38 36.32 0.64 -20.24
CA ARG H 38 34.96 0.67 -20.77
C ARG H 38 34.18 -0.54 -20.28
N GLN H 39 32.86 -0.45 -20.40
CA GLN H 39 31.94 -1.47 -19.92
C GLN H 39 30.72 -1.49 -20.84
N ALA H 40 30.62 -2.53 -21.67
CA ALA H 40 29.45 -2.69 -22.54
C ALA H 40 28.21 -3.01 -21.71
N PRO H 41 27.02 -2.68 -22.22
CA PRO H 41 25.78 -2.95 -21.46
C PRO H 41 25.64 -4.41 -21.07
N GLY H 42 25.49 -4.65 -19.77
CA GLY H 42 25.34 -6.01 -19.30
C GLY H 42 26.60 -6.85 -19.43
N LYS H 43 27.77 -6.23 -19.48
CA LYS H 43 29.05 -6.91 -19.63
C LYS H 43 29.95 -6.50 -18.46
N GLY H 44 31.19 -6.99 -18.48
CA GLY H 44 32.14 -6.70 -17.41
C GLY H 44 33.03 -5.51 -17.73
N LEU H 45 33.91 -5.19 -16.76
CA LEU H 45 34.87 -4.12 -16.95
C LEU H 45 35.98 -4.58 -17.89
N GLU H 46 36.43 -3.68 -18.76
CA GLU H 46 37.44 -4.05 -19.75
C GLU H 46 38.39 -2.88 -19.97
N TRP H 47 39.69 -3.14 -19.82
CA TRP H 47 40.71 -2.13 -20.03
C TRP H 47 40.78 -1.75 -21.51
N VAL H 48 41.04 -0.46 -21.76
CA VAL H 48 41.05 0.10 -23.11
C VAL H 48 42.42 0.63 -23.49
N SER H 49 42.98 1.53 -22.67
CA SER H 49 44.21 2.20 -23.06
C SER H 49 44.92 2.73 -21.82
N SER H 50 46.20 3.07 -22.00
CA SER H 50 47.04 3.56 -20.92
C SER H 50 48.05 4.58 -21.47
N ILE H 51 48.40 5.54 -20.60
CA ILE H 51 49.39 6.54 -20.92
C ILE H 51 50.15 6.86 -19.62
N TRP H 52 51.41 7.23 -19.77
CA TRP H 52 52.34 7.35 -18.65
C TRP H 52 53.11 8.66 -18.77
N TYR H 53 54.28 8.72 -18.12
CA TYR H 53 55.21 9.80 -18.36
C TYR H 53 55.73 9.64 -19.78
N SER H 54 56.45 10.64 -20.28
CA SER H 54 56.89 10.54 -21.67
C SER H 54 58.40 10.51 -21.96
N GLY H 55 59.07 9.35 -21.88
CA GLY H 55 58.58 8.06 -21.44
C GLY H 55 57.38 7.31 -22.00
N SER H 56 56.78 7.82 -23.08
CA SER H 56 55.40 7.49 -23.42
C SER H 56 55.35 6.33 -24.41
N ASN H 57 55.44 5.12 -23.87
CA ASN H 57 55.01 3.92 -24.59
C ASN H 57 53.53 3.76 -24.27
N THR H 58 52.68 4.22 -25.19
CA THR H 58 51.24 4.14 -25.01
C THR H 58 50.76 2.73 -25.34
N TYR H 59 49.71 2.29 -24.64
CA TYR H 59 49.20 0.94 -24.78
C TYR H 59 47.73 0.99 -25.20
N TYR H 60 47.34 0.02 -26.03
CA TYR H 60 45.98 -0.14 -26.50
C TYR H 60 45.61 -1.60 -26.51
N ALA H 61 44.32 -1.87 -26.33
CA ALA H 61 43.77 -3.20 -26.58
C ALA H 61 43.56 -3.42 -28.06
N ASP H 62 43.62 -4.69 -28.49
CA ASP H 62 43.42 -5.01 -29.89
C ASP H 62 42.04 -4.57 -30.38
N SER H 63 41.06 -4.50 -29.48
CA SER H 63 39.74 -4.05 -29.88
C SER H 63 39.76 -2.62 -30.39
N VAL H 64 40.71 -1.80 -29.92
CA VAL H 64 40.74 -0.38 -30.24
C VAL H 64 42.01 0.06 -30.94
N LYS H 65 43.09 -0.74 -30.90
CA LYS H 65 44.35 -0.32 -31.50
C LYS H 65 44.19 -0.13 -33.01
N GLY H 66 44.56 1.06 -33.50
CA GLY H 66 44.44 1.44 -34.89
C GLY H 66 43.31 2.39 -35.18
N ARG H 67 42.34 2.50 -34.28
CA ARG H 67 41.22 3.41 -34.40
C ARG H 67 41.15 4.44 -33.27
N PHE H 68 41.62 4.10 -32.07
CA PHE H 68 41.56 5.00 -30.94
C PHE H 68 42.90 5.68 -30.72
N THR H 69 42.85 6.88 -30.14
CA THR H 69 44.05 7.65 -29.81
C THR H 69 43.91 8.19 -28.39
N ILE H 70 44.77 7.72 -27.49
CA ILE H 70 44.89 8.28 -26.15
C ILE H 70 45.97 9.35 -26.17
N SER H 71 45.74 10.44 -25.45
CA SER H 71 46.71 11.53 -25.35
C SER H 71 46.45 12.30 -24.07
N ARG H 72 47.41 13.19 -23.75
CA ARG H 72 47.30 14.00 -22.54
C ARG H 72 47.99 15.34 -22.79
N ASP H 73 47.45 16.38 -22.15
CA ASP H 73 48.06 17.71 -22.13
C ASP H 73 48.27 18.08 -20.67
N ASN H 74 49.48 17.89 -20.17
CA ASN H 74 49.76 18.13 -18.76
C ASN H 74 49.60 19.59 -18.37
N SER H 75 49.63 20.51 -19.35
CA SER H 75 49.45 21.93 -19.03
C SER H 75 48.00 22.26 -18.69
N LYS H 76 47.04 21.43 -19.11
CA LYS H 76 45.62 21.61 -18.80
C LYS H 76 45.08 20.53 -17.87
N ASN H 77 45.94 19.63 -17.38
CA ASN H 77 45.52 18.51 -16.54
C ASN H 77 44.37 17.74 -17.15
N THR H 78 44.48 17.45 -18.45
CA THR H 78 43.39 16.83 -19.20
C THR H 78 43.89 15.57 -19.89
N LEU H 79 43.07 14.52 -19.84
CA LEU H 79 43.31 13.28 -20.57
C LEU H 79 42.31 13.19 -21.73
N TYR H 80 42.76 12.68 -22.87
CA TYR H 80 41.92 12.59 -24.06
C TYR H 80 41.87 11.16 -24.58
N LEU H 81 40.75 10.82 -25.22
CA LEU H 81 40.61 9.56 -25.94
C LEU H 81 39.85 9.86 -27.23
N GLN H 82 40.54 9.76 -28.37
CA GLN H 82 39.93 10.00 -29.68
C GLN H 82 39.42 8.67 -30.25
N MET H 83 38.12 8.62 -30.60
CA MET H 83 37.47 7.41 -31.08
C MET H 83 37.08 7.59 -32.54
N ASN H 84 37.77 6.90 -33.45
CA ASN H 84 37.47 6.95 -34.87
C ASN H 84 36.94 5.61 -35.36
N SER H 85 36.25 5.66 -36.49
CA SER H 85 35.75 4.47 -37.19
C SER H 85 34.96 3.57 -36.24
N LEU H 86 33.97 4.15 -35.58
CA LEU H 86 33.25 3.45 -34.53
C LEU H 86 32.37 2.35 -35.10
N THR H 87 32.19 1.29 -34.30
CA THR H 87 31.39 0.14 -34.67
C THR H 87 30.46 -0.19 -33.53
N ALA H 88 29.38 -0.92 -33.85
CA ALA H 88 28.36 -1.26 -32.87
C ALA H 88 28.94 -1.95 -31.63
N GLU H 89 30.06 -2.65 -31.79
CA GLU H 89 30.68 -3.35 -30.67
C GLU H 89 31.50 -2.42 -29.77
N ASP H 90 31.67 -1.15 -30.15
CA ASP H 90 32.29 -0.18 -29.27
C ASP H 90 31.30 0.44 -28.29
N THR H 91 30.01 0.12 -28.41
CA THR H 91 29.00 0.66 -27.51
C THR H 91 29.28 0.21 -26.08
N ALA H 92 29.51 1.18 -25.20
CA ALA H 92 29.91 0.90 -23.82
C ALA H 92 29.96 2.22 -23.06
N VAL H 93 30.01 2.12 -21.74
CA VAL H 93 30.31 3.25 -20.87
C VAL H 93 31.82 3.31 -20.65
N TYR H 94 32.41 4.45 -20.97
CA TYR H 94 33.87 4.63 -20.88
C TYR H 94 34.21 5.42 -19.63
N TYR H 95 35.14 4.89 -18.84
CA TYR H 95 35.61 5.54 -17.62
C TYR H 95 37.06 5.97 -17.78
N CYS H 96 37.37 7.19 -17.35
CA CYS H 96 38.76 7.55 -17.10
C CYS H 96 39.12 7.18 -15.67
N ALA H 97 40.39 6.82 -15.47
CA ALA H 97 40.81 6.33 -14.16
C ALA H 97 42.30 6.57 -13.97
N ARG H 98 42.67 6.97 -12.76
CA ARG H 98 44.07 7.10 -12.37
C ARG H 98 44.58 5.76 -11.85
N PHE H 99 45.74 5.33 -12.36
CA PHE H 99 46.34 4.07 -11.98
C PHE H 99 47.46 4.34 -10.98
N ALA H 100 47.32 3.82 -9.77
CA ALA H 100 48.30 4.01 -8.71
C ALA H 100 49.13 2.76 -8.45
N GLY H 101 48.92 1.69 -9.22
CA GLY H 101 49.70 0.47 -9.04
C GLY H 101 49.65 -0.06 -7.63
N GLY H 102 50.83 -0.34 -7.07
CA GLY H 102 50.96 -0.86 -5.73
C GLY H 102 50.48 0.08 -4.63
N TRP H 103 50.05 1.29 -4.97
CA TRP H 103 49.56 2.23 -3.98
C TRP H 103 48.12 2.66 -4.25
N GLY H 104 47.34 1.80 -4.92
CA GLY H 104 45.91 2.01 -4.99
C GLY H 104 45.21 1.51 -6.23
N ALA H 105 45.94 0.90 -7.17
CA ALA H 105 45.37 0.38 -8.42
C ALA H 105 44.55 1.51 -9.06
N TYR H 106 43.31 1.26 -9.48
CA TYR H 106 42.42 2.32 -9.94
C TYR H 106 41.72 2.90 -8.73
N ASP H 107 42.36 3.88 -8.09
CA ASP H 107 41.83 4.46 -6.87
C ASP H 107 40.93 5.66 -7.10
N VAL H 108 40.99 6.26 -8.29
CA VAL H 108 40.13 7.38 -8.65
C VAL H 108 39.50 7.09 -10.01
N TRP H 109 38.18 7.22 -10.10
CA TRP H 109 37.44 6.95 -11.32
C TRP H 109 36.63 8.18 -11.72
N GLY H 110 36.58 8.43 -13.03
CA GLY H 110 35.59 9.33 -13.57
C GLY H 110 34.19 8.76 -13.46
N GLN H 111 33.20 9.61 -13.74
CA GLN H 111 31.81 9.20 -13.62
C GLN H 111 31.39 8.28 -14.75
N GLY H 112 32.08 8.32 -15.89
CA GLY H 112 31.73 7.46 -17.00
C GLY H 112 30.74 8.12 -17.94
N THR H 113 30.91 7.92 -19.25
CA THR H 113 29.98 8.44 -20.23
C THR H 113 29.63 7.34 -21.24
N LEU H 114 28.36 7.28 -21.61
CA LEU H 114 27.88 6.26 -22.53
C LEU H 114 28.15 6.68 -23.97
N VAL H 115 28.78 5.79 -24.73
CA VAL H 115 28.94 5.94 -26.16
C VAL H 115 28.14 4.82 -26.82
N THR H 116 27.14 5.20 -27.61
CA THR H 116 26.28 4.24 -28.30
C THR H 116 26.38 4.46 -29.81
N VAL H 117 26.70 3.39 -30.52
CA VAL H 117 26.83 3.36 -31.98
C VAL H 117 25.78 2.39 -32.49
N SER H 118 24.68 2.90 -33.02
CA SER H 118 23.54 2.02 -33.22
C SER H 118 22.54 2.66 -34.18
N SER H 119 21.30 2.21 -34.14
CA SER H 119 20.20 2.77 -34.92
C SER H 119 18.89 2.24 -34.35
N ASP H 125 13.34 -4.92 -35.79
CA ASP H 125 13.58 -6.03 -36.70
C ASP H 125 12.88 -7.30 -36.21
N ILE H 126 13.19 -8.43 -36.86
CA ILE H 126 12.47 -9.68 -36.66
C ILE H 126 13.44 -10.69 -36.07
N VAL H 127 13.15 -11.17 -34.86
CA VAL H 127 14.00 -12.11 -34.14
C VAL H 127 13.50 -13.53 -34.37
N LEU H 128 14.42 -14.42 -34.73
CA LEU H 128 14.13 -15.84 -34.94
C LEU H 128 14.67 -16.66 -33.78
N THR H 129 13.80 -17.49 -33.19
CA THR H 129 14.16 -18.34 -32.07
C THR H 129 13.94 -19.80 -32.45
N GLN H 130 15.00 -20.58 -32.44
CA GLN H 130 14.97 -22.00 -32.77
C GLN H 130 14.93 -22.86 -31.51
N SER H 131 14.28 -24.02 -31.64
CA SER H 131 14.16 -24.94 -30.51
C SER H 131 14.13 -26.39 -30.97
N PRO H 132 14.78 -27.29 -30.21
CA PRO H 132 15.62 -27.01 -29.05
C PRO H 132 17.02 -26.56 -29.44
N ALA H 133 17.81 -26.09 -28.47
CA ALA H 133 19.20 -25.74 -28.77
C ALA H 133 20.01 -26.96 -29.18
N THR H 134 19.69 -28.13 -28.62
CA THR H 134 20.43 -29.36 -28.92
C THR H 134 19.48 -30.54 -28.98
N LEU H 135 19.77 -31.46 -29.89
CA LEU H 135 19.05 -32.73 -30.02
C LEU H 135 20.06 -33.85 -30.16
N SER H 136 20.03 -34.81 -29.24
CA SER H 136 20.89 -35.99 -29.30
C SER H 136 20.04 -37.16 -29.78
N LEU H 137 20.34 -37.68 -30.97
CA LEU H 137 19.54 -38.72 -31.59
C LEU H 137 20.45 -39.75 -32.24
N SER H 138 19.82 -40.84 -32.70
CA SER H 138 20.49 -41.95 -33.35
C SER H 138 20.00 -42.09 -34.79
N PRO H 139 20.77 -42.76 -35.65
CA PRO H 139 20.29 -43.01 -37.02
C PRO H 139 18.97 -43.76 -37.02
N GLY H 140 18.06 -43.33 -37.90
CA GLY H 140 16.74 -43.90 -38.00
C GLY H 140 15.67 -43.16 -37.23
N GLU H 141 16.06 -42.32 -36.28
CA GLU H 141 15.14 -41.60 -35.42
C GLU H 141 14.67 -40.30 -36.08
N ARG H 142 13.68 -39.68 -35.45
CA ARG H 142 13.06 -38.47 -35.95
C ARG H 142 13.67 -37.23 -35.31
N ALA H 143 13.98 -36.23 -36.13
CA ALA H 143 14.42 -34.92 -35.68
C ALA H 143 13.33 -33.91 -36.03
N THR H 144 12.83 -33.20 -35.03
CA THR H 144 11.80 -32.20 -35.23
C THR H 144 12.33 -30.85 -34.79
N LEU H 145 12.41 -29.90 -35.72
CA LEU H 145 12.96 -28.59 -35.44
C LEU H 145 11.89 -27.52 -35.56
N SER H 146 11.94 -26.55 -34.65
CA SER H 146 11.00 -25.45 -34.58
C SER H 146 11.72 -24.14 -34.79
N CYS H 147 11.08 -23.22 -35.51
CA CYS H 147 11.55 -21.85 -35.67
C CYS H 147 10.39 -20.92 -35.37
N ARG H 148 10.53 -20.13 -34.31
CA ARG H 148 9.48 -19.25 -33.81
C ARG H 148 9.92 -17.81 -34.05
N ALA H 149 9.12 -17.08 -34.82
CA ALA H 149 9.43 -15.71 -35.20
C ALA H 149 8.71 -14.73 -34.28
N SER H 150 9.35 -13.59 -34.03
CA SER H 150 8.76 -12.56 -33.19
C SER H 150 7.57 -11.90 -33.88
N GLN H 151 7.53 -11.95 -35.21
CA GLN H 151 6.41 -11.40 -35.98
C GLN H 151 6.13 -12.31 -37.17
N SER H 152 4.94 -12.15 -37.73
CA SER H 152 4.53 -12.96 -38.86
C SER H 152 5.45 -12.76 -40.05
N VAL H 153 5.83 -13.87 -40.68
CA VAL H 153 6.72 -13.85 -41.83
C VAL H 153 5.83 -13.80 -43.08
N SER H 154 5.76 -12.62 -43.69
CA SER H 154 4.92 -12.43 -44.86
C SER H 154 5.39 -13.32 -46.00
N SER H 155 4.44 -13.82 -46.78
CA SER H 155 4.67 -14.69 -47.93
C SER H 155 5.30 -16.02 -47.56
N ASN H 156 5.36 -16.36 -46.26
CA ASN H 156 6.01 -17.57 -45.78
C ASN H 156 7.44 -17.65 -46.30
N TYR H 157 8.09 -16.49 -46.39
CA TYR H 157 9.46 -16.41 -46.87
C TYR H 157 10.42 -16.81 -45.74
N LEU H 158 10.44 -18.11 -45.47
CA LEU H 158 11.31 -18.69 -44.46
C LEU H 158 12.04 -19.89 -45.06
N ALA H 159 13.36 -19.94 -44.85
CA ALA H 159 14.19 -20.99 -45.40
C ALA H 159 14.94 -21.72 -44.30
N TRP H 160 15.35 -22.94 -44.61
CA TRP H 160 16.13 -23.78 -43.71
C TRP H 160 17.43 -24.17 -44.40
N TYR H 161 18.54 -24.05 -43.69
CA TYR H 161 19.84 -24.45 -44.20
C TYR H 161 20.48 -25.46 -43.24
N GLN H 162 21.22 -26.41 -43.79
CA GLN H 162 22.05 -27.31 -43.01
C GLN H 162 23.52 -26.99 -43.26
N GLN H 163 24.30 -26.95 -42.19
CA GLN H 163 25.72 -26.66 -42.26
C GLN H 163 26.49 -27.72 -41.50
N LYS H 164 27.40 -28.40 -42.20
CA LYS H 164 28.31 -29.32 -41.53
C LYS H 164 29.60 -28.58 -41.19
N PRO H 165 30.36 -29.07 -40.20
CA PRO H 165 31.51 -28.30 -39.71
C PRO H 165 32.53 -27.98 -40.80
N GLY H 166 32.95 -26.71 -40.83
CA GLY H 166 33.95 -26.22 -41.73
C GLY H 166 33.50 -25.96 -43.16
N GLN H 167 32.22 -26.14 -43.48
CA GLN H 167 31.72 -25.98 -44.83
C GLN H 167 30.62 -24.94 -44.87
N ALA H 168 30.34 -24.46 -46.08
CA ALA H 168 29.31 -23.45 -46.29
C ALA H 168 27.92 -24.04 -46.07
N PRO H 169 26.94 -23.21 -45.68
CA PRO H 169 25.56 -23.69 -45.55
C PRO H 169 25.01 -24.19 -46.88
N ARG H 170 24.03 -25.08 -46.79
CA ARG H 170 23.35 -25.64 -47.96
C ARG H 170 21.85 -25.51 -47.77
N LEU H 171 21.16 -25.05 -48.82
CA LEU H 171 19.73 -24.87 -48.77
C LEU H 171 19.02 -26.23 -48.71
N LEU H 172 18.15 -26.40 -47.72
CA LEU H 172 17.28 -27.57 -47.63
C LEU H 172 15.87 -27.24 -48.08
N ILE H 173 15.26 -26.23 -47.45
CA ILE H 173 13.90 -25.83 -47.74
C ILE H 173 13.85 -24.30 -47.78
N TYR H 174 13.07 -23.77 -48.71
CA TYR H 174 12.75 -22.36 -48.82
C TYR H 174 11.25 -22.23 -49.04
N ASP H 175 10.75 -20.99 -48.92
CA ASP H 175 9.32 -20.73 -48.98
C ASP H 175 8.53 -21.63 -48.03
N SER H 176 9.11 -21.93 -46.88
CA SER H 176 8.49 -22.72 -45.82
C SER H 176 8.33 -24.19 -46.19
N SER H 177 7.91 -24.48 -47.43
CA SER H 177 7.54 -25.84 -47.83
C SER H 177 8.27 -26.38 -49.06
N SER H 178 9.10 -25.59 -49.74
CA SER H 178 9.72 -26.03 -50.98
C SER H 178 11.04 -26.74 -50.69
N ARG H 179 11.12 -28.01 -51.09
CA ARG H 179 12.36 -28.76 -50.94
C ARG H 179 13.30 -28.41 -52.08
N ALA H 180 14.52 -28.01 -51.73
CA ALA H 180 15.48 -27.57 -52.72
C ALA H 180 15.88 -28.71 -53.65
N THR H 181 16.47 -28.35 -54.79
CA THR H 181 16.89 -29.34 -55.76
C THR H 181 17.99 -30.22 -55.17
N GLY H 182 17.81 -31.54 -55.27
CA GLY H 182 18.77 -32.48 -54.75
C GLY H 182 18.61 -32.83 -53.28
N VAL H 183 17.59 -32.30 -52.62
CA VAL H 183 17.38 -32.56 -51.20
C VAL H 183 16.54 -33.83 -51.03
N PRO H 184 16.99 -34.78 -50.21
CA PRO H 184 16.22 -36.01 -50.03
C PRO H 184 14.86 -35.75 -49.40
N ALA H 185 13.90 -36.61 -49.74
CA ALA H 185 12.51 -36.43 -49.30
C ALA H 185 12.34 -36.54 -47.79
N ARG H 186 13.33 -37.07 -47.06
CA ARG H 186 13.21 -37.18 -45.61
C ARG H 186 13.23 -35.83 -44.91
N PHE H 187 13.61 -34.75 -45.61
CA PHE H 187 13.52 -33.40 -45.08
C PHE H 187 12.16 -32.80 -45.45
N SER H 188 11.54 -32.13 -44.48
CA SER H 188 10.23 -31.54 -44.72
C SER H 188 10.02 -30.32 -43.84
N GLY H 189 9.47 -29.26 -44.44
CA GLY H 189 9.12 -28.06 -43.72
C GLY H 189 7.63 -27.78 -43.71
N SER H 190 7.17 -27.02 -42.71
CA SER H 190 5.76 -26.69 -42.58
C SER H 190 5.64 -25.44 -41.70
N GLY H 191 4.41 -24.98 -41.52
CA GLY H 191 4.10 -23.86 -40.67
C GLY H 191 3.81 -22.59 -41.45
N SER H 192 3.34 -21.59 -40.70
CA SER H 192 3.01 -20.30 -41.29
C SER H 192 3.02 -19.25 -40.19
N GLY H 193 3.06 -17.99 -40.61
CA GLY H 193 2.99 -16.87 -39.70
C GLY H 193 4.23 -16.72 -38.83
N THR H 194 4.19 -17.27 -37.63
CA THR H 194 5.31 -17.14 -36.70
C THR H 194 5.89 -18.47 -36.24
N ASP H 195 5.33 -19.60 -36.64
CA ASP H 195 5.75 -20.89 -36.11
C ASP H 195 6.04 -21.82 -37.28
N PHE H 196 7.30 -22.21 -37.46
CA PHE H 196 7.69 -23.07 -38.57
C PHE H 196 8.47 -24.26 -38.04
N THR H 197 8.38 -25.37 -38.77
CA THR H 197 8.99 -26.62 -38.33
C THR H 197 9.71 -27.32 -39.47
N LEU H 198 10.92 -27.81 -39.16
CA LEU H 198 11.67 -28.70 -40.03
C LEU H 198 11.75 -30.09 -39.42
N THR H 199 11.38 -31.10 -40.19
CA THR H 199 11.37 -32.48 -39.74
C THR H 199 12.31 -33.32 -40.60
N ILE H 200 13.20 -34.06 -39.94
CA ILE H 200 14.05 -35.06 -40.57
C ILE H 200 13.53 -36.41 -40.10
N SER H 201 12.83 -37.13 -41.00
CA SER H 201 11.99 -38.25 -40.58
C SER H 201 12.82 -39.38 -39.98
N SER H 202 13.84 -39.84 -40.69
CA SER H 202 14.72 -40.91 -40.22
C SER H 202 16.15 -40.48 -40.46
N LEU H 203 16.86 -40.16 -39.37
CA LEU H 203 18.21 -39.60 -39.45
C LEU H 203 19.19 -40.57 -40.10
N GLU H 204 20.06 -40.02 -40.92
CA GLU H 204 21.24 -40.68 -41.45
C GLU H 204 22.48 -40.16 -40.73
N PRO H 205 23.60 -40.89 -40.76
CA PRO H 205 24.79 -40.40 -40.05
C PRO H 205 25.36 -39.11 -40.61
N GLU H 206 25.08 -38.79 -41.88
CA GLU H 206 25.53 -37.54 -42.50
C GLU H 206 24.59 -36.37 -42.23
N ASP H 207 23.47 -36.60 -41.55
CA ASP H 207 22.49 -35.56 -41.28
C ASP H 207 22.78 -34.85 -39.97
N PHE H 208 23.79 -35.30 -39.23
CA PHE H 208 24.15 -34.68 -37.94
C PHE H 208 24.95 -33.42 -38.24
N ALA H 209 24.35 -32.27 -38.00
CA ALA H 209 24.92 -30.98 -38.36
C ALA H 209 24.11 -29.89 -37.65
N VAL H 210 24.48 -28.64 -37.91
CA VAL H 210 23.75 -27.49 -37.38
C VAL H 210 22.76 -27.01 -38.42
N TYR H 211 21.55 -26.68 -37.97
CA TYR H 211 20.46 -26.27 -38.85
C TYR H 211 19.98 -24.88 -38.48
N TYR H 212 19.86 -24.02 -39.48
CA TYR H 212 19.46 -22.63 -39.30
C TYR H 212 18.15 -22.37 -40.04
N CYS H 213 17.26 -21.61 -39.42
CA CYS H 213 16.13 -21.05 -40.14
C CYS H 213 16.43 -19.62 -40.53
N HIS H 214 15.69 -19.13 -41.51
CA HIS H 214 16.05 -17.90 -42.21
C HIS H 214 14.79 -17.25 -42.76
N GLN H 215 14.54 -16.00 -42.39
CA GLN H 215 13.43 -15.23 -42.92
C GLN H 215 13.97 -14.16 -43.86
N TYR H 216 13.37 -14.07 -45.04
CA TYR H 216 13.77 -13.12 -46.07
C TYR H 216 12.56 -12.35 -46.57
N SER H 217 11.64 -12.04 -45.66
CA SER H 217 10.39 -11.37 -46.01
C SER H 217 10.48 -9.85 -45.92
N ASP H 218 11.66 -9.30 -45.65
CA ASP H 218 11.81 -7.85 -45.51
C ASP H 218 13.22 -7.47 -45.95
N ILE H 219 13.59 -6.21 -45.66
CA ILE H 219 14.90 -5.69 -46.04
C ILE H 219 15.99 -6.00 -45.03
N SER H 220 15.63 -6.45 -43.83
CA SER H 220 16.59 -6.81 -42.81
C SER H 220 16.54 -8.32 -42.58
N PRO H 221 17.25 -9.11 -43.39
CA PRO H 221 17.20 -10.56 -43.22
C PRO H 221 17.84 -10.99 -41.92
N THR H 222 17.22 -11.98 -41.27
CA THR H 222 17.71 -12.51 -40.01
C THR H 222 17.71 -14.03 -40.04
N PHE H 223 18.58 -14.62 -39.23
CA PHE H 223 18.68 -16.05 -39.07
C PHE H 223 18.37 -16.43 -37.63
N GLY H 224 17.89 -17.65 -37.45
CA GLY H 224 17.86 -18.24 -36.13
C GLY H 224 19.26 -18.50 -35.64
N GLN H 225 19.36 -18.82 -34.35
CA GLN H 225 20.65 -19.02 -33.72
C GLN H 225 21.16 -20.45 -33.88
N GLY H 226 20.39 -21.31 -34.54
CA GLY H 226 20.89 -22.62 -34.90
C GLY H 226 20.52 -23.68 -33.91
N THR H 227 20.26 -24.89 -34.41
CA THR H 227 20.08 -26.07 -33.58
C THR H 227 21.14 -27.09 -33.94
N LYS H 228 21.90 -27.53 -32.95
CA LYS H 228 22.92 -28.55 -33.17
C LYS H 228 22.28 -29.92 -32.97
N VAL H 229 22.36 -30.75 -34.01
CA VAL H 229 21.88 -32.12 -33.95
C VAL H 229 23.09 -33.03 -33.91
N GLU H 230 23.32 -33.65 -32.75
CA GLU H 230 24.51 -34.48 -32.55
C GLU H 230 24.12 -35.92 -32.23
N VAL I 2 -5.69 28.80 -21.03
CA VAL I 2 -6.17 29.82 -20.10
C VAL I 2 -5.29 29.86 -18.86
N GLN I 3 -4.35 30.80 -18.85
CA GLN I 3 -3.29 30.81 -17.87
C GLN I 3 -2.92 32.24 -17.51
N LEU I 4 -2.35 32.38 -16.31
CA LEU I 4 -1.76 33.63 -15.83
C LEU I 4 -0.37 33.31 -15.30
N VAL I 5 0.65 33.85 -15.94
CA VAL I 5 2.04 33.59 -15.56
C VAL I 5 2.53 34.80 -14.77
N GLU I 6 2.68 34.61 -13.47
CA GLU I 6 3.10 35.67 -12.57
C GLU I 6 4.63 35.69 -12.44
N SER I 7 5.16 36.87 -12.11
CA SER I 7 6.59 37.01 -11.83
C SER I 7 6.81 38.20 -10.91
N GLY I 8 7.97 38.22 -10.28
CA GLY I 8 8.37 39.28 -9.38
C GLY I 8 8.33 38.83 -7.92
N GLY I 9 8.41 39.83 -7.04
CA GLY I 9 8.41 39.60 -5.61
C GLY I 9 9.80 39.57 -5.01
N GLY I 10 9.88 38.98 -3.83
CA GLY I 10 11.14 38.79 -3.12
C GLY I 10 11.16 39.54 -1.81
N LEU I 11 12.38 39.63 -1.25
CA LEU I 11 12.61 40.26 0.04
C LEU I 11 13.13 41.68 -0.18
N VAL I 12 12.46 42.65 0.42
CA VAL I 12 12.76 44.06 0.20
C VAL I 12 12.71 44.80 1.54
N GLN I 13 13.50 45.88 1.63
CA GLN I 13 13.56 46.71 2.82
C GLN I 13 12.31 47.58 2.95
N PRO I 14 11.94 47.97 4.17
CA PRO I 14 10.80 48.88 4.33
C PRO I 14 11.03 50.21 3.64
N GLY I 15 9.98 50.73 3.03
CA GLY I 15 10.08 51.93 2.21
C GLY I 15 10.55 51.70 0.80
N GLY I 16 10.91 50.47 0.44
CA GLY I 16 11.38 50.16 -0.89
C GLY I 16 10.26 50.01 -1.88
N SER I 17 10.65 49.59 -3.10
CA SER I 17 9.72 49.46 -4.21
C SER I 17 9.86 48.09 -4.85
N LEU I 18 8.76 47.62 -5.44
CA LEU I 18 8.72 46.33 -6.11
C LEU I 18 7.61 46.36 -7.16
N ARG I 19 7.85 45.69 -8.28
CA ARG I 19 6.85 45.62 -9.34
C ARG I 19 6.52 44.16 -9.64
N LEU I 20 5.23 43.83 -9.60
CA LEU I 20 4.74 42.52 -9.95
C LEU I 20 4.10 42.57 -11.34
N SER I 21 4.25 41.47 -12.08
CA SER I 21 3.67 41.35 -13.40
C SER I 21 2.96 40.01 -13.52
N CYS I 22 1.97 39.97 -14.41
CA CYS I 22 1.17 38.76 -14.62
C CYS I 22 0.82 38.70 -16.09
N ALA I 23 1.34 37.69 -16.79
CA ALA I 23 1.18 37.55 -18.23
C ALA I 23 0.08 36.55 -18.53
N ALA I 24 -0.93 36.98 -19.29
CA ALA I 24 -2.11 36.19 -19.58
C ALA I 24 -2.02 35.54 -20.95
N SER I 25 -2.69 34.39 -21.08
CA SER I 25 -2.85 33.73 -22.36
C SER I 25 -4.11 32.87 -22.32
N GLY I 26 -4.71 32.65 -23.48
CA GLY I 26 -5.87 31.79 -23.60
C GLY I 26 -7.21 32.49 -23.51
N PHE I 27 -7.24 33.81 -23.31
CA PHE I 27 -8.49 34.55 -23.28
C PHE I 27 -8.25 35.97 -23.76
N THR I 28 -9.34 36.68 -24.01
CA THR I 28 -9.29 38.05 -24.51
C THR I 28 -8.95 38.97 -23.34
N PHE I 29 -7.64 39.04 -23.04
CA PHE I 29 -7.16 39.81 -21.90
C PHE I 29 -7.60 41.27 -21.96
N ARG I 30 -7.61 41.86 -23.16
CA ARG I 30 -7.89 43.29 -23.29
C ARG I 30 -9.25 43.68 -22.76
N ASN I 31 -10.16 42.71 -22.61
CA ASN I 31 -11.52 42.98 -22.15
C ASN I 31 -11.76 42.56 -20.70
N SER I 32 -10.84 41.79 -20.12
CA SER I 32 -11.08 41.14 -18.84
C SER I 32 -10.81 42.08 -17.67
N ALA I 33 -11.64 41.97 -16.63
CA ALA I 33 -11.34 42.61 -15.36
C ALA I 33 -10.29 41.78 -14.62
N MET I 34 -9.21 42.43 -14.22
CA MET I 34 -8.08 41.77 -13.56
C MET I 34 -7.92 42.35 -12.17
N HIS I 35 -7.77 41.47 -11.19
CA HIS I 35 -7.62 41.88 -9.80
C HIS I 35 -6.31 41.38 -9.22
N TRP I 36 -5.88 42.03 -8.14
CA TRP I 36 -4.82 41.51 -7.29
C TRP I 36 -5.40 41.16 -5.93
N VAL I 37 -5.02 39.99 -5.42
CA VAL I 37 -5.44 39.51 -4.11
C VAL I 37 -4.19 39.07 -3.37
N ARG I 38 -4.14 39.35 -2.07
CA ARG I 38 -2.98 38.99 -1.28
C ARG I 38 -3.41 38.19 -0.05
N GLN I 39 -2.43 37.53 0.56
CA GLN I 39 -2.68 36.63 1.69
C GLN I 39 -1.48 36.73 2.62
N ALA I 40 -1.67 37.37 3.77
CA ALA I 40 -0.61 37.45 4.76
C ALA I 40 -0.29 36.05 5.31
N PRO I 41 0.93 35.84 5.78
CA PRO I 41 1.30 34.49 6.28
C PRO I 41 0.38 34.03 7.39
N GLY I 42 -0.23 32.86 7.18
CA GLY I 42 -1.16 32.31 8.14
C GLY I 42 -2.46 33.06 8.27
N LYS I 43 -2.85 33.82 7.26
CA LYS I 43 -4.09 34.60 7.29
C LYS I 43 -4.95 34.26 6.07
N GLY I 44 -6.08 34.96 5.93
CA GLY I 44 -7.00 34.73 4.86
C GLY I 44 -6.73 35.61 3.64
N LEU I 45 -7.56 35.42 2.62
CA LEU I 45 -7.45 36.18 1.39
C LEU I 45 -7.98 37.59 1.57
N GLU I 46 -7.32 38.55 0.90
CA GLU I 46 -7.66 39.97 1.01
C GLU I 46 -7.51 40.61 -0.35
N TRP I 47 -8.58 41.25 -0.84
CA TRP I 47 -8.55 41.93 -2.12
C TRP I 47 -7.67 43.17 -2.07
N VAL I 48 -6.97 43.45 -3.16
CA VAL I 48 -6.00 44.55 -3.19
C VAL I 48 -6.41 45.63 -4.19
N SER I 49 -6.61 45.25 -5.45
CA SER I 49 -6.84 46.25 -6.48
C SER I 49 -7.52 45.60 -7.68
N SER I 50 -8.08 46.45 -8.53
CA SER I 50 -8.80 45.99 -9.72
C SER I 50 -8.62 47.01 -10.84
N ILE I 51 -8.62 46.51 -12.08
CA ILE I 51 -8.57 47.35 -13.27
C ILE I 51 -9.40 46.67 -14.35
N TRP I 52 -10.05 47.50 -15.20
CA TRP I 52 -10.97 46.97 -16.20
C TRP I 52 -10.82 47.72 -17.53
N TYR I 53 -11.89 47.76 -18.32
CA TYR I 53 -11.88 48.45 -19.60
C TYR I 53 -11.63 49.95 -19.44
N SER I 54 -11.35 50.59 -20.57
CA SER I 54 -11.08 52.02 -20.62
C SER I 54 -12.39 52.78 -20.68
N GLY I 55 -12.67 53.58 -19.65
CA GLY I 55 -14.02 54.00 -19.34
C GLY I 55 -14.50 53.59 -17.97
N SER I 56 -13.76 52.74 -17.27
CA SER I 56 -14.11 52.26 -15.95
C SER I 56 -13.13 52.80 -14.93
N ASN I 57 -13.52 52.71 -13.66
CA ASN I 57 -12.65 53.13 -12.57
C ASN I 57 -11.72 52.01 -12.16
N THR I 58 -10.48 52.38 -11.81
CA THR I 58 -9.60 51.46 -11.11
C THR I 58 -9.82 51.63 -9.62
N TYR I 59 -9.74 50.53 -8.89
CA TYR I 59 -10.07 50.53 -7.46
C TYR I 59 -8.91 49.98 -6.65
N TYR I 60 -8.78 50.49 -5.43
CA TYR I 60 -7.75 50.05 -4.51
C TYR I 60 -8.38 49.87 -3.13
N ALA I 61 -7.80 48.96 -2.36
CA ALA I 61 -8.16 48.83 -0.95
C ALA I 61 -7.48 49.92 -0.16
N ASP I 62 -8.10 50.30 0.97
CA ASP I 62 -7.55 51.34 1.82
C ASP I 62 -6.16 51.00 2.30
N SER I 63 -5.83 49.70 2.38
CA SER I 63 -4.50 49.29 2.80
C SER I 63 -3.42 49.76 1.84
N VAL I 64 -3.74 49.90 0.55
CA VAL I 64 -2.72 50.18 -0.46
C VAL I 64 -2.98 51.44 -1.27
N LYS I 65 -4.16 52.04 -1.19
CA LYS I 65 -4.47 53.20 -2.02
C LYS I 65 -3.51 54.36 -1.72
N GLY I 66 -2.86 54.86 -2.77
CA GLY I 66 -1.92 55.95 -2.64
C GLY I 66 -0.47 55.52 -2.70
N ARG I 67 -0.20 54.22 -2.52
CA ARG I 67 1.13 53.65 -2.61
C ARG I 67 1.29 52.65 -3.73
N PHE I 68 0.23 51.93 -4.07
CA PHE I 68 0.27 50.92 -5.12
C PHE I 68 -0.42 51.47 -6.36
N THR I 69 0.03 51.00 -7.53
CA THR I 69 -0.55 51.39 -8.81
C THR I 69 -0.77 50.15 -9.65
N ILE I 70 -2.02 49.86 -9.96
CA ILE I 70 -2.35 48.79 -10.89
C ILE I 70 -2.40 49.37 -12.30
N SER I 71 -1.90 48.60 -13.26
CA SER I 71 -1.89 49.04 -14.65
C SER I 71 -1.86 47.81 -15.54
N ARG I 72 -2.05 48.04 -16.84
CA ARG I 72 -2.08 46.96 -17.80
C ARG I 72 -1.55 47.44 -19.14
N ASP I 73 -0.92 46.53 -19.86
CA ASP I 73 -0.49 46.77 -21.25
C ASP I 73 -1.18 45.71 -22.09
N ASN I 74 -2.31 46.07 -22.70
CA ASN I 74 -3.10 45.11 -23.46
C ASN I 74 -2.39 44.61 -24.71
N SER I 75 -1.39 45.35 -25.20
CA SER I 75 -0.65 44.88 -26.37
C SER I 75 0.30 43.73 -26.02
N LYS I 76 0.65 43.59 -24.75
CA LYS I 76 1.47 42.46 -24.29
C LYS I 76 0.68 41.50 -23.42
N ASN I 77 -0.63 41.72 -23.26
CA ASN I 77 -1.47 40.89 -22.41
C ASN I 77 -0.89 40.76 -21.00
N THR I 78 -0.46 41.88 -20.44
CA THR I 78 0.27 41.87 -19.17
C THR I 78 -0.43 42.79 -18.16
N LEU I 79 -0.53 42.30 -16.93
CA LEU I 79 -1.03 43.05 -15.79
C LEU I 79 0.14 43.41 -14.88
N TYR I 80 0.10 44.62 -14.30
CA TYR I 80 1.18 45.10 -13.45
C TYR I 80 0.63 45.54 -12.09
N LEU I 81 1.49 45.45 -11.08
CA LEU I 81 1.24 46.05 -9.77
C LEU I 81 2.53 46.71 -9.31
N GLN I 82 2.55 48.04 -9.30
CA GLN I 82 3.70 48.79 -8.80
C GLN I 82 3.49 49.04 -7.30
N MET I 83 4.43 48.55 -6.49
CA MET I 83 4.32 48.62 -5.04
C MET I 83 5.41 49.56 -4.53
N ASN I 84 5.01 50.74 -4.08
CA ASN I 84 5.93 51.73 -3.54
C ASN I 84 5.67 51.93 -2.05
N SER I 85 6.68 52.47 -1.38
CA SER I 85 6.59 52.81 0.04
C SER I 85 6.14 51.60 0.86
N LEU I 86 6.84 50.49 0.68
CA LEU I 86 6.43 49.23 1.28
C LEU I 86 6.64 49.24 2.79
N THR I 87 5.76 48.53 3.48
CA THR I 87 5.79 48.41 4.93
C THR I 87 5.62 46.95 5.32
N ALA I 88 6.03 46.64 6.55
CA ALA I 88 5.98 45.26 7.04
C ALA I 88 4.58 44.67 6.92
N GLU I 89 3.54 45.52 7.00
CA GLU I 89 2.17 45.03 6.84
C GLU I 89 1.85 44.60 5.42
N ASP I 90 2.70 44.92 4.44
CA ASP I 90 2.48 44.46 3.08
C ASP I 90 3.01 43.06 2.84
N THR I 91 3.68 42.47 3.82
CA THR I 91 4.19 41.11 3.67
C THR I 91 3.05 40.13 3.46
N ALA I 92 3.05 39.46 2.32
CA ALA I 92 1.97 38.56 1.92
C ALA I 92 2.35 37.89 0.61
N VAL I 93 1.61 36.84 0.26
CA VAL I 93 1.66 36.26 -1.06
C VAL I 93 0.62 36.97 -1.92
N TYR I 94 1.06 37.54 -3.04
CA TYR I 94 0.20 38.32 -3.91
C TYR I 94 -0.21 37.48 -5.13
N TYR I 95 -1.51 37.43 -5.40
CA TYR I 95 -2.05 36.70 -6.53
C TYR I 95 -2.66 37.65 -7.54
N CYS I 96 -2.36 37.44 -8.82
CA CYS I 96 -3.18 38.01 -9.88
C CYS I 96 -4.32 37.04 -10.19
N ALA I 97 -5.46 37.60 -10.58
CA ALA I 97 -6.65 36.79 -10.81
C ALA I 97 -7.56 37.47 -11.80
N ARG I 98 -8.17 36.68 -12.69
CA ARG I 98 -9.17 37.18 -13.62
C ARG I 98 -10.53 37.12 -12.95
N PHE I 99 -11.26 38.22 -12.99
CA PHE I 99 -12.58 38.31 -12.37
C PHE I 99 -13.65 38.19 -13.46
N ALA I 100 -14.47 37.15 -13.35
CA ALA I 100 -15.52 36.89 -14.33
C ALA I 100 -16.91 37.23 -13.82
N GLY I 101 -17.02 37.80 -12.62
CA GLY I 101 -18.31 38.17 -12.08
C GLY I 101 -19.28 37.01 -12.05
N GLY I 102 -20.48 37.23 -12.59
CA GLY I 102 -21.51 36.20 -12.63
C GLY I 102 -21.15 34.99 -13.46
N TRP I 103 -20.01 35.00 -14.15
CA TRP I 103 -19.58 33.89 -15.00
C TRP I 103 -18.36 33.17 -14.44
N GLY I 104 -18.11 33.27 -13.13
CA GLY I 104 -17.04 32.49 -12.54
C GLY I 104 -16.24 33.10 -11.41
N ALA I 105 -16.58 34.32 -10.99
CA ALA I 105 -15.86 35.02 -9.90
C ALA I 105 -14.37 35.00 -10.24
N TYR I 106 -13.48 34.63 -9.31
CA TYR I 106 -12.06 34.47 -9.61
C TYR I 106 -11.84 33.07 -10.14
N ASP I 107 -12.00 32.90 -11.45
CA ASP I 107 -11.90 31.57 -12.06
C ASP I 107 -10.50 31.21 -12.52
N VAL I 108 -9.60 32.19 -12.67
CA VAL I 108 -8.22 31.96 -13.05
C VAL I 108 -7.32 32.71 -12.09
N TRP I 109 -6.34 32.00 -11.52
CA TRP I 109 -5.41 32.57 -10.55
C TRP I 109 -3.98 32.37 -11.03
N GLY I 110 -3.14 33.37 -10.78
CA GLY I 110 -1.72 33.15 -10.85
C GLY I 110 -1.27 32.25 -9.70
N GLN I 111 -0.04 31.77 -9.80
CA GLN I 111 0.45 30.86 -8.77
C GLN I 111 0.82 31.60 -7.48
N GLY I 112 0.99 32.90 -7.54
CA GLY I 112 1.31 33.68 -6.35
C GLY I 112 2.80 33.85 -6.13
N THR I 113 3.21 35.04 -5.68
CA THR I 113 4.59 35.31 -5.34
C THR I 113 4.66 35.97 -3.97
N LEU I 114 5.64 35.55 -3.17
CA LEU I 114 5.78 36.07 -1.82
C LEU I 114 6.54 37.38 -1.83
N VAL I 115 5.96 38.40 -1.20
CA VAL I 115 6.62 39.68 -0.96
C VAL I 115 6.82 39.81 0.55
N THR I 116 8.07 39.91 0.97
CA THR I 116 8.40 40.07 2.39
C THR I 116 9.12 41.41 2.55
N VAL I 117 8.61 42.23 3.45
CA VAL I 117 9.15 43.57 3.68
C VAL I 117 9.75 43.57 5.08
N SER I 118 11.07 43.64 5.16
CA SER I 118 11.76 43.47 6.43
C SER I 118 13.17 44.05 6.33
N SER I 119 13.61 44.67 7.42
CA SER I 119 15.00 45.05 7.60
C SER I 119 15.72 44.15 8.58
N GLY I 120 15.02 43.19 9.17
CA GLY I 120 15.58 42.36 10.21
C GLY I 120 16.63 41.39 9.69
N GLY I 121 17.37 40.84 10.63
CA GLY I 121 18.42 39.87 10.36
C GLY I 121 17.94 38.46 10.55
N GLY I 122 18.73 37.68 11.29
CA GLY I 122 18.47 36.26 11.53
C GLY I 122 17.04 35.77 11.63
N GLY I 123 16.29 36.25 12.62
CA GLY I 123 16.75 37.24 13.57
C GLY I 123 15.52 37.60 14.38
N SER I 124 15.58 37.40 15.69
CA SER I 124 14.38 37.22 16.49
C SER I 124 14.31 38.27 17.59
N ASP I 125 13.29 39.12 17.53
CA ASP I 125 12.98 40.01 18.63
C ASP I 125 12.55 39.22 19.86
N ILE I 126 12.69 39.85 21.02
CA ILE I 126 12.34 39.19 22.28
C ILE I 126 10.82 39.19 22.38
N VAL I 127 10.23 37.99 22.39
CA VAL I 127 8.78 37.85 22.42
C VAL I 127 8.33 37.72 23.86
N LEU I 128 7.35 38.54 24.26
CA LEU I 128 6.81 38.52 25.60
C LEU I 128 5.42 37.90 25.58
N THR I 129 5.20 36.90 26.43
CA THR I 129 3.92 36.21 26.54
C THR I 129 3.39 36.38 27.96
N GLN I 130 2.22 36.99 28.06
CA GLN I 130 1.56 37.24 29.34
C GLN I 130 0.52 36.17 29.62
N SER I 131 0.35 35.86 30.90
CA SER I 131 -0.63 34.86 31.32
C SER I 131 -1.17 35.20 32.71
N PRO I 132 -2.47 34.97 32.93
CA PRO I 132 -3.44 34.52 31.93
C PRO I 132 -3.90 35.67 31.04
N ALA I 133 -4.63 35.37 29.97
CA ALA I 133 -5.17 36.44 29.14
C ALA I 133 -6.19 37.28 29.90
N THR I 134 -6.93 36.69 30.82
CA THR I 134 -7.97 37.38 31.57
C THR I 134 -8.00 36.87 33.01
N LEU I 135 -8.28 37.78 33.93
CA LEU I 135 -8.47 37.45 35.35
C LEU I 135 -9.74 38.15 35.82
N SER I 136 -10.71 37.38 36.29
CA SER I 136 -11.93 37.91 36.88
C SER I 136 -11.83 37.75 38.38
N LEU I 137 -11.77 38.87 39.10
CA LEU I 137 -11.57 38.86 40.54
C LEU I 137 -12.49 39.90 41.18
N SER I 138 -12.49 39.90 42.51
CA SER I 138 -13.30 40.81 43.31
C SER I 138 -12.38 41.75 44.09
N PRO I 139 -12.90 42.91 44.51
CA PRO I 139 -12.10 43.80 45.35
C PRO I 139 -11.62 43.10 46.61
N GLY I 140 -10.35 43.33 46.95
CA GLY I 140 -9.73 42.71 48.08
C GLY I 140 -8.92 41.47 47.75
N GLU I 141 -9.15 40.86 46.59
CA GLU I 141 -8.45 39.62 46.23
C GLU I 141 -7.11 39.94 45.59
N ARG I 142 -6.28 38.90 45.45
CA ARG I 142 -4.95 39.07 44.89
C ARG I 142 -4.92 38.71 43.41
N ALA I 143 -4.24 39.54 42.62
CA ALA I 143 -4.02 39.31 41.21
C ALA I 143 -2.54 39.02 40.97
N THR I 144 -2.25 37.88 40.34
CA THR I 144 -0.90 37.48 40.01
C THR I 144 -0.79 37.35 38.50
N LEU I 145 0.06 38.16 37.89
CA LEU I 145 0.21 38.24 36.46
C LEU I 145 1.59 37.75 36.06
N SER I 146 1.67 37.03 34.95
CA SER I 146 2.92 36.43 34.49
C SER I 146 3.34 37.04 33.17
N CYS I 147 4.64 37.28 33.03
CA CYS I 147 5.28 37.70 31.78
C CYS I 147 6.49 36.82 31.57
N ARG I 148 6.51 36.05 30.49
CA ARG I 148 7.63 35.19 30.16
C ARG I 148 8.21 35.59 28.81
N ALA I 149 9.54 35.69 28.76
CA ALA I 149 10.25 36.15 27.57
C ALA I 149 10.88 34.97 26.85
N SER I 150 10.93 35.08 25.52
CA SER I 150 11.53 34.02 24.70
C SER I 150 13.04 33.96 24.89
N GLN I 151 13.66 35.06 25.33
CA GLN I 151 15.08 35.12 25.61
C GLN I 151 15.30 35.84 26.93
N SER I 152 16.52 35.75 27.44
CA SER I 152 16.86 36.45 28.67
C SER I 152 16.77 37.95 28.44
N VAL I 153 16.16 38.64 29.40
CA VAL I 153 16.04 40.09 29.36
C VAL I 153 17.24 40.63 30.14
N SER I 154 18.25 41.12 29.41
CA SER I 154 19.48 41.57 30.04
C SER I 154 19.21 42.72 31.01
N SER I 155 19.91 42.71 32.13
CA SER I 155 19.79 43.70 33.21
C SER I 155 18.41 43.72 33.84
N ASN I 156 17.56 42.75 33.50
CA ASN I 156 16.17 42.70 33.98
C ASN I 156 15.44 43.99 33.66
N TYR I 157 15.72 44.56 32.48
CA TYR I 157 15.06 45.76 32.00
C TYR I 157 13.65 45.41 31.50
N LEU I 158 12.77 45.17 32.46
CA LEU I 158 11.38 44.83 32.17
C LEU I 158 10.47 45.73 33.01
N ALA I 159 9.44 46.27 32.36
CA ALA I 159 8.52 47.20 32.99
C ALA I 159 7.09 46.69 32.90
N TRP I 160 6.25 47.18 33.81
CA TRP I 160 4.83 46.86 33.84
C TRP I 160 4.03 48.15 33.77
N TYR I 161 3.01 48.17 32.92
CA TYR I 161 2.13 49.31 32.76
C TYR I 161 0.67 48.93 33.01
N GLN I 162 -0.09 49.90 33.52
CA GLN I 162 -1.53 49.81 33.67
C GLN I 162 -2.19 50.73 32.65
N GLN I 163 -3.20 50.24 31.96
CA GLN I 163 -3.97 51.05 31.01
C GLN I 163 -5.45 50.84 31.25
N LYS I 164 -6.16 51.91 31.56
CA LYS I 164 -7.60 51.95 31.67
C LYS I 164 -8.22 52.41 30.36
N PRO I 165 -9.48 52.07 30.10
CA PRO I 165 -10.07 52.38 28.80
C PRO I 165 -10.04 53.87 28.50
N GLY I 166 -9.60 54.20 27.29
CA GLY I 166 -9.54 55.58 26.84
C GLY I 166 -8.41 56.41 27.38
N GLN I 167 -7.50 55.82 28.15
CA GLN I 167 -6.41 56.57 28.77
C GLN I 167 -5.06 56.01 28.32
N ALA I 168 -4.02 56.83 28.49
CA ALA I 168 -2.67 56.43 28.18
C ALA I 168 -2.17 55.41 29.21
N PRO I 169 -1.23 54.55 28.83
CA PRO I 169 -0.63 53.63 29.82
C PRO I 169 0.06 54.40 30.94
N ARG I 170 0.15 53.76 32.10
CA ARG I 170 0.76 54.37 33.28
C ARG I 170 1.81 53.41 33.84
N LEU I 171 3.01 53.92 34.08
CA LEU I 171 4.10 53.10 34.59
C LEU I 171 3.81 52.64 36.01
N LEU I 172 3.88 51.32 36.23
CA LEU I 172 3.77 50.72 37.55
C LEU I 172 5.11 50.26 38.09
N ILE I 173 5.82 49.44 37.34
CA ILE I 173 7.06 48.82 37.78
C ILE I 173 8.08 48.94 36.65
N TYR I 174 9.33 49.22 36.99
CA TYR I 174 10.42 49.15 36.04
C TYR I 174 11.60 48.46 36.70
N ASP I 175 12.60 48.10 35.88
CA ASP I 175 13.73 47.30 36.33
C ASP I 175 13.27 46.05 37.08
N SER I 176 12.17 45.46 36.58
CA SER I 176 11.58 44.23 37.10
C SER I 176 10.93 44.40 38.47
N SER I 177 11.58 45.11 39.40
CA SER I 177 11.10 45.18 40.77
C SER I 177 10.93 46.59 41.33
N SER I 178 11.28 47.64 40.60
CA SER I 178 11.26 49.00 41.13
C SER I 178 9.88 49.60 40.96
N ARG I 179 9.24 49.97 42.08
CA ARG I 179 7.93 50.58 42.04
C ARG I 179 8.07 52.06 41.75
N ALA I 180 7.35 52.55 40.74
CA ALA I 180 7.48 53.94 40.37
C ALA I 180 6.93 54.85 41.48
N THR I 181 7.34 56.12 41.43
CA THR I 181 6.91 57.08 42.44
C THR I 181 5.41 57.33 42.35
N GLY I 182 4.74 57.26 43.50
CA GLY I 182 3.31 57.47 43.57
C GLY I 182 2.47 56.24 43.35
N VAL I 183 3.09 55.09 43.09
CA VAL I 183 2.36 53.85 42.86
C VAL I 183 2.14 53.19 44.22
N PRO I 184 0.92 52.77 44.56
CA PRO I 184 0.69 52.17 45.88
C PRO I 184 1.51 50.91 46.08
N ALA I 185 1.86 50.66 47.34
CA ALA I 185 2.72 49.53 47.69
C ALA I 185 2.09 48.18 47.38
N ARG I 186 0.78 48.12 47.16
CA ARG I 186 0.14 46.85 46.82
C ARG I 186 0.57 46.33 45.45
N PHE I 187 1.20 47.16 44.62
CA PHE I 187 1.80 46.71 43.38
C PHE I 187 3.26 46.33 43.65
N SER I 188 3.67 45.18 43.14
CA SER I 188 5.04 44.73 43.32
C SER I 188 5.40 43.78 42.18
N GLY I 189 6.61 43.94 41.65
CA GLY I 189 7.10 43.06 40.61
C GLY I 189 8.26 42.23 41.07
N SER I 190 8.50 41.09 40.40
CA SER I 190 9.57 40.19 40.78
C SER I 190 9.96 39.38 39.55
N GLY I 191 10.98 38.55 39.72
CA GLY I 191 11.45 37.67 38.67
C GLY I 191 12.71 38.21 38.00
N SER I 192 13.32 37.35 37.18
CA SER I 192 14.54 37.71 36.47
C SER I 192 14.70 36.80 35.26
N GLY I 193 15.58 37.21 34.35
CA GLY I 193 15.89 36.43 33.17
C GLY I 193 14.76 36.38 32.17
N THR I 194 13.96 35.31 32.25
CA THR I 194 12.84 35.10 31.34
C THR I 194 11.50 34.93 32.06
N ASP I 195 11.47 35.01 33.39
CA ASP I 195 10.27 34.74 34.17
C ASP I 195 10.02 35.94 35.09
N PHE I 196 8.95 36.68 34.81
CA PHE I 196 8.60 37.88 35.58
C PHE I 196 7.16 37.83 36.03
N THR I 197 6.89 38.45 37.16
CA THR I 197 5.55 38.44 37.77
C THR I 197 5.21 39.82 38.32
N LEU I 198 3.97 40.26 38.07
CA LEU I 198 3.41 41.43 38.71
C LEU I 198 2.31 40.98 39.65
N THR I 199 2.38 41.40 40.91
CA THR I 199 1.42 41.01 41.93
C THR I 199 0.72 42.25 42.48
N ILE I 200 -0.61 42.21 42.49
CA ILE I 200 -1.44 43.22 43.14
C ILE I 200 -2.04 42.56 44.37
N SER I 201 -1.55 42.95 45.55
CA SER I 201 -1.78 42.16 46.76
C SER I 201 -3.27 42.11 47.12
N SER I 202 -3.92 43.26 47.18
CA SER I 202 -5.35 43.34 47.48
C SER I 202 -5.99 44.29 46.49
N LEU I 203 -6.75 43.76 45.55
CA LEU I 203 -7.35 44.57 44.51
C LEU I 203 -8.33 45.59 45.09
N GLU I 204 -8.28 46.80 44.56
CA GLU I 204 -9.26 47.87 44.71
C GLU I 204 -10.08 47.97 43.44
N PRO I 205 -11.26 48.61 43.50
CA PRO I 205 -12.09 48.72 42.29
C PRO I 205 -11.43 49.50 41.19
N GLU I 206 -10.47 50.32 41.52
CA GLU I 206 -9.77 51.06 40.49
C GLU I 206 -8.61 50.28 39.87
N ASP I 207 -8.34 49.06 40.33
CA ASP I 207 -7.23 48.33 39.74
C ASP I 207 -7.64 47.50 38.54
N PHE I 208 -8.92 47.51 38.18
CA PHE I 208 -9.39 46.70 37.06
C PHE I 208 -9.06 47.39 35.74
N ALA I 209 -8.12 46.82 34.99
CA ALA I 209 -7.60 47.44 33.77
C ALA I 209 -6.80 46.39 33.01
N VAL I 210 -6.20 46.81 31.90
CA VAL I 210 -5.29 45.96 31.14
C VAL I 210 -3.87 46.28 31.56
N TYR I 211 -3.06 45.24 31.73
CA TYR I 211 -1.69 45.37 32.21
C TYR I 211 -0.74 44.80 31.17
N TYR I 212 0.29 45.56 30.84
CA TYR I 212 1.27 45.18 29.83
C TYR I 212 2.65 45.08 30.45
N CYS I 213 3.40 44.06 30.05
CA CYS I 213 4.83 44.02 30.35
C CYS I 213 5.61 44.49 29.13
N HIS I 214 6.85 44.92 29.37
CA HIS I 214 7.61 45.66 28.37
C HIS I 214 9.09 45.46 28.64
N GLN I 215 9.82 44.98 27.64
CA GLN I 215 11.27 44.80 27.74
C GLN I 215 11.96 45.87 26.91
N TYR I 216 12.97 46.51 27.52
CA TYR I 216 13.74 47.57 26.89
C TYR I 216 15.23 47.28 27.03
N SER I 217 15.59 46.00 26.91
CA SER I 217 16.97 45.56 27.09
C SER I 217 17.78 45.56 25.79
N ASP I 218 17.19 46.00 24.68
CA ASP I 218 17.88 46.01 23.40
C ASP I 218 17.31 47.16 22.56
N ILE I 219 17.71 47.20 21.28
CA ILE I 219 17.28 48.27 20.38
C ILE I 219 15.90 48.03 19.79
N SER I 220 15.33 46.84 19.96
CA SER I 220 14.01 46.52 19.44
C SER I 220 13.03 46.31 20.60
N PRO I 221 12.44 47.38 21.12
CA PRO I 221 11.53 47.23 22.27
C PRO I 221 10.27 46.47 21.87
N THR I 222 9.83 45.60 22.77
CA THR I 222 8.64 44.79 22.54
C THR I 222 7.77 44.82 23.79
N PHE I 223 6.47 44.59 23.58
CA PHE I 223 5.48 44.53 24.65
C PHE I 223 4.84 43.15 24.68
N GLY I 224 4.40 42.75 25.87
CA GLY I 224 3.45 41.67 25.96
C GLY I 224 2.11 42.07 25.40
N GLN I 225 1.23 41.09 25.19
CA GLN I 225 -0.06 41.39 24.58
C GLN I 225 -1.12 41.76 25.61
N GLY I 226 -0.78 41.80 26.88
CA GLY I 226 -1.67 42.34 27.88
C GLY I 226 -2.47 41.27 28.61
N THR I 227 -2.70 41.52 29.90
CA THR I 227 -3.61 40.73 30.72
C THR I 227 -4.70 41.65 31.24
N LYS I 228 -5.96 41.29 30.98
CA LYS I 228 -7.10 42.07 31.44
C LYS I 228 -7.55 41.55 32.79
N VAL I 229 -7.60 42.43 33.78
CA VAL I 229 -8.11 42.11 35.11
C VAL I 229 -9.47 42.79 35.22
N GLU I 230 -10.53 41.99 35.24
CA GLU I 230 -11.89 42.52 35.22
C GLU I 230 -12.67 42.15 36.48
N VAL J 2 6.17 68.02 35.05
CA VAL J 2 6.67 67.05 34.08
C VAL J 2 5.53 66.50 33.23
N GLN J 3 5.36 67.08 32.03
CA GLN J 3 4.25 66.72 31.17
C GLN J 3 4.68 66.73 29.71
N LEU J 4 3.94 65.99 28.90
CA LEU J 4 4.05 65.96 27.45
C LEU J 4 2.70 66.33 26.88
N VAL J 5 2.63 67.44 26.17
CA VAL J 5 1.38 67.93 25.59
C VAL J 5 1.39 67.55 24.11
N GLU J 6 0.58 66.57 23.76
CA GLU J 6 0.50 66.06 22.40
C GLU J 6 -0.55 66.84 21.60
N SER J 7 -0.39 66.87 20.29
CA SER J 7 -1.39 67.45 19.41
C SER J 7 -1.29 66.82 18.03
N GLY J 8 -2.36 66.96 17.27
CA GLY J 8 -2.43 66.44 15.91
C GLY J 8 -3.34 65.22 15.82
N GLY J 9 -3.23 64.54 14.69
CA GLY J 9 -4.05 63.37 14.41
C GLY J 9 -5.27 63.69 13.58
N GLY J 10 -6.24 62.78 13.63
CA GLY J 10 -7.50 62.95 12.95
C GLY J 10 -7.72 61.88 11.89
N LEU J 11 -8.73 62.11 11.06
CA LEU J 11 -9.14 61.20 10.01
C LEU J 11 -8.56 61.66 8.68
N VAL J 12 -7.83 60.77 8.00
CA VAL J 12 -7.10 61.12 6.78
C VAL J 12 -7.27 60.02 5.76
N GLN J 13 -7.20 60.41 4.47
CA GLN J 13 -7.36 59.45 3.39
C GLN J 13 -6.09 58.61 3.24
N PRO J 14 -6.22 57.39 2.72
CA PRO J 14 -5.03 56.56 2.46
C PRO J 14 -4.08 57.24 1.49
N GLY J 15 -2.79 57.10 1.75
CA GLY J 15 -1.77 57.80 0.99
C GLY J 15 -1.52 59.23 1.42
N GLY J 16 -2.30 59.74 2.37
CA GLY J 16 -2.15 61.10 2.83
C GLY J 16 -1.02 61.27 3.81
N SER J 17 -0.93 62.49 4.37
CA SER J 17 0.14 62.86 5.27
C SER J 17 -0.45 63.50 6.53
N LEU J 18 0.29 63.35 7.63
CA LEU J 18 -0.12 63.90 8.92
C LEU J 18 1.13 64.12 9.76
N ARG J 19 1.12 65.18 10.57
CA ARG J 19 2.23 65.48 11.46
C ARG J 19 1.74 65.54 12.90
N LEU J 20 2.38 64.76 13.76
CA LEU J 20 2.12 64.78 15.19
C LEU J 20 3.22 65.56 15.90
N SER J 21 2.84 66.25 16.96
CA SER J 21 3.79 67.02 17.76
C SER J 21 3.55 66.74 19.24
N CYS J 22 4.60 66.90 20.04
CA CYS J 22 4.54 66.63 21.46
C CYS J 22 5.44 67.63 22.16
N ALA J 23 4.84 68.52 22.95
CA ALA J 23 5.55 69.62 23.61
C ALA J 23 5.82 69.24 25.06
N ALA J 24 7.09 69.27 25.46
CA ALA J 24 7.51 68.83 26.78
C ALA J 24 7.75 70.01 27.72
N SER J 25 7.56 69.75 29.00
CA SER J 25 7.89 70.71 30.06
C SER J 25 8.15 69.95 31.34
N GLY J 26 8.97 70.54 32.21
CA GLY J 26 9.28 69.98 33.50
C GLY J 26 10.52 69.12 33.56
N PHE J 27 11.22 68.93 32.45
CA PHE J 27 12.47 68.19 32.46
C PHE J 27 13.38 68.71 31.36
N THR J 28 14.64 68.31 31.43
CA THR J 28 15.65 68.74 30.46
C THR J 28 15.44 67.93 29.18
N PHE J 29 14.51 68.40 28.37
CA PHE J 29 14.13 67.71 27.13
C PHE J 29 15.34 67.46 26.26
N ARG J 30 16.33 68.35 26.30
CA ARG J 30 17.53 68.18 25.50
C ARG J 30 18.22 66.85 25.77
N ASN J 31 18.05 66.29 26.97
CA ASN J 31 18.79 65.10 27.37
C ASN J 31 18.03 63.81 27.13
N SER J 32 16.71 63.86 26.98
CA SER J 32 15.88 62.67 27.03
C SER J 32 15.76 61.98 25.67
N ALA J 33 15.76 60.65 25.70
CA ALA J 33 15.36 59.86 24.55
C ALA J 33 13.85 59.88 24.46
N MET J 34 13.32 60.23 23.28
CA MET J 34 11.88 60.35 23.08
C MET J 34 11.43 59.32 22.07
N HIS J 35 10.36 58.61 22.40
CA HIS J 35 9.83 57.54 21.57
C HIS J 35 8.39 57.84 21.17
N TRP J 36 7.96 57.19 20.09
CA TRP J 36 6.55 57.12 19.73
C TRP J 36 6.08 55.67 19.87
N VAL J 37 4.91 55.50 20.47
CA VAL J 37 4.29 54.19 20.66
C VAL J 37 2.85 54.31 20.18
N ARG J 38 2.36 53.28 19.50
CA ARG J 38 1.00 53.30 18.97
C ARG J 38 0.24 52.08 19.43
N GLN J 39 -1.09 52.16 19.30
CA GLN J 39 -1.96 51.09 19.77
C GLN J 39 -3.15 51.01 18.82
N ALA J 40 -3.19 49.94 18.02
CA ALA J 40 -4.32 49.75 17.11
C ALA J 40 -5.59 49.50 17.91
N PRO J 41 -6.75 49.82 17.34
CA PRO J 41 -8.01 49.66 18.07
C PRO J 41 -8.21 48.22 18.54
N GLY J 42 -8.39 48.08 19.85
CA GLY J 42 -8.58 46.76 20.43
C GLY J 42 -7.33 45.88 20.42
N LYS J 43 -6.15 46.48 20.33
CA LYS J 43 -4.90 45.73 20.28
C LYS J 43 -3.96 46.20 21.39
N GLY J 44 -2.76 45.64 21.39
CA GLY J 44 -1.76 45.96 22.38
C GLY J 44 -0.85 47.10 21.95
N LEU J 45 0.08 47.43 22.84
CA LEU J 45 1.05 48.49 22.58
C LEU J 45 2.12 48.01 21.62
N GLU J 46 2.56 48.92 20.74
CA GLU J 46 3.55 48.61 19.71
C GLU J 46 4.50 49.79 19.56
N TRP J 47 5.79 49.55 19.70
CA TRP J 47 6.79 50.61 19.55
C TRP J 47 6.89 51.04 18.09
N VAL J 48 7.11 52.34 17.88
CA VAL J 48 7.11 52.94 16.54
C VAL J 48 8.48 53.50 16.17
N SER J 49 9.03 54.38 17.00
CA SER J 49 10.24 55.09 16.63
C SER J 49 10.94 55.62 17.87
N SER J 50 12.20 56.02 17.69
CA SER J 50 13.02 56.50 18.79
C SER J 50 13.98 57.57 18.27
N ILE J 51 14.26 58.55 19.13
CA ILE J 51 15.26 59.58 18.82
C ILE J 51 15.94 59.99 20.12
N TRP J 52 17.22 60.32 20.01
CA TRP J 52 18.03 60.66 21.18
C TRP J 52 18.91 61.87 20.87
N TYR J 53 20.05 61.99 21.54
CA TYR J 53 20.95 63.09 21.23
C TYR J 53 21.46 62.98 19.79
N SER J 54 21.99 64.08 19.27
CA SER J 54 22.54 64.14 17.92
C SER J 54 23.98 63.66 17.92
N GLY J 55 24.19 62.42 17.51
CA GLY J 55 25.34 61.64 17.93
C GLY J 55 24.97 60.17 17.99
N SER J 56 23.68 59.90 18.10
CA SER J 56 23.12 58.57 18.15
C SER J 56 22.24 58.34 16.94
N ASN J 57 21.77 57.10 16.80
CA ASN J 57 20.91 56.72 15.69
C ASN J 57 19.45 56.97 16.05
N THR J 58 18.68 57.44 15.08
CA THR J 58 17.23 57.38 15.17
C THR J 58 16.78 56.01 14.67
N TYR J 59 15.75 55.46 15.30
CA TYR J 59 15.31 54.11 15.01
C TYR J 59 13.84 54.10 14.62
N TYR J 60 13.48 53.16 13.76
CA TYR J 60 12.11 52.99 13.32
C TYR J 60 11.77 51.50 13.32
N ALA J 61 10.48 51.20 13.53
CA ALA J 61 10.00 49.85 13.34
C ALA J 61 9.81 49.59 11.85
N ASP J 62 9.91 48.31 11.47
CA ASP J 62 9.75 47.93 10.07
C ASP J 62 8.39 48.35 9.53
N SER J 63 7.40 48.49 10.41
CA SER J 63 6.08 48.93 9.98
C SER J 63 6.09 50.34 9.39
N VAL J 64 7.00 51.20 9.85
CA VAL J 64 6.97 52.61 9.48
C VAL J 64 8.26 53.10 8.83
N LYS J 65 9.36 52.36 8.90
CA LYS J 65 10.62 52.83 8.33
C LYS J 65 10.50 53.11 6.84
N GLY J 66 10.86 54.33 6.44
CA GLY J 66 10.81 54.77 5.07
C GLY J 66 9.65 55.68 4.75
N ARG J 67 8.64 55.70 5.61
CA ARG J 67 7.47 56.55 5.45
C ARG J 67 7.32 57.58 6.56
N PHE J 68 7.75 57.26 7.78
CA PHE J 68 7.64 58.14 8.92
C PHE J 68 9.00 58.77 9.22
N THR J 69 8.97 59.98 9.78
CA THR J 69 10.18 60.69 10.17
C THR J 69 10.00 61.25 11.57
N ILE J 70 10.80 60.76 12.51
CA ILE J 70 10.84 61.33 13.85
C ILE J 70 11.89 62.43 13.88
N SER J 71 11.60 63.50 14.59
CA SER J 71 12.52 64.63 14.70
C SER J 71 12.22 65.36 15.99
N ARG J 72 13.10 66.30 16.33
CA ARG J 72 12.95 67.06 17.56
C ARG J 72 13.54 68.44 17.35
N ASP J 73 12.95 69.43 18.03
CA ASP J 73 13.48 70.78 18.04
C ASP J 73 13.70 71.14 19.50
N ASN J 74 14.95 71.00 19.96
CA ASN J 74 15.27 71.20 21.37
C ASN J 74 15.08 72.65 21.82
N SER J 75 15.09 73.61 20.89
CA SER J 75 14.86 75.01 21.25
C SER J 75 13.39 75.26 21.56
N LYS J 76 12.50 74.40 21.07
CA LYS J 76 11.06 74.47 21.34
C LYS J 76 10.59 73.36 22.26
N ASN J 77 11.50 72.52 22.75
CA ASN J 77 11.16 71.37 23.59
C ASN J 77 10.04 70.56 22.96
N THR J 78 10.16 70.31 21.65
CA THR J 78 9.09 69.70 20.89
C THR J 78 9.58 68.44 20.17
N LEU J 79 8.76 67.40 20.21
CA LEU J 79 8.99 66.16 19.48
C LEU J 79 8.01 66.09 18.32
N TYR J 80 8.47 65.60 17.18
CA TYR J 80 7.64 65.53 15.99
C TYR J 80 7.61 64.11 15.44
N LEU J 81 6.50 63.78 14.77
CA LEU J 81 6.40 62.56 13.97
C LEU J 81 5.71 62.92 12.66
N GLN J 82 6.46 62.90 11.57
CA GLN J 82 5.92 63.14 10.25
C GLN J 82 5.49 61.80 9.66
N MET J 83 4.21 61.67 9.36
CA MET J 83 3.62 60.42 8.89
C MET J 83 3.21 60.61 7.44
N ASN J 84 3.94 59.99 6.51
CA ASN J 84 3.64 60.08 5.09
C ASN J 84 3.22 58.73 4.55
N SER J 85 2.54 58.76 3.40
CA SER J 85 2.10 57.55 2.70
C SER J 85 1.30 56.64 3.62
N LEU J 86 0.28 57.22 4.25
CA LEU J 86 -0.46 56.50 5.28
C LEU J 86 -1.33 55.40 4.67
N THR J 87 -1.51 54.34 5.45
CA THR J 87 -2.29 53.19 5.05
C THR J 87 -3.23 52.81 6.18
N ALA J 88 -4.28 52.06 5.83
CA ALA J 88 -5.29 51.66 6.82
C ALA J 88 -4.65 50.94 8.01
N GLU J 89 -3.55 50.23 7.80
CA GLU J 89 -2.84 49.56 8.88
C GLU J 89 -2.17 50.52 9.84
N ASP J 90 -2.04 51.81 9.50
CA ASP J 90 -1.51 52.80 10.42
C ASP J 90 -2.54 53.30 11.41
N THR J 91 -3.81 52.91 11.27
CA THR J 91 -4.85 53.36 12.18
C THR J 91 -4.56 52.90 13.61
N ALA J 92 -4.40 53.86 14.51
CA ALA J 92 -4.02 53.57 15.89
C ALA J 92 -4.04 54.87 16.68
N VAL J 93 -3.99 54.73 18.01
CA VAL J 93 -3.73 55.86 18.90
C VAL J 93 -2.22 55.93 19.08
N TYR J 94 -1.63 57.08 18.78
CA TYR J 94 -0.19 57.28 18.86
C TYR J 94 0.16 58.06 20.11
N TYR J 95 1.11 57.53 20.89
CA TYR J 95 1.57 58.16 22.11
C TYR J 95 3.01 58.62 21.93
N CYS J 96 3.29 59.85 22.37
CA CYS J 96 4.67 60.24 22.62
C CYS J 96 5.03 59.88 24.05
N ALA J 97 6.29 59.54 24.27
CA ALA J 97 6.71 59.07 25.57
C ALA J 97 8.19 59.34 25.76
N ARG J 98 8.56 59.75 26.98
CA ARG J 98 9.95 59.91 27.36
C ARG J 98 10.49 58.57 27.84
N PHE J 99 11.64 58.17 27.32
CA PHE J 99 12.25 56.88 27.66
C PHE J 99 13.38 57.13 28.65
N ALA J 100 13.25 56.54 29.84
CA ALA J 100 14.22 56.72 30.90
C ALA J 100 15.11 55.50 31.12
N GLY J 101 14.92 54.44 30.33
CA GLY J 101 15.73 53.25 30.48
C GLY J 101 15.72 52.71 31.89
N GLY J 102 16.92 52.44 32.42
CA GLY J 102 17.05 51.96 33.78
C GLY J 102 16.55 52.91 34.85
N TRP J 103 16.20 54.14 34.48
CA TRP J 103 15.70 55.12 35.43
C TRP J 103 14.20 55.40 35.27
N GLY J 104 13.48 54.51 34.58
CA GLY J 104 12.03 54.64 34.55
C GLY J 104 11.30 54.13 33.32
N ALA J 105 12.01 53.56 32.35
CA ALA J 105 11.40 53.03 31.11
C ALA J 105 10.55 54.15 30.50
N TYR J 106 9.29 53.89 30.11
CA TYR J 106 8.38 54.94 29.67
C TYR J 106 7.67 55.50 30.90
N ASP J 107 8.30 56.48 31.54
CA ASP J 107 7.75 57.04 32.77
C ASP J 107 6.83 58.23 32.55
N VAL J 108 6.90 58.87 31.38
CA VAL J 108 6.03 59.98 31.04
C VAL J 108 5.43 59.72 29.66
N TRP J 109 4.11 59.82 29.56
CA TRP J 109 3.38 59.57 28.33
C TRP J 109 2.56 60.79 27.96
N GLY J 110 2.47 61.07 26.66
CA GLY J 110 1.43 61.95 26.18
C GLY J 110 0.08 61.27 26.31
N GLN J 111 -0.99 62.05 26.15
CA GLN J 111 -2.32 61.49 26.34
C GLN J 111 -2.75 60.64 25.14
N GLY J 112 -2.09 60.78 24.00
CA GLY J 112 -2.43 59.99 22.83
C GLY J 112 -3.44 60.65 21.91
N THR J 113 -3.24 60.50 20.61
CA THR J 113 -4.17 61.01 19.61
C THR J 113 -4.49 59.92 18.60
N LEU J 114 -5.75 59.83 18.21
CA LEU J 114 -6.19 58.80 17.28
C LEU J 114 -5.91 59.25 15.84
N VAL J 115 -5.24 58.39 15.08
CA VAL J 115 -5.05 58.57 13.65
C VAL J 115 -5.82 57.45 12.96
N THR J 116 -6.80 57.82 12.13
CA THR J 116 -7.59 56.86 11.38
C THR J 116 -7.38 57.14 9.90
N VAL J 117 -7.01 56.10 9.16
CA VAL J 117 -6.71 56.20 7.73
C VAL J 117 -7.77 55.40 7.00
N SER J 118 -8.66 56.10 6.30
CA SER J 118 -9.81 55.45 5.68
C SER J 118 -10.37 56.33 4.59
N SER J 119 -10.85 55.70 3.51
CA SER J 119 -11.54 56.38 2.43
C SER J 119 -13.03 56.08 2.42
N GLY J 120 -13.48 55.11 3.22
CA GLY J 120 -14.87 54.75 3.25
C GLY J 120 -15.70 55.71 4.07
N GLY J 121 -17.02 55.49 4.03
CA GLY J 121 -17.95 56.28 4.81
C GLY J 121 -18.30 55.63 6.14
N GLY J 122 -19.40 56.14 6.72
CA GLY J 122 -20.00 55.44 7.84
C GLY J 122 -20.31 54.01 7.49
N GLY J 123 -20.56 53.78 6.20
CA GLY J 123 -20.58 52.49 5.55
C GLY J 123 -19.79 51.33 6.13
N SER J 124 -20.14 50.14 5.67
CA SER J 124 -19.68 48.89 6.28
C SER J 124 -19.64 47.83 5.19
N ASP J 125 -18.45 47.27 4.94
CA ASP J 125 -18.34 46.21 3.95
C ASP J 125 -19.20 45.01 4.37
N ILE J 126 -19.47 44.14 3.42
CA ILE J 126 -20.26 42.94 3.71
C ILE J 126 -19.32 41.96 4.41
N VAL J 127 -19.61 41.64 5.67
CA VAL J 127 -18.75 40.78 6.46
C VAL J 127 -19.21 39.34 6.32
N LEU J 128 -18.28 38.46 5.98
CA LEU J 128 -18.57 37.04 5.83
C LEU J 128 -17.98 36.29 7.02
N THR J 129 -18.82 35.49 7.68
CA THR J 129 -18.41 34.69 8.83
C THR J 129 -18.63 33.23 8.50
N GLN J 130 -17.55 32.44 8.50
CA GLN J 130 -17.60 31.03 8.21
C GLN J 130 -17.64 30.22 9.50
N SER J 131 -18.33 29.09 9.43
CA SER J 131 -18.47 28.21 10.59
C SER J 131 -18.59 26.76 10.12
N PRO J 132 -17.97 25.83 10.86
CA PRO J 132 -17.10 26.09 12.01
C PRO J 132 -15.71 26.52 11.57
N ALA J 133 -14.87 26.99 12.51
CA ALA J 133 -13.51 27.33 12.16
C ALA J 133 -12.72 26.12 11.68
N THR J 134 -13.00 24.94 12.25
CA THR J 134 -12.28 23.72 11.92
C THR J 134 -13.24 22.54 11.90
N LEU J 135 -12.99 21.60 10.99
CA LEU J 135 -13.73 20.36 10.92
C LEU J 135 -12.72 19.22 10.79
N SER J 136 -12.76 18.29 11.74
CA SER J 136 -11.91 17.10 11.71
C SER J 136 -12.80 15.92 11.30
N LEU J 137 -12.52 15.36 10.12
CA LEU J 137 -13.35 14.30 9.56
C LEU J 137 -12.46 13.24 8.94
N SER J 138 -13.08 12.16 8.50
CA SER J 138 -12.41 11.04 7.88
C SER J 138 -12.85 10.91 6.42
N PRO J 139 -12.04 10.26 5.57
CA PRO J 139 -12.48 10.02 4.19
C PRO J 139 -13.78 9.24 4.15
N GLY J 140 -14.68 9.66 3.25
CA GLY J 140 -15.98 9.06 3.12
C GLY J 140 -17.09 9.80 3.85
N GLU J 141 -16.74 10.64 4.82
CA GLU J 141 -17.71 11.36 5.63
C GLU J 141 -18.17 12.64 4.94
N ARG J 142 -19.22 13.24 5.50
CA ARG J 142 -19.83 14.45 4.95
C ARG J 142 -19.22 15.68 5.62
N ALA J 143 -18.88 16.69 4.81
CA ALA J 143 -18.43 17.97 5.29
C ALA J 143 -19.47 19.03 4.93
N THR J 144 -19.96 19.74 5.94
CA THR J 144 -20.94 20.81 5.74
C THR J 144 -20.36 22.11 6.28
N LEU J 145 -20.17 23.08 5.39
CA LEU J 145 -19.55 24.35 5.73
C LEU J 145 -20.57 25.47 5.60
N SER J 146 -20.50 26.44 6.49
CA SER J 146 -21.45 27.55 6.54
C SER J 146 -20.73 28.87 6.26
N CYS J 147 -21.41 29.73 5.51
CA CYS J 147 -20.98 31.10 5.27
C CYS J 147 -22.18 32.01 5.52
N ARG J 148 -21.97 33.05 6.31
CA ARG J 148 -23.03 33.91 6.81
C ARG J 148 -22.65 35.36 6.56
N ALA J 149 -23.47 36.07 5.79
CA ALA J 149 -23.17 37.44 5.43
C ALA J 149 -23.89 38.42 6.35
N SER J 150 -23.23 39.53 6.65
CA SER J 150 -23.84 40.54 7.52
C SER J 150 -24.98 41.27 6.82
N GLN J 151 -24.95 41.33 5.49
CA GLN J 151 -26.02 41.88 4.68
C GLN J 151 -26.36 40.90 3.58
N SER J 152 -27.51 41.12 2.94
CA SER J 152 -27.90 40.28 1.82
C SER J 152 -26.91 40.43 0.66
N VAL J 153 -26.54 39.30 0.07
CA VAL J 153 -25.59 39.28 -1.04
C VAL J 153 -26.40 39.35 -2.33
N SER J 154 -26.36 40.50 -2.99
CA SER J 154 -27.16 40.72 -4.19
C SER J 154 -26.80 39.73 -5.29
N SER J 155 -27.82 39.27 -6.00
CA SER J 155 -27.71 38.32 -7.10
C SER J 155 -27.11 36.97 -6.68
N ASN J 156 -26.98 36.73 -5.38
CA ASN J 156 -26.34 35.51 -4.87
C ASN J 156 -24.92 35.37 -5.44
N TYR J 157 -24.24 36.50 -5.58
CA TYR J 157 -22.87 36.54 -6.07
C TYR J 157 -21.91 36.12 -4.95
N LEU J 158 -21.93 34.82 -4.66
CA LEU J 158 -21.07 34.25 -3.63
C LEU J 158 -20.35 33.03 -4.19
N ALA J 159 -19.04 32.94 -3.95
CA ALA J 159 -18.20 31.88 -4.47
C ALA J 159 -17.50 31.15 -3.34
N TRP J 160 -17.08 29.92 -3.63
CA TRP J 160 -16.33 29.08 -2.70
C TRP J 160 -15.01 28.67 -3.34
N TYR J 161 -13.93 28.77 -2.58
CA TYR J 161 -12.60 28.38 -3.05
C TYR J 161 -11.99 27.34 -2.13
N GLN J 162 -11.17 26.46 -2.72
CA GLN J 162 -10.34 25.51 -2.01
C GLN J 162 -8.88 25.93 -2.11
N GLN J 163 -8.17 25.91 -0.99
CA GLN J 163 -6.74 26.24 -0.97
C GLN J 163 -5.99 25.20 -0.16
N LYS J 164 -5.03 24.53 -0.80
CA LYS J 164 -4.10 23.63 -0.14
C LYS J 164 -2.80 24.34 0.21
N PRO J 165 -2.05 23.84 1.18
CA PRO J 165 -0.85 24.56 1.65
C PRO J 165 0.13 24.81 0.51
N GLY J 166 0.60 26.05 0.42
CA GLY J 166 1.57 26.43 -0.58
C GLY J 166 1.03 26.63 -1.98
N GLN J 167 -0.28 26.53 -2.18
CA GLN J 167 -0.87 26.63 -3.51
C GLN J 167 -1.85 27.78 -3.58
N ALA J 168 -2.13 28.21 -4.80
CA ALA J 168 -3.11 29.26 -5.03
C ALA J 168 -4.52 28.74 -4.78
N PRO J 169 -5.46 29.61 -4.42
CA PRO J 169 -6.85 29.17 -4.29
C PRO J 169 -7.40 28.64 -5.62
N ARG J 170 -8.35 27.72 -5.50
CA ARG J 170 -8.98 27.09 -6.66
C ARG J 170 -10.49 27.23 -6.56
N LEU J 171 -11.11 27.70 -7.64
CA LEU J 171 -12.55 27.94 -7.63
C LEU J 171 -13.31 26.62 -7.58
N LEU J 172 -14.23 26.51 -6.62
CA LEU J 172 -15.14 25.38 -6.51
C LEU J 172 -16.55 25.70 -6.97
N ILE J 173 -17.15 26.74 -6.42
CA ILE J 173 -18.55 27.09 -6.66
C ILE J 173 -18.61 28.59 -6.89
N TYR J 174 -19.46 29.02 -7.82
CA TYR J 174 -19.77 30.43 -7.99
C TYR J 174 -21.27 30.58 -8.16
N ASP J 175 -21.75 31.82 -8.06
CA ASP J 175 -23.19 32.11 -8.07
C ASP J 175 -23.92 31.21 -7.07
N SER J 176 -23.29 30.98 -5.91
CA SER J 176 -23.81 30.20 -4.80
C SER J 176 -23.91 28.70 -5.06
N SER J 177 -24.39 28.30 -6.25
CA SER J 177 -24.64 26.89 -6.51
C SER J 177 -24.02 26.34 -7.78
N SER J 178 -23.38 27.17 -8.60
CA SER J 178 -22.86 26.72 -9.89
C SER J 178 -21.48 26.11 -9.70
N ARG J 179 -21.35 24.82 -10.05
CA ARG J 179 -20.09 24.11 -9.89
C ARG J 179 -19.13 24.43 -11.03
N ALA J 180 -17.91 24.83 -10.68
CA ALA J 180 -16.94 25.23 -11.67
C ALA J 180 -16.53 24.04 -12.54
N THR J 181 -15.96 24.36 -13.70
CA THR J 181 -15.56 23.32 -14.65
C THR J 181 -14.44 22.47 -14.07
N GLY J 182 -14.61 21.15 -14.16
CA GLY J 182 -13.64 20.21 -13.64
C GLY J 182 -13.79 19.87 -12.17
N VAL J 183 -14.78 20.43 -11.49
CA VAL J 183 -14.99 20.17 -10.07
C VAL J 183 -15.89 18.94 -9.91
N PRO J 184 -15.50 17.97 -9.08
CA PRO J 184 -16.31 16.76 -8.92
C PRO J 184 -17.69 17.07 -8.35
N ALA J 185 -18.66 16.22 -8.73
CA ALA J 185 -20.04 16.42 -8.32
C ALA J 185 -20.26 16.31 -6.82
N ARG J 186 -19.29 15.76 -6.07
CA ARG J 186 -19.45 15.70 -4.63
C ARG J 186 -19.38 17.07 -3.97
N PHE J 187 -18.93 18.09 -4.69
CA PHE J 187 -18.99 19.47 -4.21
C PHE J 187 -20.30 20.10 -4.67
N SER J 188 -20.99 20.78 -3.76
CA SER J 188 -22.23 21.45 -4.10
C SER J 188 -22.47 22.60 -3.13
N GLY J 189 -22.92 23.73 -3.67
CA GLY J 189 -23.25 24.88 -2.85
C GLY J 189 -24.73 25.20 -2.89
N SER J 190 -25.22 25.91 -1.88
CA SER J 190 -26.63 26.27 -1.82
C SER J 190 -26.78 27.50 -0.93
N GLY J 191 -28.01 27.99 -0.82
CA GLY J 191 -28.32 29.12 0.01
C GLY J 191 -28.49 30.40 -0.80
N SER J 192 -29.01 31.43 -0.12
CA SER J 192 -29.26 32.71 -0.76
C SER J 192 -29.34 33.78 0.32
N GLY J 193 -29.25 35.03 -0.13
CA GLY J 193 -29.37 36.18 0.75
C GLY J 193 -28.18 36.35 1.68
N THR J 194 -28.31 35.83 2.90
CA THR J 194 -27.28 35.93 3.93
C THR J 194 -26.82 34.57 4.46
N ASP J 195 -27.38 33.47 3.96
CA ASP J 195 -27.10 32.14 4.49
C ASP J 195 -26.68 31.22 3.35
N PHE J 196 -25.42 30.80 3.35
CA PHE J 196 -24.87 29.96 2.30
C PHE J 196 -24.17 28.75 2.90
N THR J 197 -24.18 27.65 2.14
CA THR J 197 -23.61 26.39 2.60
C THR J 197 -22.83 25.73 1.46
N LEU J 198 -21.65 25.21 1.78
CA LEU J 198 -20.90 24.35 0.88
C LEU J 198 -20.89 22.94 1.46
N THR J 199 -21.29 21.97 0.64
CA THR J 199 -21.37 20.59 1.07
C THR J 199 -20.43 19.73 0.23
N ILE J 200 -19.59 18.96 0.91
CA ILE J 200 -18.77 17.93 0.28
C ILE J 200 -19.34 16.60 0.71
N SER J 201 -20.03 15.92 -0.21
CA SER J 201 -20.89 14.80 0.17
C SER J 201 -20.08 13.67 0.79
N SER J 202 -19.01 13.24 0.13
CA SER J 202 -18.15 12.19 0.65
C SER J 202 -16.71 12.65 0.50
N LEU J 203 -16.08 12.96 1.63
CA LEU J 203 -14.71 13.47 1.60
C LEU J 203 -13.76 12.43 1.03
N GLU J 204 -12.87 12.89 0.17
CA GLU J 204 -11.73 12.14 -0.32
C GLU J 204 -10.46 12.66 0.33
N PRO J 205 -9.36 11.88 0.29
CA PRO J 205 -8.12 12.36 0.93
C PRO J 205 -7.56 13.62 0.29
N GLU J 206 -7.95 13.92 -0.95
CA GLU J 206 -7.53 15.14 -1.66
C GLU J 206 -8.39 16.36 -1.31
N ASP J 207 -9.43 16.18 -0.50
CA ASP J 207 -10.33 17.27 -0.14
C ASP J 207 -9.93 18.00 1.13
N PHE J 208 -8.90 17.56 1.85
CA PHE J 208 -8.52 18.18 3.11
C PHE J 208 -7.70 19.44 2.84
N ALA J 209 -8.29 20.59 3.10
CA ALA J 209 -7.70 21.89 2.76
C ALA J 209 -8.49 22.98 3.49
N VAL J 210 -8.12 24.23 3.23
CA VAL J 210 -8.84 25.39 3.75
C VAL J 210 -9.81 25.88 2.68
N TYR J 211 -11.02 26.23 3.11
CA TYR J 211 -12.09 26.64 2.19
C TYR J 211 -12.55 28.04 2.55
N TYR J 212 -12.64 28.91 1.54
CA TYR J 212 -13.03 30.30 1.71
C TYR J 212 -14.29 30.59 0.92
N CYS J 213 -15.21 31.37 1.51
CA CYS J 213 -16.32 31.96 0.77
C CYS J 213 -15.98 33.40 0.41
N HIS J 214 -16.68 33.91 -0.60
CA HIS J 214 -16.29 35.17 -1.24
C HIS J 214 -17.52 35.80 -1.88
N GLN J 215 -17.81 37.04 -1.53
CA GLN J 215 -18.92 37.79 -2.10
C GLN J 215 -18.39 38.86 -3.04
N TYR J 216 -18.99 38.95 -4.23
CA TYR J 216 -18.59 39.89 -5.27
C TYR J 216 -19.81 40.65 -5.78
N SER J 217 -20.73 40.99 -4.88
CA SER J 217 -21.97 41.67 -5.24
C SER J 217 -21.85 43.19 -5.17
N ASP J 218 -20.69 43.75 -4.87
CA ASP J 218 -20.54 45.19 -4.76
C ASP J 218 -19.13 45.59 -5.14
N ILE J 219 -18.78 46.85 -4.83
CA ILE J 219 -17.47 47.41 -5.17
C ILE J 219 -16.38 46.93 -4.23
N SER J 220 -16.74 46.52 -3.01
CA SER J 220 -15.77 46.14 -1.97
C SER J 220 -15.78 44.62 -1.78
N PRO J 221 -15.00 43.87 -2.56
CA PRO J 221 -15.01 42.41 -2.40
C PRO J 221 -14.45 42.00 -1.05
N THR J 222 -15.09 41.01 -0.43
CA THR J 222 -14.67 40.52 0.87
C THR J 222 -14.67 39.00 0.86
N PHE J 223 -13.84 38.42 1.73
CA PHE J 223 -13.73 36.99 1.90
C PHE J 223 -14.10 36.59 3.32
N GLY J 224 -14.61 35.37 3.47
CA GLY J 224 -14.65 34.76 4.79
C GLY J 224 -13.27 34.44 5.28
N GLN J 225 -13.16 34.11 6.57
CA GLN J 225 -11.85 33.87 7.15
C GLN J 225 -11.42 32.42 7.02
N GLY J 226 -12.24 31.56 6.42
CA GLY J 226 -11.82 30.22 6.09
C GLY J 226 -12.26 29.19 7.10
N THR J 227 -12.58 28.00 6.60
CA THR J 227 -12.84 26.81 7.41
C THR J 227 -11.84 25.75 7.02
N LYS J 228 -11.08 25.26 8.00
CA LYS J 228 -10.09 24.23 7.76
C LYS J 228 -10.73 22.85 7.93
N VAL J 229 -10.66 22.03 6.89
CA VAL J 229 -11.15 20.66 6.93
C VAL J 229 -9.92 19.75 7.02
N GLU J 230 -9.71 19.14 8.18
CA GLU J 230 -8.52 18.34 8.43
C GLU J 230 -8.83 16.88 8.69
N VAL K 2 31.37 -51.60 12.07
CA VAL K 2 30.57 -50.54 12.68
C VAL K 2 29.36 -50.19 11.82
N GLN K 3 28.20 -50.72 12.20
CA GLN K 3 27.05 -50.78 11.29
C GLN K 3 25.74 -50.65 12.06
N LEU K 4 24.76 -50.02 11.42
CA LEU K 4 23.37 -50.01 11.86
C LEU K 4 22.50 -50.49 10.70
N VAL K 5 21.86 -51.63 10.86
CA VAL K 5 21.01 -52.21 9.82
C VAL K 5 19.56 -51.92 10.19
N GLU K 6 18.93 -51.01 9.45
CA GLU K 6 17.56 -50.60 9.70
C GLU K 6 16.58 -51.50 8.93
N SER K 7 15.36 -51.59 9.44
CA SER K 7 14.29 -52.29 8.72
C SER K 7 12.94 -51.75 9.15
N GLY K 8 11.94 -52.00 8.31
CA GLY K 8 10.57 -51.59 8.56
C GLY K 8 10.15 -50.43 7.67
N GLY K 9 9.04 -49.82 8.04
CA GLY K 9 8.47 -48.72 7.29
C GLY K 9 7.37 -49.16 6.34
N GLY K 10 7.11 -48.31 5.36
CA GLY K 10 6.13 -48.60 4.31
C GLY K 10 4.98 -47.62 4.34
N LEU K 11 3.93 -47.99 3.61
CA LEU K 11 2.74 -47.17 3.43
C LEU K 11 1.64 -47.66 4.35
N VAL K 12 1.09 -46.76 5.18
CA VAL K 12 0.12 -47.13 6.20
C VAL K 12 -1.00 -46.10 6.23
N GLN K 13 -2.18 -46.54 6.67
CA GLN K 13 -3.32 -45.66 6.77
C GLN K 13 -3.18 -44.72 7.97
N PRO K 14 -3.86 -43.57 7.95
CA PRO K 14 -3.86 -42.70 9.13
C PRO K 14 -4.48 -43.39 10.33
N GLY K 15 -3.88 -43.16 11.49
CA GLY K 15 -4.30 -43.85 12.71
C GLY K 15 -3.73 -45.22 12.89
N GLY K 16 -2.98 -45.74 11.93
CA GLY K 16 -2.41 -47.07 12.02
C GLY K 16 -1.16 -47.10 12.87
N SER K 17 -0.53 -48.27 12.88
CA SER K 17 0.65 -48.54 13.70
C SER K 17 1.75 -49.13 12.85
N LEU K 18 2.99 -48.89 13.28
CA LEU K 18 4.18 -49.38 12.59
C LEU K 18 5.31 -49.47 13.60
N ARG K 19 6.23 -50.42 13.36
CA ARG K 19 7.40 -50.57 14.22
C ARG K 19 8.66 -50.61 13.37
N LEU K 20 9.61 -49.75 13.70
CA LEU K 20 10.90 -49.69 13.05
C LEU K 20 11.96 -50.36 13.92
N SER K 21 12.94 -50.98 13.26
CA SER K 21 14.01 -51.66 13.95
C SER K 21 15.35 -51.25 13.37
N CYS K 22 16.38 -51.32 14.21
CA CYS K 22 17.74 -50.94 13.80
C CYS K 22 18.70 -51.86 14.55
N ALA K 23 19.40 -52.72 13.80
CA ALA K 23 20.29 -53.73 14.39
C ALA K 23 21.73 -53.25 14.29
N ALA K 24 22.40 -53.18 15.43
CA ALA K 24 23.75 -52.64 15.51
C ALA K 24 24.79 -53.74 15.55
N SER K 25 25.98 -53.42 15.05
CA SER K 25 27.13 -54.30 15.14
C SER K 25 28.40 -53.47 15.07
N GLY K 26 29.47 -53.99 15.67
CA GLY K 26 30.76 -53.33 15.61
C GLY K 26 31.08 -52.39 16.74
N PHE K 27 30.16 -52.20 17.69
CA PHE K 27 30.42 -51.34 18.84
C PHE K 27 29.60 -51.83 20.02
N THR K 28 29.92 -51.31 21.20
CA THR K 28 29.26 -51.70 22.45
C THR K 28 27.89 -51.01 22.49
N PHE K 29 26.94 -51.61 21.79
CA PHE K 29 25.59 -51.03 21.67
C PHE K 29 24.94 -50.80 23.02
N ARG K 30 25.11 -51.74 23.97
CA ARG K 30 24.39 -51.68 25.23
C ARG K 30 24.65 -50.39 26.00
N ASN K 31 25.74 -49.68 25.70
CA ASN K 31 26.12 -48.47 26.40
C ASN K 31 25.84 -47.20 25.60
N SER K 32 25.50 -47.34 24.31
CA SER K 32 25.46 -46.20 23.40
C SER K 32 24.14 -45.44 23.52
N ALA K 33 24.22 -44.12 23.39
CA ALA K 33 23.03 -43.31 23.22
C ALA K 33 22.56 -43.45 21.77
N MET K 34 21.30 -43.84 21.59
CA MET K 34 20.73 -44.10 20.27
C MET K 34 19.57 -43.15 20.05
N HIS K 35 19.53 -42.53 18.87
CA HIS K 35 18.49 -41.58 18.51
C HIS K 35 17.75 -42.03 17.27
N TRP K 36 16.54 -41.50 17.10
CA TRP K 36 15.83 -41.57 15.83
C TRP K 36 15.71 -40.16 15.27
N VAL K 37 15.99 -40.02 13.97
CA VAL K 37 15.90 -38.75 13.27
C VAL K 37 15.10 -38.97 12.00
N ARG K 38 14.25 -38.00 11.67
CA ARG K 38 13.40 -38.12 10.48
C ARG K 38 13.57 -36.92 9.57
N GLN K 39 13.11 -37.08 8.34
CA GLN K 39 13.26 -36.07 7.29
C GLN K 39 12.05 -36.13 6.39
N ALA K 40 11.17 -35.13 6.49
CA ALA K 40 10.01 -35.08 5.64
C ALA K 40 10.43 -34.86 4.18
N PRO K 41 9.63 -35.29 3.21
CA PRO K 41 10.02 -35.14 1.81
C PRO K 41 10.30 -33.69 1.45
N GLY K 42 11.50 -33.44 0.95
CA GLY K 42 11.91 -32.09 0.60
C GLY K 42 12.13 -31.16 1.77
N LYS K 43 12.41 -31.70 2.96
CA LYS K 43 12.62 -30.93 4.17
C LYS K 43 13.97 -31.26 4.78
N GLY K 44 14.25 -30.65 5.94
CA GLY K 44 15.49 -30.85 6.65
C GLY K 44 15.37 -31.96 7.69
N LEU K 45 16.48 -32.20 8.37
CA LEU K 45 16.54 -33.21 9.42
C LEU K 45 15.84 -32.70 10.68
N GLU K 46 15.16 -33.62 11.37
CA GLU K 46 14.40 -33.30 12.57
C GLU K 46 14.59 -34.43 13.57
N TRP K 47 15.05 -34.10 14.78
CA TRP K 47 15.24 -35.09 15.82
C TRP K 47 13.88 -35.58 16.33
N VAL K 48 13.81 -36.88 16.65
CA VAL K 48 12.56 -37.53 17.03
C VAL K 48 12.60 -38.04 18.47
N SER K 49 13.60 -38.85 18.81
CA SER K 49 13.60 -39.51 20.11
C SER K 49 15.02 -39.93 20.47
N SER K 50 15.22 -40.25 21.74
CA SER K 50 16.51 -40.64 22.26
C SER K 50 16.34 -41.65 23.38
N ILE K 51 17.31 -42.56 23.49
CA ILE K 51 17.36 -43.53 24.57
C ILE K 51 18.83 -43.78 24.91
N TRP K 52 19.10 -44.00 26.20
CA TRP K 52 20.49 -44.16 26.66
C TRP K 52 20.60 -45.27 27.71
N TYR K 53 21.59 -45.16 28.59
CA TYR K 53 21.79 -46.12 29.66
C TYR K 53 20.60 -46.13 30.63
N SER K 54 20.58 -47.16 31.46
CA SER K 54 19.54 -47.33 32.46
C SER K 54 19.88 -46.51 33.71
N GLY K 55 18.98 -45.63 34.11
CA GLY K 55 19.34 -44.48 34.91
C GLY K 55 19.21 -43.15 34.21
N SER K 56 18.93 -43.14 32.91
CA SER K 56 18.73 -41.91 32.15
C SER K 56 17.30 -41.85 31.65
N ASN K 57 16.86 -40.64 31.33
CA ASN K 57 15.53 -40.45 30.78
C ASN K 57 15.54 -40.71 29.28
N THR K 58 14.43 -41.25 28.79
CA THR K 58 14.17 -41.24 27.36
C THR K 58 13.48 -39.94 26.99
N TYR K 59 13.79 -39.42 25.81
CA TYR K 59 13.33 -38.13 25.37
C TYR K 59 12.59 -38.25 24.04
N TYR K 60 11.59 -37.38 23.86
CA TYR K 60 10.80 -37.35 22.64
C TYR K 60 10.62 -35.90 22.21
N ALA K 61 10.47 -35.70 20.91
CA ALA K 61 10.07 -34.41 20.40
C ALA K 61 8.57 -34.23 20.57
N ASP K 62 8.15 -32.97 20.69
CA ASP K 62 6.73 -32.66 20.87
C ASP K 62 5.89 -33.21 19.72
N SER K 63 6.48 -33.38 18.55
CA SER K 63 5.74 -33.92 17.40
C SER K 63 5.26 -35.34 17.64
N VAL K 64 6.00 -36.13 18.42
CA VAL K 64 5.71 -37.55 18.58
C VAL K 64 5.48 -37.97 20.03
N LYS K 65 5.78 -37.13 21.01
CA LYS K 65 5.63 -37.51 22.41
C LYS K 65 4.18 -37.89 22.73
N GLY K 66 4.01 -39.10 23.27
CA GLY K 66 2.72 -39.63 23.62
C GLY K 66 2.17 -40.64 22.65
N ARG K 67 2.72 -40.70 21.45
CA ARG K 67 2.31 -41.64 20.43
C ARG K 67 3.40 -42.62 20.04
N PHE K 68 4.66 -42.22 20.11
CA PHE K 68 5.78 -43.06 19.74
C PHE K 68 6.48 -43.55 21.01
N THR K 69 7.08 -44.74 20.91
CA THR K 69 7.83 -45.32 22.02
C THR K 69 9.17 -45.82 21.50
N ILE K 70 10.25 -45.25 21.99
CA ILE K 70 11.59 -45.75 21.70
C ILE K 70 11.94 -46.79 22.76
N SER K 71 12.61 -47.85 22.33
CA SER K 71 12.99 -48.92 23.24
C SER K 71 14.21 -49.63 22.67
N ARG K 72 14.80 -50.51 23.48
CA ARG K 72 15.99 -51.23 23.07
C ARG K 72 16.02 -52.59 23.74
N ASP K 73 16.60 -53.56 23.04
CA ASP K 73 16.87 -54.89 23.58
C ASP K 73 18.38 -55.07 23.45
N ASN K 74 19.11 -54.78 24.53
CA ASN K 74 20.57 -54.81 24.49
C ASN K 74 21.12 -56.21 24.29
N SER K 75 20.33 -57.25 24.59
CA SER K 75 20.80 -58.60 24.36
C SER K 75 20.83 -58.95 22.88
N LYS K 76 20.06 -58.23 22.05
CA LYS K 76 20.11 -58.44 20.61
C LYS K 76 20.70 -57.26 19.86
N ASN K 77 21.24 -56.27 20.57
CA ASN K 77 21.84 -55.07 19.97
C ASN K 77 20.88 -54.41 18.99
N THR K 78 19.63 -54.26 19.41
CA THR K 78 18.56 -53.77 18.54
C THR K 78 17.88 -52.56 19.16
N LEU K 79 17.63 -51.55 18.33
CA LEU K 79 16.87 -50.37 18.70
C LEU K 79 15.50 -50.43 18.05
N TYR K 80 14.47 -49.99 18.78
CA TYR K 80 13.10 -50.05 18.28
C TYR K 80 12.45 -48.67 18.35
N LEU K 81 11.50 -48.45 17.44
CA LEU K 81 10.61 -47.30 17.48
C LEU K 81 9.21 -47.77 17.17
N GLN K 82 8.34 -47.76 18.18
CA GLN K 82 6.93 -48.12 18.01
C GLN K 82 6.16 -46.86 17.66
N MET K 83 5.51 -46.86 16.50
CA MET K 83 4.81 -45.69 15.97
C MET K 83 3.32 -46.00 15.97
N ASN K 84 2.59 -45.37 16.89
CA ASN K 84 1.14 -45.54 17.01
C ASN K 84 0.44 -44.23 16.65
N SER K 85 -0.85 -44.35 16.34
CA SER K 85 -1.71 -43.21 16.05
C SER K 85 -1.10 -42.31 14.98
N LEU K 86 -0.74 -42.92 13.86
CA LEU K 86 0.01 -42.22 12.83
C LEU K 86 -0.86 -41.20 12.11
N THR K 87 -0.24 -40.11 11.69
CA THR K 87 -0.90 -39.02 11.00
C THR K 87 -0.07 -38.62 9.78
N ALA K 88 -0.72 -37.95 8.84
CA ALA K 88 -0.07 -37.56 7.60
C ALA K 88 1.21 -36.77 7.83
N GLU K 89 1.26 -36.00 8.92
CA GLU K 89 2.46 -35.22 9.22
C GLU K 89 3.63 -36.08 9.68
N ASP K 90 3.43 -37.38 9.93
CA ASP K 90 4.53 -38.26 10.25
C ASP K 90 5.24 -38.80 9.02
N THR K 91 4.75 -38.50 7.82
CA THR K 91 5.38 -38.98 6.60
C THR K 91 6.79 -38.41 6.46
N ALA K 92 7.77 -39.30 6.43
CA ALA K 92 9.18 -38.90 6.42
C ALA K 92 10.03 -40.15 6.27
N VAL K 93 11.30 -39.94 5.97
CA VAL K 93 12.32 -40.99 6.04
C VAL K 93 12.90 -40.96 7.45
N TYR K 94 12.83 -42.09 8.14
CA TYR K 94 13.28 -42.19 9.53
C TYR K 94 14.65 -42.85 9.58
N TYR K 95 15.59 -42.22 10.27
CA TYR K 95 16.94 -42.72 10.44
C TYR K 95 17.19 -43.09 11.90
N CYS K 96 17.80 -44.25 12.13
CA CYS K 96 18.44 -44.52 13.40
C CYS K 96 19.88 -44.03 13.34
N ALA K 97 20.40 -43.59 14.48
CA ALA K 97 21.72 -42.99 14.51
C ALA K 97 22.33 -43.15 15.89
N ARG K 98 23.63 -43.42 15.93
CA ARG K 98 24.37 -43.48 17.18
C ARG K 98 24.88 -42.08 17.51
N PHE K 99 24.63 -41.64 18.73
CA PHE K 99 25.03 -40.30 19.17
C PHE K 99 26.28 -40.42 20.04
N ALA K 100 27.37 -39.79 19.59
CA ALA K 100 28.64 -39.83 20.28
C ALA K 100 28.99 -38.52 20.99
N GLY K 101 28.12 -37.52 20.93
CA GLY K 101 28.38 -36.25 21.59
C GLY K 101 29.70 -35.64 21.17
N GLY K 102 30.51 -35.27 22.15
CA GLY K 102 31.83 -34.70 21.87
C GLY K 102 32.78 -35.63 21.17
N TRP K 103 32.39 -36.90 20.96
CA TRP K 103 33.24 -37.88 20.30
C TRP K 103 32.71 -38.28 18.93
N GLY K 104 31.86 -37.45 18.32
CA GLY K 104 31.44 -37.71 16.95
C GLY K 104 30.02 -37.34 16.56
N ALA K 105 29.26 -36.75 17.48
CA ALA K 105 27.85 -36.34 17.22
C ALA K 105 27.12 -37.56 16.65
N TYR K 106 26.39 -37.42 15.54
CA TYR K 106 25.79 -38.57 14.84
C TYR K 106 26.83 -39.12 13.89
N ASP K 107 27.68 -40.02 14.38
CA ASP K 107 28.77 -40.56 13.58
C ASP K 107 28.40 -41.82 12.82
N VAL K 108 27.33 -42.51 13.20
CA VAL K 108 26.86 -43.70 12.51
C VAL K 108 25.36 -43.56 12.26
N TRP K 109 24.94 -43.76 11.02
CA TRP K 109 23.55 -43.64 10.61
C TRP K 109 23.05 -44.94 9.98
N GLY K 110 21.80 -45.29 10.26
CA GLY K 110 21.13 -46.27 9.44
C GLY K 110 20.87 -45.71 8.06
N GLN K 111 20.50 -46.59 7.13
CA GLN K 111 20.29 -46.10 5.77
C GLN K 111 18.98 -45.36 5.60
N GLY K 112 18.05 -45.51 6.54
CA GLY K 112 16.78 -44.82 6.48
C GLY K 112 15.68 -45.60 5.79
N THR K 113 14.46 -45.51 6.31
CA THR K 113 13.30 -46.14 5.71
C THR K 113 12.15 -45.14 5.63
N LEU K 114 11.43 -45.16 4.51
CA LEU K 114 10.34 -44.23 4.28
C LEU K 114 9.06 -44.72 4.94
N VAL K 115 8.44 -43.84 5.73
CA VAL K 115 7.12 -44.07 6.30
C VAL K 115 6.18 -43.06 5.66
N THR K 116 5.16 -43.54 4.96
CA THR K 116 4.15 -42.68 4.34
C THR K 116 2.80 -43.00 4.96
N VAL K 117 2.13 -41.98 5.47
CA VAL K 117 0.84 -42.13 6.11
C VAL K 117 -0.19 -41.45 5.23
N SER K 118 -1.05 -42.24 4.61
CA SER K 118 -1.98 -41.72 3.61
C SER K 118 -3.12 -42.70 3.44
N SER K 119 -4.30 -42.18 3.16
CA SER K 119 -5.48 -42.97 2.83
C SER K 119 -5.90 -42.81 1.39
N GLY K 120 -5.24 -41.93 0.63
CA GLY K 120 -5.70 -41.58 -0.69
C GLY K 120 -5.23 -42.54 -1.76
N GLY K 121 -5.79 -42.36 -2.95
CA GLY K 121 -5.38 -43.11 -4.12
C GLY K 121 -4.26 -42.41 -4.87
N GLY K 122 -3.96 -42.93 -6.05
CA GLY K 122 -2.93 -42.35 -6.88
C GLY K 122 -3.28 -41.02 -7.51
N GLY K 123 -4.53 -40.55 -7.33
CA GLY K 123 -4.89 -39.22 -7.77
C GLY K 123 -4.63 -38.18 -6.69
N SER K 124 -4.43 -36.96 -7.14
CA SER K 124 -4.17 -35.84 -6.24
C SER K 124 -5.43 -35.03 -6.00
N ASP K 125 -5.51 -34.42 -4.82
CA ASP K 125 -6.57 -33.47 -4.55
C ASP K 125 -6.49 -32.30 -5.51
N ILE K 126 -7.56 -31.52 -5.57
CA ILE K 126 -7.58 -30.35 -6.45
C ILE K 126 -6.72 -29.28 -5.77
N VAL K 127 -5.62 -28.91 -6.41
CA VAL K 127 -4.68 -27.95 -5.84
C VAL K 127 -5.04 -26.57 -6.35
N LEU K 128 -5.16 -25.62 -5.42
CA LEU K 128 -5.47 -24.23 -5.74
C LEU K 128 -4.23 -23.39 -5.57
N THR K 129 -3.88 -22.62 -6.61
CA THR K 129 -2.71 -21.75 -6.59
C THR K 129 -3.17 -20.32 -6.78
N GLN K 130 -2.92 -19.47 -5.78
CA GLN K 130 -3.29 -18.07 -5.85
C GLN K 130 -2.10 -17.23 -6.28
N SER K 131 -2.38 -16.19 -7.04
CA SER K 131 -1.34 -15.27 -7.52
C SER K 131 -1.91 -13.88 -7.70
N PRO K 132 -1.13 -12.85 -7.36
CA PRO K 132 0.20 -12.97 -6.76
C PRO K 132 0.12 -13.26 -5.26
N ALA K 133 1.25 -13.61 -4.65
CA ALA K 133 1.27 -13.81 -3.21
C ALA K 133 0.96 -12.53 -2.45
N THR K 134 1.36 -11.38 -3.01
CA THR K 134 1.20 -10.09 -2.35
C THR K 134 0.85 -9.02 -3.37
N LEU K 135 0.01 -8.08 -2.96
CA LEU K 135 -0.37 -6.91 -3.76
C LEU K 135 -0.27 -5.68 -2.87
N SER K 136 0.53 -4.71 -3.26
CA SER K 136 0.65 -3.45 -2.53
C SER K 136 -0.13 -2.42 -3.34
N LEU K 137 -1.21 -1.91 -2.75
CA LEU K 137 -2.10 -0.96 -3.43
C LEU K 137 -2.47 0.13 -2.44
N SER K 138 -3.15 1.16 -2.93
CA SER K 138 -3.60 2.28 -2.14
C SER K 138 -5.13 2.32 -2.16
N PRO K 139 -5.76 3.00 -1.20
CA PRO K 139 -7.22 3.14 -1.26
C PRO K 139 -7.66 3.76 -2.57
N GLY K 140 -8.73 3.20 -3.15
CA GLY K 140 -9.28 3.64 -4.41
C GLY K 140 -8.84 2.84 -5.62
N GLU K 141 -7.76 2.07 -5.52
CA GLU K 141 -7.23 1.33 -6.66
C GLU K 141 -7.91 -0.03 -6.83
N ARG K 142 -7.63 -0.68 -7.96
CA ARG K 142 -8.22 -1.96 -8.31
C ARG K 142 -7.33 -3.11 -7.85
N ALA K 143 -7.94 -4.12 -7.24
CA ALA K 143 -7.26 -5.35 -6.87
C ALA K 143 -7.79 -6.50 -7.72
N THR K 144 -6.90 -7.19 -8.41
CA THR K 144 -7.25 -8.34 -9.25
C THR K 144 -6.50 -9.56 -8.73
N LEU K 145 -7.22 -10.56 -8.25
CA LEU K 145 -6.65 -11.75 -7.63
C LEU K 145 -6.99 -12.97 -8.47
N SER K 146 -6.03 -13.89 -8.59
CA SER K 146 -6.20 -15.08 -9.41
C SER K 146 -6.17 -16.34 -8.55
N CYS K 147 -7.03 -17.30 -8.90
CA CYS K 147 -7.04 -18.63 -8.32
C CYS K 147 -7.10 -19.63 -9.47
N ARG K 148 -6.08 -20.47 -9.59
CA ARG K 148 -6.02 -21.48 -10.63
C ARG K 148 -6.02 -22.87 -10.00
N ALA K 149 -6.87 -23.75 -10.52
CA ALA K 149 -7.02 -25.10 -10.02
C ALA K 149 -6.26 -26.08 -10.90
N SER K 150 -5.72 -27.12 -10.25
CA SER K 150 -4.98 -28.15 -10.99
C SER K 150 -5.91 -28.98 -11.86
N GLN K 151 -7.19 -29.09 -11.48
CA GLN K 151 -8.19 -29.78 -12.27
C GLN K 151 -9.44 -28.92 -12.32
N SER K 152 -10.33 -29.22 -13.27
CA SER K 152 -11.57 -28.47 -13.40
C SER K 152 -12.42 -28.60 -12.15
N VAL K 153 -12.96 -27.47 -11.70
CA VAL K 153 -13.82 -27.44 -10.51
C VAL K 153 -15.26 -27.59 -10.99
N SER K 154 -15.83 -28.78 -10.79
CA SER K 154 -17.17 -29.06 -11.28
C SER K 154 -18.19 -28.11 -10.64
N SER K 155 -19.16 -27.69 -11.44
CA SER K 155 -20.24 -26.78 -11.06
C SER K 155 -19.73 -25.41 -10.65
N ASN K 156 -18.44 -25.12 -10.87
CA ASN K 156 -17.81 -23.87 -10.46
C ASN K 156 -18.03 -23.59 -8.98
N TYR K 157 -17.97 -24.66 -8.17
CA TYR K 157 -18.10 -24.57 -6.72
C TYR K 157 -16.80 -24.03 -6.13
N LEU K 158 -16.59 -22.73 -6.30
CA LEU K 158 -15.41 -22.05 -5.80
C LEU K 158 -15.83 -20.81 -5.01
N ALA K 159 -15.24 -20.63 -3.83
CA ALA K 159 -15.59 -19.53 -2.94
C ALA K 159 -14.35 -18.69 -2.64
N TRP K 160 -14.60 -17.44 -2.25
CA TRP K 160 -13.57 -16.50 -1.85
C TRP K 160 -13.86 -16.00 -0.44
N TYR K 161 -12.83 -15.97 0.41
CA TYR K 161 -12.95 -15.48 1.77
C TYR K 161 -11.97 -14.35 2.05
N GLN K 162 -12.38 -13.45 2.93
CA GLN K 162 -11.53 -12.40 3.48
C GLN K 162 -11.24 -12.69 4.94
N GLN K 163 -9.98 -12.57 5.33
CA GLN K 163 -9.58 -12.78 6.72
C GLN K 163 -8.68 -11.64 7.16
N LYS K 164 -9.09 -10.94 8.20
CA LYS K 164 -8.30 -9.91 8.86
C LYS K 164 -7.57 -10.50 10.06
N PRO K 165 -6.47 -9.88 10.50
CA PRO K 165 -5.66 -10.48 11.56
C PRO K 165 -6.48 -10.70 12.83
N GLY K 166 -6.36 -11.91 13.39
CA GLY K 166 -7.03 -12.26 14.61
C GLY K 166 -8.51 -12.58 14.47
N GLN K 167 -9.04 -12.60 13.26
CA GLN K 167 -10.47 -12.80 13.05
C GLN K 167 -10.72 -14.03 12.18
N ALA K 168 -11.94 -14.55 12.27
CA ALA K 168 -12.33 -15.68 11.44
C ALA K 168 -12.51 -15.23 9.99
N PRO K 169 -12.35 -16.15 9.04
CA PRO K 169 -12.61 -15.81 7.64
C PRO K 169 -14.06 -15.38 7.44
N ARG K 170 -14.28 -14.53 6.43
CA ARG K 170 -15.59 -14.01 6.09
C ARG K 170 -15.90 -14.32 4.64
N LEU K 171 -17.06 -14.91 4.39
CA LEU K 171 -17.45 -15.27 3.03
C LEU K 171 -17.68 -14.02 2.19
N LEU K 172 -17.01 -13.95 1.04
CA LEU K 172 -17.20 -12.89 0.06
C LEU K 172 -17.97 -13.36 -1.15
N ILE K 173 -17.51 -14.41 -1.80
CA ILE K 173 -18.06 -14.92 -3.05
C ILE K 173 -18.19 -16.42 -2.94
N TYR K 174 -19.28 -16.98 -3.46
CA TYR K 174 -19.42 -18.42 -3.60
C TYR K 174 -20.00 -18.71 -4.98
N ASP K 175 -19.97 -19.99 -5.35
CA ASP K 175 -20.37 -20.42 -6.69
C ASP K 175 -19.67 -19.61 -7.77
N SER K 176 -18.40 -19.27 -7.51
CA SER K 176 -17.54 -18.53 -8.41
C SER K 176 -17.94 -17.07 -8.56
N SER K 177 -19.24 -16.79 -8.69
CA SER K 177 -19.69 -15.44 -8.99
C SER K 177 -20.75 -14.86 -8.04
N SER K 178 -21.24 -15.63 -7.08
CA SER K 178 -22.34 -15.16 -6.25
C SER K 178 -21.81 -14.37 -5.06
N ARG K 179 -22.19 -13.10 -5.00
CA ARG K 179 -21.80 -12.22 -3.90
C ARG K 179 -22.73 -12.44 -2.71
N ALA K 180 -22.14 -12.74 -1.55
CA ALA K 180 -22.93 -13.06 -0.36
C ALA K 180 -23.70 -11.84 0.13
N THR K 181 -24.70 -12.11 0.96
CA THR K 181 -25.54 -11.05 1.50
C THR K 181 -24.72 -10.14 2.41
N GLY K 182 -24.86 -8.84 2.19
CA GLY K 182 -24.15 -7.84 2.96
C GLY K 182 -22.75 -7.51 2.47
N VAL K 183 -22.30 -8.13 1.39
CA VAL K 183 -20.98 -7.85 0.83
C VAL K 183 -21.11 -6.70 -0.16
N PRO K 184 -20.27 -5.66 -0.05
CA PRO K 184 -20.41 -4.52 -0.97
C PRO K 184 -20.20 -4.93 -2.42
N ALA K 185 -20.88 -4.21 -3.32
CA ALA K 185 -20.87 -4.53 -4.73
C ALA K 185 -19.49 -4.40 -5.37
N ARG K 186 -18.55 -3.73 -4.70
CA ARG K 186 -17.20 -3.62 -5.25
C ARG K 186 -16.46 -4.95 -5.27
N PHE K 187 -16.98 -5.97 -4.57
CA PHE K 187 -16.43 -7.32 -4.67
C PHE K 187 -17.19 -8.08 -5.75
N SER K 188 -16.45 -8.76 -6.62
CA SER K 188 -17.08 -9.55 -7.68
C SER K 188 -16.13 -10.67 -8.10
N GLY K 189 -16.69 -11.85 -8.30
CA GLY K 189 -15.93 -13.00 -8.75
C GLY K 189 -16.32 -13.42 -10.15
N SER K 190 -15.43 -14.11 -10.85
CA SER K 190 -15.67 -14.55 -12.21
C SER K 190 -14.79 -15.76 -12.50
N GLY K 191 -14.94 -16.31 -13.69
CA GLY K 191 -14.15 -17.43 -14.15
C GLY K 191 -14.90 -18.74 -14.06
N SER K 192 -14.32 -19.77 -14.66
CA SER K 192 -14.91 -21.10 -14.68
C SER K 192 -13.83 -22.13 -14.94
N GLY K 193 -14.16 -23.39 -14.66
CA GLY K 193 -13.27 -24.50 -14.91
C GLY K 193 -12.06 -24.52 -13.99
N THR K 194 -10.95 -23.96 -14.47
CA THR K 194 -9.69 -23.93 -13.74
C THR K 194 -9.15 -22.52 -13.54
N ASP K 195 -9.83 -21.48 -14.03
CA ASP K 195 -9.32 -20.12 -14.01
C ASP K 195 -10.38 -19.24 -13.35
N PHE K 196 -10.08 -18.74 -12.15
CA PHE K 196 -11.01 -17.91 -11.40
C PHE K 196 -10.32 -16.63 -10.95
N THR K 197 -11.13 -15.57 -10.82
CA THR K 197 -10.63 -14.24 -10.47
C THR K 197 -11.55 -13.56 -9.47
N LEU K 198 -10.95 -12.91 -8.47
CA LEU K 198 -11.66 -12.03 -7.56
C LEU K 198 -11.23 -10.59 -7.83
N THR K 199 -12.19 -9.71 -8.05
CA THR K 199 -11.91 -8.31 -8.36
C THR K 199 -12.54 -7.41 -7.30
N ILE K 200 -11.72 -6.50 -6.76
CA ILE K 200 -12.18 -5.43 -5.88
C ILE K 200 -12.06 -4.15 -6.69
N SER K 201 -13.20 -3.59 -7.09
CA SER K 201 -13.20 -2.55 -8.12
C SER K 201 -12.41 -1.33 -7.67
N SER K 202 -12.71 -0.81 -6.48
CA SER K 202 -12.00 0.34 -5.89
C SER K 202 -11.73 0.01 -4.42
N LEU K 203 -10.46 -0.24 -4.08
CA LEU K 203 -10.14 -0.64 -2.73
C LEU K 203 -10.50 0.46 -1.72
N GLU K 204 -11.08 0.03 -0.61
CA GLU K 204 -11.28 0.87 0.55
C GLU K 204 -10.29 0.45 1.63
N PRO K 205 -10.05 1.31 2.63
CA PRO K 205 -9.07 0.95 3.68
C PRO K 205 -9.47 -0.27 4.48
N GLU K 206 -10.74 -0.65 4.48
CA GLU K 206 -11.23 -1.83 5.19
C GLU K 206 -11.01 -3.12 4.42
N ASP K 207 -10.51 -3.04 3.18
CA ASP K 207 -10.32 -4.21 2.33
C ASP K 207 -8.94 -4.82 2.44
N PHE K 208 -8.03 -4.24 3.21
CA PHE K 208 -6.66 -4.75 3.31
C PHE K 208 -6.65 -5.95 4.25
N ALA K 209 -6.44 -7.13 3.68
CA ALA K 209 -6.53 -8.40 4.41
C ALA K 209 -5.96 -9.49 3.52
N VAL K 210 -6.02 -10.72 4.01
CA VAL K 210 -5.63 -11.91 3.25
C VAL K 210 -6.88 -12.52 2.64
N TYR K 211 -6.79 -12.95 1.39
CA TYR K 211 -7.92 -13.48 0.65
C TYR K 211 -7.62 -14.91 0.23
N TYR K 212 -8.55 -15.82 0.49
CA TYR K 212 -8.40 -17.24 0.20
C TYR K 212 -9.48 -17.68 -0.78
N CYS K 213 -9.09 -18.52 -1.75
CA CYS K 213 -10.07 -19.23 -2.55
C CYS K 213 -10.22 -20.65 -2.01
N HIS K 214 -11.35 -21.27 -2.35
CA HIS K 214 -11.79 -22.50 -1.72
C HIS K 214 -12.70 -23.26 -2.69
N GLN K 215 -12.35 -24.51 -2.97
CA GLN K 215 -13.16 -25.36 -3.84
C GLN K 215 -13.86 -26.41 -2.99
N TYR K 216 -15.15 -26.59 -3.24
CA TYR K 216 -16.00 -27.54 -2.53
C TYR K 216 -16.76 -28.40 -3.54
N SER K 217 -16.10 -28.75 -4.64
CA SER K 217 -16.71 -29.52 -5.71
C SER K 217 -16.54 -31.02 -5.55
N ASP K 218 -15.94 -31.47 -4.45
CA ASP K 218 -15.72 -32.89 -4.21
C ASP K 218 -15.70 -33.13 -2.70
N ILE K 219 -15.39 -34.36 -2.30
CA ILE K 219 -15.36 -34.72 -0.89
C ILE K 219 -14.08 -34.31 -0.19
N SER K 220 -13.07 -33.85 -0.93
CA SER K 220 -11.81 -33.42 -0.35
C SER K 220 -11.65 -31.91 -0.52
N PRO K 221 -12.20 -31.11 0.39
CA PRO K 221 -12.12 -29.66 0.23
C PRO K 221 -10.70 -29.15 0.39
N THR K 222 -10.33 -28.19 -0.45
CA THR K 222 -9.00 -27.59 -0.44
C THR K 222 -9.11 -26.08 -0.52
N PHE K 223 -8.08 -25.41 -0.01
CA PHE K 223 -7.99 -23.96 -0.04
C PHE K 223 -6.77 -23.52 -0.82
N GLY K 224 -6.84 -22.33 -1.43
CA GLY K 224 -5.64 -21.67 -1.89
C GLY K 224 -4.80 -21.22 -0.71
N GLN K 225 -3.56 -20.83 -1.01
CA GLN K 225 -2.64 -20.46 0.05
C GLN K 225 -2.73 -18.99 0.42
N GLY K 226 -3.58 -18.23 -0.26
CA GLY K 226 -3.87 -16.86 0.14
C GLY K 226 -3.10 -15.79 -0.61
N THR K 227 -3.75 -14.66 -0.84
CA THR K 227 -3.10 -13.47 -1.38
C THR K 227 -3.29 -12.33 -0.38
N LYS K 228 -2.18 -11.74 0.07
CA LYS K 228 -2.23 -10.63 1.01
C LYS K 228 -2.28 -9.32 0.24
N VAL K 229 -3.29 -8.51 0.53
CA VAL K 229 -3.47 -7.21 -0.09
C VAL K 229 -3.05 -6.16 0.92
N GLU K 230 -1.97 -5.44 0.61
CA GLU K 230 -1.40 -4.48 1.55
C GLU K 230 -1.55 -3.05 1.00
N VAL L 2 -28.34 -15.97 13.42
CA VAL L 2 -27.52 -16.96 12.73
C VAL L 2 -26.07 -16.91 13.22
N GLN L 3 -25.74 -17.84 14.12
CA GLN L 3 -24.52 -17.74 14.89
C GLN L 3 -24.02 -19.12 15.32
N LEU L 4 -22.71 -19.24 15.41
CA LEU L 4 -22.02 -20.41 15.96
C LEU L 4 -21.14 -19.95 17.11
N VAL L 5 -21.44 -20.41 18.32
CA VAL L 5 -20.70 -20.03 19.52
C VAL L 5 -19.73 -21.18 19.84
N GLU L 6 -18.44 -20.93 19.60
CA GLU L 6 -17.42 -21.93 19.82
C GLU L 6 -16.90 -21.85 21.26
N SER L 7 -16.37 -22.96 21.75
CA SER L 7 -15.70 -22.99 23.05
C SER L 7 -14.71 -24.13 23.09
N GLY L 8 -13.77 -24.04 24.02
CA GLY L 8 -12.74 -25.03 24.22
C GLY L 8 -11.38 -24.55 23.75
N GLY L 9 -10.45 -25.50 23.65
CA GLY L 9 -9.09 -25.22 23.23
C GLY L 9 -8.14 -25.03 24.40
N GLY L 10 -7.02 -24.39 24.11
CA GLY L 10 -6.03 -24.06 25.12
C GLY L 10 -4.70 -24.75 24.86
N LEU L 11 -3.84 -24.70 25.88
CA LEU L 11 -2.50 -25.24 25.83
C LEU L 11 -2.48 -26.60 26.52
N VAL L 12 -2.01 -27.63 25.80
CA VAL L 12 -2.02 -29.00 26.30
C VAL L 12 -0.72 -29.69 25.94
N GLN L 13 -0.42 -30.76 26.68
CA GLN L 13 0.78 -31.56 26.47
C GLN L 13 0.63 -32.46 25.25
N PRO L 14 1.74 -32.77 24.58
CA PRO L 14 1.67 -33.74 23.47
C PRO L 14 1.15 -35.08 23.96
N GLY L 15 0.32 -35.71 23.14
CA GLY L 15 -0.35 -36.94 23.52
C GLY L 15 -1.60 -36.74 24.35
N GLY L 16 -1.93 -35.51 24.73
CA GLY L 16 -3.09 -35.23 25.54
C GLY L 16 -4.38 -35.22 24.72
N SER L 17 -5.46 -34.83 25.39
CA SER L 17 -6.79 -34.84 24.80
C SER L 17 -7.46 -33.50 25.01
N LEU L 18 -8.36 -33.15 24.09
CA LEU L 18 -9.10 -31.90 24.14
C LEU L 18 -10.40 -32.07 23.36
N ARG L 19 -11.45 -31.41 23.83
CA ARG L 19 -12.74 -31.43 23.16
C ARG L 19 -13.18 -30.01 22.84
N LEU L 20 -13.54 -29.77 21.58
CA LEU L 20 -14.07 -28.50 21.14
C LEU L 20 -15.57 -28.61 20.94
N SER L 21 -16.26 -27.50 21.19
CA SER L 21 -17.71 -27.45 21.06
C SER L 21 -18.11 -26.21 20.27
N CYS L 22 -19.24 -26.31 19.58
CA CYS L 22 -19.76 -25.21 18.77
C CYS L 22 -21.28 -25.26 18.85
N ALA L 23 -21.88 -24.24 19.48
CA ALA L 23 -23.32 -24.20 19.70
C ALA L 23 -23.97 -23.28 18.68
N ALA L 24 -24.93 -23.82 17.94
CA ALA L 24 -25.57 -23.10 16.85
C ALA L 24 -26.90 -22.50 17.25
N SER L 25 -27.25 -21.39 16.58
CA SER L 25 -28.55 -20.76 16.74
C SER L 25 -28.87 -20.00 15.46
N GLY L 26 -30.16 -19.86 15.18
CA GLY L 26 -30.62 -19.10 14.03
C GLY L 26 -30.86 -19.90 12.77
N PHE L 27 -30.62 -21.21 12.78
CA PHE L 27 -30.90 -22.03 11.61
C PHE L 27 -31.23 -23.44 12.06
N THR L 28 -31.76 -24.23 11.12
CA THR L 28 -32.16 -25.61 11.37
C THR L 28 -30.89 -26.46 11.37
N PHE L 29 -30.21 -26.48 12.53
CA PHE L 29 -28.94 -27.17 12.67
C PHE L 29 -29.04 -28.64 12.28
N ARG L 30 -30.17 -29.28 12.58
CA ARG L 30 -30.31 -30.72 12.35
C ARG L 30 -30.13 -31.08 10.89
N ASN L 31 -30.40 -30.15 9.97
CA ASN L 31 -30.30 -30.41 8.54
C ASN L 31 -28.96 -29.99 7.94
N SER L 32 -28.17 -29.18 8.65
CA SER L 32 -26.97 -28.58 8.08
C SER L 32 -25.77 -29.49 8.20
N ALA L 33 -24.94 -29.49 7.16
CA ALA L 33 -23.61 -30.11 7.23
C ALA L 33 -22.65 -29.19 7.97
N MET L 34 -21.95 -29.74 8.96
CA MET L 34 -21.05 -28.96 9.80
C MET L 34 -19.62 -29.46 9.61
N HIS L 35 -18.68 -28.53 9.44
CA HIS L 35 -17.27 -28.84 9.23
C HIS L 35 -16.42 -28.19 10.31
N TRP L 36 -15.22 -28.74 10.48
CA TRP L 36 -14.16 -28.09 11.24
C TRP L 36 -13.02 -27.71 10.30
N VAL L 37 -12.51 -26.49 10.47
CA VAL L 37 -11.40 -25.99 9.68
C VAL L 37 -10.37 -25.43 10.64
N ARG L 38 -9.08 -25.64 10.34
CA ARG L 38 -8.02 -25.16 11.21
C ARG L 38 -7.03 -24.34 10.41
N GLN L 39 -6.21 -23.57 11.15
CA GLN L 39 -5.25 -22.64 10.56
C GLN L 39 -4.02 -22.60 11.45
N ALA L 40 -2.93 -23.20 11.00
CA ALA L 40 -1.68 -23.17 11.75
C ALA L 40 -1.14 -21.75 11.82
N PRO L 41 -0.36 -21.41 12.84
CA PRO L 41 0.15 -20.04 12.97
C PRO L 41 0.93 -19.59 11.74
N GLY L 42 0.47 -18.48 11.15
CA GLY L 42 1.10 -17.94 9.97
C GLY L 42 0.92 -18.77 8.72
N LYS L 43 -0.09 -19.64 8.68
CA LYS L 43 -0.36 -20.52 7.54
C LYS L 43 -1.75 -20.26 7.02
N GLY L 44 -2.15 -21.06 6.03
CA GLY L 44 -3.46 -20.94 5.42
C GLY L 44 -4.50 -21.83 6.05
N LEU L 45 -5.71 -21.75 5.50
CA LEU L 45 -6.82 -22.57 6.00
C LEU L 45 -6.66 -24.01 5.52
N GLU L 46 -7.06 -24.95 6.40
CA GLU L 46 -6.94 -26.37 6.13
C GLU L 46 -8.18 -27.08 6.66
N TRP L 47 -8.88 -27.81 5.79
CA TRP L 47 -10.06 -28.56 6.20
C TRP L 47 -9.67 -29.73 7.08
N VAL L 48 -10.51 -30.02 8.09
CA VAL L 48 -10.22 -31.02 9.11
C VAL L 48 -11.22 -32.19 9.04
N SER L 49 -12.50 -31.88 9.13
CA SER L 49 -13.50 -32.93 9.26
C SER L 49 -14.86 -32.41 8.81
N SER L 50 -15.78 -33.36 8.60
CA SER L 50 -17.12 -33.04 8.12
C SER L 50 -18.12 -34.03 8.71
N ILE L 51 -19.33 -33.54 8.95
CA ILE L 51 -20.43 -34.37 9.41
C ILE L 51 -21.71 -33.83 8.79
N TRP L 52 -22.65 -34.74 8.50
CA TRP L 52 -23.87 -34.41 7.80
C TRP L 52 -25.04 -35.11 8.48
N TYR L 53 -26.11 -35.41 7.72
CA TYR L 53 -27.20 -36.18 8.29
C TYR L 53 -26.71 -37.58 8.67
N SER L 54 -27.53 -38.28 9.46
CA SER L 54 -27.11 -39.58 9.97
C SER L 54 -27.27 -40.71 8.95
N GLY L 55 -27.61 -40.40 7.71
CA GLY L 55 -27.57 -41.35 6.62
C GLY L 55 -26.34 -41.21 5.74
N SER L 56 -25.38 -40.38 6.14
CA SER L 56 -24.15 -40.15 5.41
C SER L 56 -22.96 -40.49 6.31
N ASN L 57 -21.76 -40.39 5.73
CA ASN L 57 -20.54 -40.75 6.45
C ASN L 57 -19.79 -39.49 6.87
N THR L 58 -19.22 -39.54 8.07
CA THR L 58 -18.30 -38.50 8.51
C THR L 58 -16.96 -38.66 7.81
N TYR L 59 -16.33 -37.53 7.54
CA TYR L 59 -15.10 -37.47 6.77
C TYR L 59 -14.01 -36.79 7.58
N TYR L 60 -12.76 -37.22 7.37
CA TYR L 60 -11.62 -36.66 8.06
C TYR L 60 -10.48 -36.45 7.08
N ALA L 61 -9.64 -35.47 7.38
CA ALA L 61 -8.40 -35.29 6.65
C ALA L 61 -7.36 -36.30 7.16
N ASP L 62 -6.43 -36.66 6.28
CA ASP L 62 -5.39 -37.62 6.64
C ASP L 62 -4.57 -37.14 7.82
N SER L 63 -4.50 -35.82 8.03
CA SER L 63 -3.76 -35.28 9.16
C SER L 63 -4.36 -35.71 10.50
N VAL L 64 -5.66 -35.94 10.56
CA VAL L 64 -6.34 -36.19 11.84
C VAL L 64 -7.09 -37.52 11.87
N LYS L 65 -7.30 -38.18 10.74
CA LYS L 65 -8.07 -39.41 10.72
C LYS L 65 -7.47 -40.49 11.61
N GLY L 66 -8.29 -41.01 12.53
CA GLY L 66 -7.90 -42.02 13.48
C GLY L 66 -7.66 -41.50 14.88
N ARG L 67 -7.50 -40.20 15.03
CA ARG L 67 -7.29 -39.56 16.31
C ARG L 67 -8.40 -38.61 16.71
N PHE L 68 -9.05 -37.97 15.74
CA PHE L 68 -10.10 -37.01 16.02
C PHE L 68 -11.46 -37.64 15.72
N THR L 69 -12.47 -37.18 16.45
CA THR L 69 -13.84 -37.65 16.26
C THR L 69 -14.78 -36.45 16.20
N ILE L 70 -15.42 -36.28 15.07
CA ILE L 70 -16.47 -35.27 14.92
C ILE L 70 -17.79 -35.91 15.27
N SER L 71 -18.65 -35.16 15.95
CA SER L 71 -19.96 -35.67 16.34
C SER L 71 -20.89 -34.49 16.52
N ARG L 72 -22.17 -34.79 16.70
CA ARG L 72 -23.18 -33.76 16.86
C ARG L 72 -24.30 -34.27 17.75
N ASP L 73 -24.89 -33.35 18.51
CA ASP L 73 -26.07 -33.62 19.32
C ASP L 73 -27.14 -32.63 18.83
N ASN L 74 -28.01 -33.10 17.94
CA ASN L 74 -29.00 -32.21 17.32
C ASN L 74 -30.03 -31.70 18.32
N SER L 75 -30.19 -32.37 19.47
CA SER L 75 -31.13 -31.88 20.47
C SER L 75 -30.60 -30.66 21.20
N LYS L 76 -29.28 -30.44 21.17
CA LYS L 76 -28.67 -29.25 21.77
C LYS L 76 -28.09 -28.31 20.73
N ASN L 77 -28.30 -28.60 19.43
CA ASN L 77 -27.75 -27.80 18.34
C ASN L 77 -26.25 -27.57 18.53
N THR L 78 -25.53 -28.65 18.86
CA THR L 78 -24.12 -28.56 19.22
C THR L 78 -23.30 -29.48 18.34
N LEU L 79 -22.16 -28.97 17.88
CA LEU L 79 -21.16 -29.72 17.15
C LEU L 79 -19.95 -29.96 18.05
N TYR L 80 -19.36 -31.14 17.95
CA TYR L 80 -18.22 -31.51 18.78
C TYR L 80 -17.04 -31.94 17.92
N LEU L 81 -15.85 -31.75 18.46
CA LEU L 81 -14.62 -32.32 17.90
C LEU L 81 -13.79 -32.86 19.06
N GLN L 82 -13.70 -34.18 19.14
CA GLN L 82 -12.88 -34.83 20.15
C GLN L 82 -11.48 -35.01 19.58
N MET L 83 -10.49 -34.42 20.24
CA MET L 83 -9.11 -34.42 19.77
C MET L 83 -8.27 -35.25 20.72
N ASN L 84 -7.89 -36.44 20.28
CA ASN L 84 -7.07 -37.34 21.07
C ASN L 84 -5.69 -37.49 20.44
N SER L 85 -4.73 -37.94 21.26
CA SER L 85 -3.37 -38.22 20.81
C SER L 85 -2.78 -37.01 20.10
N LEU L 86 -2.84 -35.86 20.76
CA LEU L 86 -2.44 -34.61 20.13
C LEU L 86 -0.93 -34.54 19.96
N THR L 87 -0.53 -33.85 18.89
CA THR L 87 0.86 -33.65 18.55
C THR L 87 1.09 -32.19 18.21
N ALA L 88 2.35 -31.77 18.30
CA ALA L 88 2.69 -30.38 18.01
C ALA L 88 2.22 -29.95 16.63
N GLU L 89 2.04 -30.90 15.70
CA GLU L 89 1.54 -30.59 14.37
C GLU L 89 0.07 -30.19 14.38
N ASP L 90 -0.64 -30.43 15.48
CA ASP L 90 -2.05 -30.03 15.59
C ASP L 90 -2.21 -28.58 16.06
N THR L 91 -1.12 -27.91 16.40
CA THR L 91 -1.20 -26.52 16.86
C THR L 91 -1.77 -25.63 15.77
N ALA L 92 -2.92 -25.01 16.05
CA ALA L 92 -3.64 -24.21 15.07
C ALA L 92 -4.84 -23.58 15.76
N VAL L 93 -5.44 -22.61 15.07
CA VAL L 93 -6.74 -22.09 15.45
C VAL L 93 -7.79 -22.92 14.72
N TYR L 94 -8.71 -23.51 15.46
CA TYR L 94 -9.73 -24.39 14.91
C TYR L 94 -11.05 -23.65 14.81
N TYR L 95 -11.66 -23.69 13.63
CA TYR L 95 -12.94 -23.04 13.38
C TYR L 95 -14.01 -24.10 13.12
N CYS L 96 -15.17 -23.93 13.74
CA CYS L 96 -16.36 -24.62 13.29
C CYS L 96 -17.05 -23.76 12.23
N ALA L 97 -17.70 -24.43 11.28
CA ALA L 97 -18.29 -23.71 10.16
C ALA L 97 -19.47 -24.50 9.60
N ARG L 98 -20.51 -23.79 9.22
CA ARG L 98 -21.65 -24.39 8.54
C ARG L 98 -21.37 -24.44 7.05
N PHE L 99 -21.56 -25.61 6.44
CA PHE L 99 -21.31 -25.80 5.02
C PHE L 99 -22.63 -25.79 4.27
N ALA L 100 -22.78 -24.82 3.38
CA ALA L 100 -24.01 -24.66 2.60
C ALA L 100 -23.87 -25.09 1.16
N GLY L 101 -22.70 -25.60 0.75
CA GLY L 101 -22.50 -26.04 -0.62
C GLY L 101 -22.84 -24.95 -1.62
N GLY L 102 -23.66 -25.31 -2.61
CA GLY L 102 -24.09 -24.36 -3.63
C GLY L 102 -24.91 -23.21 -3.10
N TRP L 103 -25.26 -23.20 -1.82
CA TRP L 103 -26.07 -22.14 -1.24
C TRP L 103 -25.31 -21.30 -0.23
N GLY L 104 -23.98 -21.30 -0.29
CA GLY L 104 -23.20 -20.39 0.53
C GLY L 104 -21.82 -20.85 0.98
N ALA L 105 -21.38 -22.03 0.58
CA ALA L 105 -20.07 -22.59 0.96
C ALA L 105 -19.96 -22.51 2.48
N TYR L 106 -18.85 -22.01 3.04
CA TYR L 106 -18.76 -21.77 4.49
C TYR L 106 -19.30 -20.37 4.75
N ASP L 107 -20.61 -20.28 4.94
CA ASP L 107 -21.25 -18.98 5.11
C ASP L 107 -21.34 -18.53 6.57
N VAL L 108 -21.20 -19.44 7.53
CA VAL L 108 -21.21 -19.10 8.95
C VAL L 108 -20.01 -19.77 9.60
N TRP L 109 -19.22 -18.98 10.33
CA TRP L 109 -18.02 -19.44 11.00
C TRP L 109 -18.11 -19.16 12.49
N GLY L 110 -17.60 -20.08 13.31
CA GLY L 110 -17.28 -19.74 14.67
C GLY L 110 -16.10 -18.79 14.73
N GLN L 111 -15.87 -18.21 15.90
CA GLN L 111 -14.80 -17.23 16.00
C GLN L 111 -13.42 -17.88 16.05
N GLY L 112 -13.35 -19.18 16.33
CA GLY L 112 -12.08 -19.87 16.37
C GLY L 112 -11.44 -19.90 17.74
N THR L 113 -10.82 -21.02 18.09
CA THR L 113 -10.10 -21.15 19.34
C THR L 113 -8.71 -21.73 19.07
N LEU L 114 -7.71 -21.18 19.76
CA LEU L 114 -6.34 -21.62 19.56
C LEU L 114 -6.06 -22.88 20.37
N VAL L 115 -5.55 -23.90 19.69
CA VAL L 115 -5.05 -25.10 20.34
C VAL L 115 -3.54 -25.15 20.13
N THR L 116 -2.78 -25.14 21.22
CA THR L 116 -1.33 -25.22 21.17
C THR L 116 -0.92 -26.49 21.90
N VAL L 117 -0.13 -27.32 21.23
CA VAL L 117 0.32 -28.59 21.79
C VAL L 117 1.81 -28.48 22.00
N SER L 118 2.23 -28.40 23.25
CA SER L 118 3.62 -28.11 23.57
C SER L 118 3.93 -28.59 24.98
N SER L 119 5.18 -29.01 25.17
CA SER L 119 5.68 -29.38 26.48
C SER L 119 6.78 -28.45 26.97
N GLY L 120 7.13 -27.43 26.18
CA GLY L 120 8.28 -26.60 26.50
C GLY L 120 7.94 -25.41 27.39
N GLY L 121 9.00 -24.73 27.84
CA GLY L 121 8.87 -23.54 28.64
C GLY L 121 8.87 -22.27 27.79
N GLY L 122 9.05 -21.15 28.48
CA GLY L 122 9.06 -19.86 27.81
C GLY L 122 10.29 -19.59 26.98
N GLY L 123 11.31 -20.45 27.07
CA GLY L 123 12.49 -20.31 26.24
C GLY L 123 12.38 -21.08 24.94
N SER L 124 13.17 -20.66 23.97
CA SER L 124 13.17 -21.26 22.65
C SER L 124 14.38 -22.16 22.46
N ASP L 125 14.24 -23.15 21.58
CA ASP L 125 15.35 -24.00 21.22
C ASP L 125 16.40 -23.19 20.46
N ILE L 126 17.60 -23.75 20.37
CA ILE L 126 18.68 -23.07 19.68
C ILE L 126 18.39 -23.17 18.18
N VAL L 127 18.18 -22.03 17.54
CA VAL L 127 17.83 -22.00 16.12
C VAL L 127 19.09 -21.81 15.30
N LEU L 128 19.29 -22.68 14.32
CA LEU L 128 20.42 -22.62 13.41
C LEU L 128 19.96 -22.11 12.06
N THR L 129 20.62 -21.08 11.55
CA THR L 129 20.29 -20.49 10.26
C THR L 129 21.50 -20.63 9.34
N GLN L 130 21.33 -21.36 8.25
CA GLN L 130 22.41 -21.57 7.29
C GLN L 130 22.27 -20.58 6.13
N SER L 131 23.43 -20.16 5.62
CA SER L 131 23.47 -19.23 4.50
C SER L 131 24.72 -19.48 3.67
N PRO L 132 24.60 -19.35 2.33
CA PRO L 132 23.34 -19.09 1.63
C PRO L 132 22.49 -20.35 1.49
N ALA L 133 21.23 -20.18 1.07
CA ALA L 133 20.39 -21.34 0.83
C ALA L 133 20.94 -22.19 -0.31
N THR L 134 21.58 -21.56 -1.29
CA THR L 134 22.11 -22.24 -2.46
C THR L 134 23.44 -21.63 -2.86
N LEU L 135 24.34 -22.49 -3.33
CA LEU L 135 25.62 -22.09 -3.91
C LEU L 135 25.80 -22.84 -5.21
N SER L 136 25.95 -22.10 -6.31
CA SER L 136 26.21 -22.70 -7.62
C SER L 136 27.69 -22.48 -7.94
N LEU L 137 28.44 -23.58 -8.01
CA LEU L 137 29.87 -23.51 -8.21
C LEU L 137 30.30 -24.59 -9.19
N SER L 138 31.58 -24.54 -9.55
CA SER L 138 32.20 -25.48 -10.49
C SER L 138 33.29 -26.27 -9.76
N PRO L 139 33.67 -27.44 -10.30
CA PRO L 139 34.77 -28.19 -9.70
C PRO L 139 36.05 -27.37 -9.63
N GLY L 140 36.75 -27.51 -8.50
CA GLY L 140 37.97 -26.78 -8.24
C GLY L 140 37.79 -25.52 -7.43
N GLU L 141 36.57 -25.00 -7.34
CA GLU L 141 36.29 -23.74 -6.66
C GLU L 141 36.07 -23.97 -5.17
N ARG L 142 36.05 -22.86 -4.41
CA ARG L 142 35.88 -22.91 -2.97
C ARG L 142 34.42 -22.68 -2.59
N ALA L 143 33.93 -23.49 -1.67
CA ALA L 143 32.61 -23.32 -1.09
C ALA L 143 32.74 -22.94 0.38
N THR L 144 32.12 -21.82 0.75
CA THR L 144 32.13 -21.33 2.12
C THR L 144 30.69 -21.27 2.62
N LEU L 145 30.40 -22.06 3.65
CA LEU L 145 29.05 -22.20 4.19
C LEU L 145 29.00 -21.65 5.60
N SER L 146 27.90 -20.99 5.94
CA SER L 146 27.74 -20.34 7.23
C SER L 146 26.61 -20.98 8.02
N CYS L 147 26.82 -21.11 9.32
CA CYS L 147 25.80 -21.55 10.28
C CYS L 147 25.84 -20.59 11.45
N ARG L 148 24.73 -19.90 11.69
CA ARG L 148 24.62 -18.93 12.78
C ARG L 148 23.55 -19.40 13.76
N ALA L 149 23.89 -19.42 15.04
CA ALA L 149 22.99 -19.89 16.08
C ALA L 149 22.33 -18.71 16.80
N SER L 150 21.08 -18.91 17.21
CA SER L 150 20.36 -17.87 17.93
C SER L 150 20.92 -17.68 19.33
N GLN L 151 21.54 -18.71 19.91
CA GLN L 151 22.21 -18.63 21.19
C GLN L 151 23.58 -19.27 21.06
N SER L 152 24.47 -18.94 22.01
CA SER L 152 25.81 -19.50 21.99
C SER L 152 25.76 -21.01 22.18
N VAL L 153 26.55 -21.73 21.37
CA VAL L 153 26.59 -23.18 21.40
C VAL L 153 27.70 -23.61 22.37
N SER L 154 27.29 -24.11 23.54
CA SER L 154 28.24 -24.49 24.57
C SER L 154 29.18 -25.58 24.09
N SER L 155 30.45 -25.48 24.50
CA SER L 155 31.50 -26.43 24.17
C SER L 155 31.77 -26.55 22.68
N ASN L 156 31.22 -25.64 21.86
CA ASN L 156 31.35 -25.71 20.41
C ASN L 156 30.87 -27.05 19.87
N TYR L 157 29.81 -27.58 20.49
CA TYR L 157 29.21 -28.85 20.08
C TYR L 157 28.34 -28.62 18.84
N LEU L 158 29.02 -28.44 17.70
CA LEU L 158 28.38 -28.22 16.42
C LEU L 158 28.99 -29.15 15.38
N ALA L 159 28.13 -29.79 14.60
CA ALA L 159 28.55 -30.76 13.59
C ALA L 159 28.04 -30.37 12.21
N TRP L 160 28.72 -30.88 11.19
CA TRP L 160 28.36 -30.66 9.79
C TRP L 160 28.16 -31.99 9.10
N TYR L 161 27.08 -32.11 8.33
CA TYR L 161 26.76 -33.33 7.59
C TYR L 161 26.60 -33.04 6.10
N GLN L 162 26.97 -34.04 5.29
CA GLN L 162 26.72 -34.06 3.86
C GLN L 162 25.65 -35.09 3.54
N GLN L 163 24.68 -34.71 2.71
CA GLN L 163 23.63 -35.63 2.28
C GLN L 163 23.45 -35.53 0.78
N LYS L 164 23.64 -36.64 0.08
CA LYS L 164 23.37 -36.77 -1.33
C LYS L 164 21.98 -37.33 -1.56
N PRO L 165 21.39 -37.09 -2.74
CA PRO L 165 19.99 -37.51 -2.96
C PRO L 165 19.82 -39.01 -2.76
N GLY L 166 18.78 -39.37 -1.99
CA GLY L 166 18.45 -40.75 -1.74
C GLY L 166 19.32 -41.46 -0.73
N GLN L 167 20.26 -40.77 -0.08
CA GLN L 167 21.18 -41.37 0.85
C GLN L 167 21.05 -40.75 2.24
N ALA L 168 21.53 -41.49 3.23
CA ALA L 168 21.55 -40.98 4.60
C ALA L 168 22.61 -39.90 4.74
N PRO L 169 22.44 -38.98 5.69
CA PRO L 169 23.48 -37.98 5.95
C PRO L 169 24.79 -38.64 6.38
N ARG L 170 25.90 -37.98 6.04
CA ARG L 170 27.23 -38.46 6.39
C ARG L 170 27.94 -37.38 7.22
N LEU L 171 28.52 -37.80 8.34
CA LEU L 171 29.23 -36.87 9.21
C LEU L 171 30.51 -36.37 8.54
N LEU L 172 30.67 -35.05 8.49
CA LEU L 172 31.88 -34.41 8.00
C LEU L 172 32.74 -33.84 9.12
N ILE L 173 32.15 -33.00 9.97
CA ILE L 173 32.88 -32.29 11.00
C ILE L 173 32.07 -32.39 12.29
N TYR L 174 32.76 -32.55 13.42
CA TYR L 174 32.12 -32.45 14.73
C TYR L 174 33.01 -31.60 15.63
N ASP L 175 32.46 -31.21 16.77
CA ASP L 175 33.13 -30.27 17.69
C ASP L 175 33.63 -29.05 16.94
N SER L 176 32.83 -28.60 15.96
CA SER L 176 33.09 -27.40 15.15
C SER L 176 34.27 -27.58 14.18
N SER L 177 35.37 -28.18 14.62
CA SER L 177 36.57 -28.22 13.79
C SER L 177 37.18 -29.61 13.58
N SER L 178 36.66 -30.66 14.22
CA SER L 178 37.28 -31.98 14.15
C SER L 178 36.75 -32.73 12.93
N ARG L 179 37.66 -33.09 12.03
CA ARG L 179 37.29 -33.78 10.80
C ARG L 179 37.09 -35.27 11.07
N ALA L 180 35.94 -35.80 10.65
CA ALA L 180 35.59 -37.18 10.92
C ALA L 180 36.51 -38.13 10.16
N THR L 181 36.51 -39.39 10.61
CA THR L 181 37.37 -40.41 10.00
C THR L 181 36.98 -40.67 8.55
N GLY L 182 37.97 -40.65 7.68
CA GLY L 182 37.75 -40.87 6.26
C GLY L 182 37.35 -39.66 5.47
N VAL L 183 37.25 -38.50 6.10
CA VAL L 183 36.84 -37.27 5.42
C VAL L 183 38.06 -36.59 4.82
N PRO L 184 38.04 -36.23 3.54
CA PRO L 184 39.20 -35.60 2.93
C PRO L 184 39.54 -34.26 3.58
N ALA L 185 40.83 -33.92 3.55
CA ALA L 185 41.32 -32.71 4.20
C ALA L 185 40.76 -31.44 3.58
N ARG L 186 40.19 -31.52 2.38
CA ARG L 186 39.60 -30.33 1.78
C ARG L 186 38.36 -29.86 2.53
N PHE L 187 37.80 -30.67 3.41
CA PHE L 187 36.72 -30.24 4.29
C PHE L 187 37.33 -29.74 5.61
N SER L 188 36.87 -28.58 6.06
CA SER L 188 37.36 -28.04 7.32
C SER L 188 36.31 -27.12 7.91
N GLY L 189 36.12 -27.21 9.22
CA GLY L 189 35.19 -26.36 9.94
C GLY L 189 35.89 -25.44 10.90
N SER L 190 35.24 -24.34 11.26
CA SER L 190 35.82 -23.36 12.18
C SER L 190 34.69 -22.57 12.84
N GLY L 191 35.06 -21.69 13.75
CA GLY L 191 34.13 -20.83 14.43
C GLY L 191 33.82 -21.30 15.84
N SER L 192 33.16 -20.43 16.60
CA SER L 192 32.79 -20.74 17.97
C SER L 192 31.64 -19.83 18.39
N GLY L 193 30.99 -20.21 19.49
CA GLY L 193 29.91 -19.41 20.04
C GLY L 193 28.66 -19.40 19.20
N THR L 194 28.54 -18.37 18.34
CA THR L 194 27.36 -18.21 17.50
C THR L 194 27.67 -18.17 16.01
N ASP L 195 28.95 -18.25 15.62
CA ASP L 195 29.36 -18.10 14.22
C ASP L 195 30.24 -19.28 13.83
N PHE L 196 29.74 -20.13 12.93
CA PHE L 196 30.46 -21.32 12.48
C PHE L 196 30.51 -21.34 10.96
N THR L 197 31.57 -21.95 10.43
CA THR L 197 31.82 -22.01 9.00
C THR L 197 32.31 -23.39 8.59
N LEU L 198 31.79 -23.90 7.47
CA LEU L 198 32.32 -25.09 6.82
C LEU L 198 32.92 -24.67 5.48
N THR L 199 34.18 -25.04 5.25
CA THR L 199 34.89 -24.67 4.04
C THR L 199 35.31 -25.92 3.28
N ILE L 200 35.00 -25.93 1.98
CA ILE L 200 35.47 -26.95 1.05
C ILE L 200 36.49 -26.31 0.13
N SER L 201 37.77 -26.65 0.32
CA SER L 201 38.86 -25.88 -0.28
C SER L 201 38.81 -25.94 -1.81
N SER L 202 38.70 -27.14 -2.37
CA SER L 202 38.60 -27.29 -3.82
C SER L 202 37.50 -28.30 -4.12
N LEU L 203 36.37 -27.82 -4.63
CA LEU L 203 35.24 -28.70 -4.87
C LEU L 203 35.57 -29.74 -5.93
N GLU L 204 35.15 -30.97 -5.66
CA GLU L 204 35.12 -32.06 -6.61
C GLU L 204 33.68 -32.34 -7.03
N PRO L 205 33.48 -33.06 -8.13
CA PRO L 205 32.10 -33.34 -8.57
C PRO L 205 31.32 -34.19 -7.59
N GLU L 206 31.99 -34.91 -6.69
CA GLU L 206 31.30 -35.73 -5.70
C GLU L 206 30.88 -34.93 -4.47
N ASP L 207 31.22 -33.64 -4.40
CA ASP L 207 30.90 -32.78 -3.26
C ASP L 207 29.57 -32.06 -3.42
N PHE L 208 28.90 -32.20 -4.55
CA PHE L 208 27.64 -31.49 -4.79
C PHE L 208 26.51 -32.21 -4.07
N ALA L 209 26.00 -31.60 -3.01
CA ALA L 209 25.03 -32.22 -2.13
C ALA L 209 24.46 -31.12 -1.23
N VAL L 210 23.58 -31.54 -0.31
CA VAL L 210 23.03 -30.65 0.71
C VAL L 210 23.85 -30.82 1.99
N TYR L 211 24.14 -29.70 2.64
CA TYR L 211 24.97 -29.70 3.85
C TYR L 211 24.17 -29.10 5.00
N TYR L 212 24.17 -29.80 6.14
CA TYR L 212 23.42 -29.41 7.32
C TYR L 212 24.38 -29.17 8.47
N CYS L 213 24.12 -28.13 9.25
CA CYS L 213 24.77 -27.97 10.55
C CYS L 213 23.84 -28.46 11.64
N HIS L 214 24.43 -28.78 12.80
CA HIS L 214 23.73 -29.49 13.86
C HIS L 214 24.38 -29.16 15.18
N GLN L 215 23.58 -28.67 16.13
CA GLN L 215 24.06 -28.36 17.47
C GLN L 215 23.53 -29.41 18.44
N TYR L 216 24.42 -29.92 19.29
CA TYR L 216 24.11 -30.95 20.27
C TYR L 216 24.59 -30.53 21.65
N SER L 217 24.46 -29.23 21.96
CA SER L 217 24.94 -28.67 23.21
C SER L 217 23.88 -28.70 24.32
N ASP L 218 22.71 -29.27 24.07
CA ASP L 218 21.65 -29.33 25.06
C ASP L 218 20.81 -30.58 24.80
N ILE L 219 19.70 -30.72 25.54
CA ILE L 219 18.84 -31.88 25.40
C ILE L 219 17.86 -31.77 24.25
N SER L 220 17.76 -30.61 23.61
CA SER L 220 16.85 -30.38 22.49
C SER L 220 17.66 -30.18 21.22
N PRO L 221 18.05 -31.27 20.54
CA PRO L 221 18.89 -31.12 19.34
C PRO L 221 18.13 -30.44 18.20
N THR L 222 18.85 -29.57 17.50
CA THR L 222 18.28 -28.87 16.35
C THR L 222 19.26 -28.91 15.20
N PHE L 223 18.72 -28.80 13.99
CA PHE L 223 19.50 -28.79 12.76
C PHE L 223 19.28 -27.47 12.02
N GLY L 224 20.29 -27.07 11.26
CA GLY L 224 20.08 -26.04 10.25
C GLY L 224 19.19 -26.55 9.13
N GLN L 225 18.74 -25.61 8.30
CA GLN L 225 17.81 -25.97 7.24
C GLN L 225 18.51 -26.39 5.95
N GLY L 226 19.83 -26.38 5.94
CA GLY L 226 20.59 -26.94 4.83
C GLY L 226 21.03 -25.91 3.82
N THR L 227 22.21 -26.12 3.26
CA THR L 227 22.72 -25.35 2.14
C THR L 227 22.99 -26.32 0.99
N LYS L 228 22.36 -26.08 -0.15
CA LYS L 228 22.54 -26.92 -1.33
C LYS L 228 23.67 -26.36 -2.18
N VAL L 229 24.66 -27.21 -2.47
CA VAL L 229 25.81 -26.85 -3.29
C VAL L 229 25.63 -27.46 -4.68
N GLU L 230 25.46 -26.61 -5.68
CA GLU L 230 25.17 -27.06 -7.03
C GLU L 230 26.33 -26.74 -7.96
N ASP M 1 -21.20 30.87 -38.17
CA ASP M 1 -20.98 29.97 -39.29
C ASP M 1 -19.96 30.58 -40.26
N ILE M 2 -18.82 29.93 -40.41
CA ILE M 2 -17.68 30.50 -41.12
C ILE M 2 -17.94 30.45 -42.62
N VAL M 3 -17.99 31.62 -43.25
CA VAL M 3 -18.14 31.72 -44.70
C VAL M 3 -16.74 31.84 -45.32
N LEU M 4 -16.47 31.00 -46.32
CA LEU M 4 -15.23 31.05 -47.07
C LEU M 4 -15.49 31.69 -48.43
N THR M 5 -14.69 32.71 -48.77
CA THR M 5 -14.83 33.43 -50.02
C THR M 5 -13.52 33.34 -50.80
N GLN M 6 -13.58 32.69 -51.96
CA GLN M 6 -12.41 32.54 -52.81
C GLN M 6 -12.35 33.65 -53.85
N SER M 7 -11.12 34.01 -54.23
CA SER M 7 -10.91 35.02 -55.26
C SER M 7 -9.56 34.81 -55.94
N PRO M 8 -9.50 35.06 -57.27
CA PRO M 8 -10.65 35.44 -58.09
C PRO M 8 -11.51 34.22 -58.48
N ALA M 9 -12.72 34.48 -58.97
CA ALA M 9 -13.58 33.38 -59.42
C ALA M 9 -12.97 32.63 -60.58
N THR M 10 -12.24 33.33 -61.46
CA THR M 10 -11.66 32.72 -62.65
C THR M 10 -10.24 33.25 -62.85
N LEU M 11 -9.34 32.35 -63.24
CA LEU M 11 -7.96 32.70 -63.56
C LEU M 11 -7.61 32.09 -64.91
N SER M 12 -7.33 32.93 -65.90
CA SER M 12 -6.92 32.49 -67.23
C SER M 12 -5.40 32.62 -67.32
N LEU M 13 -4.72 31.47 -67.44
CA LEU M 13 -3.27 31.43 -67.43
C LEU M 13 -2.79 30.41 -68.45
N SER M 14 -1.50 30.51 -68.78
CA SER M 14 -0.80 29.63 -69.70
C SER M 14 0.09 28.68 -68.92
N PRO M 15 0.47 27.54 -69.53
CA PRO M 15 1.45 26.66 -68.86
C PRO M 15 2.75 27.40 -68.59
N GLY M 16 3.33 27.11 -67.42
CA GLY M 16 4.55 27.76 -66.99
C GLY M 16 4.34 28.96 -66.10
N GLU M 17 3.17 29.57 -66.12
CA GLU M 17 2.86 30.73 -65.31
C GLU M 17 2.50 30.32 -63.87
N ARG M 18 2.46 31.32 -63.00
CA ARG M 18 2.13 31.11 -61.59
C ARG M 18 0.65 31.35 -61.35
N ALA M 19 0.03 30.48 -60.54
CA ALA M 19 -1.34 30.64 -60.09
C ALA M 19 -1.34 30.96 -58.60
N THR M 20 -1.94 32.09 -58.23
CA THR M 20 -2.10 32.50 -56.84
C THR M 20 -3.58 32.56 -56.52
N LEU M 21 -4.04 31.69 -55.63
CA LEU M 21 -5.45 31.61 -55.26
C LEU M 21 -5.62 32.06 -53.81
N SER M 22 -6.73 32.74 -53.54
CA SER M 22 -6.99 33.34 -52.23
C SER M 22 -8.29 32.80 -51.65
N CYS M 23 -8.27 32.50 -50.36
CA CYS M 23 -9.44 32.09 -49.59
C CYS M 23 -9.51 32.96 -48.33
N ARG M 24 -10.62 33.68 -48.17
CA ARG M 24 -10.81 34.53 -47.00
C ARG M 24 -11.99 34.03 -46.19
N ALA M 25 -11.77 33.79 -44.91
CA ALA M 25 -12.78 33.31 -43.99
C ALA M 25 -13.41 34.49 -43.27
N SER M 26 -14.72 34.40 -43.01
CA SER M 26 -15.41 35.45 -42.28
C SER M 26 -14.98 35.52 -40.82
N GLN M 27 -14.42 34.44 -40.30
CA GLN M 27 -13.90 34.39 -38.94
C GLN M 27 -12.54 33.72 -38.96
N SER M 28 -11.82 33.81 -37.84
CA SER M 28 -10.54 33.13 -37.73
C SER M 28 -10.76 31.62 -37.78
N VAL M 29 -9.88 30.92 -38.50
CA VAL M 29 -10.01 29.49 -38.68
C VAL M 29 -9.17 28.81 -37.60
N SER M 30 -9.85 28.21 -36.62
CA SER M 30 -9.16 27.62 -35.47
C SER M 30 -8.15 26.57 -35.92
N SER M 31 -6.95 26.63 -35.35
CA SER M 31 -5.86 25.70 -35.59
C SER M 31 -5.39 25.70 -37.05
N ASN M 32 -5.85 26.66 -37.85
CA ASN M 32 -5.56 26.72 -39.28
C ASN M 32 -6.00 25.44 -39.99
N TYR M 33 -7.14 24.90 -39.55
CA TYR M 33 -7.72 23.70 -40.15
C TYR M 33 -8.42 24.08 -41.46
N LEU M 34 -7.59 24.33 -42.48
CA LEU M 34 -8.06 24.71 -43.81
C LEU M 34 -7.39 23.82 -44.84
N ALA M 35 -8.18 23.31 -45.78
CA ALA M 35 -7.70 22.40 -46.81
C ALA M 35 -8.02 22.94 -48.20
N TRP M 36 -7.25 22.48 -49.18
CA TRP M 36 -7.46 22.81 -50.58
C TRP M 36 -7.70 21.52 -51.37
N TYR M 37 -8.67 21.55 -52.28
CA TYR M 37 -8.97 20.42 -53.13
C TYR M 37 -8.96 20.81 -54.59
N GLN M 38 -8.52 19.88 -55.43
CA GLN M 38 -8.57 20.01 -56.88
C GLN M 38 -9.65 19.07 -57.42
N GLN M 39 -10.49 19.58 -58.31
CA GLN M 39 -11.52 18.77 -58.94
C GLN M 39 -11.49 18.99 -60.44
N LYS M 40 -11.31 17.92 -61.20
CA LYS M 40 -11.40 17.94 -62.65
C LYS M 40 -12.81 17.59 -63.08
N PRO M 41 -13.20 18.00 -64.30
CA PRO M 41 -14.54 17.69 -64.78
C PRO M 41 -14.86 16.20 -64.68
N GLY M 42 -15.99 15.88 -64.06
CA GLY M 42 -16.45 14.52 -63.97
C GLY M 42 -15.75 13.63 -62.95
N GLN M 43 -14.87 14.19 -62.13
CA GLN M 43 -14.12 13.40 -61.17
C GLN M 43 -14.40 13.88 -59.74
N ALA M 44 -14.06 13.03 -58.79
CA ALA M 44 -14.21 13.37 -57.38
C ALA M 44 -13.11 14.36 -56.96
N PRO M 45 -13.37 15.18 -55.95
CA PRO M 45 -12.32 16.07 -55.44
C PRO M 45 -11.12 15.28 -54.94
N ARG M 46 -9.95 15.90 -55.03
CA ARG M 46 -8.70 15.27 -54.62
C ARG M 46 -7.93 16.25 -53.76
N LEU M 47 -7.47 15.79 -52.61
CA LEU M 47 -6.79 16.63 -51.64
C LEU M 47 -5.43 17.10 -52.15
N LEU M 48 -5.17 18.40 -52.05
CA LEU M 48 -3.87 18.98 -52.35
C LEU M 48 -3.15 19.44 -51.09
N ILE M 49 -3.79 20.28 -50.28
CA ILE M 49 -3.19 20.87 -49.09
C ILE M 49 -4.17 20.71 -47.95
N TYR M 50 -3.65 20.39 -46.76
CA TYR M 50 -4.43 20.39 -45.53
C TYR M 50 -3.60 21.05 -44.45
N ASP M 51 -4.26 21.38 -43.33
CA ASP M 51 -3.65 22.14 -42.24
C ASP M 51 -3.01 23.42 -42.76
N SER M 52 -3.68 24.05 -43.74
CA SER M 52 -3.24 25.31 -44.35
C SER M 52 -1.98 25.15 -45.20
N SER M 53 -0.99 24.38 -44.73
CA SER M 53 0.30 24.33 -45.41
C SER M 53 0.86 22.93 -45.65
N SER M 54 0.19 21.87 -45.21
CA SER M 54 0.71 20.53 -45.39
C SER M 54 0.33 20.01 -46.78
N ARG M 55 1.34 19.63 -47.56
CA ARG M 55 1.13 19.08 -48.90
C ARG M 55 0.91 17.58 -48.78
N ALA M 56 -0.21 17.10 -49.32
CA ALA M 56 -0.56 15.69 -49.17
C ALA M 56 0.45 14.80 -49.89
N THR M 57 0.49 13.53 -49.48
CA THR M 57 1.42 12.58 -50.06
C THR M 57 1.09 12.36 -51.54
N GLY M 58 2.12 12.46 -52.38
CA GLY M 58 1.95 12.33 -53.81
C GLY M 58 1.69 13.63 -54.55
N VAL M 59 1.46 14.72 -53.83
CA VAL M 59 1.17 16.00 -54.47
C VAL M 59 2.49 16.66 -54.86
N PRO M 60 2.64 17.13 -56.11
CA PRO M 60 3.91 17.71 -56.53
C PRO M 60 4.25 18.98 -55.74
N ALA M 61 5.54 19.25 -55.62
CA ALA M 61 6.03 20.38 -54.83
C ALA M 61 5.56 21.72 -55.38
N ARG M 62 5.16 21.80 -56.64
CA ARG M 62 4.74 23.08 -57.20
C ARG M 62 3.49 23.62 -56.52
N PHE M 63 2.74 22.77 -55.82
CA PHE M 63 1.61 23.21 -55.01
C PHE M 63 2.10 23.52 -53.60
N SER M 64 1.70 24.68 -53.07
CA SER M 64 2.07 25.07 -51.72
C SER M 64 0.97 25.93 -51.13
N GLY M 65 0.66 25.70 -49.86
CA GLY M 65 -0.35 26.46 -49.14
C GLY M 65 0.29 27.31 -48.05
N SER M 66 -0.34 28.46 -47.77
CA SER M 66 0.15 29.36 -46.73
C SER M 66 -1.02 30.17 -46.19
N GLY M 67 -0.73 30.95 -45.16
CA GLY M 67 -1.71 31.80 -44.52
C GLY M 67 -2.15 31.27 -43.17
N SER M 68 -2.96 32.09 -42.50
CA SER M 68 -3.48 31.76 -41.18
C SER M 68 -4.58 32.75 -40.83
N GLY M 69 -5.32 32.43 -39.77
CA GLY M 69 -6.40 33.28 -39.31
C GLY M 69 -7.57 33.31 -40.27
N THR M 70 -7.63 34.36 -41.10
CA THR M 70 -8.71 34.54 -42.07
C THR M 70 -8.22 34.62 -43.50
N ASP M 71 -6.91 34.66 -43.74
CA ASP M 71 -6.34 34.89 -45.06
C ASP M 71 -5.44 33.70 -45.42
N PHE M 72 -5.86 32.93 -46.42
CA PHE M 72 -5.12 31.76 -46.85
C PHE M 72 -4.88 31.85 -48.36
N THR M 73 -3.76 31.28 -48.80
CA THR M 73 -3.40 31.32 -50.22
C THR M 73 -2.88 29.96 -50.65
N LEU M 74 -3.33 29.52 -51.82
CA LEU M 74 -2.75 28.37 -52.52
C LEU M 74 -1.96 28.88 -53.71
N THR M 75 -0.71 28.42 -53.83
CA THR M 75 0.18 28.85 -54.89
C THR M 75 0.62 27.66 -55.73
N ILE M 76 0.46 27.78 -57.04
CA ILE M 76 0.96 26.79 -57.99
C ILE M 76 2.09 27.47 -58.76
N SER M 77 3.32 27.06 -58.47
CA SER M 77 4.49 27.82 -58.93
C SER M 77 4.58 27.84 -60.46
N SER M 78 4.39 26.68 -61.10
CA SER M 78 4.53 26.55 -62.54
C SER M 78 3.41 25.66 -63.05
N LEU M 79 2.39 26.28 -63.63
CA LEU M 79 1.22 25.54 -64.09
C LEU M 79 1.60 24.52 -65.16
N GLU M 80 1.16 23.30 -64.96
CA GLU M 80 1.25 22.25 -65.96
C GLU M 80 -0.11 22.08 -66.62
N PRO M 81 -0.16 21.47 -67.81
CA PRO M 81 -1.47 21.29 -68.47
C PRO M 81 -2.49 20.54 -67.63
N GLU M 82 -2.04 19.61 -66.78
CA GLU M 82 -2.93 18.85 -65.91
C GLU M 82 -3.40 19.63 -64.68
N ASP M 83 -2.95 20.87 -64.49
CA ASP M 83 -3.35 21.65 -63.33
C ASP M 83 -4.62 22.48 -63.56
N PHE M 84 -5.11 22.56 -64.79
CA PHE M 84 -6.28 23.38 -65.09
C PHE M 84 -7.54 22.65 -64.66
N ALA M 85 -8.20 23.19 -63.64
CA ALA M 85 -9.34 22.57 -62.96
C ALA M 85 -9.98 23.62 -62.07
N VAL M 86 -10.94 23.20 -61.25
CA VAL M 86 -11.53 24.07 -60.23
C VAL M 86 -10.91 23.70 -58.88
N TYR M 87 -10.66 24.71 -58.06
CA TYR M 87 -9.99 24.54 -56.77
C TYR M 87 -10.86 25.09 -55.65
N TYR M 88 -11.07 24.27 -54.63
CA TYR M 88 -11.91 24.63 -53.48
C TYR M 88 -11.07 24.69 -52.21
N CYS M 89 -11.36 25.69 -51.37
CA CYS M 89 -10.84 25.71 -50.01
C CYS M 89 -11.93 25.22 -49.06
N HIS M 90 -11.49 24.76 -47.89
CA HIS M 90 -12.37 23.99 -47.00
C HIS M 90 -11.86 24.14 -45.57
N GLN M 91 -12.72 24.62 -44.68
CA GLN M 91 -12.38 24.76 -43.27
C GLN M 91 -13.11 23.67 -42.47
N TYR M 92 -12.37 23.03 -41.58
CA TYR M 92 -12.88 21.96 -40.73
C TYR M 92 -12.55 22.24 -39.27
N SER M 93 -12.64 23.51 -38.88
CA SER M 93 -12.30 23.94 -37.53
C SER M 93 -13.45 23.81 -36.54
N ASP M 94 -14.68 23.61 -37.01
CA ASP M 94 -15.83 23.50 -36.13
C ASP M 94 -16.68 22.31 -36.59
N ILE M 95 -17.86 22.19 -36.00
CA ILE M 95 -18.76 21.08 -36.31
C ILE M 95 -19.59 21.34 -37.57
N SER M 96 -19.48 22.53 -38.16
CA SER M 96 -20.24 22.91 -39.35
C SER M 96 -19.27 23.17 -40.50
N PRO M 97 -18.86 22.11 -41.21
CA PRO M 97 -17.88 22.29 -42.30
C PRO M 97 -18.45 23.16 -43.41
N THR M 98 -17.58 24.01 -43.97
CA THR M 98 -17.97 24.88 -45.06
C THR M 98 -16.90 24.88 -46.14
N PHE M 99 -17.31 25.16 -47.37
CA PHE M 99 -16.42 25.20 -48.52
C PHE M 99 -16.46 26.58 -49.16
N GLY M 100 -15.35 26.95 -49.80
CA GLY M 100 -15.38 28.05 -50.73
C GLY M 100 -16.20 27.68 -51.96
N GLN M 101 -16.49 28.69 -52.77
CA GLN M 101 -17.29 28.46 -53.97
C GLN M 101 -16.43 28.08 -55.16
N GLY M 102 -15.12 27.99 -55.00
CA GLY M 102 -14.25 27.46 -56.03
C GLY M 102 -13.62 28.56 -56.87
N THR M 103 -12.42 28.27 -57.36
CA THR M 103 -11.72 29.12 -58.33
C THR M 103 -11.34 28.26 -59.52
N LYS M 104 -11.84 28.62 -60.70
CA LYS M 104 -11.54 27.87 -61.91
C LYS M 104 -10.28 28.43 -62.55
N VAL M 105 -9.28 27.57 -62.70
CA VAL M 105 -8.03 27.91 -63.39
C VAL M 105 -8.19 27.42 -64.82
N GLU M 106 -8.17 28.35 -65.76
CA GLU M 106 -8.51 28.05 -67.16
C GLU M 106 -7.38 28.40 -68.11
N VAL N 2 -6.43 1.34 -49.57
CA VAL N 2 -7.13 2.55 -49.12
C VAL N 2 -8.09 3.18 -50.17
N GLN N 3 -9.37 2.81 -50.06
CA GLN N 3 -10.40 3.26 -51.01
C GLN N 3 -11.78 3.17 -50.36
N LEU N 4 -12.74 3.88 -50.97
CA LEU N 4 -14.14 3.86 -50.57
C LEU N 4 -14.95 3.50 -51.82
N VAL N 5 -15.65 2.37 -51.76
CA VAL N 5 -16.44 1.89 -52.88
C VAL N 5 -17.88 2.29 -52.66
N GLU N 6 -18.37 3.22 -53.47
CA GLU N 6 -19.71 3.76 -53.35
C GLU N 6 -20.68 3.01 -54.24
N SER N 7 -21.95 3.01 -53.84
CA SER N 7 -23.01 2.43 -54.66
C SER N 7 -24.33 3.10 -54.32
N GLY N 8 -25.28 2.98 -55.25
CA GLY N 8 -26.61 3.53 -55.11
C GLY N 8 -26.84 4.76 -55.97
N GLY N 9 -27.96 5.43 -55.71
CA GLY N 9 -28.33 6.63 -56.42
C GLY N 9 -29.33 6.37 -57.53
N GLY N 10 -29.37 7.29 -58.48
CA GLY N 10 -30.22 7.18 -59.65
C GLY N 10 -31.32 8.23 -59.67
N LEU N 11 -32.29 7.99 -60.55
CA LEU N 11 -33.40 8.90 -60.78
C LEU N 11 -34.65 8.36 -60.11
N VAL N 12 -35.22 9.15 -59.20
CA VAL N 12 -36.45 8.78 -58.51
C VAL N 12 -37.33 10.03 -58.44
N GLN N 13 -38.62 9.82 -58.21
CA GLN N 13 -39.60 10.91 -58.19
C GLN N 13 -39.53 11.70 -56.88
N PRO N 14 -40.01 12.95 -56.90
CA PRO N 14 -40.03 13.73 -55.66
C PRO N 14 -40.89 13.09 -54.59
N GLY N 15 -40.41 13.15 -53.35
CA GLY N 15 -41.02 12.45 -52.24
C GLY N 15 -40.58 11.01 -52.09
N GLY N 16 -39.79 10.49 -53.02
CA GLY N 16 -39.30 9.14 -52.96
C GLY N 16 -38.20 8.96 -51.93
N SER N 17 -37.65 7.74 -51.92
CA SER N 17 -36.62 7.36 -50.97
C SER N 17 -35.47 6.69 -51.71
N LEU N 18 -34.29 6.75 -51.11
CA LEU N 18 -33.08 6.20 -51.71
C LEU N 18 -32.05 5.97 -50.61
N ARG N 19 -31.26 4.90 -50.79
CA ARG N 19 -30.19 4.55 -49.87
C ARG N 19 -28.86 4.51 -50.60
N LEU N 20 -27.87 5.21 -50.06
CA LEU N 20 -26.51 5.16 -50.58
C LEU N 20 -25.63 4.30 -49.68
N SER N 21 -24.66 3.63 -50.29
CA SER N 21 -23.74 2.76 -49.57
C SER N 21 -22.31 3.15 -49.89
N CYS N 22 -21.41 2.91 -48.94
CA CYS N 22 -19.99 3.20 -49.12
C CYS N 22 -19.20 2.12 -48.40
N ALA N 23 -18.49 1.30 -49.16
CA ALA N 23 -17.70 0.18 -48.62
C ALA N 23 -16.23 0.57 -48.60
N ALA N 24 -15.63 0.51 -47.41
CA ALA N 24 -14.26 0.94 -47.17
C ALA N 24 -13.30 -0.23 -47.17
N SER N 25 -12.03 0.04 -47.50
CA SER N 25 -10.97 -0.94 -47.36
C SER N 25 -9.65 -0.21 -47.21
N GLY N 26 -8.70 -0.89 -46.59
CA GLY N 26 -7.35 -0.40 -46.45
C GLY N 26 -7.07 0.42 -45.23
N PHE N 27 -8.03 0.57 -44.33
CA PHE N 27 -7.79 1.30 -43.09
C PHE N 27 -8.77 0.84 -42.03
N THR N 28 -8.52 1.27 -40.79
CA THR N 28 -9.35 0.89 -39.64
C THR N 28 -10.60 1.75 -39.69
N PHE N 29 -11.56 1.30 -40.51
CA PHE N 29 -12.81 2.02 -40.69
C PHE N 29 -13.55 2.24 -39.37
N ARG N 30 -13.57 1.21 -38.51
CA ARG N 30 -14.32 1.29 -37.25
C ARG N 30 -13.95 2.51 -36.42
N ASN N 31 -12.75 3.06 -36.60
CA ASN N 31 -12.29 4.20 -35.81
C ASN N 31 -12.36 5.52 -36.58
N SER N 32 -12.68 5.48 -37.87
CA SER N 32 -12.65 6.68 -38.71
C SER N 32 -13.98 7.42 -38.65
N ALA N 33 -13.89 8.75 -38.72
CA ALA N 33 -15.05 9.58 -38.94
C ALA N 33 -15.39 9.63 -40.43
N MET N 34 -16.64 9.34 -40.78
CA MET N 34 -17.07 9.26 -42.16
C MET N 34 -18.11 10.33 -42.43
N HIS N 35 -17.96 11.04 -43.55
CA HIS N 35 -18.82 12.14 -43.94
C HIS N 35 -19.44 11.89 -45.30
N TRP N 36 -20.59 12.50 -45.54
CA TRP N 36 -21.20 12.58 -46.87
C TRP N 36 -21.14 14.03 -47.37
N VAL N 37 -20.72 14.21 -48.62
CA VAL N 37 -20.66 15.52 -49.25
C VAL N 37 -21.40 15.45 -50.57
N ARG N 38 -22.13 16.51 -50.91
CA ARG N 38 -22.88 16.54 -52.17
C ARG N 38 -22.51 17.79 -52.94
N GLN N 39 -22.81 17.75 -54.24
CA GLN N 39 -22.46 18.83 -55.16
C GLN N 39 -23.56 18.93 -56.20
N ALA N 40 -24.38 19.98 -56.09
CA ALA N 40 -25.43 20.19 -57.07
C ALA N 40 -24.81 20.48 -58.44
N PRO N 41 -25.52 20.15 -59.52
CA PRO N 41 -24.96 20.35 -60.87
C PRO N 41 -24.56 21.81 -61.08
N GLY N 42 -23.30 22.02 -61.47
CA GLY N 42 -22.80 23.36 -61.69
C GLY N 42 -22.48 24.14 -60.44
N LYS N 43 -22.63 23.56 -59.25
CA LYS N 43 -22.45 24.25 -57.99
C LYS N 43 -21.16 23.79 -57.32
N GLY N 44 -20.99 24.20 -56.05
CA GLY N 44 -19.83 23.85 -55.28
C GLY N 44 -20.10 22.70 -54.31
N LEU N 45 -19.06 22.35 -53.56
CA LEU N 45 -19.16 21.29 -52.57
C LEU N 45 -19.98 21.76 -51.37
N GLU N 46 -20.72 20.82 -50.77
CA GLU N 46 -21.60 21.12 -49.65
C GLU N 46 -21.62 19.93 -48.70
N TRP N 47 -21.28 20.19 -47.44
CA TRP N 47 -21.31 19.13 -46.42
C TRP N 47 -22.74 18.71 -46.14
N VAL N 48 -22.96 17.41 -45.95
CA VAL N 48 -24.29 16.85 -45.75
C VAL N 48 -24.46 16.28 -44.35
N SER N 49 -23.56 15.39 -43.94
CA SER N 49 -23.73 14.66 -42.69
C SER N 49 -22.40 14.07 -42.27
N SER N 50 -22.32 13.70 -41.00
CA SER N 50 -21.10 13.13 -40.43
C SER N 50 -21.46 12.15 -39.34
N ILE N 51 -20.61 11.13 -39.18
CA ILE N 51 -20.79 10.10 -38.16
C ILE N 51 -19.41 9.73 -37.62
N TRP N 52 -19.37 9.37 -36.35
CA TRP N 52 -18.10 9.11 -35.67
C TRP N 52 -18.24 7.81 -34.85
N TYR N 53 -17.39 7.66 -33.85
CA TYR N 53 -17.43 6.49 -32.98
C TYR N 53 -18.71 6.46 -32.14
N SER N 54 -19.01 5.27 -31.61
CA SER N 54 -20.09 5.13 -30.65
C SER N 54 -19.80 5.94 -29.39
N GLY N 55 -20.75 6.79 -29.00
CA GLY N 55 -20.55 7.73 -27.92
C GLY N 55 -20.38 9.16 -28.39
N SER N 56 -20.32 9.38 -29.70
CA SER N 56 -20.23 10.69 -30.32
C SER N 56 -21.57 11.05 -30.97
N ASN N 57 -21.72 12.34 -31.29
CA ASN N 57 -22.93 12.85 -31.91
C ASN N 57 -22.82 12.77 -33.43
N THR N 58 -23.85 12.25 -34.07
CA THR N 58 -23.99 12.36 -35.52
C THR N 58 -24.59 13.71 -35.89
N TYR N 59 -24.15 14.28 -37.00
CA TYR N 59 -24.53 15.63 -37.36
C TYR N 59 -25.13 15.67 -38.76
N TYR N 60 -26.02 16.64 -38.97
CA TYR N 60 -26.69 16.82 -40.26
C TYR N 60 -26.74 18.30 -40.60
N ALA N 61 -26.61 18.60 -41.89
CA ALA N 61 -26.89 19.95 -42.38
C ALA N 61 -28.38 20.26 -42.26
N ASP N 62 -28.69 21.54 -42.08
CA ASP N 62 -30.08 21.97 -41.95
C ASP N 62 -30.92 21.53 -43.15
N SER N 63 -30.32 21.43 -44.34
CA SER N 63 -31.09 21.09 -45.52
C SER N 63 -31.53 19.63 -45.55
N VAL N 64 -31.03 18.78 -44.64
CA VAL N 64 -31.35 17.36 -44.67
C VAL N 64 -31.79 16.86 -43.30
N LYS N 65 -31.66 17.70 -42.27
CA LYS N 65 -32.04 17.29 -40.92
C LYS N 65 -33.51 16.91 -40.84
N GLY N 66 -33.78 15.71 -40.33
CA GLY N 66 -35.13 15.20 -40.22
C GLY N 66 -35.60 14.38 -41.40
N ARG N 67 -34.80 14.27 -42.44
CA ARG N 67 -35.12 13.47 -43.63
C ARG N 67 -34.03 12.47 -43.97
N PHE N 68 -32.77 12.82 -43.77
CA PHE N 68 -31.66 11.94 -44.07
C PHE N 68 -31.18 11.29 -42.78
N THR N 69 -30.67 10.07 -42.90
CA THR N 69 -30.14 9.33 -41.76
C THR N 69 -28.81 8.70 -42.16
N ILE N 70 -27.75 9.10 -41.47
CA ILE N 70 -26.44 8.49 -41.65
C ILE N 70 -26.29 7.36 -40.64
N SER N 71 -25.65 6.27 -41.07
CA SER N 71 -25.42 5.13 -40.19
C SER N 71 -24.23 4.36 -40.72
N ARG N 72 -23.73 3.45 -39.89
CA ARG N 72 -22.57 2.64 -40.25
C ARG N 72 -22.74 1.24 -39.69
N ASP N 73 -22.17 0.27 -40.41
CA ASP N 73 -22.08 -1.12 -39.95
C ASP N 73 -20.61 -1.47 -39.94
N ASN N 74 -19.98 -1.38 -38.76
CA ASN N 74 -18.54 -1.59 -38.67
C ASN N 74 -18.15 -3.03 -38.99
N SER N 75 -19.03 -3.99 -38.73
CA SER N 75 -18.73 -5.38 -39.05
C SER N 75 -18.54 -5.57 -40.55
N LYS N 76 -19.23 -4.79 -41.37
CA LYS N 76 -19.12 -4.87 -42.82
C LYS N 76 -18.32 -3.71 -43.39
N ASN N 77 -17.78 -2.83 -42.54
CA ASN N 77 -16.99 -1.68 -42.98
C ASN N 77 -17.75 -0.84 -44.00
N THR N 78 -19.02 -0.60 -43.72
CA THR N 78 -19.92 0.06 -44.68
C THR N 78 -20.54 1.30 -44.05
N LEU N 79 -20.63 2.36 -44.85
CA LEU N 79 -21.30 3.59 -44.48
C LEU N 79 -22.59 3.72 -45.29
N TYR N 80 -23.65 4.21 -44.65
CA TYR N 80 -24.94 4.35 -45.30
C TYR N 80 -25.45 5.78 -45.19
N LEU N 81 -26.27 6.17 -46.15
CA LEU N 81 -27.07 7.39 -46.10
C LEU N 81 -28.48 7.06 -46.57
N GLN N 82 -29.44 7.09 -45.65
CA GLN N 82 -30.84 6.89 -45.99
C GLN N 82 -31.47 8.25 -46.32
N MET N 83 -31.95 8.41 -47.55
CA MET N 83 -32.47 9.68 -48.04
C MET N 83 -33.97 9.53 -48.25
N ASN N 84 -34.76 10.17 -47.38
CA ASN N 84 -36.20 10.14 -47.48
C ASN N 84 -36.74 11.53 -47.76
N SER N 85 -38.00 11.57 -48.21
CA SER N 85 -38.71 12.82 -48.50
C SER N 85 -37.91 13.69 -49.46
N LEU N 86 -37.47 13.09 -50.55
CA LEU N 86 -36.56 13.77 -51.47
C LEU N 86 -37.27 14.87 -52.24
N THR N 87 -36.54 15.96 -52.50
CA THR N 87 -37.04 17.10 -53.24
C THR N 87 -36.03 17.45 -54.34
N ALA N 88 -36.50 18.23 -55.31
CA ALA N 88 -35.64 18.64 -56.42
C ALA N 88 -34.36 19.33 -55.94
N GLU N 89 -34.38 19.89 -54.74
CA GLU N 89 -33.19 20.52 -54.16
C GLU N 89 -32.14 19.50 -53.73
N ASP N 90 -32.51 18.23 -53.63
CA ASP N 90 -31.56 17.18 -53.28
C ASP N 90 -30.82 16.65 -54.50
N THR N 91 -31.14 17.12 -55.70
CA THR N 91 -30.43 16.68 -56.90
C THR N 91 -28.97 17.14 -56.84
N ALA N 92 -28.06 16.18 -56.83
CA ALA N 92 -26.63 16.44 -56.66
C ALA N 92 -25.86 15.13 -56.80
N VAL N 93 -24.56 15.25 -57.01
CA VAL N 93 -23.65 14.12 -56.88
C VAL N 93 -23.22 14.03 -55.42
N TYR N 94 -23.43 12.86 -54.83
CA TYR N 94 -23.15 12.65 -53.41
C TYR N 94 -21.86 11.85 -53.28
N TYR N 95 -20.96 12.33 -52.43
CA TYR N 95 -19.68 11.68 -52.18
C TYR N 95 -19.62 11.20 -50.73
N CYS N 96 -19.15 9.99 -50.52
CA CYS N 96 -18.71 9.60 -49.20
C CYS N 96 -17.23 9.91 -49.05
N ALA N 97 -16.82 10.26 -47.84
CA ALA N 97 -15.44 10.65 -47.61
C ALA N 97 -15.01 10.34 -46.19
N ARG N 98 -13.74 9.94 -46.05
CA ARG N 98 -13.13 9.76 -44.74
C ARG N 98 -12.61 11.11 -44.25
N PHE N 99 -12.94 11.45 -43.01
CA PHE N 99 -12.50 12.71 -42.41
C PHE N 99 -11.34 12.43 -41.48
N ALA N 100 -10.17 12.99 -41.79
CA ALA N 100 -8.96 12.77 -41.03
C ALA N 100 -8.60 13.95 -40.14
N GLY N 101 -9.40 15.02 -40.15
CA GLY N 101 -9.13 16.17 -39.32
C GLY N 101 -7.75 16.74 -39.56
N GLY N 102 -7.00 16.95 -38.48
CA GLY N 102 -5.66 17.48 -38.55
C GLY N 102 -4.67 16.61 -39.31
N TRP N 103 -5.03 15.37 -39.62
CA TRP N 103 -4.13 14.47 -40.33
C TRP N 103 -4.52 14.24 -41.79
N GLY N 104 -5.37 15.10 -42.36
CA GLY N 104 -5.60 15.04 -43.79
C GLY N 104 -6.96 15.44 -44.30
N ALA N 105 -7.80 16.03 -43.44
CA ALA N 105 -9.12 16.56 -43.83
C ALA N 105 -9.88 15.46 -44.57
N TYR N 106 -10.48 15.74 -45.72
CA TYR N 106 -11.07 14.71 -46.57
C TYR N 106 -9.97 14.16 -47.48
N ASP N 107 -9.23 13.18 -46.97
CA ASP N 107 -8.09 12.63 -47.70
C ASP N 107 -8.45 11.44 -48.56
N VAL N 108 -9.63 10.84 -48.36
CA VAL N 108 -10.12 9.72 -49.17
C VAL N 108 -11.55 10.02 -49.57
N TRP N 109 -11.82 9.98 -50.87
CA TRP N 109 -13.15 10.26 -51.41
C TRP N 109 -13.67 9.07 -52.19
N GLY N 110 -14.97 8.83 -52.09
CA GLY N 110 -15.64 7.99 -53.05
C GLY N 110 -15.74 8.69 -54.40
N GLN N 111 -16.05 7.91 -55.42
CA GLN N 111 -16.13 8.47 -56.77
C GLN N 111 -17.41 9.28 -56.99
N GLY N 112 -18.40 9.15 -56.12
CA GLY N 112 -19.61 9.94 -56.23
C GLY N 112 -20.68 9.26 -57.04
N THR N 113 -21.95 9.47 -56.65
CA THR N 113 -23.08 8.96 -57.38
C THR N 113 -24.13 10.06 -57.55
N LEU N 114 -24.69 10.15 -58.75
CA LEU N 114 -25.66 11.19 -59.06
C LEU N 114 -27.04 10.77 -58.56
N VAL N 115 -27.67 11.65 -57.78
CA VAL N 115 -29.05 11.51 -57.36
C VAL N 115 -29.83 12.66 -58.00
N THR N 116 -30.80 12.31 -58.84
CA THR N 116 -31.63 13.30 -59.51
C THR N 116 -33.08 13.14 -59.05
N VAL N 117 -33.69 14.25 -58.65
CA VAL N 117 -35.06 14.28 -58.16
C VAL N 117 -35.91 15.03 -59.18
N SER N 118 -36.77 14.30 -59.89
CA SER N 118 -37.58 14.89 -60.93
C SER N 118 -38.77 13.99 -61.23
N SER N 119 -39.81 14.59 -61.79
CA SER N 119 -41.00 13.84 -62.19
C SER N 119 -41.30 14.11 -63.67
N ASP O 1 -17.88 30.66 62.45
CA ASP O 1 -17.73 29.63 61.44
C ASP O 1 -16.86 30.14 60.28
N ILE O 2 -15.70 29.51 60.08
CA ILE O 2 -14.69 30.04 59.18
C ILE O 2 -15.11 29.81 57.74
N VAL O 3 -15.28 30.89 57.00
CA VAL O 3 -15.58 30.84 55.56
C VAL O 3 -14.29 30.96 54.78
N LEU O 4 -14.07 30.05 53.84
CA LEU O 4 -12.92 30.08 52.95
C LEU O 4 -13.37 30.56 51.57
N THR O 5 -12.67 31.55 51.02
CA THR O 5 -12.99 32.13 49.72
C THR O 5 -11.78 31.96 48.81
N GLN O 6 -11.94 31.17 47.75
CA GLN O 6 -10.88 30.95 46.78
C GLN O 6 -11.03 31.90 45.60
N SER O 7 -9.89 32.26 45.01
CA SER O 7 -9.88 33.12 43.84
C SER O 7 -8.61 32.89 43.02
N PRO O 8 -8.73 32.97 41.68
CA PRO O 8 -9.99 33.21 40.96
C PRO O 8 -10.84 31.95 40.83
N ALA O 9 -12.12 32.11 40.47
CA ALA O 9 -12.97 30.95 40.27
C ALA O 9 -12.48 30.08 39.13
N THR O 10 -11.89 30.69 38.10
CA THR O 10 -11.42 29.96 36.94
C THR O 10 -10.07 30.51 36.50
N LEU O 11 -9.16 29.61 36.11
CA LEU O 11 -7.85 29.98 35.58
C LEU O 11 -7.62 29.22 34.29
N SER O 12 -7.53 29.96 33.19
CA SER O 12 -7.23 29.37 31.88
C SER O 12 -5.75 29.60 31.58
N LEU O 13 -4.99 28.52 31.52
CA LEU O 13 -3.55 28.58 31.34
C LEU O 13 -3.09 27.47 30.42
N SER O 14 -1.88 27.61 29.91
CA SER O 14 -1.25 26.65 29.01
C SER O 14 -0.21 25.83 29.76
N PRO O 15 0.18 24.67 29.23
CA PRO O 15 1.27 23.91 29.83
C PRO O 15 2.55 24.74 29.89
N GLY O 16 3.28 24.60 31.01
CA GLY O 16 4.48 25.35 31.24
C GLY O 16 4.28 26.62 32.06
N GLU O 17 3.06 27.15 32.10
CA GLU O 17 2.76 28.35 32.85
C GLU O 17 2.60 28.03 34.34
N ARG O 18 2.64 29.06 35.17
CA ARG O 18 2.43 28.91 36.60
C ARG O 18 1.00 29.27 36.96
N ALA O 19 0.40 28.48 37.86
CA ALA O 19 -0.91 28.78 38.41
C ALA O 19 -0.74 29.20 39.86
N THR O 20 -1.27 30.38 40.20
CA THR O 20 -1.25 30.91 41.56
C THR O 20 -2.69 30.99 42.06
N LEU O 21 -2.99 30.19 43.07
CA LEU O 21 -4.34 30.09 43.63
C LEU O 21 -4.35 30.67 45.04
N SER O 22 -5.45 31.34 45.40
CA SER O 22 -5.54 32.04 46.67
C SER O 22 -6.70 31.50 47.49
N CYS O 23 -6.44 31.29 48.78
CA CYS O 23 -7.46 30.89 49.75
C CYS O 23 -7.43 31.88 50.89
N ARG O 24 -8.54 32.56 51.12
CA ARG O 24 -8.61 33.58 52.15
C ARG O 24 -9.73 33.28 53.14
N ALA O 25 -9.37 33.22 54.41
CA ALA O 25 -10.31 32.85 55.47
C ALA O 25 -10.92 34.06 56.15
N SER O 26 -12.19 33.91 56.57
CA SER O 26 -12.87 34.97 57.30
C SER O 26 -12.29 35.17 58.69
N GLN O 27 -11.61 34.17 59.24
CA GLN O 27 -10.92 34.29 60.53
C GLN O 27 -9.54 33.67 60.41
N SER O 28 -8.71 33.94 61.40
CA SER O 28 -7.37 33.35 61.42
C SER O 28 -7.45 31.84 61.59
N VAL O 29 -6.62 31.12 60.85
CA VAL O 29 -6.62 29.67 60.85
C VAL O 29 -5.58 29.20 61.88
N SER O 30 -6.06 28.70 63.02
CA SER O 30 -5.18 28.30 64.10
C SER O 30 -4.19 27.23 63.65
N SER O 31 -2.92 27.41 64.04
CA SER O 31 -1.83 26.48 63.76
C SER O 31 -1.55 26.32 62.28
N ASN O 32 -2.15 27.17 61.42
CA ASN O 32 -2.04 27.05 59.97
C ASN O 32 -2.53 25.68 59.50
N TYR O 33 -3.57 25.17 60.14
CA TYR O 33 -4.18 23.89 59.77
C TYR O 33 -5.05 24.09 58.53
N LEU O 34 -4.37 24.25 57.39
CA LEU O 34 -5.02 24.45 56.11
C LEU O 34 -4.42 23.49 55.10
N ALA O 35 -5.27 22.83 54.31
CA ALA O 35 -4.86 21.83 53.35
C ALA O 35 -5.38 22.20 51.95
N TRP O 36 -4.69 21.66 50.94
CA TRP O 36 -5.09 21.80 49.55
C TRP O 36 -5.33 20.43 48.94
N TYR O 37 -6.40 20.30 48.16
CA TYR O 37 -6.72 19.06 47.48
C TYR O 37 -6.91 19.29 45.98
N GLN O 38 -6.52 18.29 45.20
CA GLN O 38 -6.77 18.26 43.77
C GLN O 38 -7.83 17.21 43.46
N GLN O 39 -8.80 17.59 42.63
CA GLN O 39 -9.84 16.66 42.20
C GLN O 39 -10.00 16.75 40.69
N LYS O 40 -9.81 15.62 40.01
CA LYS O 40 -10.05 15.46 38.58
C LYS O 40 -11.46 14.92 38.35
N PRO O 41 -12.01 15.13 37.15
CA PRO O 41 -13.36 14.64 36.86
C PRO O 41 -13.52 13.16 37.15
N GLY O 42 -14.56 12.82 37.91
CA GLY O 42 -14.90 11.45 38.21
C GLY O 42 -14.05 10.77 39.26
N GLN O 43 -13.14 11.49 39.90
CA GLN O 43 -12.22 10.90 40.87
C GLN O 43 -12.38 11.57 42.23
N ALA O 44 -11.88 10.87 43.26
CA ALA O 44 -11.90 11.40 44.61
C ALA O 44 -10.85 12.50 44.77
N PRO O 45 -11.06 13.42 45.70
CA PRO O 45 -10.02 14.43 45.99
C PRO O 45 -8.73 13.77 46.44
N ARG O 46 -7.61 14.42 46.15
CA ARG O 46 -6.30 13.87 46.49
C ARG O 46 -5.47 14.95 47.16
N LEU O 47 -4.88 14.60 48.31
CA LEU O 47 -4.13 15.56 49.11
C LEU O 47 -2.87 16.03 48.41
N LEU O 48 -2.70 17.35 48.36
CA LEU O 48 -1.48 17.99 47.85
C LEU O 48 -0.66 18.62 48.96
N ILE O 49 -1.27 19.51 49.75
CA ILE O 49 -0.59 20.29 50.76
C ILE O 49 -1.38 20.18 52.06
N TYR O 50 -0.68 20.08 53.18
CA TYR O 50 -1.29 20.18 54.50
C TYR O 50 -0.39 21.04 55.38
N ASP O 51 -0.94 21.46 56.52
CA ASP O 51 -0.29 22.40 57.42
C ASP O 51 0.17 23.66 56.67
N SER O 52 -0.66 24.09 55.71
CA SER O 52 -0.36 25.28 54.91
C SER O 52 0.79 25.08 53.94
N SER O 53 1.88 24.44 54.38
CA SER O 53 3.07 24.37 53.55
C SER O 53 3.69 22.99 53.41
N SER O 54 3.15 21.96 54.07
CA SER O 54 3.75 20.62 54.02
C SER O 54 3.26 19.88 52.78
N ARG O 55 4.21 19.39 51.98
CA ARG O 55 3.91 18.66 50.75
C ARG O 55 3.71 17.18 51.06
N ALA O 56 2.57 16.63 50.66
CA ALA O 56 2.25 15.25 50.95
C ALA O 56 3.19 14.30 50.20
N THR O 57 3.28 13.07 50.71
CA THR O 57 4.17 12.09 50.11
C THR O 57 3.72 11.73 48.70
N GLY O 58 4.66 11.77 47.76
CA GLY O 58 4.35 11.51 46.36
C GLY O 58 3.98 12.73 45.55
N VAL O 59 3.79 13.87 46.18
CA VAL O 59 3.39 15.08 45.47
C VAL O 59 4.63 15.74 44.86
N PRO O 60 4.62 16.06 43.57
CA PRO O 60 5.79 16.67 42.95
C PRO O 60 6.11 18.04 43.52
N ALA O 61 7.40 18.40 43.44
CA ALA O 61 7.86 19.67 43.98
C ALA O 61 7.22 20.88 43.32
N ARG O 62 6.66 20.71 42.10
CA ARG O 62 6.04 21.83 41.41
C ARG O 62 4.84 22.39 42.15
N PHE O 63 4.26 21.64 43.09
CA PHE O 63 3.21 22.15 43.96
C PHE O 63 3.83 22.74 45.21
N SER O 64 3.37 23.92 45.61
CA SER O 64 3.91 24.57 46.80
C SER O 64 2.81 25.37 47.49
N GLY O 65 2.76 25.26 48.82
CA GLY O 65 1.83 26.00 49.63
C GLY O 65 2.56 27.00 50.51
N SER O 66 1.90 28.13 50.78
CA SER O 66 2.49 29.16 51.63
C SER O 66 1.36 29.97 52.27
N GLY O 67 1.73 30.86 53.16
CA GLY O 67 0.79 31.74 53.83
C GLY O 67 0.56 31.33 55.28
N SER O 68 -0.21 32.19 55.96
CA SER O 68 -0.55 31.98 57.35
C SER O 68 -1.65 32.96 57.73
N GLY O 69 -2.25 32.73 58.89
CA GLY O 69 -3.30 33.60 59.37
C GLY O 69 -4.59 33.52 58.57
N THR O 70 -4.76 34.46 57.64
CA THR O 70 -5.95 34.54 56.82
C THR O 70 -5.68 34.45 55.32
N ASP O 71 -4.42 34.45 54.89
CA ASP O 71 -4.07 34.51 53.48
C ASP O 71 -3.18 33.33 53.13
N PHE O 72 -3.69 32.42 52.28
CA PHE O 72 -2.95 31.25 51.87
C PHE O 72 -2.94 31.15 50.35
N THR O 73 -1.86 30.61 49.79
CA THR O 73 -1.71 30.49 48.35
C THR O 73 -1.14 29.12 48.00
N LEU O 74 -1.69 28.50 46.96
CA LEU O 74 -1.11 27.32 46.33
C LEU O 74 -0.54 27.71 44.99
N THR O 75 0.73 27.34 44.76
CA THR O 75 1.44 27.68 43.53
C THR O 75 1.87 26.40 42.82
N ILE O 76 1.56 26.32 41.53
CA ILE O 76 1.99 25.21 40.68
C ILE O 76 3.01 25.78 39.69
N SER O 77 4.28 25.42 39.86
CA SER O 77 5.36 26.13 39.17
C SER O 77 5.26 25.98 37.66
N SER O 78 4.98 24.76 37.17
CA SER O 78 4.96 24.50 35.72
C SER O 78 3.80 23.56 35.42
N LEU O 79 2.69 24.13 34.94
CA LEU O 79 1.49 23.36 34.68
C LEU O 79 1.69 22.30 33.60
N GLU O 80 1.34 21.07 33.93
CA GLU O 80 1.23 19.96 33.02
C GLU O 80 -0.22 19.62 32.70
N PRO O 81 -0.48 18.89 31.61
CA PRO O 81 -1.87 18.51 31.31
C PRO O 81 -2.56 17.74 32.44
N GLU O 82 -1.86 16.91 33.21
CA GLU O 82 -2.55 16.23 34.30
C GLU O 82 -2.81 17.14 35.49
N ASP O 83 -2.33 18.39 35.45
CA ASP O 83 -2.55 19.33 36.55
C ASP O 83 -3.85 20.10 36.39
N PHE O 84 -4.50 20.01 35.23
CA PHE O 84 -5.73 20.75 34.99
C PHE O 84 -6.88 20.01 35.68
N ALA O 85 -7.42 20.63 36.71
CA ALA O 85 -8.41 20.01 37.60
C ALA O 85 -9.00 21.13 38.45
N VAL O 86 -9.83 20.76 39.43
CA VAL O 86 -10.36 21.73 40.38
C VAL O 86 -9.58 21.57 41.68
N TYR O 87 -9.29 22.69 42.34
CA TYR O 87 -8.46 22.69 43.55
C TYR O 87 -9.23 23.32 44.70
N TYR O 88 -9.28 22.62 45.83
CA TYR O 88 -10.00 23.06 47.01
C TYR O 88 -9.03 23.32 48.15
N CYS O 89 -9.26 24.39 48.89
CA CYS O 89 -8.58 24.60 50.16
C CYS O 89 -9.51 24.18 51.30
N HIS O 90 -8.91 23.88 52.44
CA HIS O 90 -9.61 23.20 53.52
C HIS O 90 -8.95 23.55 54.84
N GLN O 91 -9.72 24.09 55.76
CA GLN O 91 -9.24 24.42 57.11
C GLN O 91 -9.80 23.41 58.09
N TYR O 92 -8.94 22.89 58.96
CA TYR O 92 -9.29 21.90 59.97
C TYR O 92 -8.80 22.35 61.33
N SER O 93 -8.91 23.64 61.61
CA SER O 93 -8.45 24.21 62.86
C SER O 93 -9.49 24.16 63.98
N ASP O 94 -10.75 23.87 63.65
CA ASP O 94 -11.81 23.84 64.65
C ASP O 94 -12.70 22.60 64.49
N ILE O 95 -13.82 22.58 65.21
CA ILE O 95 -14.71 21.41 65.17
C ILE O 95 -15.63 21.41 63.97
N SER O 96 -15.65 22.49 63.18
CA SER O 96 -16.53 22.63 62.03
C SER O 96 -15.67 22.78 60.78
N PRO O 97 -15.22 21.68 60.20
CA PRO O 97 -14.37 21.78 59.00
C PRO O 97 -15.11 22.43 57.86
N THR O 98 -14.42 23.28 57.11
CA THR O 98 -15.00 23.98 55.98
C THR O 98 -14.04 23.92 54.79
N PHE O 99 -14.61 24.02 53.59
CA PHE O 99 -13.87 23.97 52.35
C PHE O 99 -14.09 25.27 51.59
N GLY O 100 -13.09 25.64 50.79
CA GLY O 100 -13.32 26.63 49.75
C GLY O 100 -14.22 26.09 48.67
N GLN O 101 -14.69 26.99 47.81
CA GLN O 101 -15.58 26.61 46.72
C GLN O 101 -14.83 26.14 45.49
N GLY O 102 -13.50 26.14 45.51
CA GLY O 102 -12.72 25.55 44.45
C GLY O 102 -12.27 26.55 43.40
N THR O 103 -11.12 26.28 42.80
CA THR O 103 -10.61 27.00 41.65
C THR O 103 -10.33 25.98 40.56
N LYS O 104 -11.01 26.11 39.42
CA LYS O 104 -10.80 25.16 38.34
C LYS O 104 -9.72 25.69 37.40
N VAL O 105 -8.65 24.91 37.24
CA VAL O 105 -7.57 25.24 36.33
C VAL O 105 -7.79 24.48 35.04
N GLU O 106 -8.04 25.20 33.95
CA GLU O 106 -8.39 24.56 32.68
C GLU O 106 -7.46 25.02 31.56
N VAL P 2 -2.38 0.84 52.28
CA VAL P 2 -3.13 1.86 53.00
C VAL P 2 -4.28 2.33 52.09
N GLN P 3 -5.49 1.80 52.32
CA GLN P 3 -6.62 2.10 51.45
C GLN P 3 -7.94 2.00 52.20
N LEU P 4 -8.96 2.61 51.60
CA LEU P 4 -10.34 2.57 52.09
C LEU P 4 -11.21 2.06 50.97
N VAL P 5 -11.83 0.90 51.16
CA VAL P 5 -12.67 0.27 50.15
C VAL P 5 -14.11 0.61 50.50
N GLU P 6 -14.74 1.44 49.66
CA GLU P 6 -16.10 1.89 49.89
C GLU P 6 -17.08 0.99 49.16
N SER P 7 -18.30 0.93 49.68
CA SER P 7 -19.38 0.19 49.02
C SER P 7 -20.72 0.79 49.44
N GLY P 8 -21.74 0.52 48.62
CA GLY P 8 -23.09 0.98 48.87
C GLY P 8 -23.48 2.11 47.93
N GLY P 9 -24.60 2.74 48.26
CA GLY P 9 -25.13 3.84 47.48
C GLY P 9 -26.24 3.43 46.54
N GLY P 10 -26.45 4.26 45.53
CA GLY P 10 -27.45 4.00 44.50
C GLY P 10 -28.60 5.00 44.51
N LEU P 11 -29.67 4.61 43.81
CA LEU P 11 -30.85 5.44 43.60
C LEU P 11 -31.96 4.99 44.55
N VAL P 12 -32.48 5.92 45.35
CA VAL P 12 -33.51 5.59 46.34
C VAL P 12 -34.62 6.63 46.30
N GLN P 13 -35.82 6.21 46.74
CA GLN P 13 -36.95 7.12 46.84
C GLN P 13 -36.74 8.13 47.97
N PRO P 14 -37.41 9.28 47.92
CA PRO P 14 -37.39 10.18 49.07
C PRO P 14 -38.02 9.53 50.29
N GLY P 15 -37.39 9.76 51.45
CA GLY P 15 -37.81 9.11 52.66
C GLY P 15 -37.22 7.72 52.86
N GLY P 16 -36.50 7.21 51.87
CA GLY P 16 -35.91 5.89 51.94
C GLY P 16 -34.69 5.84 52.85
N SER P 17 -34.06 4.68 52.86
CA SER P 17 -32.91 4.42 53.71
C SER P 17 -31.78 3.81 52.89
N LEU P 18 -30.56 4.00 53.38
CA LEU P 18 -29.36 3.50 52.71
C LEU P 18 -28.23 3.44 53.72
N ARG P 19 -27.38 2.43 53.60
CA ARG P 19 -26.21 2.28 54.46
C ARG P 19 -24.96 2.22 53.61
N LEU P 20 -23.98 3.06 53.93
CA LEU P 20 -22.68 3.07 53.28
C LEU P 20 -21.64 2.38 54.14
N SER P 21 -20.68 1.74 53.49
CA SER P 21 -19.60 1.01 54.17
C SER P 21 -18.26 1.49 53.66
N CYS P 22 -17.25 1.41 54.53
CA CYS P 22 -15.87 1.76 54.19
C CYS P 22 -14.96 0.78 54.93
N ALA P 23 -14.27 -0.07 54.19
CA ALA P 23 -13.40 -1.09 54.77
C ALA P 23 -11.95 -0.64 54.66
N ALA P 24 -11.27 -0.55 55.79
CA ALA P 24 -9.91 -0.04 55.85
C ALA P 24 -8.88 -1.16 55.92
N SER P 25 -7.69 -0.87 55.43
CA SER P 25 -6.54 -1.76 55.54
C SER P 25 -5.27 -0.95 55.46
N GLY P 26 -4.19 -1.47 56.05
CA GLY P 26 -2.90 -0.85 55.98
C GLY P 26 -2.58 0.17 57.06
N PHE P 27 -3.46 0.36 58.03
CA PHE P 27 -3.19 1.26 59.14
C PHE P 27 -4.04 0.83 60.34
N THR P 28 -3.72 1.41 61.50
CA THR P 28 -4.41 1.07 62.74
C THR P 28 -5.76 1.80 62.75
N PHE P 29 -6.73 1.18 62.07
CA PHE P 29 -8.06 1.76 61.93
C PHE P 29 -8.70 2.04 63.28
N ARG P 30 -8.56 1.11 64.22
CA ARG P 30 -9.19 1.24 65.54
C ARG P 30 -8.87 2.57 66.22
N ASN P 31 -7.75 3.21 65.89
CA ASN P 31 -7.33 4.44 66.52
C ASN P 31 -7.57 5.67 65.66
N SER P 32 -8.02 5.51 64.42
CA SER P 32 -8.10 6.61 63.47
C SER P 32 -9.42 7.37 63.61
N ALA P 33 -9.35 8.68 63.37
CA ALA P 33 -10.56 9.48 63.20
C ALA P 33 -11.02 9.34 61.75
N MET P 34 -12.28 8.96 61.56
CA MET P 34 -12.83 8.70 60.24
C MET P 34 -13.96 9.67 59.97
N HIS P 35 -13.97 10.27 58.79
CA HIS P 35 -14.96 11.25 58.40
C HIS P 35 -15.70 10.80 57.15
N TRP P 36 -16.92 11.31 57.00
CA TRP P 36 -17.66 11.24 55.75
C TRP P 36 -17.75 12.64 55.17
N VAL P 37 -17.45 12.76 53.88
CA VAL P 37 -17.54 14.02 53.16
C VAL P 37 -18.36 13.76 51.91
N ARG P 38 -19.22 14.71 51.54
CA ARG P 38 -20.07 14.55 50.38
C ARG P 38 -19.91 15.73 49.44
N GLN P 39 -20.31 15.51 48.18
CA GLN P 39 -20.18 16.50 47.12
C GLN P 39 -21.37 16.32 46.19
N ALA P 40 -22.33 17.23 46.28
CA ALA P 40 -23.46 17.19 45.37
C ALA P 40 -23.00 17.53 43.95
N PRO P 41 -23.73 17.05 42.93
CA PRO P 41 -23.30 17.27 41.54
C PRO P 41 -23.10 18.74 41.22
N GLY P 42 -21.91 19.07 40.70
CA GLY P 42 -21.55 20.41 40.31
C GLY P 42 -21.20 21.36 41.44
N LYS P 43 -21.21 20.92 42.68
CA LYS P 43 -20.92 21.78 43.82
C LYS P 43 -19.58 21.38 44.44
N GLY P 44 -19.29 21.91 45.63
CA GLY P 44 -18.03 21.68 46.30
C GLY P 44 -18.11 20.61 47.39
N LEU P 45 -16.96 20.38 48.03
CA LEU P 45 -16.86 19.43 49.12
C LEU P 45 -17.57 19.95 50.37
N GLU P 46 -18.18 19.04 51.12
CA GLU P 46 -18.95 19.39 52.31
C GLU P 46 -18.78 18.28 53.34
N TRP P 47 -18.31 18.65 54.53
CA TRP P 47 -18.14 17.68 55.60
C TRP P 47 -19.51 17.23 56.11
N VAL P 48 -19.61 15.94 56.43
CA VAL P 48 -20.87 15.32 56.84
C VAL P 48 -20.84 14.86 58.29
N SER P 49 -19.83 14.05 58.65
CA SER P 49 -19.83 13.41 59.95
C SER P 49 -18.42 12.94 60.29
N SER P 50 -18.20 12.68 61.57
CA SER P 50 -16.90 12.22 62.05
C SER P 50 -17.08 11.33 63.27
N ILE P 51 -16.17 10.37 63.42
CA ILE P 51 -16.17 9.46 64.55
C ILE P 51 -14.72 9.15 64.91
N TRP P 52 -14.46 8.98 66.22
CA TRP P 52 -13.10 8.77 66.67
C TRP P 52 -13.05 7.70 67.75
N TYR P 53 -12.05 7.77 68.63
CA TYR P 53 -11.87 6.78 69.68
C TYR P 53 -13.05 6.77 70.65
N SER P 54 -13.17 5.66 71.37
CA SER P 54 -14.14 5.57 72.47
C SER P 54 -13.77 6.57 73.55
N GLY P 55 -14.73 7.41 73.94
CA GLY P 55 -14.49 8.51 74.84
C GLY P 55 -14.50 9.87 74.16
N SER P 56 -14.62 9.91 72.84
CA SER P 56 -14.75 11.14 72.10
C SER P 56 -16.19 11.26 71.58
N ASN P 57 -16.55 12.49 71.21
CA ASN P 57 -17.88 12.77 70.70
C ASN P 57 -17.92 12.60 69.18
N THR P 58 -18.96 11.92 68.69
CA THR P 58 -19.23 11.91 67.26
C THR P 58 -19.96 13.18 66.86
N TYR P 59 -19.67 13.66 65.65
CA TYR P 59 -20.18 14.94 65.18
C TYR P 59 -20.92 14.77 63.87
N TYR P 60 -21.91 15.65 63.67
CA TYR P 60 -22.73 15.66 62.46
C TYR P 60 -22.91 17.09 62.02
N ALA P 61 -22.95 17.30 60.71
CA ALA P 61 -23.39 18.59 60.18
C ALA P 61 -24.87 18.77 60.45
N ASP P 62 -25.29 20.03 60.59
CA ASP P 62 -26.69 20.34 60.84
C ASP P 62 -27.59 19.74 59.78
N SER P 63 -27.10 19.59 58.55
CA SER P 63 -27.92 19.10 57.46
C SER P 63 -28.25 17.61 57.57
N VAL P 64 -27.60 16.87 58.48
CA VAL P 64 -27.83 15.44 58.58
C VAL P 64 -28.08 15.02 60.02
N LYS P 65 -27.90 15.95 60.96
CA LYS P 65 -28.11 15.64 62.36
C LYS P 65 -29.55 15.19 62.62
N GLY P 66 -29.70 14.03 63.24
CA GLY P 66 -31.01 13.46 63.50
C GLY P 66 -31.54 12.54 62.44
N ARG P 67 -30.82 12.38 61.34
CA ARG P 67 -31.19 11.49 60.24
C ARG P 67 -30.08 10.50 59.91
N PHE P 68 -28.82 10.93 59.97
CA PHE P 68 -27.69 10.08 59.66
C PHE P 68 -27.04 9.60 60.95
N THR P 69 -26.46 8.40 60.90
CA THR P 69 -25.75 7.83 62.04
C THR P 69 -24.44 7.25 61.56
N ILE P 70 -23.34 7.78 62.09
CA ILE P 70 -22.01 7.25 61.81
C ILE P 70 -21.69 6.21 62.87
N SER P 71 -21.02 5.14 62.45
CA SER P 71 -20.63 4.09 63.38
C SER P 71 -19.43 3.35 62.80
N ARG P 72 -18.81 2.53 63.64
CA ARG P 72 -17.63 1.78 63.23
C ARG P 72 -17.64 0.41 63.90
N ASP P 73 -17.05 -0.57 63.22
CA ASP P 73 -16.81 -1.89 63.76
C ASP P 73 -15.31 -2.12 63.70
N ASN P 74 -14.63 -1.84 64.82
CA ASN P 74 -13.16 -1.90 64.83
C ASN P 74 -12.66 -3.33 64.65
N SER P 75 -13.42 -4.33 65.11
CA SER P 75 -13.02 -5.72 64.91
C SER P 75 -12.98 -6.07 63.43
N LYS P 76 -13.85 -5.45 62.63
CA LYS P 76 -13.89 -5.69 61.20
C LYS P 76 -13.24 -4.58 60.38
N ASN P 77 -12.66 -3.58 61.05
CA ASN P 77 -12.01 -2.44 60.40
C ASN P 77 -12.92 -1.75 59.39
N THR P 78 -14.18 -1.55 59.77
CA THR P 78 -15.19 -1.03 58.87
C THR P 78 -15.84 0.22 59.45
N LEU P 79 -16.07 1.21 58.58
CA LEU P 79 -16.80 2.43 58.91
C LEU P 79 -18.16 2.39 58.23
N TYR P 80 -19.19 2.88 58.91
CA TYR P 80 -20.54 2.88 58.38
C TYR P 80 -21.14 4.29 58.41
N LEU P 81 -22.07 4.52 57.49
CA LEU P 81 -22.95 5.68 57.53
C LEU P 81 -24.37 5.21 57.22
N GLN P 82 -25.25 5.25 58.22
CA GLN P 82 -26.65 4.93 58.04
C GLN P 82 -27.39 6.21 57.67
N MET P 83 -28.01 6.22 56.49
CA MET P 83 -28.68 7.41 55.96
C MET P 83 -30.17 7.14 55.93
N ASN P 84 -30.91 7.80 56.81
CA ASN P 84 -32.35 7.67 56.90
C ASN P 84 -33.03 8.98 56.53
N SER P 85 -34.33 8.88 56.25
CA SER P 85 -35.16 10.05 55.92
C SER P 85 -34.53 10.88 54.80
N LEU P 86 -34.17 10.20 53.72
CA LEU P 86 -33.42 10.84 52.65
C LEU P 86 -34.29 11.82 51.87
N THR P 87 -33.67 12.90 51.43
CA THR P 87 -34.31 13.95 50.65
C THR P 87 -33.47 14.24 49.41
N ALA P 88 -34.10 14.94 48.46
CA ALA P 88 -33.42 15.28 47.21
C ALA P 88 -32.14 16.06 47.46
N GLU P 89 -32.05 16.78 48.58
CA GLU P 89 -30.87 17.57 48.90
C GLU P 89 -29.72 16.71 49.44
N ASP P 90 -29.97 15.46 49.78
CA ASP P 90 -28.90 14.54 50.16
C ASP P 90 -28.20 13.93 48.96
N THR P 91 -28.67 14.22 47.74
CA THR P 91 -28.05 13.70 46.54
C THR P 91 -26.64 14.24 46.40
N ALA P 92 -25.66 13.33 46.40
CA ALA P 92 -24.25 13.70 46.39
C ALA P 92 -23.41 12.44 46.26
N VAL P 93 -22.16 12.61 45.88
CA VAL P 93 -21.15 11.57 46.00
C VAL P 93 -20.56 11.63 47.40
N TYR P 94 -20.61 10.52 48.11
CA TYR P 94 -20.16 10.45 49.50
C TYR P 94 -18.80 9.77 49.58
N TYR P 95 -17.87 10.40 50.29
CA TYR P 95 -16.53 9.87 50.48
C TYR P 95 -16.29 9.56 51.95
N CYS P 96 -15.70 8.41 52.22
CA CYS P 96 -15.07 8.19 53.51
C CYS P 96 -13.62 8.64 53.43
N ALA P 97 -13.10 9.15 54.54
CA ALA P 97 -11.75 9.68 54.56
C ALA P 97 -11.15 9.53 55.95
N ARG P 98 -9.86 9.23 56.00
CA ARG P 98 -9.10 9.22 57.24
C ARG P 98 -8.60 10.62 57.54
N PHE P 99 -8.84 11.09 58.76
CA PHE P 99 -8.43 12.42 59.18
C PHE P 99 -7.17 12.32 60.02
N ALA P 100 -6.08 12.90 59.52
CA ALA P 100 -4.79 12.85 60.20
C ALA P 100 -4.44 14.16 60.90
N GLY P 101 -5.33 15.15 60.84
CA GLY P 101 -5.08 16.42 61.50
C GLY P 101 -3.78 17.05 61.04
N GLY P 102 -2.96 17.43 62.01
CA GLY P 102 -1.66 18.05 61.74
C GLY P 102 -0.69 17.16 60.97
N TRP P 103 -1.00 15.87 60.81
CA TRP P 103 -0.10 14.96 60.12
C TRP P 103 -0.60 14.59 58.73
N GLY P 104 -1.56 15.33 58.18
CA GLY P 104 -1.94 15.15 56.80
C GLY P 104 -3.40 15.38 56.45
N ALA P 105 -4.18 15.95 57.37
CA ALA P 105 -5.59 16.32 57.13
C ALA P 105 -6.31 15.10 56.56
N TYR P 106 -7.06 15.22 55.47
CA TYR P 106 -7.66 14.07 54.80
C TYR P 106 -6.63 13.50 53.84
N ASP P 107 -5.79 12.60 54.35
CA ASP P 107 -4.70 12.05 53.57
C ASP P 107 -5.06 10.74 52.86
N VAL P 108 -6.17 10.11 53.22
CA VAL P 108 -6.64 8.90 52.56
C VAL P 108 -8.12 9.05 52.29
N TRP P 109 -8.53 8.84 51.04
CA TRP P 109 -9.92 8.97 50.63
C TRP P 109 -10.42 7.67 50.04
N GLY P 110 -11.69 7.36 50.31
CA GLY P 110 -12.38 6.37 49.51
C GLY P 110 -12.67 6.92 48.13
N GLN P 111 -13.02 6.02 47.22
CA GLN P 111 -13.28 6.43 45.84
C GLN P 111 -14.61 7.15 45.67
N GLY P 112 -15.51 7.05 46.64
CA GLY P 112 -16.77 7.75 46.57
C GLY P 112 -17.88 6.93 45.94
N THR P 113 -19.10 7.09 46.43
CA THR P 113 -20.25 6.43 45.85
C THR P 113 -21.40 7.44 45.74
N LEU P 114 -22.09 7.41 44.60
CA LEU P 114 -23.17 8.34 44.32
C LEU P 114 -24.46 7.86 45.00
N VAL P 115 -25.08 8.75 45.76
CA VAL P 115 -26.40 8.53 46.32
C VAL P 115 -27.34 9.54 45.69
N THR P 116 -28.36 9.05 44.97
CA THR P 116 -29.36 9.91 44.34
C THR P 116 -30.71 9.62 44.97
N VAL P 117 -31.38 10.68 45.42
CA VAL P 117 -32.69 10.58 46.06
C VAL P 117 -33.70 11.24 45.13
N SER P 118 -34.55 10.44 44.51
CA SER P 118 -35.50 10.96 43.54
C SER P 118 -36.63 9.95 43.36
N SER P 119 -37.78 10.45 42.90
CA SER P 119 -38.93 9.59 42.62
C SER P 119 -39.39 9.78 41.18
N ASP Q 1 -34.55 -41.63 -14.75
CA ASP Q 1 -35.52 -40.59 -14.43
C ASP Q 1 -36.50 -41.10 -13.38
N ILE Q 2 -36.50 -40.45 -12.21
CA ILE Q 2 -37.20 -40.96 -11.04
C ILE Q 2 -38.70 -40.72 -11.20
N VAL Q 3 -39.48 -41.80 -11.21
CA VAL Q 3 -40.94 -41.72 -11.26
C VAL Q 3 -41.48 -41.79 -9.84
N LEU Q 4 -42.35 -40.86 -9.49
CA LEU Q 4 -43.03 -40.84 -8.20
C LEU Q 4 -44.48 -41.29 -8.39
N THR Q 5 -44.91 -42.24 -7.58
CA THR Q 5 -46.26 -42.79 -7.65
C THR Q 5 -46.96 -42.58 -6.32
N GLN Q 6 -48.01 -41.76 -6.32
CA GLN Q 6 -48.77 -41.50 -5.11
C GLN Q 6 -49.98 -42.42 -5.02
N SER Q 7 -50.38 -42.74 -3.79
CA SER Q 7 -51.55 -43.57 -3.55
C SER Q 7 -52.12 -43.29 -2.16
N PRO Q 8 -53.46 -43.31 -2.05
CA PRO Q 8 -54.38 -43.54 -3.17
C PRO Q 8 -54.61 -42.28 -3.99
N ALA Q 9 -55.16 -42.43 -5.20
CA ALA Q 9 -55.48 -41.26 -6.01
C ALA Q 9 -56.53 -40.39 -5.34
N THR Q 10 -57.45 -40.99 -4.59
CA THR Q 10 -58.52 -40.28 -3.93
C THR Q 10 -58.72 -40.83 -2.52
N LEU Q 11 -58.96 -39.93 -1.57
CA LEU Q 11 -59.25 -40.30 -0.19
C LEU Q 11 -60.49 -39.52 0.25
N SER Q 12 -61.57 -40.25 0.54
CA SER Q 12 -62.80 -39.64 1.05
C SER Q 12 -62.82 -39.85 2.56
N LEU Q 13 -62.74 -38.76 3.30
CA LEU Q 13 -62.63 -38.81 4.76
C LEU Q 13 -63.43 -37.67 5.37
N SER Q 14 -63.68 -37.79 6.66
CA SER Q 14 -64.41 -36.80 7.43
C SER Q 14 -63.46 -35.97 8.28
N PRO Q 15 -63.86 -34.78 8.70
CA PRO Q 15 -63.03 -34.02 9.65
C PRO Q 15 -62.79 -34.79 10.93
N GLY Q 16 -61.57 -34.68 11.45
CA GLY Q 16 -61.17 -35.41 12.63
C GLY Q 16 -60.45 -36.72 12.35
N GLU Q 17 -60.63 -37.28 11.16
CA GLU Q 17 -59.97 -38.53 10.80
C GLU Q 17 -58.53 -38.25 10.38
N ARG Q 18 -57.73 -39.31 10.35
CA ARG Q 18 -56.35 -39.20 9.90
C ARG Q 18 -56.24 -39.63 8.45
N ALA Q 19 -55.45 -38.87 7.67
CA ALA Q 19 -55.14 -39.20 6.29
C ALA Q 19 -53.69 -39.64 6.20
N THR Q 20 -53.47 -40.83 5.62
CA THR Q 20 -52.13 -41.37 5.42
C THR Q 20 -51.90 -41.45 3.91
N LEU Q 21 -50.94 -40.65 3.42
CA LEU Q 21 -50.65 -40.55 2.00
C LEU Q 21 -49.29 -41.17 1.73
N SER Q 22 -49.16 -41.84 0.59
CA SER Q 22 -47.95 -42.58 0.24
C SER Q 22 -47.38 -42.07 -1.07
N CYS Q 23 -46.06 -41.91 -1.11
CA CYS Q 23 -45.29 -41.58 -2.30
C CYS Q 23 -44.17 -42.59 -2.44
N ARG Q 24 -44.16 -43.32 -3.54
CA ARG Q 24 -43.16 -44.34 -3.79
C ARG Q 24 -42.40 -44.04 -5.07
N ALA Q 25 -41.07 -43.98 -4.98
CA ALA Q 25 -40.17 -43.64 -6.07
C ALA Q 25 -39.64 -44.90 -6.73
N SER Q 26 -39.42 -44.81 -8.05
CA SER Q 26 -38.86 -45.93 -8.80
C SER Q 26 -37.39 -46.18 -8.44
N GLN Q 27 -36.70 -45.18 -7.90
CA GLN Q 27 -35.33 -45.33 -7.43
C GLN Q 27 -35.18 -44.64 -6.08
N SER Q 28 -34.05 -44.90 -5.43
CA SER Q 28 -33.77 -44.27 -4.15
C SER Q 28 -33.60 -42.77 -4.32
N VAL Q 29 -34.17 -42.01 -3.39
CA VAL Q 29 -34.12 -40.55 -3.43
C VAL Q 29 -32.93 -40.10 -2.60
N SER Q 30 -31.89 -39.64 -3.28
CA SER Q 30 -30.65 -39.25 -2.60
C SER Q 30 -30.91 -38.16 -1.58
N SER Q 31 -30.30 -38.30 -0.40
CA SER Q 31 -30.37 -37.35 0.70
C SER Q 31 -31.78 -37.17 1.25
N ASN Q 32 -32.73 -38.01 0.84
CA ASN Q 32 -34.13 -37.88 1.21
C ASN Q 32 -34.67 -36.52 0.80
N TYR Q 33 -34.23 -36.04 -0.37
CA TYR Q 33 -34.68 -34.77 -0.93
C TYR Q 33 -36.07 -34.95 -1.55
N LEU Q 34 -37.06 -35.07 -0.66
CA LEU Q 34 -38.45 -35.24 -1.06
C LEU Q 34 -39.30 -34.23 -0.31
N ALA Q 35 -40.21 -33.58 -1.04
CA ALA Q 35 -41.06 -32.54 -0.47
C ALA Q 35 -42.53 -32.86 -0.72
N TRP Q 36 -43.39 -32.29 0.12
CA TRP Q 36 -44.83 -32.39 0.00
C TRP Q 36 -45.43 -31.01 -0.14
N TYR Q 37 -46.41 -30.88 -1.04
CA TYR Q 37 -47.11 -29.63 -1.25
C TYR Q 37 -48.61 -29.82 -1.15
N GLN Q 38 -49.29 -28.79 -0.64
CA GLN Q 38 -50.75 -28.73 -0.60
C GLN Q 38 -51.21 -27.69 -1.62
N GLN Q 39 -52.22 -28.04 -2.41
CA GLN Q 39 -52.78 -27.11 -3.37
C GLN Q 39 -54.31 -27.14 -3.29
N LYS Q 40 -54.90 -25.98 -3.02
CA LYS Q 40 -56.33 -25.81 -3.04
C LYS Q 40 -56.78 -25.30 -4.41
N PRO Q 41 -58.05 -25.51 -4.77
CA PRO Q 41 -58.53 -25.06 -6.08
C PRO Q 41 -58.25 -23.59 -6.34
N GLY Q 42 -57.65 -23.31 -7.50
CA GLY Q 42 -57.39 -21.96 -7.93
C GLY Q 42 -56.22 -21.26 -7.27
N GLN Q 43 -55.45 -21.96 -6.44
CA GLN Q 43 -54.35 -21.35 -5.72
C GLN Q 43 -53.04 -22.04 -6.08
N ALA Q 44 -51.94 -21.35 -5.77
CA ALA Q 44 -50.62 -21.90 -6.02
C ALA Q 44 -50.29 -22.98 -4.99
N PRO Q 45 -49.41 -23.92 -5.33
CA PRO Q 45 -48.98 -24.92 -4.35
C PRO Q 45 -48.34 -24.29 -3.13
N ARG Q 46 -48.42 -25.01 -2.01
CA ARG Q 46 -47.94 -24.58 -0.71
C ARG Q 46 -47.04 -25.63 -0.11
N LEU Q 47 -45.84 -25.23 0.30
CA LEU Q 47 -44.90 -26.18 0.87
C LEU Q 47 -45.39 -26.63 2.25
N LEU Q 48 -45.44 -27.94 2.46
CA LEU Q 48 -45.75 -28.53 3.75
C LEU Q 48 -44.54 -29.18 4.40
N ILE Q 49 -43.89 -30.09 3.68
CA ILE Q 49 -42.78 -30.89 4.20
C ILE Q 49 -41.64 -30.82 3.20
N TYR Q 50 -40.41 -30.70 3.69
CA TYR Q 50 -39.23 -30.84 2.85
C TYR Q 50 -38.21 -31.69 3.59
N ASP Q 51 -37.20 -32.17 2.86
CA ASP Q 51 -36.21 -33.10 3.41
C ASP Q 51 -36.87 -34.31 4.07
N SER Q 52 -37.97 -34.78 3.46
CA SER Q 52 -38.74 -35.93 3.88
C SER Q 52 -39.53 -35.70 5.18
N SER Q 53 -38.93 -35.05 6.18
CA SER Q 53 -39.57 -34.94 7.48
C SER Q 53 -39.58 -33.54 8.10
N SER Q 54 -38.97 -32.54 7.46
CA SER Q 54 -38.91 -31.20 8.02
C SER Q 54 -40.17 -30.41 7.67
N ARG Q 55 -40.83 -29.88 8.69
CA ARG Q 55 -42.04 -29.08 8.50
C ARG Q 55 -41.67 -27.63 8.21
N ALA Q 56 -42.21 -27.10 7.12
CA ALA Q 56 -41.92 -25.73 6.75
C ALA Q 56 -42.48 -24.78 7.80
N THR Q 57 -41.95 -23.57 7.84
CA THR Q 57 -42.38 -22.60 8.84
C THR Q 57 -43.85 -22.23 8.63
N GLY Q 58 -44.62 -22.28 9.72
CA GLY Q 58 -46.04 -22.00 9.67
C GLY Q 58 -46.93 -23.20 9.46
N VAL Q 59 -46.37 -24.37 9.20
CA VAL Q 59 -47.18 -25.56 8.94
C VAL Q 59 -47.60 -26.17 10.28
N PRO Q 60 -48.89 -26.44 10.49
CA PRO Q 60 -49.33 -27.00 11.77
C PRO Q 60 -48.73 -28.38 12.02
N ALA Q 61 -48.61 -28.72 13.31
CA ALA Q 61 -47.99 -29.98 13.70
C ALA Q 61 -48.76 -31.21 13.23
N ARG Q 62 -50.05 -31.05 12.90
CA ARG Q 62 -50.82 -32.22 12.46
C ARG Q 62 -50.30 -32.81 11.16
N PHE Q 63 -49.51 -32.05 10.40
CA PHE Q 63 -48.85 -32.58 9.21
C PHE Q 63 -47.48 -33.12 9.61
N SER Q 64 -47.16 -34.33 9.13
CA SER Q 64 -45.87 -34.92 9.42
C SER Q 64 -45.45 -35.82 8.27
N GLY Q 65 -44.17 -35.72 7.88
CA GLY Q 65 -43.62 -36.54 6.83
C GLY Q 65 -42.60 -37.52 7.38
N SER Q 66 -42.49 -38.68 6.74
CA SER Q 66 -41.55 -39.71 7.16
C SER Q 66 -41.17 -40.56 5.96
N GLY Q 67 -40.22 -41.45 6.18
CA GLY Q 67 -39.76 -42.36 5.16
C GLY Q 67 -38.38 -41.99 4.64
N SER Q 68 -37.85 -42.87 3.79
CA SER Q 68 -36.54 -42.70 3.19
C SER Q 68 -36.40 -43.71 2.07
N GLY Q 69 -35.36 -43.53 1.25
CA GLY Q 69 -35.10 -44.42 0.14
C GLY Q 69 -36.13 -44.30 -0.96
N THR Q 70 -37.10 -45.22 -0.98
CA THR Q 70 -38.12 -45.24 -2.01
C THR Q 70 -39.54 -45.15 -1.47
N ASP Q 71 -39.74 -45.17 -0.16
CA ASP Q 71 -41.07 -45.23 0.46
C ASP Q 71 -41.22 -44.04 1.39
N PHE Q 72 -42.13 -43.13 1.06
CA PHE Q 72 -42.36 -41.92 1.83
C PHE Q 72 -43.83 -41.79 2.19
N THR Q 73 -44.10 -41.17 3.33
CA THR Q 73 -45.47 -41.02 3.81
C THR Q 73 -45.69 -39.62 4.34
N LEU Q 74 -46.82 -39.02 3.96
CA LEU Q 74 -47.33 -37.80 4.59
C LEU Q 74 -48.55 -38.16 5.43
N THR Q 75 -48.55 -37.74 6.69
CA THR Q 75 -49.62 -38.07 7.62
C THR Q 75 -50.25 -36.78 8.14
N ILE Q 76 -51.58 -36.69 8.05
CA ILE Q 76 -52.36 -35.60 8.61
C ILE Q 76 -53.16 -36.19 9.76
N SER Q 77 -52.76 -35.86 11.00
CA SER Q 77 -53.27 -36.58 12.16
C SER Q 77 -54.77 -36.39 12.34
N SER Q 78 -55.25 -35.15 12.22
CA SER Q 78 -56.66 -34.84 12.47
C SER Q 78 -57.10 -33.84 11.41
N LEU Q 79 -57.82 -34.32 10.40
CA LEU Q 79 -58.24 -33.49 9.28
C LEU Q 79 -59.13 -32.35 9.76
N GLU Q 80 -58.79 -31.15 9.34
CA GLU Q 80 -59.63 -29.97 9.48
C GLU Q 80 -60.32 -29.67 8.16
N PRO Q 81 -61.42 -28.92 8.18
CA PRO Q 81 -62.09 -28.59 6.91
C PRO Q 81 -61.19 -27.94 5.88
N GLU Q 82 -60.22 -27.13 6.31
CA GLU Q 82 -59.29 -26.48 5.40
C GLU Q 82 -58.20 -27.40 4.87
N ASP Q 83 -58.16 -28.66 5.32
CA ASP Q 83 -57.13 -29.59 4.87
C ASP Q 83 -57.53 -30.36 3.62
N PHE Q 84 -58.78 -30.27 3.18
CA PHE Q 84 -59.24 -31.01 2.02
C PHE Q 84 -58.75 -30.30 0.76
N ALA Q 85 -57.83 -30.93 0.05
CA ALA Q 85 -57.11 -30.32 -1.07
C ALA Q 85 -56.39 -31.45 -1.80
N VAL Q 86 -55.55 -31.08 -2.77
CA VAL Q 86 -54.69 -32.03 -3.46
C VAL Q 86 -53.28 -31.92 -2.91
N TYR Q 87 -52.61 -33.06 -2.76
CA TYR Q 87 -51.29 -33.12 -2.16
C TYR Q 87 -50.33 -33.78 -3.14
N TYR Q 88 -49.21 -33.12 -3.40
CA TYR Q 88 -48.20 -33.60 -4.33
C TYR Q 88 -46.90 -33.89 -3.60
N CYS Q 89 -46.25 -34.99 -3.96
CA CYS Q 89 -44.87 -35.24 -3.53
C CYS Q 89 -43.91 -34.85 -4.65
N HIS Q 90 -42.66 -34.60 -4.26
CA HIS Q 90 -41.71 -33.94 -5.15
C HIS Q 90 -40.30 -34.34 -4.74
N GLN Q 91 -39.54 -34.90 -5.67
CA GLN Q 91 -38.15 -35.26 -5.43
C GLN Q 91 -37.25 -34.27 -6.16
N TYR Q 92 -36.23 -33.78 -5.46
CA TYR Q 92 -35.26 -32.84 -6.00
C TYR Q 92 -33.84 -33.34 -5.77
N SER Q 93 -33.64 -34.65 -5.92
CA SER Q 93 -32.35 -35.27 -5.69
C SER Q 93 -31.44 -35.24 -6.91
N ASP Q 94 -31.99 -34.94 -8.09
CA ASP Q 94 -31.19 -34.90 -9.31
C ASP Q 94 -31.50 -33.65 -10.13
N ILE Q 95 -30.97 -33.58 -11.35
CA ILE Q 95 -31.17 -32.38 -12.18
C ILE Q 95 -32.49 -32.41 -12.93
N SER Q 96 -33.26 -33.50 -12.84
CA SER Q 96 -34.55 -33.63 -13.53
C SER Q 96 -35.63 -33.78 -12.47
N PRO Q 97 -36.13 -32.67 -11.92
CA PRO Q 97 -37.15 -32.75 -10.87
C PRO Q 97 -38.43 -33.39 -11.38
N THR Q 98 -39.04 -34.21 -10.52
CA THR Q 98 -40.29 -34.88 -10.86
C THR Q 98 -41.27 -34.76 -9.71
N PHE Q 99 -42.55 -34.83 -10.05
CA PHE Q 99 -43.65 -34.74 -9.10
C PHE Q 99 -44.48 -36.01 -9.15
N GLY Q 100 -45.10 -36.34 -8.02
CA GLY Q 100 -46.18 -37.31 -8.05
C GLY Q 100 -47.39 -36.75 -8.77
N GLN Q 101 -48.34 -37.63 -9.05
CA GLN Q 101 -49.55 -37.21 -9.76
C GLN Q 101 -50.63 -36.69 -8.82
N GLY Q 102 -50.39 -36.66 -7.53
CA GLY Q 102 -51.29 -36.02 -6.59
C GLY Q 102 -52.25 -36.99 -5.93
N THR Q 103 -52.64 -36.64 -4.71
CA THR Q 103 -53.69 -37.35 -3.97
C THR Q 103 -54.73 -36.33 -3.54
N LYS Q 104 -55.98 -36.51 -3.99
CA LYS Q 104 -57.05 -35.61 -3.62
C LYS Q 104 -57.72 -36.11 -2.35
N VAL Q 105 -57.67 -35.29 -1.29
CA VAL Q 105 -58.36 -35.58 -0.04
C VAL Q 105 -59.66 -34.80 -0.05
N GLU Q 106 -60.79 -35.50 -0.07
CA GLU Q 106 -62.09 -34.85 -0.20
C GLU Q 106 -63.03 -35.27 0.92
N VAL R 2 -40.95 -11.29 1.30
CA VAL R 2 -40.50 -12.43 0.51
C VAL R 2 -41.60 -12.89 -0.44
N GLN R 3 -41.54 -12.44 -1.69
CA GLN R 3 -42.61 -12.72 -2.63
C GLN R 3 -42.11 -12.68 -4.06
N LEU R 4 -42.91 -13.28 -4.95
CA LEU R 4 -42.66 -13.32 -6.39
C LEU R 4 -43.88 -12.79 -7.11
N VAL R 5 -43.72 -11.70 -7.85
CA VAL R 5 -44.83 -11.05 -8.55
C VAL R 5 -44.81 -11.49 -10.01
N GLU R 6 -45.82 -12.26 -10.42
CA GLU R 6 -45.91 -12.76 -11.78
C GLU R 6 -46.72 -11.80 -12.65
N SER R 7 -46.44 -11.83 -13.95
CA SER R 7 -47.24 -11.10 -14.93
C SER R 7 -47.11 -11.79 -16.28
N GLY R 8 -48.08 -11.53 -17.14
CA GLY R 8 -48.11 -12.10 -18.47
C GLY R 8 -49.12 -13.22 -18.62
N GLY R 9 -49.02 -13.92 -19.74
CA GLY R 9 -49.90 -15.02 -20.05
C GLY R 9 -51.02 -14.62 -20.98
N GLY R 10 -52.09 -15.42 -20.94
CA GLY R 10 -53.27 -15.15 -21.73
C GLY R 10 -53.52 -16.18 -22.79
N LEU R 11 -54.39 -15.80 -23.74
CA LEU R 11 -54.86 -16.68 -24.80
C LEU R 11 -54.10 -16.35 -26.08
N VAL R 12 -53.47 -17.37 -26.68
CA VAL R 12 -52.67 -17.22 -27.88
C VAL R 12 -53.02 -18.32 -28.87
N GLN R 13 -52.71 -18.06 -30.15
CA GLN R 13 -52.90 -19.00 -31.24
C GLN R 13 -51.73 -19.98 -31.33
N PRO R 14 -51.97 -21.17 -31.87
CA PRO R 14 -50.86 -22.12 -32.07
C PRO R 14 -49.78 -21.52 -32.97
N GLY R 15 -48.53 -21.78 -32.60
CA GLY R 15 -47.40 -21.18 -33.26
C GLY R 15 -47.02 -19.80 -32.75
N GLY R 16 -47.83 -19.21 -31.86
CA GLY R 16 -47.55 -17.90 -31.34
C GLY R 16 -46.45 -17.89 -30.30
N SER R 17 -46.23 -16.70 -29.73
CA SER R 17 -45.18 -16.47 -28.75
C SER R 17 -45.73 -15.70 -27.57
N LEU R 18 -45.07 -15.84 -26.42
CA LEU R 18 -45.51 -15.20 -25.19
C LEU R 18 -44.31 -15.14 -24.24
N ARG R 19 -44.24 -14.07 -23.45
CA ARG R 19 -43.18 -13.91 -22.46
C ARG R 19 -43.81 -13.73 -21.08
N LEU R 20 -43.35 -14.53 -20.12
CA LEU R 20 -43.77 -14.45 -18.74
C LEU R 20 -42.71 -13.74 -17.91
N SER R 21 -43.16 -13.03 -16.87
CA SER R 21 -42.27 -12.29 -15.98
C SER R 21 -42.52 -12.70 -14.54
N CYS R 22 -41.47 -12.58 -13.72
CA CYS R 22 -41.53 -12.86 -12.29
C CYS R 22 -40.61 -11.87 -11.58
N ALA R 23 -41.20 -10.95 -10.80
CA ALA R 23 -40.45 -9.94 -10.09
C ALA R 23 -40.34 -10.32 -8.62
N ALA R 24 -39.11 -10.46 -8.12
CA ALA R 24 -38.86 -10.92 -6.77
C ALA R 24 -38.57 -9.76 -5.83
N SER R 25 -38.87 -9.98 -4.55
CA SER R 25 -38.52 -9.04 -3.50
C SER R 25 -38.43 -9.80 -2.17
N GLY R 26 -37.65 -9.25 -1.25
CA GLY R 26 -37.53 -9.81 0.08
C GLY R 26 -36.44 -10.85 0.26
N PHE R 27 -35.63 -11.11 -0.77
CA PHE R 27 -34.51 -12.03 -0.65
C PHE R 27 -33.48 -11.67 -1.70
N THR R 28 -32.30 -12.28 -1.59
CA THR R 28 -31.19 -12.01 -2.50
C THR R 28 -31.45 -12.78 -3.79
N PHE R 29 -32.27 -12.19 -4.65
CA PHE R 29 -32.67 -12.82 -5.91
C PHE R 29 -31.45 -13.15 -6.79
N ARG R 30 -30.48 -12.24 -6.85
CA ARG R 30 -29.31 -12.43 -7.72
C ARG R 30 -28.60 -13.76 -7.47
N ASN R 31 -28.74 -14.34 -6.28
CA ASN R 31 -28.04 -15.57 -5.93
C ASN R 31 -28.95 -16.79 -5.94
N SER R 32 -30.25 -16.61 -6.15
CA SER R 32 -31.21 -17.69 -6.00
C SER R 32 -31.34 -18.52 -7.28
N ALA R 33 -31.58 -19.81 -7.09
CA ALA R 33 -31.99 -20.68 -8.19
C ALA R 33 -33.50 -20.50 -8.40
N MET R 34 -33.90 -20.17 -9.62
CA MET R 34 -35.29 -19.89 -9.94
C MET R 34 -35.79 -20.88 -10.98
N HIS R 35 -36.97 -21.44 -10.74
CA HIS R 35 -37.56 -22.44 -11.62
C HIS R 35 -38.91 -21.98 -12.13
N TRP R 36 -39.31 -22.51 -13.28
CA TRP R 36 -40.67 -22.41 -13.77
C TRP R 36 -41.33 -23.78 -13.71
N VAL R 37 -42.54 -23.82 -13.17
CA VAL R 37 -43.32 -25.05 -13.05
C VAL R 37 -44.70 -24.77 -13.65
N ARG R 38 -45.24 -25.75 -14.37
CA ARG R 38 -46.54 -25.57 -15.00
C ARG R 38 -47.48 -26.69 -14.60
N GLN R 39 -48.77 -26.45 -14.79
CA GLN R 39 -49.82 -27.39 -14.40
C GLN R 39 -50.94 -27.27 -15.41
N ALA R 40 -51.08 -28.27 -16.27
CA ALA R 40 -52.16 -28.29 -17.24
C ALA R 40 -53.51 -28.41 -16.51
N PRO R 41 -54.59 -27.91 -17.11
CA PRO R 41 -55.90 -27.95 -16.43
C PRO R 41 -56.29 -29.37 -16.02
N GLY R 42 -56.59 -29.53 -14.73
CA GLY R 42 -56.98 -30.81 -14.19
C GLY R 42 -55.85 -31.81 -14.02
N LYS R 43 -54.62 -31.44 -14.34
CA LYS R 43 -53.51 -32.37 -14.30
C LYS R 43 -52.56 -31.96 -13.17
N GLY R 44 -51.36 -32.57 -13.15
CA GLY R 44 -50.43 -32.38 -12.06
C GLY R 44 -49.33 -31.37 -12.36
N LEU R 45 -48.50 -31.14 -11.34
CA LEU R 45 -47.38 -30.22 -11.48
C LEU R 45 -46.29 -30.82 -12.35
N GLU R 46 -45.61 -29.97 -13.12
CA GLU R 46 -44.58 -30.42 -14.05
C GLU R 46 -43.48 -29.37 -14.12
N TRP R 47 -42.25 -29.79 -13.83
CA TRP R 47 -41.11 -28.87 -13.92
C TRP R 47 -40.84 -28.51 -15.38
N VAL R 48 -40.50 -27.24 -15.61
CA VAL R 48 -40.31 -26.71 -16.96
C VAL R 48 -38.85 -26.31 -17.20
N SER R 49 -38.30 -25.47 -16.33
CA SER R 49 -36.98 -24.91 -16.59
C SER R 49 -36.41 -24.35 -15.29
N SER R 50 -35.10 -24.16 -15.28
CA SER R 50 -34.41 -23.65 -14.11
C SER R 50 -33.19 -22.83 -14.53
N ILE R 51 -32.86 -21.83 -13.73
CA ILE R 51 -31.71 -20.96 -13.97
C ILE R 51 -31.10 -20.60 -12.62
N TRP R 52 -29.77 -20.47 -12.60
CA TRP R 52 -29.06 -20.21 -11.36
C TRP R 52 -27.96 -19.16 -11.57
N TYR R 53 -26.92 -19.22 -10.74
CA TYR R 53 -25.82 -18.26 -10.80
C TYR R 53 -25.08 -18.33 -12.14
N SER R 54 -24.37 -17.25 -12.45
CA SER R 54 -23.48 -17.24 -13.60
C SER R 54 -22.37 -18.26 -13.41
N GLY R 55 -22.20 -19.14 -14.38
CA GLY R 55 -21.30 -20.26 -14.27
C GLY R 55 -21.97 -21.60 -14.07
N SER R 56 -23.30 -21.61 -13.93
CA SER R 56 -24.10 -22.83 -13.83
C SER R 56 -24.84 -23.06 -15.14
N ASN R 57 -25.33 -24.29 -15.30
CA ASN R 57 -26.07 -24.67 -16.49
C ASN R 57 -27.56 -24.38 -16.30
N THR R 58 -28.18 -23.78 -17.31
CA THR R 58 -29.63 -23.69 -17.36
C THR R 58 -30.21 -24.99 -17.90
N TYR R 59 -31.36 -25.38 -17.37
CA TYR R 59 -31.97 -26.66 -17.69
C TYR R 59 -33.39 -26.47 -18.19
N TYR R 60 -33.81 -27.40 -19.04
CA TYR R 60 -35.15 -27.38 -19.63
C TYR R 60 -35.72 -28.79 -19.63
N ALA R 61 -37.03 -28.87 -19.45
CA ALA R 61 -37.72 -30.13 -19.68
C ALA R 61 -37.66 -30.50 -21.15
N ASP R 62 -37.66 -31.81 -21.43
CA ASP R 62 -37.59 -32.28 -22.81
C ASP R 62 -38.72 -31.69 -23.67
N SER R 63 -39.88 -31.47 -23.07
CA SER R 63 -41.05 -30.98 -23.79
C SER R 63 -40.95 -29.52 -24.22
N VAL R 64 -39.94 -28.78 -23.76
CA VAL R 64 -39.86 -27.35 -24.08
C VAL R 64 -38.50 -27.00 -24.67
N LYS R 65 -37.57 -27.96 -24.64
CA LYS R 65 -36.23 -27.73 -25.18
C LYS R 65 -36.29 -27.36 -26.65
N GLY R 66 -35.67 -26.23 -26.99
CA GLY R 66 -35.69 -25.72 -28.35
C GLY R 66 -36.83 -24.78 -28.66
N ARG R 67 -37.72 -24.55 -27.70
CA ARG R 67 -38.85 -23.63 -27.87
C ARG R 67 -38.92 -22.58 -26.77
N PHE R 68 -38.59 -22.94 -25.53
CA PHE R 68 -38.63 -22.03 -24.40
C PHE R 68 -37.22 -21.56 -24.04
N THR R 69 -37.14 -20.33 -23.52
CA THR R 69 -35.88 -19.76 -23.07
C THR R 69 -36.10 -19.10 -21.72
N ILE R 70 -35.40 -19.58 -20.70
CA ILE R 70 -35.40 -18.97 -19.38
C ILE R 70 -34.26 -17.95 -19.31
N SER R 71 -34.52 -16.84 -18.63
CA SER R 71 -33.51 -15.80 -18.46
C SER R 71 -33.82 -14.99 -17.22
N ARG R 72 -32.86 -14.19 -16.80
CA ARG R 72 -33.01 -13.36 -15.61
C ARG R 72 -32.32 -12.02 -15.82
N ASP R 73 -32.85 -10.99 -15.18
CA ASP R 73 -32.21 -9.67 -15.12
C ASP R 73 -32.04 -9.35 -13.64
N ASN R 74 -30.83 -9.62 -13.12
CA ASN R 74 -30.58 -9.48 -11.69
C ASN R 74 -30.67 -8.03 -11.24
N SER R 75 -30.31 -7.07 -12.11
CA SER R 75 -30.42 -5.66 -11.76
C SER R 75 -31.86 -5.27 -11.48
N LYS R 76 -32.81 -5.93 -12.14
CA LYS R 76 -34.23 -5.67 -11.95
C LYS R 76 -34.91 -6.73 -11.09
N ASN R 77 -34.15 -7.70 -10.58
CA ASN R 77 -34.70 -8.78 -9.75
C ASN R 77 -35.87 -9.48 -10.44
N THR R 78 -35.72 -9.75 -11.73
CA THR R 78 -36.80 -10.28 -12.55
C THR R 78 -36.38 -11.58 -13.24
N LEU R 79 -37.29 -12.54 -13.25
CA LEU R 79 -37.13 -13.80 -13.98
C LEU R 79 -38.06 -13.80 -15.19
N TYR R 80 -37.60 -14.36 -16.30
CA TYR R 80 -38.36 -14.39 -17.53
C TYR R 80 -38.49 -15.81 -18.06
N LEU R 81 -39.56 -16.05 -18.82
CA LEU R 81 -39.70 -17.25 -19.64
C LEU R 81 -40.23 -16.84 -20.99
N GLN R 82 -39.40 -16.97 -22.02
CA GLN R 82 -39.80 -16.72 -23.40
C GLN R 82 -40.32 -18.01 -24.01
N MET R 83 -41.59 -18.02 -24.40
CA MET R 83 -42.27 -19.22 -24.89
C MET R 83 -42.58 -19.05 -26.37
N ASN R 84 -41.88 -19.80 -27.22
CA ASN R 84 -42.08 -19.77 -28.66
C ASN R 84 -42.63 -21.10 -29.14
N SER R 85 -43.15 -21.09 -30.37
CA SER R 85 -43.69 -22.28 -31.02
C SER R 85 -44.73 -22.97 -30.14
N LEU R 86 -45.68 -22.18 -29.64
CA LEU R 86 -46.64 -22.68 -28.67
C LEU R 86 -47.63 -23.62 -29.33
N THR R 87 -48.01 -24.66 -28.59
CA THR R 87 -48.96 -25.67 -29.04
C THR R 87 -50.01 -25.87 -27.94
N ALA R 88 -51.13 -26.48 -28.32
CA ALA R 88 -52.22 -26.71 -27.36
C ALA R 88 -51.76 -27.47 -26.12
N GLU R 89 -50.68 -28.25 -26.24
CA GLU R 89 -50.19 -28.97 -25.07
C GLU R 89 -49.47 -28.06 -24.08
N ASP R 90 -49.09 -26.86 -24.49
CA ASP R 90 -48.48 -25.89 -23.59
C ASP R 90 -49.50 -25.17 -22.72
N THR R 91 -50.78 -25.44 -22.92
CA THR R 91 -51.83 -24.83 -22.10
C THR R 91 -51.70 -25.30 -20.66
N ALA R 92 -51.48 -24.34 -19.75
CA ALA R 92 -51.24 -24.65 -18.35
C ALA R 92 -51.14 -23.35 -17.56
N VAL R 93 -51.27 -23.46 -16.24
CA VAL R 93 -50.92 -22.38 -15.33
C VAL R 93 -49.43 -22.48 -15.05
N TYR R 94 -48.70 -21.39 -15.29
CA TYR R 94 -47.25 -21.38 -15.13
C TYR R 94 -46.89 -20.64 -13.85
N TYR R 95 -46.05 -21.27 -13.03
CA TYR R 95 -45.59 -20.72 -11.77
C TYR R 95 -44.08 -20.50 -11.83
N CYS R 96 -43.63 -19.34 -11.34
CA CYS R 96 -42.23 -19.22 -10.96
C CYS R 96 -42.09 -19.62 -9.50
N ALA R 97 -40.94 -20.17 -9.15
CA ALA R 97 -40.72 -20.62 -7.79
C ALA R 97 -39.24 -20.51 -7.44
N ARG R 98 -38.98 -20.14 -6.19
CA ARG R 98 -37.61 -20.13 -5.67
C ARG R 98 -37.27 -21.53 -5.19
N PHE R 99 -36.12 -22.05 -5.63
CA PHE R 99 -35.67 -23.38 -5.27
C PHE R 99 -34.62 -23.26 -4.16
N ALA R 100 -34.94 -23.80 -2.99
CA ALA R 100 -34.06 -23.74 -1.84
C ALA R 100 -33.32 -25.05 -1.58
N GLY R 101 -33.55 -26.06 -2.41
CA GLY R 101 -32.89 -27.34 -2.25
C GLY R 101 -33.12 -27.93 -0.87
N GLY R 102 -32.02 -28.32 -0.22
CA GLY R 102 -32.08 -28.89 1.12
C GLY R 102 -32.63 -27.96 2.18
N TRP R 103 -32.79 -26.67 1.87
CA TRP R 103 -33.29 -25.71 2.84
C TRP R 103 -34.72 -25.26 2.58
N GLY R 104 -35.46 -26.01 1.76
CA GLY R 104 -36.88 -25.74 1.62
C GLY R 104 -37.52 -26.02 0.27
N ALA R 105 -36.79 -26.70 -0.63
CA ALA R 105 -37.32 -27.13 -1.94
C ALA R 105 -37.95 -25.91 -2.61
N TYR R 106 -39.18 -26.02 -3.13
CA TYR R 106 -39.91 -24.85 -3.66
C TYR R 106 -40.64 -24.21 -2.48
N ASP R 107 -39.95 -23.32 -1.78
CA ASP R 107 -40.50 -22.69 -0.59
C ASP R 107 -41.22 -21.38 -0.88
N VAL R 108 -41.04 -20.80 -2.06
CA VAL R 108 -41.71 -19.57 -2.48
C VAL R 108 -42.24 -19.78 -3.89
N TRP R 109 -43.54 -19.52 -4.08
CA TRP R 109 -44.20 -19.70 -5.37
C TRP R 109 -44.81 -18.39 -5.83
N GLY R 110 -44.79 -18.17 -7.14
CA GLY R 110 -45.65 -17.18 -7.74
C GLY R 110 -47.11 -17.61 -7.72
N GLN R 111 -48.00 -16.65 -7.95
CA GLN R 111 -49.42 -17.00 -7.91
C GLN R 111 -49.88 -17.74 -9.15
N GLY R 112 -49.09 -17.72 -10.22
CA GLY R 112 -49.44 -18.46 -11.41
C GLY R 112 -50.22 -17.65 -12.41
N THR R 113 -49.97 -17.87 -13.70
CA THR R 113 -50.71 -17.23 -14.76
C THR R 113 -51.09 -18.27 -15.80
N LEU R 114 -52.33 -18.19 -16.27
CA LEU R 114 -52.84 -19.16 -17.24
C LEU R 114 -52.40 -18.79 -18.65
N VAL R 115 -51.81 -19.76 -19.34
CA VAL R 115 -51.49 -19.64 -20.76
C VAL R 115 -52.34 -20.66 -21.50
N THR R 116 -53.19 -20.19 -22.39
CA THR R 116 -54.04 -21.05 -23.20
C THR R 116 -53.66 -20.89 -24.67
N VAL R 117 -53.40 -22.01 -25.33
CA VAL R 117 -53.01 -22.03 -26.74
C VAL R 117 -54.15 -22.69 -27.50
N SER R 118 -54.86 -21.90 -28.30
CA SER R 118 -56.03 -22.40 -29.01
C SER R 118 -56.33 -21.48 -30.19
N SER R 119 -57.01 -22.05 -31.18
CA SER R 119 -57.42 -21.29 -32.35
C SER R 119 -58.93 -21.39 -32.57
#